data_6Z6B
#
_entry.id   6Z6B
#
_cell.length_a   371.187
_cell.length_b   145.320
_cell.length_c   234.193
_cell.angle_alpha   90.000
_cell.angle_beta   116.333
_cell.angle_gamma   90.000
#
_symmetry.space_group_name_H-M   'C 1 2 1'
#
loop_
_entity.id
_entity.type
_entity.pdbx_description
1 polymer "RNA (5'-R(P*AP*GP*UP*AP*GP*UP*GP*UP*GP*C)-3')"
2 polymer "RNA (5'-R(P*UP*UP*AP*GP*UP*AP*GP*UP*AP*CP*AP*CP*UP*AP*CP*U)-3')"
3 polymer "RNA (5'-R(*GP*CP*UP*AP*CP*UP*AP*A)-3')"
4 polymer 'RNA-directed RNA polymerase L'
5 non-polymer 'ZINC ION'
#
loop_
_entity_poly.entity_id
_entity_poly.type
_entity_poly.pdbx_seq_one_letter_code
_entity_poly.pdbx_strand_id
1 'polyribonucleotide' AGUAGUGUGC BBB,UUU
2 'polyribonucleotide' UUAGUAGUACACUACU CCC,HHH
3 'polyribonucleotide' GCUACUAA DDD,XXX
4 'polypeptide(L)'
;MGHHHHHHDYDIPTTENLYFQGMDYQEYQQFLARINTARDACVAKDIDVDLLMARHDYFGRELCKSLNIEYRNDVPFIDI
ILDIRPEVDPLTIDAPHITPDNYLYINNVLYIIDYKVSVSNESSVITYDKYYELTRDISDRLSIPIEIVIIRIDPVSRDL
HINSDRFKELYPTIVVDINFNQFFDLKQLLYEKFGDDEEFLLKVAHGDFTLTAPWCKTGCPEFWKHPIYKEFKMSMPVPE
RRLFEESVKFNAYESERWNTNLVKIREYTKKDYSEHISKSAKNIFLASGFYKQPNKNEISEGWTLMVERVQDQREISKSL
HDQKPSIHFIWGAHNPGNSNNATFKLILLSKSLQSIKGISTYTEAFKSLGKMMDIGDKAIEYEEFCMSLKSKARSSWKQI
MNKKLEPKQINNALVLWEQQFMINNDLIDKSEKLKLFKNFCGIGKHKQFKNKMLEDLEVSKPKILDFDDANMYLASLTMM
EQSKKILSKSNGLKPDNFILNEFGSRIKDANKETYDNMHKIFETGYWQCISDFSTLMKNILSVSQYNRHNTFRIAMCANN
NVFAIVFPSADIKTKKATVVYSIIVLHKEEENIFNPGCLHGTFKCMNGYISISRAIRLDKERCQRIVSSPGLFLTTCLLF
KHDNPTLVMSDIMNFSIYTSLSITKSVLSLTEPARYMIMNSLAISSNVKDYIAEKFSPYTKTLFSVYMTRLIKNACFDAY
DQRQRVQLRDIYLSDYDITQKGIKDNRELTSIWFPGSVTLKEYLTQIYLPFYFNAKGLHEKHHVMVDLAKTILEIECEQR
ENIKEIWSTNCTKQTVNLKILIHSLCKNLLADTSRHNHLRNRIENRNNFRRSITTISTFTSSKSCLKIGDFRKEKELQSV
KQKKILEVQSRKMRLANPMFVTDEQVCLEVGHCNYEMLRNAMPNYTDYISTKVFDRLYELLDKKVLTDKPVIEQIMDMMI
DHKKFYFTFFNKGQKTSKDREIFVGEYEAKMCMYAVERIAKERCKLNPDEMISEPGDGKLKVLEQKSEQEIRFLVETTRQ
KNREIDEAIEALATEGYESNLGKIEKLSLGKAKGLKMEINADMSKWSAQDVFYKYFWLIALDPILYPQEKERILYFMCNY
MDKELILPDELLFNLLDQKVAYQNDIIATMTNQLNSNTVLIKRNWLQGNFNYTSSYVHSCAMSVYKEILKEAITLLDGSI
LVNSLVHSDDNQTSITIVQDKMENDKIIDFAMKEFERACLTFGCQANMKKTYVTNCIKEFVSLFNLYGEPFSIYGRFLLT
SVGDCAYIGPYEDLASRISSAQTAIKHGCPPSLAWVSIAISHWMTSLTYNMLPGQSNDPIDYFPAENRKDIPIELNGVLD
APLSMISTVGLESGNLYFLIKLLSKYTPVMQKRESVVNQIAEVKNWKVEDLTDNEIFRLKILRYLVLDAEMDPSDIMGET
SDMRGRSILTPRKFTTAGSLRKLYSFSKYQDRLSSPGGMVELFTYLLEKPELLVTKGEDMKDYMESVIFRYNSKRFKESL
SIQNPAQLFIEQILFSHKPVIDFSGIRDKYINLHDSRALEKEPDILGKVTFTEAYRLLMRDLSSLELTNDDIQVIYSYII
LNDPMMITIANTHILSIYGSPQRRMGMSCSTMPEFRNLKLIHHSPALVLRAYSKNNPDIQGADPTEMARDLVHLKEFVEN
TNLEEKMKVRIAMNEAEKGQRDIVFELKEMTRFYQVCYEYVKSTEHKIKVFILPAKSYTTTDFCSLMQGNLIKDKEWYTV
HYLKQILSGGHKAIMQHNATSEQNIAFECFKLITHFADSFIDSLSRSAFLQLIIDEFSYKDVKVSKLYDIIKNGYNRTDF
IPLLFRTGDLRQADLDKYDAMKSHERVTWNDWQTSRHLDMGSINLTITGYNRSITIIGEDNKLTYAELCLTRKTPENITI
SGRKLLGSRHGLKFENMSKIQTYPGNYYITYRKKDRHQFVYQIHSHESITRRNEEHMAIRTRIYNEITPVCVVNVAEVDG
DQRILIRSLDYLNNDIFSLSRIKVGLDEFATIKKAHFSKMVSFEGPPIKTGLLDLTELMKSQDLLNLNYDNIRNSNLISF
SKLICCEGSDNINDGLEFLSDDPMNFTEGEAIHSTPIFNIYYSKRGERHMTYRNAIKLLIERETKIFEEAFTFSENGFIS
PENLGCLEAVVSLIKLLKTNEWSTVIDKCIHICLIKNGMDHMYHSFDVPKCFMGNPITRDINWVMFREFINSLPGTDIPP
WNVMTENFKKKCIALINSKFETQRDFSEFTKLMKKEGGRSNIEFD
;
EEE,PPP
#
# COMPACT_ATOMS: atom_id res chain seq x y z
N GLY D 22 54.90 27.58 27.68
CA GLY D 22 56.01 26.70 28.14
C GLY D 22 57.12 27.51 28.81
N MET D 23 58.00 28.13 28.01
CA MET D 23 59.15 28.94 28.49
C MET D 23 58.73 30.42 28.58
N ASP D 24 59.59 31.25 29.17
CA ASP D 24 59.39 32.73 29.29
C ASP D 24 59.56 33.37 27.91
N TYR D 25 58.70 34.33 27.59
CA TYR D 25 58.61 34.99 26.25
C TYR D 25 59.67 36.07 26.11
N GLN D 26 60.04 36.75 27.22
CA GLN D 26 61.00 37.89 27.25
C GLN D 26 62.38 37.43 26.76
N GLU D 27 62.86 36.27 27.22
CA GLU D 27 64.21 35.74 26.93
C GLU D 27 64.25 35.20 25.49
N TYR D 28 63.13 34.65 25.00
CA TYR D 28 62.99 34.11 23.62
C TYR D 28 63.22 35.22 22.60
N GLN D 29 62.60 36.39 22.81
CA GLN D 29 62.66 37.57 21.89
C GLN D 29 64.10 38.09 21.80
N GLN D 30 64.80 38.18 22.95
CA GLN D 30 66.16 38.75 23.05
C GLN D 30 67.18 37.80 22.41
N PHE D 31 67.03 36.49 22.59
CA PHE D 31 67.91 35.43 22.02
C PHE D 31 67.73 35.36 20.51
N LEU D 32 66.52 35.62 20.01
CA LEU D 32 66.17 35.61 18.55
C LEU D 32 66.87 36.80 17.87
N ALA D 33 66.85 37.97 18.51
CA ALA D 33 67.46 39.23 18.01
C ALA D 33 68.99 39.12 17.98
N ARG D 34 69.57 38.40 18.95
CA ARG D 34 71.04 38.20 19.10
C ARG D 34 71.58 37.35 17.93
N ILE D 35 70.74 36.50 17.33
CA ILE D 35 71.12 35.61 16.18
C ILE D 35 71.30 36.46 14.93
N ASN D 36 70.42 37.46 14.72
CA ASN D 36 70.46 38.39 13.55
C ASN D 36 71.55 39.44 13.75
N THR D 37 71.68 39.98 14.98
CA THR D 37 72.66 41.04 15.35
C THR D 37 74.09 40.55 15.11
N ALA D 38 74.39 39.29 15.49
CA ALA D 38 75.72 38.67 15.41
C ALA D 38 76.09 38.41 13.93
N ARG D 39 77.37 38.61 13.59
CA ARG D 39 77.96 38.34 12.25
C ARG D 39 79.08 37.29 12.37
N ASP D 40 79.99 37.47 13.34
CA ASP D 40 81.18 36.60 13.56
C ASP D 40 80.74 35.31 14.27
N ALA D 41 81.45 34.21 14.01
CA ALA D 41 81.16 32.85 14.53
C ALA D 41 81.42 32.78 16.05
N CYS D 42 82.42 33.54 16.53
CA CYS D 42 82.84 33.55 17.97
C CYS D 42 81.80 34.28 18.82
N VAL D 43 80.94 35.09 18.19
CA VAL D 43 79.80 35.79 18.86
C VAL D 43 78.59 34.83 18.90
N ALA D 44 78.39 34.06 17.83
CA ALA D 44 77.34 33.02 17.70
C ALA D 44 77.65 31.85 18.65
N LYS D 45 78.94 31.56 18.86
CA LYS D 45 79.44 30.55 19.83
C LYS D 45 78.81 30.78 21.20
N ASP D 46 78.89 32.02 21.70
CA ASP D 46 78.46 32.41 23.07
C ASP D 46 76.94 32.30 23.20
N ILE D 47 76.21 32.53 22.12
CA ILE D 47 74.71 32.45 22.08
C ILE D 47 74.30 31.00 22.34
N ASP D 48 75.05 30.03 21.81
CA ASP D 48 74.85 28.57 22.05
C ASP D 48 75.15 28.25 23.52
N VAL D 49 76.20 28.87 24.10
CA VAL D 49 76.67 28.65 25.49
C VAL D 49 75.63 29.22 26.47
N ASP D 50 75.09 30.41 26.18
CA ASP D 50 74.09 31.10 27.04
C ASP D 50 72.74 30.36 26.96
N LEU D 51 72.45 29.71 25.83
CA LEU D 51 71.19 28.95 25.60
C LEU D 51 71.18 27.68 26.47
N LEU D 52 72.35 27.09 26.73
CA LEU D 52 72.52 25.89 27.58
C LEU D 52 72.11 26.23 29.02
N MET D 53 72.67 27.31 29.59
CA MET D 53 72.39 27.78 30.97
C MET D 53 70.90 28.14 31.10
N ALA D 54 70.32 28.76 30.06
CA ALA D 54 68.90 29.14 29.97
C ALA D 54 68.02 27.88 30.12
N ARG D 55 68.46 26.76 29.54
CA ARG D 55 67.74 25.45 29.59
C ARG D 55 68.02 24.77 30.93
N HIS D 56 69.26 24.90 31.43
CA HIS D 56 69.78 24.35 32.70
C HIS D 56 68.91 24.85 33.86
N ASP D 57 68.70 26.17 33.95
CA ASP D 57 67.94 26.83 35.05
C ASP D 57 66.43 26.56 34.87
N TYR D 58 65.95 26.47 33.63
CA TYR D 58 64.52 26.27 33.29
C TYR D 58 64.02 24.94 33.86
N PHE D 59 64.81 23.86 33.68
CA PHE D 59 64.54 22.50 34.21
C PHE D 59 64.50 22.55 35.74
N GLY D 60 65.47 23.25 36.35
CA GLY D 60 65.62 23.40 37.80
C GLY D 60 64.48 24.18 38.44
N ARG D 61 64.05 25.27 37.80
CA ARG D 61 62.98 26.18 38.30
C ARG D 61 61.67 25.41 38.50
N GLU D 62 61.32 24.54 37.55
CA GLU D 62 60.01 23.82 37.51
C GLU D 62 60.09 22.54 38.35
N LEU D 63 61.26 21.93 38.46
CA LEU D 63 61.48 20.66 39.23
C LEU D 63 61.45 20.96 40.74
N CYS D 64 61.95 22.12 41.16
CA CYS D 64 61.99 22.58 42.58
C CYS D 64 60.56 22.67 43.13
N LYS D 65 59.61 23.16 42.32
CA LYS D 65 58.16 23.22 42.65
C LYS D 65 57.59 21.79 42.65
N SER D 66 58.09 20.92 41.77
CA SER D 66 57.69 19.49 41.64
C SER D 66 58.10 18.71 42.91
N LEU D 67 59.15 19.16 43.60
CA LEU D 67 59.69 18.52 44.83
C LEU D 67 59.36 19.36 46.08
N ASN D 68 58.81 20.58 45.89
CA ASN D 68 58.28 21.48 46.95
C ASN D 68 59.42 22.26 47.63
N ILE D 69 60.68 22.01 47.24
CA ILE D 69 61.89 22.58 47.92
C ILE D 69 62.15 23.98 47.38
N GLU D 70 62.97 24.76 48.09
CA GLU D 70 63.42 26.12 47.71
C GLU D 70 64.40 26.02 46.54
N TYR D 71 64.34 26.97 45.60
CA TYR D 71 65.24 27.05 44.42
C TYR D 71 66.53 27.77 44.82
N ARG D 72 67.68 27.22 44.40
CA ARG D 72 69.04 27.81 44.59
C ARG D 72 69.88 27.54 43.34
N ASN D 73 70.93 28.35 43.12
CA ASN D 73 71.83 28.25 41.96
C ASN D 73 73.27 28.53 42.40
N ASP D 74 74.20 27.64 42.02
CA ASP D 74 75.67 27.71 42.28
C ASP D 74 75.93 28.19 43.72
N VAL D 75 75.40 27.47 44.71
CA VAL D 75 75.60 27.74 46.17
C VAL D 75 76.81 26.92 46.64
N PRO D 76 77.80 27.54 47.32
CA PRO D 76 78.98 26.80 47.80
C PRO D 76 78.64 25.75 48.87
N PHE D 77 79.41 24.65 48.90
CA PHE D 77 79.20 23.49 49.79
C PHE D 77 79.57 23.85 51.24
N ILE D 78 80.54 24.76 51.42
CA ILE D 78 81.05 25.19 52.75
C ILE D 78 79.97 26.03 53.47
N ASP D 79 79.04 26.62 52.71
CA ASP D 79 77.88 27.40 53.24
C ASP D 79 76.70 26.47 53.50
N ILE D 80 76.60 25.36 52.77
CA ILE D 80 75.48 24.36 52.85
C ILE D 80 75.51 23.69 54.23
N ILE D 81 76.68 23.51 54.82
CA ILE D 81 76.88 22.86 56.15
C ILE D 81 76.46 23.85 57.24
N LEU D 82 76.78 25.14 57.06
CA LEU D 82 76.50 26.25 58.03
C LEU D 82 74.99 26.36 58.29
N ASP D 83 74.15 25.95 57.33
CA ASP D 83 72.67 25.93 57.47
C ASP D 83 72.26 24.83 58.46
N ILE D 84 73.04 23.76 58.57
CA ILE D 84 72.73 22.56 59.40
C ILE D 84 73.41 22.70 60.77
N ARG D 85 74.73 22.96 60.77
CA ARG D 85 75.55 23.05 62.01
C ARG D 85 76.53 24.23 61.90
N PRO D 86 76.15 25.43 62.41
CA PRO D 86 77.03 26.60 62.36
C PRO D 86 77.94 26.82 63.59
N GLU D 87 78.03 25.83 64.50
CA GLU D 87 78.80 25.93 65.77
C GLU D 87 80.31 25.85 65.48
N VAL D 88 80.71 25.01 64.52
CA VAL D 88 82.12 24.89 64.03
C VAL D 88 82.28 25.81 62.82
N ASP D 89 83.21 26.78 62.91
CA ASP D 89 83.47 27.80 61.85
C ASP D 89 84.00 27.11 60.60
N PRO D 90 83.79 27.69 59.39
CA PRO D 90 84.18 27.05 58.13
C PRO D 90 85.69 27.01 57.85
N LEU D 91 86.50 27.75 58.62
CA LEU D 91 87.97 27.87 58.41
C LEU D 91 88.68 26.61 58.93
N THR D 92 88.35 26.17 60.15
CA THR D 92 89.01 25.03 60.85
C THR D 92 88.56 23.70 60.24
N ILE D 93 87.25 23.49 60.07
CA ILE D 93 86.66 22.24 59.51
C ILE D 93 86.84 22.29 57.98
N ASP D 94 87.47 21.26 57.40
CA ASP D 94 87.86 21.19 55.97
C ASP D 94 86.69 20.59 55.17
N ALA D 95 86.00 21.42 54.39
CA ALA D 95 84.87 21.05 53.51
C ALA D 95 85.34 21.05 52.05
N PRO D 96 84.83 20.13 51.21
CA PRO D 96 85.18 20.12 49.78
C PRO D 96 84.60 21.33 49.03
N HIS D 97 85.48 22.14 48.42
CA HIS D 97 85.11 23.38 47.69
C HIS D 97 84.54 23.02 46.31
N ILE D 98 83.28 22.57 46.29
CA ILE D 98 82.49 22.25 45.07
C ILE D 98 81.31 23.22 44.98
N THR D 99 80.63 23.26 43.82
CA THR D 99 79.50 24.18 43.52
C THR D 99 78.26 23.37 43.13
N PRO D 100 77.56 22.74 44.09
CA PRO D 100 76.25 22.12 43.81
C PRO D 100 75.16 23.17 43.55
N ASP D 101 74.04 22.74 42.96
CA ASP D 101 72.93 23.64 42.52
C ASP D 101 71.93 23.81 43.68
N ASN D 102 71.51 22.71 44.31
CA ASN D 102 70.51 22.70 45.42
C ASN D 102 70.93 21.65 46.45
N TYR D 103 70.37 21.73 47.67
CA TYR D 103 70.66 20.81 48.81
C TYR D 103 69.39 20.58 49.64
N LEU D 104 69.41 19.52 50.47
CA LEU D 104 68.30 19.14 51.38
C LEU D 104 68.86 18.23 52.49
N TYR D 105 68.42 18.43 53.74
CA TYR D 105 68.85 17.68 54.94
C TYR D 105 67.62 17.11 55.67
N ILE D 106 67.35 15.81 55.47
CA ILE D 106 66.26 15.06 56.13
C ILE D 106 66.76 13.64 56.47
N ASN D 107 66.46 13.16 57.68
CA ASN D 107 66.75 11.78 58.17
C ASN D 107 68.25 11.62 58.43
N ASN D 108 68.92 12.70 58.87
CA ASN D 108 70.36 12.71 59.26
C ASN D 108 71.23 12.33 58.04
N VAL D 109 70.83 12.75 56.84
CA VAL D 109 71.55 12.54 55.56
C VAL D 109 71.43 13.79 54.70
N LEU D 110 72.56 14.36 54.25
CA LEU D 110 72.60 15.54 53.35
C LEU D 110 72.54 15.05 51.90
N TYR D 111 71.52 15.50 51.16
CA TYR D 111 71.29 15.16 49.72
C TYR D 111 71.68 16.37 48.86
N ILE D 112 72.69 16.19 48.01
CA ILE D 112 73.31 17.24 47.15
C ILE D 112 72.77 17.11 45.72
N ILE D 113 72.28 18.21 45.15
CA ILE D 113 71.62 18.26 43.82
C ILE D 113 72.48 19.08 42.84
N ASP D 114 72.73 18.49 41.66
CA ASP D 114 73.42 19.15 40.50
C ASP D 114 72.71 18.71 39.22
N TYR D 115 71.54 19.32 38.94
CA TYR D 115 70.64 18.99 37.80
C TYR D 115 71.31 19.42 36.48
N LYS D 116 71.10 18.64 35.42
CA LYS D 116 71.65 18.89 34.05
C LYS D 116 70.81 18.16 33.00
N VAL D 117 70.55 18.81 31.86
CA VAL D 117 69.72 18.29 30.73
C VAL D 117 70.65 17.88 29.59
N SER D 118 70.71 16.57 29.29
CA SER D 118 71.52 15.98 28.18
C SER D 118 70.90 14.64 27.76
N VAL D 119 71.24 14.17 26.56
CA VAL D 119 70.68 12.93 25.94
C VAL D 119 71.25 11.69 26.64
N SER D 120 72.53 11.71 27.01
CA SER D 120 73.27 10.56 27.61
C SER D 120 73.69 10.89 29.05
N ASN D 121 73.89 9.87 29.88
CA ASN D 121 74.30 9.97 31.30
C ASN D 121 75.84 9.96 31.41
N GLU D 122 76.54 10.00 30.27
CA GLU D 122 78.02 10.06 30.19
C GLU D 122 78.55 11.31 30.89
N SER D 123 77.82 12.43 30.79
CA SER D 123 78.15 13.74 31.41
C SER D 123 77.74 13.76 32.90
N SER D 124 76.90 12.81 33.33
CA SER D 124 76.36 12.70 34.71
C SER D 124 77.29 11.86 35.59
N VAL D 125 77.80 10.74 35.08
CA VAL D 125 78.69 9.80 35.83
C VAL D 125 80.03 10.49 36.10
N ILE D 126 80.51 11.32 35.16
CA ILE D 126 81.74 12.16 35.31
C ILE D 126 81.60 13.06 36.54
N THR D 127 80.44 13.73 36.68
CA THR D 127 80.13 14.70 37.76
C THR D 127 79.76 13.95 39.05
N TYR D 128 79.24 12.72 38.93
CA TYR D 128 78.83 11.84 40.06
C TYR D 128 80.06 11.45 40.89
N ASP D 129 81.01 10.74 40.27
CA ASP D 129 82.24 10.20 40.91
C ASP D 129 83.13 11.36 41.41
N LYS D 130 83.09 12.50 40.72
CA LYS D 130 83.83 13.73 41.07
C LYS D 130 83.29 14.30 42.39
N TYR D 131 81.97 14.35 42.54
CA TYR D 131 81.24 14.82 43.76
C TYR D 131 81.39 13.80 44.89
N TYR D 132 81.20 12.51 44.58
CA TYR D 132 81.22 11.39 45.57
C TYR D 132 82.58 11.32 46.27
N GLU D 133 83.67 11.59 45.55
CA GLU D 133 85.07 11.47 46.05
C GLU D 133 85.35 12.61 47.04
N LEU D 134 84.96 13.85 46.69
CA LEU D 134 85.29 15.09 47.44
C LEU D 134 84.46 15.19 48.73
N THR D 135 83.18 14.80 48.68
CA THR D 135 82.21 14.93 49.81
C THR D 135 82.59 14.01 50.98
N ARG D 136 83.48 13.04 50.77
CA ARG D 136 83.89 12.03 51.78
C ARG D 136 84.95 12.60 52.73
N ASP D 137 85.52 13.78 52.44
CA ASP D 137 86.53 14.45 53.29
C ASP D 137 85.90 14.92 54.60
N ILE D 138 84.63 15.36 54.56
CA ILE D 138 83.88 15.88 55.74
C ILE D 138 82.75 14.93 56.14
N SER D 139 82.53 13.85 55.38
CA SER D 139 81.48 12.82 55.63
C SER D 139 81.85 11.98 56.85
N ASP D 140 83.15 11.69 57.04
CA ASP D 140 83.69 10.95 58.21
C ASP D 140 84.12 11.95 59.30
N ARG D 141 84.37 13.21 58.93
CA ARG D 141 84.81 14.30 59.84
C ARG D 141 83.63 14.73 60.74
N LEU D 142 82.43 14.85 60.17
CA LEU D 142 81.19 15.24 60.91
C LEU D 142 80.37 14.01 61.31
N SER D 143 80.72 12.82 60.77
CA SER D 143 80.01 11.52 61.01
C SER D 143 78.56 11.62 60.51
N ILE D 144 78.33 12.36 59.43
CA ILE D 144 77.00 12.52 58.75
C ILE D 144 77.18 12.15 57.28
N PRO D 145 76.54 11.05 56.80
CA PRO D 145 76.70 10.62 55.41
C PRO D 145 76.01 11.56 54.42
N ILE D 146 76.73 11.94 53.35
CA ILE D 146 76.27 12.89 52.30
C ILE D 146 76.07 12.11 50.99
N GLU D 147 74.82 12.04 50.51
CA GLU D 147 74.43 11.27 49.29
C GLU D 147 74.38 12.22 48.08
N ILE D 148 74.97 11.81 46.95
CA ILE D 148 75.01 12.59 45.68
C ILE D 148 73.75 12.25 44.87
N VAL D 149 72.90 13.25 44.60
CA VAL D 149 71.60 13.12 43.86
C VAL D 149 71.65 14.02 42.62
N ILE D 150 72.10 13.48 41.48
CA ILE D 150 72.16 14.19 40.18
C ILE D 150 70.96 13.77 39.33
N ILE D 151 70.07 14.72 39.02
CA ILE D 151 68.82 14.50 38.22
C ILE D 151 69.09 14.94 36.78
N ARG D 152 68.96 13.98 35.83
CA ARG D 152 69.10 14.24 34.37
C ARG D 152 67.78 13.88 33.67
N ILE D 153 67.37 14.74 32.73
CA ILE D 153 66.17 14.53 31.86
C ILE D 153 66.62 14.62 30.39
N ASP D 154 66.00 13.80 29.52
CA ASP D 154 66.31 13.71 28.07
C ASP D 154 65.63 14.90 27.37
N PRO D 155 66.35 15.65 26.50
CA PRO D 155 65.79 16.86 25.89
C PRO D 155 64.79 16.64 24.74
N VAL D 156 64.46 15.38 24.40
CA VAL D 156 63.47 15.05 23.33
C VAL D 156 62.47 13.99 23.85
N SER D 157 62.96 12.88 24.41
CA SER D 157 62.12 11.74 24.88
C SER D 157 61.55 12.04 26.27
N ARG D 158 62.20 12.92 27.04
CA ARG D 158 61.77 13.40 28.38
C ARG D 158 61.55 12.20 29.32
N ASP D 159 62.66 11.64 29.83
CA ASP D 159 62.68 10.55 30.84
C ASP D 159 63.58 10.98 32.01
N LEU D 160 63.11 10.81 33.24
CA LEU D 160 63.86 11.15 34.48
C LEU D 160 64.87 10.03 34.78
N HIS D 161 66.12 10.39 35.09
CA HIS D 161 67.20 9.46 35.50
C HIS D 161 67.93 9.99 36.74
N ILE D 162 67.73 9.34 37.89
CA ILE D 162 68.37 9.68 39.19
C ILE D 162 69.22 8.49 39.64
N ASN D 163 70.45 8.75 40.09
CA ASN D 163 71.45 7.73 40.51
C ASN D 163 71.24 7.34 41.98
N SER D 164 70.76 8.29 42.81
CA SER D 164 70.52 8.12 44.26
C SER D 164 69.38 7.12 44.49
N ASP D 165 69.66 6.05 45.24
CA ASP D 165 68.68 4.97 45.57
C ASP D 165 67.82 5.40 46.77
N ARG D 166 68.39 6.17 47.70
CA ARG D 166 67.69 6.72 48.89
C ARG D 166 66.60 7.71 48.44
N PHE D 167 66.87 8.47 47.38
CA PHE D 167 65.97 9.52 46.82
C PHE D 167 64.78 8.87 46.11
N LYS D 168 64.96 7.66 45.55
CA LYS D 168 63.91 6.90 44.81
C LYS D 168 62.76 6.55 45.77
N GLU D 169 63.08 6.15 47.01
CA GLU D 169 62.09 5.73 48.04
C GLU D 169 61.38 6.96 48.62
N LEU D 170 62.05 8.12 48.64
CA LEU D 170 61.48 9.41 49.16
C LEU D 170 60.34 9.88 48.25
N TYR D 171 60.67 10.24 47.00
CA TYR D 171 59.73 10.71 45.96
C TYR D 171 59.32 9.54 45.07
N PRO D 172 58.07 9.05 45.19
CA PRO D 172 57.61 7.94 44.36
C PRO D 172 57.27 8.37 42.92
N THR D 173 56.73 9.58 42.74
CA THR D 173 56.38 10.18 41.43
C THR D 173 56.65 11.69 41.45
N ILE D 174 57.30 12.20 40.40
CA ILE D 174 57.68 13.63 40.26
C ILE D 174 57.06 14.16 38.96
N VAL D 175 56.41 15.33 39.02
CA VAL D 175 55.68 15.96 37.88
C VAL D 175 56.71 16.56 36.92
N VAL D 176 56.76 16.05 35.68
CA VAL D 176 57.70 16.50 34.61
C VAL D 176 56.92 16.67 33.31
N ASP D 177 56.17 17.78 33.19
CA ASP D 177 55.56 18.29 31.94
C ASP D 177 56.41 19.46 31.45
N ILE D 178 57.66 19.16 31.06
CA ILE D 178 58.68 20.15 30.63
C ILE D 178 58.63 20.25 29.11
N ASN D 179 58.89 21.45 28.59
CA ASN D 179 58.87 21.78 27.14
C ASN D 179 60.27 22.26 26.72
N PHE D 180 60.95 21.45 25.90
CA PHE D 180 62.24 21.79 25.23
C PHE D 180 61.97 22.15 23.77
N ASN D 181 60.78 21.81 23.26
CA ASN D 181 60.33 22.07 21.86
C ASN D 181 60.59 23.54 21.49
N GLN D 182 60.37 24.46 22.43
CA GLN D 182 60.51 25.93 22.24
C GLN D 182 61.99 26.34 22.23
N PHE D 183 62.86 25.56 22.88
CA PHE D 183 64.32 25.83 22.99
C PHE D 183 65.02 25.50 21.66
N PHE D 184 64.63 24.38 21.03
CA PHE D 184 65.22 23.86 19.77
C PHE D 184 64.85 24.78 18.58
N ASP D 185 63.79 25.57 18.71
CA ASP D 185 63.37 26.57 17.69
C ASP D 185 64.45 27.65 17.55
N LEU D 186 65.01 28.11 18.66
CA LEU D 186 66.13 29.09 18.71
C LEU D 186 67.40 28.44 18.12
N LYS D 187 67.59 27.14 18.36
CA LYS D 187 68.76 26.35 17.87
C LYS D 187 68.73 26.28 16.34
N GLN D 188 67.55 26.08 15.75
CA GLN D 188 67.36 25.98 14.28
C GLN D 188 67.82 27.29 13.61
N LEU D 189 67.51 28.44 14.23
CA LEU D 189 67.84 29.80 13.71
C LEU D 189 69.35 30.04 13.77
N LEU D 190 70.00 29.65 14.88
CA LEU D 190 71.44 29.88 15.13
C LEU D 190 72.29 28.96 14.23
N TYR D 191 71.81 27.75 13.94
CA TYR D 191 72.51 26.74 13.09
C TYR D 191 72.01 26.86 11.64
N GLU D 192 71.46 28.02 11.25
CA GLU D 192 70.98 28.33 9.88
C GLU D 192 71.92 29.36 9.24
N LYS D 193 72.14 30.48 9.93
CA LYS D 193 72.97 31.62 9.47
C LYS D 193 74.45 31.27 9.57
N PHE D 194 74.88 30.70 10.71
CA PHE D 194 76.30 30.39 11.05
C PHE D 194 76.62 28.93 10.72
N GLY D 195 75.60 28.09 10.50
CA GLY D 195 75.74 26.65 10.19
C GLY D 195 76.51 26.41 8.89
N ASP D 196 76.42 27.36 7.95
CA ASP D 196 77.12 27.32 6.64
C ASP D 196 78.62 27.54 6.85
N ASP D 197 78.98 28.47 7.74
CA ASP D 197 80.39 28.83 8.08
C ASP D 197 81.02 27.67 8.87
N GLU D 198 82.29 27.34 8.58
CA GLU D 198 83.05 26.23 9.22
C GLU D 198 83.70 26.72 10.52
N GLU D 199 83.79 28.04 10.73
CA GLU D 199 84.39 28.69 11.93
C GLU D 199 83.53 28.38 13.16
N PHE D 200 82.20 28.24 12.98
CA PHE D 200 81.21 27.98 14.06
C PHE D 200 81.17 26.49 14.40
N LEU D 201 81.31 25.62 13.39
CA LEU D 201 81.30 24.13 13.54
C LEU D 201 82.52 23.67 14.34
N LEU D 202 83.63 24.43 14.28
CA LEU D 202 84.88 24.16 15.04
C LEU D 202 84.63 24.27 16.55
N LYS D 203 83.71 25.16 16.96
CA LYS D 203 83.42 25.47 18.38
C LYS D 203 82.55 24.38 19.02
N VAL D 204 81.69 23.71 18.23
CA VAL D 204 80.84 22.57 18.71
C VAL D 204 81.59 21.25 18.45
N ALA D 205 82.03 20.57 19.52
CA ALA D 205 82.82 19.32 19.48
C ALA D 205 82.73 18.54 20.80
N HIS D 206 82.68 17.20 20.72
CA HIS D 206 82.77 16.26 21.88
C HIS D 206 84.00 15.36 21.70
N GLY D 207 85.07 15.89 21.07
CA GLY D 207 86.25 15.13 20.64
C GLY D 207 86.78 15.54 19.26
N ASP D 208 86.21 16.58 18.65
CA ASP D 208 86.59 17.14 17.31
C ASP D 208 86.26 16.11 16.22
N PHE D 209 86.85 14.91 16.32
CA PHE D 209 86.68 13.77 15.38
C PHE D 209 87.34 12.53 15.99
N THR D 210 86.54 11.49 16.27
CA THR D 210 86.98 10.20 16.87
C THR D 210 86.56 9.06 15.94
N LEU D 211 87.51 8.55 15.14
CA LEU D 211 87.34 7.38 14.24
C LEU D 211 87.65 6.10 15.02
N THR D 212 86.72 5.14 15.05
CA THR D 212 86.79 3.89 15.84
C THR D 212 87.64 2.84 15.09
N ALA D 213 87.66 1.60 15.60
CA ALA D 213 88.50 0.49 15.11
C ALA D 213 88.10 0.11 13.68
N PRO D 214 89.07 -0.24 12.80
CA PRO D 214 88.77 -0.71 11.45
C PRO D 214 88.05 -2.08 11.44
N TRP D 215 87.25 -2.34 10.42
CA TRP D 215 86.44 -3.59 10.25
C TRP D 215 87.26 -4.64 9.47
N CYS D 216 88.39 -4.24 8.88
CA CYS D 216 89.24 -5.09 8.02
C CYS D 216 90.72 -4.88 8.38
N LYS D 217 91.58 -5.83 7.98
CA LYS D 217 93.05 -5.83 8.27
C LYS D 217 93.85 -5.67 6.97
N THR D 218 93.36 -6.23 5.86
CA THR D 218 94.04 -6.25 4.53
C THR D 218 93.07 -5.73 3.45
N GLY D 219 93.61 -5.08 2.41
CA GLY D 219 92.83 -4.50 1.30
C GLY D 219 92.44 -5.53 0.25
N CYS D 220 92.14 -5.09 -0.97
CA CYS D 220 91.73 -5.92 -2.12
C CYS D 220 92.59 -5.59 -3.35
N PRO D 221 93.43 -6.52 -3.83
CA PRO D 221 94.20 -6.30 -5.06
C PRO D 221 93.36 -6.45 -6.33
N GLU D 222 92.40 -7.39 -6.32
CA GLU D 222 91.57 -7.80 -7.50
C GLU D 222 90.73 -6.61 -7.99
N PHE D 223 90.38 -5.70 -7.07
CA PHE D 223 89.53 -4.50 -7.32
C PHE D 223 90.18 -3.60 -8.39
N TRP D 224 91.50 -3.40 -8.32
CA TRP D 224 92.27 -2.54 -9.26
C TRP D 224 92.42 -3.24 -10.62
N LYS D 225 92.25 -4.57 -10.64
CA LYS D 225 92.42 -5.45 -11.84
C LYS D 225 91.07 -5.64 -12.55
N HIS D 226 89.95 -5.46 -11.84
CA HIS D 226 88.58 -5.79 -12.32
C HIS D 226 88.21 -4.98 -13.57
N PRO D 227 87.69 -5.62 -14.64
CA PRO D 227 87.38 -4.94 -15.90
C PRO D 227 86.36 -3.80 -15.79
N ILE D 228 85.50 -3.85 -14.76
CA ILE D 228 84.49 -2.81 -14.45
C ILE D 228 85.20 -1.55 -13.93
N TYR D 229 86.27 -1.73 -13.14
CA TYR D 229 87.12 -0.62 -12.64
C TYR D 229 87.93 -0.04 -13.80
N LYS D 230 88.29 -0.88 -14.78
CA LYS D 230 88.89 -0.45 -16.07
C LYS D 230 87.85 0.39 -16.84
N GLU D 231 86.64 -0.16 -17.00
CA GLU D 231 85.51 0.48 -17.74
C GLU D 231 85.13 1.80 -17.05
N PHE D 232 85.29 1.89 -15.73
CA PHE D 232 85.00 3.11 -14.92
C PHE D 232 85.92 4.25 -15.34
N LYS D 233 87.22 3.98 -15.43
CA LYS D 233 88.27 5.01 -15.72
C LYS D 233 88.36 5.31 -17.22
N MET D 234 87.85 4.42 -18.08
CA MET D 234 87.81 4.61 -19.55
C MET D 234 87.17 5.97 -19.87
N SER D 235 85.94 6.17 -19.42
CA SER D 235 85.11 7.39 -19.66
C SER D 235 85.68 8.57 -18.86
N MET D 236 86.04 8.35 -17.58
CA MET D 236 86.53 9.40 -16.64
C MET D 236 87.75 10.10 -17.23
N PRO D 237 87.92 11.43 -17.01
CA PRO D 237 89.13 12.14 -17.41
C PRO D 237 90.35 11.76 -16.54
N VAL D 238 91.55 12.02 -17.08
CA VAL D 238 92.85 11.52 -16.53
C VAL D 238 93.21 12.25 -15.24
N PRO D 239 92.87 13.54 -15.03
CA PRO D 239 93.09 14.17 -13.73
C PRO D 239 92.18 13.56 -12.64
N GLU D 240 90.96 13.16 -13.03
CA GLU D 240 89.96 12.50 -12.14
C GLU D 240 90.42 11.06 -11.85
N ARG D 241 90.91 10.35 -12.88
CA ARG D 241 91.45 8.97 -12.74
C ARG D 241 92.36 8.90 -11.50
N ARG D 242 93.39 9.74 -11.44
CA ARG D 242 94.42 9.77 -10.36
C ARG D 242 93.76 10.18 -9.03
N LEU D 243 92.84 11.16 -9.06
CA LEU D 243 92.10 11.66 -7.87
C LEU D 243 91.35 10.48 -7.20
N PHE D 244 90.75 9.60 -8.02
CA PHE D 244 90.02 8.40 -7.51
C PHE D 244 91.00 7.46 -6.81
N GLU D 245 92.17 7.22 -7.41
CA GLU D 245 93.29 6.44 -6.80
C GLU D 245 93.66 7.09 -5.45
N GLU D 246 93.88 8.40 -5.47
CA GLU D 246 94.31 9.23 -4.30
C GLU D 246 93.28 9.09 -3.17
N SER D 247 91.99 9.22 -3.50
CA SER D 247 90.85 9.25 -2.53
C SER D 247 90.72 7.92 -1.79
N VAL D 248 90.85 6.80 -2.51
CA VAL D 248 90.69 5.41 -1.95
C VAL D 248 91.80 5.16 -0.92
N LYS D 249 93.04 5.51 -1.26
CA LYS D 249 94.26 5.18 -0.46
C LYS D 249 94.37 6.13 0.75
N PHE D 250 93.67 7.27 0.72
CA PHE D 250 93.64 8.27 1.82
C PHE D 250 93.10 7.62 3.10
N ASN D 251 93.84 7.77 4.21
CA ASN D 251 93.40 7.37 5.58
C ASN D 251 93.16 8.64 6.40
N ALA D 252 91.93 8.84 6.88
CA ALA D 252 91.49 10.04 7.63
C ALA D 252 92.19 10.12 8.99
N TYR D 253 92.45 8.96 9.62
CA TYR D 253 93.05 8.85 10.97
C TYR D 253 94.54 9.20 10.93
N GLU D 254 95.19 9.07 9.76
CA GLU D 254 96.65 9.31 9.58
C GLU D 254 96.93 10.82 9.53
N SER D 255 96.40 11.52 8.53
CA SER D 255 96.60 12.98 8.29
C SER D 255 96.05 13.77 9.47
N GLU D 256 96.61 14.97 9.72
CA GLU D 256 96.28 15.85 10.89
C GLU D 256 94.76 15.95 11.04
N ARG D 257 94.05 16.32 9.97
CA ARG D 257 92.57 16.46 9.94
C ARG D 257 91.98 15.40 9.00
N TRP D 258 90.73 14.99 9.26
CA TRP D 258 89.95 13.97 8.49
C TRP D 258 89.61 14.52 7.10
N ASN D 259 89.32 15.83 7.00
CA ASN D 259 88.83 16.50 5.77
C ASN D 259 90.03 17.06 4.98
N THR D 260 91.13 16.30 4.88
CA THR D 260 92.33 16.66 4.09
C THR D 260 92.00 16.46 2.61
N ASN D 261 91.67 15.23 2.23
CA ASN D 261 91.35 14.80 0.84
C ASN D 261 90.03 15.42 0.39
N LEU D 262 89.00 15.29 1.23
CA LEU D 262 87.59 15.68 0.95
C LEU D 262 87.53 17.15 0.53
N VAL D 263 88.29 18.03 1.20
CA VAL D 263 88.39 19.49 0.89
C VAL D 263 89.30 19.68 -0.32
N LYS D 264 90.38 18.89 -0.42
CA LYS D 264 91.37 18.97 -1.53
C LYS D 264 90.66 18.75 -2.87
N ILE D 265 89.83 17.69 -2.98
CA ILE D 265 89.12 17.36 -4.26
C ILE D 265 87.99 18.38 -4.48
N ARG D 266 87.41 18.91 -3.40
CA ARG D 266 86.35 19.96 -3.42
C ARG D 266 86.88 21.20 -4.17
N GLU D 267 88.11 21.63 -3.86
CA GLU D 267 88.69 22.90 -4.39
C GLU D 267 89.10 22.75 -5.86
N TYR D 268 89.30 21.53 -6.36
CA TYR D 268 89.67 21.24 -7.78
C TYR D 268 88.46 21.47 -8.69
N THR D 269 87.32 20.86 -8.35
CA THR D 269 86.07 20.85 -9.15
C THR D 269 85.34 22.21 -9.02
N LYS D 270 85.80 23.08 -8.12
CA LYS D 270 85.14 24.37 -7.75
C LYS D 270 85.14 25.34 -8.95
N LYS D 271 85.98 25.09 -9.96
CA LYS D 271 86.04 25.89 -11.20
C LYS D 271 84.73 25.69 -11.99
N ASP D 272 84.43 24.45 -12.37
CA ASP D 272 83.27 24.08 -13.23
C ASP D 272 81.96 24.22 -12.44
N TYR D 273 81.99 23.88 -11.15
CA TYR D 273 80.81 23.94 -10.23
C TYR D 273 80.30 25.38 -10.15
N SER D 274 81.15 26.31 -9.69
CA SER D 274 80.86 27.77 -9.58
C SER D 274 80.22 28.28 -10.87
N GLU D 275 80.70 27.79 -12.03
CA GLU D 275 80.25 28.19 -13.38
C GLU D 275 78.90 27.55 -13.71
N HIS D 276 78.71 26.27 -13.37
CA HIS D 276 77.47 25.51 -13.67
C HIS D 276 76.33 25.97 -12.77
N ILE D 277 76.62 26.34 -11.52
CA ILE D 277 75.64 26.93 -10.55
C ILE D 277 75.10 28.22 -11.16
N SER D 278 75.99 29.09 -11.65
CA SER D 278 75.66 30.35 -12.37
C SER D 278 74.85 30.02 -13.63
N LYS D 279 75.43 29.19 -14.51
CA LYS D 279 74.85 28.73 -15.80
C LYS D 279 73.33 28.53 -15.64
N SER D 280 72.93 27.65 -14.72
CA SER D 280 71.52 27.26 -14.45
C SER D 280 70.75 28.44 -13.87
N ALA D 281 71.37 29.21 -12.97
CA ALA D 281 70.75 30.33 -12.22
C ALA D 281 70.37 31.47 -13.17
N LYS D 282 71.25 31.76 -14.14
CA LYS D 282 71.12 32.90 -15.09
C LYS D 282 69.97 32.64 -16.08
N ASN D 283 69.45 31.40 -16.13
CA ASN D 283 68.36 30.99 -17.05
C ASN D 283 67.02 31.58 -16.58
N ILE D 284 67.02 32.34 -15.47
CA ILE D 284 65.81 33.00 -14.90
C ILE D 284 65.31 34.10 -15.85
N PHE D 285 66.22 34.73 -16.62
CA PHE D 285 65.91 35.80 -17.60
C PHE D 285 65.53 35.17 -18.95
N LEU D 286 66.13 34.01 -19.26
CA LEU D 286 65.91 33.25 -20.53
C LEU D 286 64.48 32.73 -20.60
N ALA D 287 63.89 32.39 -19.45
CA ALA D 287 62.56 31.74 -19.34
C ALA D 287 61.45 32.69 -19.83
N SER D 288 60.31 32.11 -20.19
CA SER D 288 59.06 32.81 -20.59
C SER D 288 57.88 32.24 -19.79
N GLY D 289 56.68 32.81 -19.97
CA GLY D 289 55.45 32.36 -19.29
C GLY D 289 54.82 31.17 -19.99
N PHE D 290 55.63 30.30 -20.59
CA PHE D 290 55.21 29.10 -21.38
C PHE D 290 55.73 27.83 -20.70
N TYR D 291 54.88 27.19 -19.89
CA TYR D 291 55.15 25.89 -19.20
C TYR D 291 53.97 24.94 -19.45
N LYS D 292 54.23 23.63 -19.41
CA LYS D 292 53.21 22.57 -19.66
C LYS D 292 52.08 22.72 -18.63
N GLN D 293 51.08 23.51 -18.99
CA GLN D 293 49.87 23.84 -18.19
C GLN D 293 48.70 23.02 -18.75
N PRO D 294 47.89 22.36 -17.89
CA PRO D 294 46.74 21.59 -18.39
C PRO D 294 45.64 22.52 -18.92
N ASN D 295 45.08 22.19 -20.09
CA ASN D 295 43.98 22.96 -20.74
C ASN D 295 43.05 21.99 -21.49
N LYS D 296 41.77 22.35 -21.59
CA LYS D 296 40.67 21.50 -22.14
C LYS D 296 41.14 20.81 -23.43
N ASN D 297 41.76 21.55 -24.35
CA ASN D 297 42.22 21.04 -25.67
C ASN D 297 43.36 20.04 -25.44
N GLU D 298 44.33 20.39 -24.59
CA GLU D 298 45.53 19.55 -24.31
C GLU D 298 45.09 18.18 -23.79
N ILE D 299 44.02 18.13 -22.99
CA ILE D 299 43.44 16.88 -22.43
C ILE D 299 42.76 16.11 -23.58
N SER D 300 41.90 16.80 -24.36
CA SER D 300 41.14 16.25 -25.50
C SER D 300 42.09 15.58 -26.50
N GLU D 301 43.20 16.26 -26.83
CA GLU D 301 44.23 15.75 -27.79
C GLU D 301 44.80 14.43 -27.28
N GLY D 302 45.18 14.37 -26.00
CA GLY D 302 45.71 13.16 -25.34
C GLY D 302 44.77 11.98 -25.49
N TRP D 303 43.48 12.19 -25.20
CA TRP D 303 42.41 11.15 -25.24
C TRP D 303 42.37 10.51 -26.64
N THR D 304 42.43 11.34 -27.68
CA THR D 304 42.29 10.92 -29.10
C THR D 304 43.43 9.98 -29.48
N LEU D 305 44.66 10.31 -29.09
CA LEU D 305 45.87 9.48 -29.32
C LEU D 305 45.77 8.20 -28.48
N MET D 306 45.15 8.28 -27.30
CA MET D 306 44.83 7.11 -26.44
C MET D 306 43.90 6.17 -27.21
N VAL D 307 42.81 6.70 -27.78
CA VAL D 307 41.83 5.90 -28.59
C VAL D 307 42.60 5.14 -29.67
N GLU D 308 43.39 5.85 -30.48
CA GLU D 308 44.22 5.28 -31.58
C GLU D 308 45.07 4.11 -31.03
N ARG D 309 45.75 4.34 -29.90
CA ARG D 309 46.62 3.34 -29.23
C ARG D 309 45.79 2.11 -28.84
N VAL D 310 44.72 2.31 -28.06
CA VAL D 310 43.87 1.21 -27.53
C VAL D 310 43.27 0.42 -28.70
N GLN D 311 42.76 1.12 -29.73
CA GLN D 311 42.09 0.52 -30.92
C GLN D 311 43.06 -0.39 -31.69
N ASP D 312 44.37 -0.18 -31.54
CA ASP D 312 45.43 -1.04 -32.12
C ASP D 312 45.82 -2.13 -31.11
N GLN D 313 46.12 -1.74 -29.86
CA GLN D 313 46.74 -2.64 -28.85
C GLN D 313 45.73 -3.67 -28.33
N ARG D 314 44.42 -3.39 -28.42
CA ARG D 314 43.34 -4.34 -27.99
C ARG D 314 42.32 -4.51 -29.12
N GLU D 315 41.56 -5.61 -29.09
CA GLU D 315 40.45 -5.90 -30.02
C GLU D 315 39.19 -5.16 -29.55
N ILE D 316 38.93 -3.98 -30.12
CA ILE D 316 37.74 -3.13 -29.80
C ILE D 316 36.49 -3.83 -30.34
N SER D 317 35.47 -3.99 -29.49
CA SER D 317 34.14 -4.53 -29.87
C SER D 317 33.04 -3.51 -29.54
N LYS D 318 31.97 -3.52 -30.32
CA LYS D 318 30.75 -2.68 -30.13
C LYS D 318 29.54 -3.57 -29.84
N SER D 319 29.71 -4.90 -29.91
CA SER D 319 28.66 -5.92 -29.62
C SER D 319 28.46 -6.01 -28.10
N LEU D 320 27.21 -6.23 -27.66
CA LEU D 320 26.82 -6.25 -26.22
C LEU D 320 26.78 -7.68 -25.69
N HIS D 321 27.26 -8.65 -26.47
CA HIS D 321 27.33 -10.10 -26.09
C HIS D 321 28.75 -10.47 -25.64
N ASP D 322 29.76 -9.64 -25.96
CA ASP D 322 31.19 -9.88 -25.62
C ASP D 322 31.49 -9.36 -24.21
N GLN D 323 30.62 -8.52 -23.65
CA GLN D 323 30.77 -7.93 -22.28
C GLN D 323 30.94 -9.06 -21.26
N LYS D 324 31.62 -8.76 -20.14
CA LYS D 324 31.74 -9.66 -18.97
C LYS D 324 30.91 -9.06 -17.82
N PRO D 325 30.48 -9.88 -16.83
CA PRO D 325 29.67 -9.36 -15.72
C PRO D 325 30.37 -8.25 -14.94
N SER D 326 29.65 -7.17 -14.64
CA SER D 326 30.07 -6.06 -13.75
C SER D 326 30.09 -6.58 -12.31
N ILE D 327 29.05 -7.33 -11.94
CA ILE D 327 28.91 -8.11 -10.66
C ILE D 327 28.45 -9.52 -11.06
N HIS D 328 28.84 -10.54 -10.29
CA HIS D 328 28.66 -11.98 -10.62
C HIS D 328 27.50 -12.57 -9.82
N PHE D 329 26.33 -11.94 -9.89
CA PHE D 329 25.14 -12.21 -9.04
C PHE D 329 23.89 -11.64 -9.73
N ILE D 330 22.73 -12.27 -9.53
CA ILE D 330 21.43 -11.81 -10.13
C ILE D 330 20.35 -11.79 -9.04
N TRP D 331 20.15 -10.64 -8.38
CA TRP D 331 19.19 -10.48 -7.26
C TRP D 331 17.77 -10.32 -7.79
N GLY D 332 16.81 -10.95 -7.10
CA GLY D 332 15.37 -10.85 -7.36
C GLY D 332 14.58 -10.83 -6.05
N ALA D 333 13.48 -10.07 -6.03
CA ALA D 333 12.67 -9.77 -4.82
C ALA D 333 12.28 -11.06 -4.11
N HIS D 334 12.35 -11.05 -2.78
CA HIS D 334 11.92 -12.15 -1.87
C HIS D 334 10.39 -12.30 -1.93
N ASN D 335 9.89 -13.49 -1.59
CA ASN D 335 8.45 -13.90 -1.72
C ASN D 335 7.92 -14.28 -0.34
N PRO D 336 7.29 -13.35 0.42
CA PRO D 336 6.86 -13.63 1.79
C PRO D 336 5.67 -14.61 1.90
N GLY D 337 4.92 -14.81 0.81
CA GLY D 337 3.78 -15.75 0.73
C GLY D 337 4.24 -17.19 0.93
N ASN D 338 5.35 -17.57 0.27
CA ASN D 338 6.00 -18.89 0.43
C ASN D 338 6.74 -18.93 1.77
N SER D 339 6.93 -20.13 2.33
CA SER D 339 7.59 -20.38 3.63
C SER D 339 9.10 -20.12 3.54
N ASN D 340 9.71 -19.67 4.64
CA ASN D 340 11.15 -19.34 4.76
C ASN D 340 11.83 -20.44 5.58
N ASN D 341 11.79 -21.69 5.10
CA ASN D 341 12.33 -22.89 5.83
C ASN D 341 13.05 -23.81 4.84
N ALA D 342 14.23 -24.30 5.25
CA ALA D 342 15.20 -25.08 4.44
C ALA D 342 14.48 -26.13 3.58
N THR D 343 13.99 -27.20 4.21
CA THR D 343 13.43 -28.40 3.54
C THR D 343 12.43 -27.98 2.45
N PHE D 344 11.62 -26.95 2.74
CA PHE D 344 10.57 -26.42 1.83
C PHE D 344 11.22 -25.79 0.58
N LYS D 345 12.26 -24.99 0.78
CA LYS D 345 12.97 -24.26 -0.30
C LYS D 345 13.63 -25.25 -1.26
N LEU D 346 14.26 -26.30 -0.71
CA LEU D 346 14.96 -27.37 -1.46
C LEU D 346 14.00 -27.98 -2.49
N ILE D 347 12.81 -28.38 -2.06
CA ILE D 347 11.75 -28.98 -2.93
C ILE D 347 11.15 -27.88 -3.81
N LEU D 348 10.93 -26.68 -3.27
CA LEU D 348 10.41 -25.52 -4.04
C LEU D 348 11.28 -25.35 -5.29
N LEU D 349 12.59 -25.22 -5.12
CA LEU D 349 13.56 -25.03 -6.23
C LEU D 349 13.58 -26.26 -7.13
N SER D 350 13.42 -27.45 -6.53
CA SER D 350 13.36 -28.75 -7.26
C SER D 350 12.20 -28.71 -8.27
N LYS D 351 10.97 -28.54 -7.78
CA LYS D 351 9.76 -28.45 -8.65
C LYS D 351 9.94 -27.27 -9.61
N SER D 352 10.40 -26.11 -9.12
CA SER D 352 10.64 -24.89 -9.94
C SER D 352 11.51 -25.22 -11.14
N LEU D 353 12.61 -25.94 -10.92
CA LEU D 353 13.62 -26.31 -11.96
C LEU D 353 13.02 -27.33 -12.93
N GLN D 354 12.23 -28.29 -12.42
CA GLN D 354 11.51 -29.31 -13.23
C GLN D 354 10.45 -28.62 -14.10
N SER D 355 9.90 -27.50 -13.61
CA SER D 355 8.72 -26.80 -14.19
C SER D 355 9.13 -25.82 -15.30
N ILE D 356 10.43 -25.55 -15.47
CA ILE D 356 10.95 -24.61 -16.51
C ILE D 356 10.36 -25.05 -17.87
N LYS D 357 9.70 -24.13 -18.58
CA LYS D 357 8.98 -24.45 -19.84
C LYS D 357 9.48 -23.55 -20.98
N GLY D 358 9.80 -24.16 -22.13
CA GLY D 358 10.33 -23.50 -23.34
C GLY D 358 11.29 -24.40 -24.09
N ILE D 359 12.26 -23.80 -24.78
CA ILE D 359 13.35 -24.52 -25.51
C ILE D 359 14.50 -23.53 -25.78
N SER D 360 15.69 -23.84 -25.26
CA SER D 360 16.93 -23.02 -25.38
C SER D 360 18.08 -23.95 -25.82
N THR D 361 19.23 -23.86 -25.15
CA THR D 361 20.41 -24.75 -25.37
C THR D 361 20.43 -25.83 -24.28
N TYR D 362 20.39 -25.41 -23.00
CA TYR D 362 20.59 -26.28 -21.81
C TYR D 362 19.26 -26.48 -21.06
N THR D 363 18.12 -26.20 -21.71
CA THR D 363 16.77 -26.25 -21.11
C THR D 363 16.54 -27.61 -20.43
N GLU D 364 16.70 -28.71 -21.18
CA GLU D 364 16.43 -30.09 -20.71
C GLU D 364 17.48 -30.50 -19.67
N ALA D 365 18.62 -29.80 -19.60
CA ALA D 365 19.68 -30.01 -18.60
C ALA D 365 19.23 -29.47 -17.24
N PHE D 366 18.86 -28.19 -17.18
CA PHE D 366 18.33 -27.51 -15.97
C PHE D 366 17.11 -28.27 -15.44
N LYS D 367 16.34 -28.87 -16.36
CA LYS D 367 15.11 -29.66 -16.07
C LYS D 367 15.46 -30.87 -15.20
N SER D 368 16.40 -31.70 -15.67
CA SER D 368 16.83 -32.97 -15.03
C SER D 368 17.54 -32.70 -13.69
N LEU D 369 18.20 -31.54 -13.56
CA LEU D 369 18.92 -31.12 -12.31
C LEU D 369 17.92 -30.95 -11.17
N GLY D 370 16.79 -30.30 -11.43
CA GLY D 370 15.65 -30.20 -10.50
C GLY D 370 15.08 -31.57 -10.18
N LYS D 371 15.02 -32.44 -11.19
CA LYS D 371 14.54 -33.85 -11.09
C LYS D 371 15.47 -34.64 -10.16
N MET D 372 16.77 -34.35 -10.20
CA MET D 372 17.81 -35.05 -9.39
C MET D 372 17.95 -34.41 -8.00
N MET D 373 17.01 -33.56 -7.58
CA MET D 373 16.95 -32.99 -6.21
C MET D 373 15.50 -32.98 -5.70
N ASP D 374 14.70 -33.97 -6.11
CA ASP D 374 13.30 -34.19 -5.67
C ASP D 374 13.31 -34.96 -4.35
N ILE D 375 12.35 -34.67 -3.47
CA ILE D 375 12.13 -35.37 -2.17
C ILE D 375 10.62 -35.60 -1.98
N GLY D 376 9.78 -34.58 -2.19
CA GLY D 376 8.31 -34.65 -2.25
C GLY D 376 7.70 -35.31 -1.02
N ASP D 377 7.18 -36.53 -1.19
CA ASP D 377 6.50 -37.34 -0.14
C ASP D 377 7.47 -37.57 1.03
N LYS D 378 8.71 -37.96 0.72
CA LYS D 378 9.75 -38.35 1.71
C LYS D 378 10.55 -37.11 2.15
N ALA D 379 9.85 -36.06 2.58
CA ALA D 379 10.43 -34.79 3.09
C ALA D 379 11.05 -35.04 4.47
N ILE D 380 10.42 -35.91 5.27
CA ILE D 380 10.82 -36.20 6.68
C ILE D 380 12.09 -37.05 6.71
N GLU D 381 12.31 -37.89 5.69
CA GLU D 381 13.50 -38.78 5.58
C GLU D 381 14.75 -37.92 5.35
N TYR D 382 14.61 -36.81 4.61
CA TYR D 382 15.67 -35.80 4.36
C TYR D 382 16.06 -35.12 5.68
N GLU D 383 15.09 -34.88 6.57
CA GLU D 383 15.28 -34.17 7.86
C GLU D 383 16.08 -35.04 8.82
N GLU D 384 15.91 -36.37 8.78
CA GLU D 384 16.60 -37.34 9.67
C GLU D 384 17.97 -37.70 9.09
N PHE D 385 18.00 -38.31 7.89
CA PHE D 385 19.21 -38.87 7.24
C PHE D 385 20.36 -37.84 7.28
N CYS D 386 20.06 -36.59 6.93
CA CYS D 386 21.04 -35.46 6.89
C CYS D 386 21.57 -35.17 8.31
N MET D 387 20.69 -35.21 9.31
CA MET D 387 21.02 -34.84 10.73
C MET D 387 21.91 -35.91 11.37
N SER D 388 21.76 -37.17 10.94
CA SER D 388 22.65 -38.30 11.35
C SER D 388 24.07 -38.03 10.86
N LEU D 389 24.23 -37.74 9.57
CA LEU D 389 25.52 -37.47 8.90
C LEU D 389 26.22 -36.29 9.58
N LYS D 390 25.50 -35.18 9.78
CA LYS D 390 26.01 -33.94 10.43
C LYS D 390 26.45 -34.27 11.87
N SER D 391 25.66 -35.08 12.59
CA SER D 391 25.94 -35.53 13.98
C SER D 391 27.18 -36.43 14.00
N LYS D 392 27.35 -37.29 12.99
CA LYS D 392 28.51 -38.22 12.85
C LYS D 392 29.82 -37.43 12.78
N ALA D 393 29.85 -36.35 11.99
CA ALA D 393 31.02 -35.46 11.80
C ALA D 393 31.23 -34.59 13.04
N ARG D 394 30.13 -34.16 13.70
CA ARG D 394 30.14 -33.21 14.84
C ARG D 394 30.68 -33.88 16.12
N SER D 395 30.83 -35.21 16.13
CA SER D 395 31.36 -36.00 17.27
C SER D 395 32.89 -35.86 17.34
N SER D 396 33.56 -35.89 16.19
CA SER D 396 35.04 -36.03 16.05
C SER D 396 35.71 -34.66 15.87
N TRP D 397 36.89 -34.49 16.48
CA TRP D 397 37.82 -33.36 16.26
C TRP D 397 38.33 -33.43 14.81
N LYS D 398 38.94 -34.56 14.44
CA LYS D 398 39.44 -34.86 13.07
C LYS D 398 38.26 -35.23 12.16
N GLN D 399 38.48 -35.19 10.85
CA GLN D 399 37.49 -35.61 9.82
C GLN D 399 37.28 -37.12 9.92
N ILE D 400 36.10 -37.60 9.50
CA ILE D 400 35.72 -39.05 9.51
C ILE D 400 36.43 -39.74 8.34
N MET D 401 37.48 -40.52 8.64
CA MET D 401 38.35 -41.20 7.65
C MET D 401 37.95 -42.68 7.52
N ASN D 402 38.31 -43.30 6.39
CA ASN D 402 38.20 -44.77 6.13
C ASN D 402 36.74 -45.17 5.83
N LYS D 403 35.79 -44.69 6.65
CA LYS D 403 34.33 -45.00 6.47
C LYS D 403 33.83 -44.31 5.20
N LYS D 404 33.06 -45.04 4.38
CA LYS D 404 32.57 -44.61 3.04
C LYS D 404 31.21 -43.93 3.18
N LEU D 405 31.09 -42.69 2.68
CA LEU D 405 29.81 -41.95 2.56
C LEU D 405 29.02 -42.51 1.39
N GLU D 406 27.74 -42.86 1.61
CA GLU D 406 26.87 -43.56 0.63
C GLU D 406 25.51 -42.86 0.59
N PRO D 407 24.94 -42.59 -0.62
CA PRO D 407 23.67 -41.87 -0.73
C PRO D 407 22.43 -42.73 -0.41
N LYS D 408 21.28 -42.07 -0.27
CA LYS D 408 19.95 -42.72 -0.03
C LYS D 408 18.98 -42.27 -1.14
N GLN D 409 18.43 -43.22 -1.89
CA GLN D 409 17.44 -42.98 -2.99
C GLN D 409 16.16 -42.40 -2.40
N ILE D 410 15.84 -41.14 -2.75
CA ILE D 410 14.60 -40.44 -2.30
C ILE D 410 13.89 -39.88 -3.53
N ASN D 411 12.72 -40.44 -3.86
CA ASN D 411 11.93 -40.15 -5.09
C ASN D 411 12.82 -40.41 -6.32
N ASN D 412 13.44 -39.38 -6.88
CA ASN D 412 14.32 -39.46 -8.08
C ASN D 412 15.75 -39.10 -7.70
N ALA D 413 15.94 -38.30 -6.63
CA ALA D 413 17.25 -37.78 -6.16
C ALA D 413 17.95 -38.81 -5.28
N LEU D 414 19.29 -38.76 -5.26
CA LEU D 414 20.18 -39.60 -4.42
C LEU D 414 20.98 -38.69 -3.49
N VAL D 415 20.38 -38.31 -2.36
CA VAL D 415 20.93 -37.32 -1.38
C VAL D 415 22.23 -37.90 -0.82
N LEU D 416 23.31 -37.11 -0.83
CA LEU D 416 24.63 -37.48 -0.24
C LEU D 416 24.86 -36.72 1.07
N TRP D 417 24.34 -35.50 1.16
CA TRP D 417 24.41 -34.61 2.36
C TRP D 417 23.30 -33.56 2.28
N GLU D 418 23.04 -32.86 3.39
CA GLU D 418 22.15 -31.65 3.46
C GLU D 418 22.52 -30.69 2.31
N GLN D 419 21.64 -30.61 1.30
CA GLN D 419 21.74 -29.72 0.10
C GLN D 419 22.85 -30.21 -0.85
N GLN D 420 23.25 -31.48 -0.73
CA GLN D 420 24.20 -32.16 -1.64
C GLN D 420 23.49 -33.34 -2.32
N PHE D 421 23.59 -33.43 -3.65
CA PHE D 421 22.91 -34.46 -4.49
C PHE D 421 23.92 -35.13 -5.42
N MET D 422 23.48 -36.22 -6.06
CA MET D 422 24.31 -37.06 -6.97
C MET D 422 23.82 -36.88 -8.41
N ILE D 423 24.76 -36.74 -9.35
CA ILE D 423 24.49 -36.62 -10.81
C ILE D 423 24.18 -38.02 -11.36
N ASN D 424 22.88 -38.32 -11.54
CA ASN D 424 22.35 -39.62 -12.03
C ASN D 424 22.40 -39.64 -13.57
N ASN D 425 23.24 -40.50 -14.15
CA ASN D 425 23.53 -40.56 -15.61
C ASN D 425 22.32 -41.10 -16.39
N ASP D 426 21.34 -41.72 -15.70
CA ASP D 426 20.09 -42.24 -16.29
C ASP D 426 19.09 -41.10 -16.49
N LEU D 427 19.01 -40.16 -15.54
CA LEU D 427 18.00 -39.07 -15.50
C LEU D 427 18.32 -37.99 -16.56
N ILE D 428 19.58 -37.90 -17.01
CA ILE D 428 20.02 -36.93 -18.06
C ILE D 428 20.39 -37.72 -19.33
N ASP D 429 20.10 -37.16 -20.50
CA ASP D 429 20.55 -37.69 -21.81
C ASP D 429 22.07 -37.52 -21.92
N LYS D 430 22.73 -38.44 -22.63
CA LYS D 430 24.21 -38.45 -22.85
C LYS D 430 24.62 -37.13 -23.53
N SER D 431 23.80 -36.64 -24.46
CA SER D 431 24.03 -35.38 -25.23
C SER D 431 23.71 -34.16 -24.36
N GLU D 432 22.68 -34.24 -23.50
CA GLU D 432 22.19 -33.11 -22.67
C GLU D 432 23.11 -32.94 -21.45
N LYS D 433 23.75 -34.01 -20.99
CA LYS D 433 24.78 -33.95 -19.90
C LYS D 433 26.03 -33.24 -20.42
N LEU D 434 26.47 -33.59 -21.64
CA LEU D 434 27.60 -32.95 -22.35
C LEU D 434 27.37 -31.43 -22.41
N LYS D 435 26.29 -31.00 -23.06
CA LYS D 435 25.94 -29.57 -23.27
C LYS D 435 26.23 -28.75 -22.01
N LEU D 436 25.78 -29.23 -20.85
CA LEU D 436 25.85 -28.50 -19.55
C LEU D 436 27.31 -28.29 -19.14
N PHE D 437 28.20 -29.25 -19.43
CA PHE D 437 29.57 -29.30 -18.88
C PHE D 437 30.61 -28.83 -19.91
N LYS D 438 30.48 -29.23 -21.18
CA LYS D 438 31.41 -28.85 -22.28
C LYS D 438 31.23 -27.37 -22.61
N ASN D 439 29.99 -26.92 -22.78
CA ASN D 439 29.64 -25.58 -23.32
C ASN D 439 29.34 -24.61 -22.17
N PHE D 440 28.49 -25.00 -21.21
CA PHE D 440 27.97 -24.09 -20.14
C PHE D 440 28.98 -24.00 -18.98
N CYS D 441 29.46 -25.13 -18.47
CA CYS D 441 30.42 -25.18 -17.32
C CYS D 441 31.86 -25.01 -17.82
N GLY D 442 32.14 -25.40 -19.07
CA GLY D 442 33.43 -25.20 -19.75
C GLY D 442 34.49 -26.21 -19.35
N ILE D 443 34.09 -27.33 -18.72
CA ILE D 443 34.98 -28.49 -18.39
C ILE D 443 35.31 -29.22 -19.70
N GLY D 444 36.50 -28.98 -20.25
CA GLY D 444 36.97 -29.54 -21.53
C GLY D 444 36.51 -28.71 -22.70
N LYS D 445 37.10 -27.52 -22.88
CA LYS D 445 36.72 -26.53 -23.93
C LYS D 445 37.89 -26.33 -24.91
N HIS D 446 39.13 -26.22 -24.39
CA HIS D 446 40.37 -26.13 -25.20
C HIS D 446 40.46 -27.34 -26.14
N SER D 460 44.23 -12.61 -31.84
CA SER D 460 44.65 -13.08 -30.49
C SER D 460 44.92 -11.89 -29.56
N LYS D 461 44.16 -10.79 -29.71
CA LYS D 461 44.26 -9.58 -28.86
C LYS D 461 43.21 -9.66 -27.75
N PRO D 462 43.34 -8.88 -26.66
CA PRO D 462 42.30 -8.83 -25.63
C PRO D 462 40.99 -8.22 -26.13
N LYS D 463 39.85 -8.78 -25.68
CA LYS D 463 38.48 -8.34 -26.03
C LYS D 463 38.04 -7.23 -25.05
N ILE D 464 37.60 -6.09 -25.59
CA ILE D 464 37.28 -4.85 -24.83
C ILE D 464 36.11 -4.14 -25.53
N LEU D 465 35.35 -3.32 -24.80
CA LEU D 465 34.14 -2.61 -25.32
C LEU D 465 34.49 -1.17 -25.68
N ASP D 466 34.04 -0.68 -26.85
CA ASP D 466 34.31 0.70 -27.33
C ASP D 466 33.59 1.71 -26.41
N PHE D 467 34.35 2.38 -25.56
CA PHE D 467 33.88 3.35 -24.53
C PHE D 467 33.64 4.73 -25.14
N ASP D 468 33.96 4.89 -26.44
CA ASP D 468 33.75 6.13 -27.23
C ASP D 468 32.50 6.00 -28.11
N ASP D 469 31.84 4.84 -28.12
CA ASP D 469 30.52 4.65 -28.79
C ASP D 469 29.42 5.13 -27.82
N ALA D 470 28.67 6.16 -28.23
CA ALA D 470 27.56 6.76 -27.45
C ALA D 470 26.43 5.74 -27.25
N ASN D 471 26.30 4.78 -28.18
CA ASN D 471 25.27 3.70 -28.16
C ASN D 471 25.76 2.50 -27.34
N MET D 472 27.04 2.50 -26.94
CA MET D 472 27.63 1.56 -25.96
C MET D 472 27.59 2.22 -24.56
N TYR D 473 28.03 3.48 -24.46
CA TYR D 473 27.93 4.28 -23.22
C TYR D 473 26.47 4.38 -22.80
N LEU D 474 25.57 4.57 -23.77
CA LEU D 474 24.09 4.48 -23.59
C LEU D 474 23.77 3.15 -22.90
N ALA D 475 24.09 2.03 -23.55
CA ALA D 475 23.84 0.65 -23.06
C ALA D 475 24.35 0.50 -21.62
N SER D 476 25.56 1.03 -21.35
CA SER D 476 26.18 1.01 -20.01
C SER D 476 25.37 1.86 -19.03
N LEU D 477 24.86 3.02 -19.48
CA LEU D 477 24.08 3.97 -18.64
C LEU D 477 22.71 3.36 -18.30
N THR D 478 22.06 2.72 -19.28
CA THR D 478 20.73 2.07 -19.16
C THR D 478 20.81 0.90 -18.17
N MET D 479 21.98 0.25 -18.07
CA MET D 479 22.26 -0.82 -17.07
C MET D 479 22.21 -0.20 -15.66
N MET D 480 22.75 1.01 -15.49
CA MET D 480 22.73 1.78 -14.22
C MET D 480 21.31 2.25 -13.93
N GLU D 481 20.65 2.87 -14.94
CA GLU D 481 19.25 3.33 -14.86
C GLU D 481 18.35 2.15 -14.44
N GLN D 482 18.58 0.97 -15.02
CA GLN D 482 17.87 -0.30 -14.67
C GLN D 482 18.09 -0.61 -13.19
N SER D 483 19.36 -0.62 -12.75
CA SER D 483 19.78 -0.96 -11.36
C SER D 483 19.12 0.01 -10.37
N LYS D 484 19.22 1.32 -10.61
CA LYS D 484 18.62 2.36 -9.75
C LYS D 484 17.10 2.15 -9.68
N LYS D 485 16.47 1.77 -10.79
CA LYS D 485 15.00 1.57 -10.92
C LYS D 485 14.54 0.48 -9.94
N ILE D 486 15.36 -0.57 -9.75
CA ILE D 486 14.99 -1.80 -8.99
C ILE D 486 15.53 -1.74 -7.56
N LEU D 487 16.76 -1.25 -7.35
CA LEU D 487 17.47 -1.34 -6.05
C LEU D 487 17.01 -0.23 -5.09
N SER D 488 16.60 0.93 -5.62
CA SER D 488 16.11 2.09 -4.82
C SER D 488 14.87 1.67 -3.99
N LYS D 489 14.06 0.75 -4.52
CA LYS D 489 12.82 0.22 -3.87
C LYS D 489 13.19 -0.46 -2.55
N SER D 490 12.46 -0.12 -1.48
CA SER D 490 12.73 -0.53 -0.07
C SER D 490 12.61 -2.05 0.09
N ASN D 491 13.26 -2.59 1.13
CA ASN D 491 13.18 -4.02 1.53
C ASN D 491 11.77 -4.32 2.05
N GLY D 492 11.21 -3.38 2.83
CA GLY D 492 9.96 -3.57 3.58
C GLY D 492 10.19 -4.35 4.87
N LEU D 493 11.39 -4.89 5.04
CA LEU D 493 11.85 -5.66 6.23
C LEU D 493 12.46 -4.68 7.24
N LYS D 494 12.46 -5.03 8.53
CA LYS D 494 12.94 -4.15 9.63
C LYS D 494 14.37 -3.71 9.32
N PRO D 495 14.69 -2.40 9.42
CA PRO D 495 16.05 -1.91 9.20
C PRO D 495 16.90 -2.09 10.47
N ASP D 496 17.06 -3.33 10.94
CA ASP D 496 17.72 -3.69 12.21
C ASP D 496 18.58 -4.95 12.00
N ASN D 497 19.88 -4.75 11.78
CA ASN D 497 20.91 -5.83 11.73
C ASN D 497 21.97 -5.54 12.81
N PHE D 498 22.76 -6.55 13.17
CA PHE D 498 23.73 -6.56 14.30
C PHE D 498 24.44 -5.19 14.42
N ILE D 499 24.95 -4.68 13.29
CA ILE D 499 25.69 -3.38 13.22
C ILE D 499 24.84 -2.31 13.93
N LEU D 500 23.62 -2.08 13.46
CA LEU D 500 22.68 -1.06 14.01
C LEU D 500 22.21 -1.49 15.40
N ASN D 501 21.79 -2.75 15.54
CA ASN D 501 21.23 -3.32 16.80
C ASN D 501 22.20 -3.08 17.96
N GLU D 502 23.51 -3.24 17.75
CA GLU D 502 24.51 -3.31 18.84
C GLU D 502 25.46 -2.09 18.82
N PHE D 503 25.58 -1.36 17.72
CA PHE D 503 26.50 -0.19 17.60
C PHE D 503 25.75 1.10 17.20
N GLY D 504 24.48 0.99 16.78
CA GLY D 504 23.65 2.15 16.39
C GLY D 504 23.69 3.24 17.44
N SER D 505 23.50 2.88 18.71
CA SER D 505 23.52 3.78 19.90
C SER D 505 24.82 4.60 19.92
N ARG D 506 25.96 3.94 19.71
CA ARG D 506 27.32 4.56 19.82
C ARG D 506 27.64 5.34 18.54
N ILE D 507 26.94 5.07 17.44
CA ILE D 507 27.06 5.85 16.18
C ILE D 507 26.21 7.12 16.29
N LYS D 508 24.95 7.00 16.73
CA LYS D 508 23.96 8.10 16.76
C LYS D 508 24.48 9.26 17.60
N ASP D 509 25.09 8.99 18.76
CA ASP D 509 25.53 10.02 19.73
C ASP D 509 26.76 10.77 19.16
N ALA D 510 27.51 10.14 18.25
CA ALA D 510 28.71 10.73 17.60
C ALA D 510 28.26 11.74 16.54
N ASN D 511 27.36 11.32 15.64
CA ASN D 511 26.75 12.18 14.58
C ASN D 511 25.41 11.54 14.16
N LYS D 512 24.30 12.22 14.49
CA LYS D 512 22.92 11.71 14.27
C LYS D 512 22.69 11.49 12.77
N GLU D 513 23.28 12.36 11.94
CA GLU D 513 23.16 12.32 10.45
C GLU D 513 23.56 10.92 9.95
N THR D 514 24.71 10.41 10.38
CA THR D 514 25.29 9.12 9.90
C THR D 514 24.40 7.95 10.31
N TYR D 515 23.78 8.01 11.50
CA TYR D 515 22.80 6.99 11.97
C TYR D 515 21.67 6.90 10.93
N ASP D 516 21.10 8.05 10.57
CA ASP D 516 20.04 8.18 9.54
C ASP D 516 20.56 7.66 8.19
N ASN D 517 21.74 8.15 7.77
CA ASN D 517 22.43 7.72 6.53
C ASN D 517 22.48 6.18 6.49
N MET D 518 22.81 5.55 7.61
CA MET D 518 22.91 4.07 7.73
C MET D 518 21.53 3.47 7.46
N HIS D 519 20.51 3.91 8.19
CA HIS D 519 19.08 3.53 8.00
C HIS D 519 18.75 3.61 6.50
N LYS D 520 18.95 4.78 5.89
CA LYS D 520 18.66 5.07 4.47
C LYS D 520 19.21 3.94 3.59
N ILE D 521 20.38 3.39 3.93
CA ILE D 521 21.02 2.27 3.17
C ILE D 521 20.26 0.98 3.47
N PHE D 522 20.22 0.59 4.75
CA PHE D 522 19.66 -0.70 5.22
C PHE D 522 18.22 -0.86 4.71
N GLU D 523 17.43 0.20 4.78
CA GLU D 523 16.03 0.26 4.23
C GLU D 523 16.05 -0.19 2.77
N THR D 524 16.98 0.34 1.96
CA THR D 524 16.97 0.24 0.47
C THR D 524 17.49 -1.12 0.01
N GLY D 525 16.93 -1.61 -1.10
CA GLY D 525 17.21 -2.93 -1.71
C GLY D 525 18.67 -3.12 -2.05
N TYR D 526 19.42 -2.02 -2.18
CA TYR D 526 20.90 -1.99 -2.35
C TYR D 526 21.56 -2.89 -1.29
N TRP D 527 21.21 -2.67 -0.01
CA TRP D 527 21.81 -3.36 1.16
C TRP D 527 21.42 -4.84 1.15
N GLN D 528 20.14 -5.14 0.89
CA GLN D 528 19.60 -6.53 0.87
C GLN D 528 20.21 -7.29 -0.31
N CYS D 529 20.47 -6.61 -1.43
CA CYS D 529 21.09 -7.19 -2.64
C CYS D 529 22.48 -7.72 -2.30
N ILE D 530 23.37 -6.84 -1.82
CA ILE D 530 24.80 -7.16 -1.51
C ILE D 530 24.84 -8.17 -0.34
N SER D 531 24.14 -7.91 0.75
CA SER D 531 24.19 -8.69 2.01
C SER D 531 23.81 -10.15 1.75
N ASP D 532 22.81 -10.37 0.87
CA ASP D 532 22.30 -11.72 0.50
C ASP D 532 23.32 -12.40 -0.42
N PHE D 533 24.05 -11.65 -1.23
CA PHE D 533 25.16 -12.17 -2.08
C PHE D 533 26.33 -12.58 -1.17
N SER D 534 26.62 -11.75 -0.16
CA SER D 534 27.59 -12.02 0.94
C SER D 534 27.22 -13.34 1.64
N THR D 535 26.04 -13.36 2.27
CA THR D 535 25.52 -14.51 3.05
C THR D 535 25.40 -15.73 2.12
N LEU D 536 25.09 -15.54 0.83
CA LEU D 536 24.97 -16.64 -0.16
C LEU D 536 26.35 -17.20 -0.48
N MET D 537 27.34 -16.33 -0.76
CA MET D 537 28.71 -16.75 -1.15
C MET D 537 29.36 -17.51 0.02
N LYS D 538 29.23 -17.02 1.25
CA LYS D 538 29.68 -17.70 2.49
C LYS D 538 29.20 -19.16 2.48
N ASN D 539 27.97 -19.39 1.99
CA ASN D 539 27.30 -20.72 1.95
C ASN D 539 27.62 -21.45 0.64
N ILE D 540 28.08 -20.72 -0.39
CA ILE D 540 28.57 -21.31 -1.66
C ILE D 540 29.93 -21.94 -1.38
N LEU D 541 30.82 -21.21 -0.69
CA LEU D 541 32.19 -21.66 -0.32
C LEU D 541 32.09 -22.85 0.64
N SER D 542 31.33 -22.68 1.73
CA SER D 542 31.08 -23.72 2.78
C SER D 542 30.65 -25.03 2.12
N VAL D 543 29.87 -24.94 1.04
CA VAL D 543 29.36 -26.11 0.25
C VAL D 543 30.46 -26.60 -0.70
N SER D 544 31.14 -25.69 -1.38
CA SER D 544 32.11 -25.98 -2.47
C SER D 544 33.31 -26.78 -1.96
N GLN D 545 33.59 -26.72 -0.65
CA GLN D 545 34.76 -27.37 0.00
C GLN D 545 34.68 -28.89 -0.20
N TYR D 546 33.51 -29.49 0.08
CA TYR D 546 33.27 -30.95 0.02
C TYR D 546 32.47 -31.31 -1.24
N ASN D 547 32.46 -30.41 -2.23
CA ASN D 547 31.81 -30.63 -3.55
C ASN D 547 32.66 -31.63 -4.34
N ARG D 548 32.09 -32.78 -4.69
CA ARG D 548 32.77 -33.90 -5.41
C ARG D 548 32.62 -33.69 -6.93
N HIS D 549 33.10 -34.66 -7.72
CA HIS D 549 33.13 -34.63 -9.20
C HIS D 549 31.88 -35.27 -9.80
N ASN D 550 31.06 -35.94 -8.98
CA ASN D 550 29.80 -36.60 -9.41
C ASN D 550 28.60 -35.97 -8.68
N THR D 551 28.80 -34.83 -8.02
CA THR D 551 27.79 -34.12 -7.19
C THR D 551 27.58 -32.70 -7.71
N PHE D 552 26.33 -32.20 -7.61
CA PHE D 552 25.97 -30.77 -7.71
C PHE D 552 25.30 -30.37 -6.39
N ARG D 553 25.78 -29.31 -5.75
CA ARG D 553 25.31 -28.85 -4.41
C ARG D 553 24.44 -27.59 -4.58
N ILE D 554 23.48 -27.42 -3.66
CA ILE D 554 22.54 -26.26 -3.61
C ILE D 554 22.92 -25.39 -2.41
N ALA D 555 23.06 -24.08 -2.63
CA ALA D 555 23.36 -23.07 -1.58
C ALA D 555 22.23 -22.03 -1.57
N MET D 556 21.55 -21.91 -0.43
CA MET D 556 20.43 -20.95 -0.23
C MET D 556 20.90 -19.84 0.71
N CYS D 557 20.14 -18.74 0.80
CA CYS D 557 20.47 -17.53 1.57
C CYS D 557 19.26 -17.10 2.41
N ALA D 558 19.34 -15.95 3.08
CA ALA D 558 18.26 -15.30 3.87
C ALA D 558 17.06 -14.98 2.97
N ASN D 559 17.29 -14.82 1.66
CA ASN D 559 16.25 -14.61 0.63
C ASN D 559 15.68 -15.97 0.20
N ASN D 560 14.35 -16.09 0.17
CA ASN D 560 13.61 -17.35 -0.08
C ASN D 560 13.20 -17.43 -1.57
N ASN D 561 13.71 -16.52 -2.41
CA ASN D 561 13.58 -16.57 -3.90
C ASN D 561 14.96 -16.78 -4.53
N VAL D 562 16.03 -16.35 -3.86
CA VAL D 562 17.43 -16.37 -4.36
C VAL D 562 18.09 -17.68 -3.92
N PHE D 563 18.73 -18.38 -4.86
CA PHE D 563 19.45 -19.66 -4.66
C PHE D 563 20.71 -19.69 -5.53
N ALA D 564 21.60 -20.65 -5.28
CA ALA D 564 22.83 -20.90 -6.08
C ALA D 564 23.07 -22.41 -6.23
N ILE D 565 23.50 -22.84 -7.41
CA ILE D 565 23.85 -24.26 -7.72
C ILE D 565 25.35 -24.34 -8.00
N VAL D 566 26.11 -25.02 -7.14
CA VAL D 566 27.60 -25.17 -7.27
C VAL D 566 27.87 -26.48 -8.03
N PHE D 567 28.25 -26.38 -9.31
CA PHE D 567 28.49 -27.51 -10.24
C PHE D 567 29.83 -28.15 -9.91
N PRO D 568 30.08 -29.42 -10.34
CA PRO D 568 31.36 -30.09 -10.07
C PRO D 568 32.58 -29.34 -10.64
N SER D 569 33.51 -28.96 -9.74
CA SER D 569 34.77 -28.25 -10.06
C SER D 569 35.84 -29.28 -10.45
N ALA D 570 36.55 -29.03 -11.56
CA ALA D 570 37.60 -29.91 -12.12
C ALA D 570 38.91 -29.69 -11.37
N ALA D 577 42.14 -23.03 -5.66
CA ALA D 577 41.04 -23.93 -6.08
C ALA D 577 39.97 -23.13 -6.84
N THR D 578 39.13 -23.84 -7.61
CA THR D 578 38.10 -23.25 -8.52
C THR D 578 36.70 -23.53 -7.95
N VAL D 579 35.87 -22.48 -7.86
CA VAL D 579 34.42 -22.56 -7.49
C VAL D 579 33.61 -22.32 -8.77
N VAL D 580 32.83 -23.31 -9.20
CA VAL D 580 31.94 -23.23 -10.41
C VAL D 580 30.49 -23.15 -9.94
N TYR D 581 29.85 -21.99 -10.10
CA TYR D 581 28.50 -21.70 -9.53
C TYR D 581 27.65 -20.91 -10.53
N SER D 582 26.33 -21.10 -10.43
CA SER D 582 25.25 -20.27 -11.03
C SER D 582 24.32 -19.79 -9.92
N ILE D 583 23.86 -18.55 -10.01
CA ILE D 583 22.78 -17.96 -9.16
C ILE D 583 21.45 -18.26 -9.85
N ILE D 584 20.55 -18.98 -9.16
CA ILE D 584 19.19 -19.34 -9.65
C ILE D 584 18.17 -18.59 -8.78
N VAL D 585 17.37 -17.70 -9.40
CA VAL D 585 16.44 -16.79 -8.67
C VAL D 585 15.01 -17.03 -9.16
N LEU D 586 14.03 -16.99 -8.24
CA LEU D 586 12.58 -17.15 -8.55
C LEU D 586 11.84 -15.82 -8.33
N HIS D 587 12.18 -14.80 -9.13
CA HIS D 587 11.60 -13.44 -9.08
C HIS D 587 10.09 -13.49 -9.33
N LYS D 588 9.37 -12.46 -8.87
CA LYS D 588 7.88 -12.38 -8.83
C LYS D 588 7.32 -12.38 -10.26
N GLU D 589 7.25 -11.22 -10.90
CA GLU D 589 6.79 -11.03 -12.31
C GLU D 589 8.02 -11.12 -13.22
N GLU D 590 7.84 -11.10 -14.54
CA GLU D 590 8.96 -11.20 -15.51
C GLU D 590 9.70 -9.85 -15.53
N GLU D 591 11.04 -9.91 -15.54
CA GLU D 591 11.98 -8.75 -15.49
C GLU D 591 11.75 -7.90 -14.22
N ASN D 592 11.46 -8.55 -13.09
CA ASN D 592 11.62 -7.99 -11.72
C ASN D 592 12.92 -8.56 -11.13
N ILE D 593 14.00 -8.53 -11.93
CA ILE D 593 15.32 -9.15 -11.61
C ILE D 593 16.43 -8.15 -11.98
N PHE D 594 17.52 -8.15 -11.20
CA PHE D 594 18.71 -7.28 -11.42
C PHE D 594 19.78 -8.09 -12.16
N ASN D 595 20.10 -7.69 -13.39
CA ASN D 595 21.18 -8.28 -14.22
C ASN D 595 22.27 -7.22 -14.43
N PRO D 596 23.47 -7.40 -13.85
CA PRO D 596 24.61 -6.51 -14.13
C PRO D 596 25.38 -6.90 -15.41
N GLY D 597 24.94 -7.96 -16.09
CA GLY D 597 25.66 -8.63 -17.19
C GLY D 597 26.12 -10.03 -16.80
N CYS D 598 25.45 -10.64 -15.81
CA CYS D 598 25.78 -11.95 -15.20
C CYS D 598 24.78 -13.04 -15.67
N LEU D 599 23.55 -12.63 -16.02
CA LEU D 599 22.42 -13.55 -16.32
C LEU D 599 22.62 -14.24 -17.66
N HIS D 600 22.35 -15.56 -17.71
CA HIS D 600 22.29 -16.39 -18.94
C HIS D 600 20.92 -16.20 -19.59
N GLY D 601 19.85 -16.32 -18.81
CA GLY D 601 18.46 -16.11 -19.28
C GLY D 601 17.41 -16.34 -18.21
N THR D 602 16.27 -15.68 -18.37
CA THR D 602 15.03 -15.88 -17.57
C THR D 602 14.21 -17.01 -18.23
N PHE D 603 13.37 -17.70 -17.45
CA PHE D 603 12.49 -18.80 -17.93
C PHE D 603 11.16 -18.78 -17.18
N LYS D 604 10.06 -19.04 -17.89
CA LYS D 604 8.69 -19.16 -17.34
C LYS D 604 8.49 -20.60 -16.85
N CYS D 605 8.07 -20.77 -15.59
CA CYS D 605 7.76 -22.09 -14.98
C CYS D 605 6.23 -22.23 -14.84
N MET D 606 5.76 -23.20 -14.05
CA MET D 606 4.33 -23.59 -13.99
C MET D 606 3.61 -22.71 -12.95
N ASN D 607 4.36 -22.12 -12.02
CA ASN D 607 3.84 -21.24 -10.94
C ASN D 607 4.25 -19.78 -11.22
N GLY D 608 5.56 -19.50 -11.24
CA GLY D 608 6.12 -18.15 -11.43
C GLY D 608 7.18 -18.13 -12.52
N TYR D 609 8.16 -17.23 -12.40
CA TYR D 609 9.33 -17.11 -13.31
C TYR D 609 10.61 -17.46 -12.55
N ILE D 610 11.52 -18.18 -13.21
CA ILE D 610 12.84 -18.60 -12.63
C ILE D 610 13.95 -18.25 -13.64
N SER D 611 15.02 -17.60 -13.14
CA SER D 611 16.17 -17.09 -13.92
C SER D 611 17.47 -17.72 -13.40
N ILE D 612 18.20 -18.36 -14.32
CA ILE D 612 19.51 -19.05 -14.08
C ILE D 612 20.61 -18.20 -14.74
N SER D 613 21.67 -17.88 -14.00
CA SER D 613 22.80 -17.02 -14.44
C SER D 613 23.91 -17.88 -15.05
N ARG D 614 24.65 -17.32 -16.03
CA ARG D 614 25.82 -17.95 -16.67
C ARG D 614 26.73 -18.55 -15.59
N ALA D 615 27.35 -19.70 -15.88
CA ALA D 615 28.26 -20.43 -14.95
C ALA D 615 29.51 -19.58 -14.70
N ILE D 616 29.69 -19.09 -13.48
CA ILE D 616 30.87 -18.30 -13.05
C ILE D 616 31.89 -19.27 -12.47
N ARG D 617 33.16 -19.17 -12.91
CA ARG D 617 34.33 -19.94 -12.39
C ARG D 617 35.28 -18.96 -11.70
N LEU D 618 35.05 -18.72 -10.40
CA LEU D 618 35.82 -17.78 -9.56
C LEU D 618 36.71 -18.60 -8.61
N ASP D 619 37.70 -17.94 -7.99
CA ASP D 619 38.67 -18.55 -7.04
C ASP D 619 38.36 -18.06 -5.62
N LYS D 620 38.58 -18.94 -4.64
CA LYS D 620 38.18 -18.73 -3.22
C LYS D 620 38.74 -17.39 -2.73
N GLU D 621 39.96 -17.02 -3.16
CA GLU D 621 40.63 -15.74 -2.84
C GLU D 621 39.71 -14.56 -3.19
N ARG D 622 39.10 -14.60 -4.38
CA ARG D 622 38.18 -13.54 -4.89
C ARG D 622 36.87 -13.59 -4.11
N CYS D 623 36.28 -14.78 -3.98
CA CYS D 623 34.97 -15.03 -3.32
C CYS D 623 34.98 -14.43 -1.90
N GLN D 624 36.04 -14.70 -1.13
CA GLN D 624 36.25 -14.19 0.25
C GLN D 624 35.85 -12.71 0.32
N ARG D 625 36.41 -11.88 -0.56
CA ARG D 625 36.17 -10.41 -0.62
C ARG D 625 34.67 -10.15 -0.82
N ILE D 626 34.02 -10.94 -1.69
CA ILE D 626 32.56 -10.84 -1.96
C ILE D 626 31.79 -11.07 -0.65
N VAL D 627 32.27 -11.95 0.22
CA VAL D 627 31.60 -12.26 1.52
C VAL D 627 31.72 -11.04 2.45
N SER D 628 32.87 -10.34 2.44
CA SER D 628 33.16 -9.15 3.28
C SER D 628 32.77 -7.86 2.54
N SER D 629 32.15 -7.98 1.36
CA SER D 629 31.77 -6.87 0.46
C SER D 629 30.82 -5.88 1.14
N PRO D 630 29.86 -6.32 1.99
CA PRO D 630 28.94 -5.39 2.64
C PRO D 630 29.67 -4.34 3.49
N GLY D 631 30.67 -4.78 4.27
CA GLY D 631 31.53 -3.92 5.10
C GLY D 631 32.24 -2.88 4.25
N LEU D 632 32.85 -3.33 3.15
CA LEU D 632 33.48 -2.46 2.11
C LEU D 632 32.44 -1.46 1.60
N PHE D 633 31.22 -1.94 1.33
CA PHE D 633 30.12 -1.17 0.69
C PHE D 633 29.62 -0.07 1.63
N LEU D 634 29.21 -0.43 2.84
CA LEU D 634 28.68 0.51 3.87
C LEU D 634 29.65 1.71 3.99
N THR D 635 30.92 1.40 4.26
CA THR D 635 32.04 2.37 4.44
C THR D 635 32.10 3.31 3.24
N THR D 636 32.21 2.75 2.03
CA THR D 636 32.20 3.49 0.74
C THR D 636 31.12 4.59 0.81
N CYS D 637 29.86 4.16 0.95
CA CYS D 637 28.65 5.04 0.97
C CYS D 637 28.80 6.10 2.07
N LEU D 638 28.91 5.63 3.32
CA LEU D 638 28.93 6.54 4.51
C LEU D 638 30.03 7.58 4.34
N LEU D 639 31.20 7.18 3.83
CA LEU D 639 32.41 8.03 3.67
C LEU D 639 32.12 9.13 2.64
N PHE D 640 31.57 8.75 1.49
CA PHE D 640 31.18 9.68 0.40
C PHE D 640 30.09 10.65 0.92
N LYS D 641 28.98 10.11 1.45
CA LYS D 641 27.81 10.92 1.85
C LYS D 641 28.16 11.83 3.04
N HIS D 642 29.06 11.38 3.92
CA HIS D 642 29.39 12.04 5.21
C HIS D 642 29.41 13.56 5.07
N ASP D 643 28.44 14.24 5.71
CA ASP D 643 28.42 15.71 5.94
C ASP D 643 28.43 16.44 4.60
N ASN D 644 27.73 15.91 3.60
CA ASN D 644 27.54 16.56 2.27
C ASN D 644 26.09 16.36 1.84
N PRO D 645 25.21 17.36 2.06
CA PRO D 645 23.78 17.19 1.80
C PRO D 645 23.37 17.34 0.33
N THR D 646 24.29 17.77 -0.54
CA THR D 646 24.05 18.03 -1.99
C THR D 646 24.17 16.73 -2.79
N LEU D 647 24.59 15.64 -2.16
CA LEU D 647 24.82 14.33 -2.83
C LEU D 647 23.58 13.44 -2.71
N VAL D 648 23.33 12.63 -3.75
CA VAL D 648 22.12 11.77 -3.91
C VAL D 648 22.44 10.39 -3.36
N MET D 649 21.87 10.03 -2.20
CA MET D 649 22.23 8.79 -1.44
C MET D 649 21.92 7.54 -2.27
N SER D 650 20.85 7.55 -3.06
CA SER D 650 20.44 6.41 -3.93
C SER D 650 21.40 6.29 -5.13
N ASP D 651 22.12 7.37 -5.49
CA ASP D 651 23.10 7.39 -6.60
C ASP D 651 24.47 6.92 -6.09
N ILE D 652 24.82 7.24 -4.84
CA ILE D 652 26.10 6.80 -4.20
C ILE D 652 26.11 5.26 -4.16
N MET D 653 25.02 4.68 -3.65
CA MET D 653 24.82 3.20 -3.50
C MET D 653 24.72 2.54 -4.88
N ASN D 654 24.17 3.25 -5.87
CA ASN D 654 24.05 2.77 -7.27
C ASN D 654 25.45 2.51 -7.85
N PHE D 655 26.42 3.36 -7.51
CA PHE D 655 27.83 3.30 -7.97
C PHE D 655 28.61 2.32 -7.09
N SER D 656 28.27 2.27 -5.80
CA SER D 656 29.06 1.57 -4.75
C SER D 656 29.02 0.04 -4.94
N ILE D 657 27.85 -0.55 -5.22
CA ILE D 657 27.73 -2.03 -5.41
C ILE D 657 28.63 -2.45 -6.57
N TYR D 658 28.74 -1.61 -7.60
CA TYR D 658 29.54 -1.88 -8.82
C TYR D 658 31.04 -1.75 -8.52
N THR D 659 31.42 -1.14 -7.39
CA THR D 659 32.83 -0.99 -6.94
C THR D 659 33.16 -2.09 -5.93
N SER D 660 32.40 -2.17 -4.85
CA SER D 660 32.66 -3.07 -3.68
C SER D 660 32.56 -4.54 -4.09
N LEU D 661 31.83 -4.85 -5.18
CA LEU D 661 31.62 -6.24 -5.68
C LEU D 661 32.37 -6.47 -7.00
N SER D 662 33.10 -5.49 -7.50
CA SER D 662 33.87 -5.57 -8.76
C SER D 662 35.20 -6.30 -8.53
N ILE D 663 35.28 -7.55 -8.99
CA ILE D 663 36.38 -8.51 -8.73
C ILE D 663 37.24 -8.67 -10.01
N THR D 664 36.74 -8.23 -11.16
CA THR D 664 37.46 -8.23 -12.47
C THR D 664 38.62 -7.22 -12.40
N LYS D 665 39.58 -7.34 -13.33
CA LYS D 665 40.78 -6.46 -13.43
C LYS D 665 40.47 -5.23 -14.29
N SER D 666 39.32 -5.23 -14.97
CA SER D 666 38.82 -4.12 -15.81
C SER D 666 38.80 -2.79 -15.03
N VAL D 667 38.44 -2.84 -13.74
CA VAL D 667 38.15 -1.62 -12.91
C VAL D 667 39.46 -0.99 -12.44
N LEU D 668 40.43 -1.81 -12.02
CA LEU D 668 41.73 -1.34 -11.46
C LEU D 668 42.41 -0.39 -12.45
N SER D 669 42.27 -0.70 -13.75
CA SER D 669 42.84 0.06 -14.89
C SER D 669 42.24 1.48 -14.97
N LEU D 670 41.15 1.74 -14.24
CA LEU D 670 40.51 3.08 -14.15
C LEU D 670 40.88 3.74 -12.82
N THR D 671 40.63 3.04 -11.72
CA THR D 671 40.71 3.54 -10.32
C THR D 671 42.11 4.12 -10.03
N GLU D 672 43.16 3.44 -10.50
CA GLU D 672 44.58 3.83 -10.23
C GLU D 672 44.92 5.04 -11.09
N PRO D 673 44.88 4.94 -12.45
CA PRO D 673 45.29 6.06 -13.30
C PRO D 673 44.46 7.36 -13.12
N ALA D 674 43.22 7.25 -12.66
CA ALA D 674 42.34 8.41 -12.35
C ALA D 674 43.06 9.39 -11.41
N ARG D 675 43.59 8.86 -10.30
CA ARG D 675 44.22 9.62 -9.18
C ARG D 675 45.16 10.70 -9.73
N TYR D 676 45.96 10.36 -10.74
CA TYR D 676 46.96 11.25 -11.38
C TYR D 676 46.27 12.07 -12.49
N MET D 677 45.36 11.45 -13.24
CA MET D 677 44.63 12.10 -14.38
C MET D 677 43.85 13.32 -13.89
N ILE D 678 43.22 13.23 -12.71
CA ILE D 678 42.44 14.37 -12.13
C ILE D 678 43.44 15.40 -11.57
N MET D 679 44.30 14.99 -10.65
CA MET D 679 45.26 15.88 -9.92
C MET D 679 46.12 16.65 -10.92
N ASN D 680 46.62 15.99 -11.97
CA ASN D 680 47.37 16.63 -13.08
C ASN D 680 46.51 17.74 -13.70
N SER D 681 45.23 17.44 -13.96
CA SER D 681 44.30 18.30 -14.73
C SER D 681 43.84 19.52 -13.92
N LEU D 682 44.09 19.55 -12.60
CA LEU D 682 43.74 20.71 -11.72
C LEU D 682 44.98 21.35 -11.10
N ALA D 683 46.18 20.79 -11.33
CA ALA D 683 47.46 21.39 -10.90
C ALA D 683 47.84 22.53 -11.84
N ILE D 684 48.85 23.33 -11.47
CA ILE D 684 49.32 24.54 -12.21
C ILE D 684 50.22 24.09 -13.36
N SER D 685 51.39 23.53 -13.04
CA SER D 685 52.37 22.97 -14.00
C SER D 685 52.30 21.44 -13.96
N SER D 686 51.89 20.83 -15.07
CA SER D 686 51.62 19.37 -15.17
C SER D 686 51.40 18.96 -16.62
N ASN D 687 51.98 17.82 -17.04
CA ASN D 687 51.87 17.27 -18.42
C ASN D 687 50.79 16.18 -18.43
N VAL D 688 49.55 16.57 -18.79
CA VAL D 688 48.37 15.66 -18.85
C VAL D 688 48.44 14.88 -20.17
N LYS D 689 48.53 15.62 -21.28
CA LYS D 689 48.60 15.09 -22.67
C LYS D 689 49.37 13.77 -22.65
N ASP D 690 50.64 13.84 -22.24
CA ASP D 690 51.59 12.70 -22.28
C ASP D 690 51.05 11.54 -21.43
N TYR D 691 50.57 11.82 -20.21
CA TYR D 691 50.05 10.78 -19.28
C TYR D 691 48.84 10.08 -19.92
N ILE D 692 47.92 10.87 -20.48
CA ILE D 692 46.63 10.37 -21.04
C ILE D 692 46.91 9.66 -22.37
N ALA D 693 48.00 10.04 -23.05
CA ALA D 693 48.35 9.59 -24.42
C ALA D 693 49.27 8.36 -24.39
N GLU D 694 49.70 7.92 -23.21
CA GLU D 694 50.72 6.84 -23.05
C GLU D 694 50.42 5.99 -21.82
N LYS D 695 50.31 6.62 -20.65
CA LYS D 695 50.23 5.93 -19.33
C LYS D 695 48.80 5.45 -19.04
N PHE D 696 47.77 6.10 -19.62
CA PHE D 696 46.35 5.70 -19.45
C PHE D 696 45.92 4.73 -20.55
N SER D 697 45.52 3.51 -20.16
CA SER D 697 45.08 2.40 -21.05
C SER D 697 43.88 1.69 -20.42
N PRO D 698 42.64 2.06 -20.79
CA PRO D 698 41.46 1.35 -20.31
C PRO D 698 41.43 -0.12 -20.77
N TYR D 699 40.94 -1.01 -19.88
CA TYR D 699 40.73 -2.46 -20.13
C TYR D 699 39.24 -2.76 -19.95
N THR D 700 38.37 -1.87 -20.46
CA THR D 700 36.89 -1.90 -20.30
C THR D 700 36.36 -3.22 -20.89
N LYS D 701 36.50 -4.29 -20.11
CA LYS D 701 36.07 -5.67 -20.43
C LYS D 701 34.59 -5.82 -20.05
N THR D 702 34.24 -5.31 -18.86
CA THR D 702 32.86 -5.34 -18.29
C THR D 702 32.12 -4.07 -18.71
N LEU D 703 30.86 -3.92 -18.27
CA LEU D 703 29.92 -2.88 -18.75
C LEU D 703 29.91 -1.68 -17.79
N PHE D 704 30.14 -1.89 -16.50
CA PHE D 704 30.32 -0.81 -15.50
C PHE D 704 31.55 0.01 -15.87
N SER D 705 32.65 -0.67 -16.23
CA SER D 705 33.95 -0.09 -16.66
C SER D 705 33.72 0.99 -17.73
N VAL D 706 32.87 0.69 -18.71
CA VAL D 706 32.53 1.60 -19.84
C VAL D 706 31.92 2.89 -19.27
N TYR D 707 30.91 2.76 -18.40
CA TYR D 707 30.20 3.89 -17.74
C TYR D 707 31.17 4.68 -16.86
N MET D 708 32.06 3.97 -16.18
CA MET D 708 33.02 4.54 -15.18
C MET D 708 34.13 5.31 -15.91
N THR D 709 34.58 4.81 -17.06
CA THR D 709 35.58 5.47 -17.94
C THR D 709 35.07 6.89 -18.26
N ARG D 710 33.84 6.99 -18.74
CA ARG D 710 33.21 8.26 -19.18
C ARG D 710 33.01 9.19 -17.97
N LEU D 711 32.79 8.65 -16.77
CA LEU D 711 32.73 9.44 -15.51
C LEU D 711 34.08 10.14 -15.31
N ILE D 712 35.19 9.40 -15.49
CA ILE D 712 36.58 9.92 -15.38
C ILE D 712 36.82 10.93 -16.50
N LYS D 713 36.61 10.53 -17.76
CA LYS D 713 36.81 11.43 -18.93
C LYS D 713 36.27 12.82 -18.57
N ASN D 714 35.00 12.87 -18.16
CA ASN D 714 34.25 14.12 -17.83
C ASN D 714 34.95 14.85 -16.68
N ALA D 715 35.35 14.12 -15.64
CA ALA D 715 35.93 14.67 -14.39
C ALA D 715 37.27 15.38 -14.67
N CYS D 716 37.96 15.02 -15.75
CA CYS D 716 39.25 15.63 -16.18
C CYS D 716 39.04 17.09 -16.59
N PHE D 717 37.94 17.39 -17.29
CA PHE D 717 37.62 18.74 -17.84
C PHE D 717 37.07 19.65 -16.73
N ASP D 718 36.25 19.08 -15.83
CA ASP D 718 35.60 19.80 -14.70
C ASP D 718 36.69 20.40 -13.80
N ALA D 719 37.81 19.69 -13.63
CA ALA D 719 38.97 20.08 -12.80
C ALA D 719 39.55 21.42 -13.29
N TYR D 720 39.89 21.48 -14.59
CA TYR D 720 40.50 22.66 -15.26
C TYR D 720 39.68 23.93 -14.96
N ASP D 721 38.35 23.82 -14.98
CA ASP D 721 37.41 24.95 -14.79
C ASP D 721 37.19 25.22 -13.29
N GLN D 722 37.76 24.39 -12.41
CA GLN D 722 37.61 24.50 -10.93
C GLN D 722 38.97 24.83 -10.27
N ARG D 723 40.05 24.88 -11.05
CA ARG D 723 41.42 25.24 -10.57
C ARG D 723 41.35 26.50 -9.69
N GLN D 724 40.58 27.51 -10.12
CA GLN D 724 40.46 28.83 -9.45
C GLN D 724 39.28 28.84 -8.47
N ARG D 725 38.48 27.76 -8.44
CA ARG D 725 37.31 27.62 -7.51
C ARG D 725 37.80 27.26 -6.10
N VAL D 726 39.10 26.99 -5.94
CA VAL D 726 39.76 26.69 -4.63
C VAL D 726 40.08 28.03 -3.93
N GLN D 727 39.79 28.14 -2.63
CA GLN D 727 40.03 29.34 -1.79
C GLN D 727 40.93 28.95 -0.61
N LEU D 728 41.63 29.93 -0.02
CA LEU D 728 42.68 29.73 1.02
C LEU D 728 42.28 30.42 2.33
N ARG D 729 42.15 29.65 3.41
CA ARG D 729 41.48 30.06 4.69
C ARG D 729 42.25 31.23 5.30
N ASP D 730 41.51 32.15 5.95
CA ASP D 730 42.06 33.33 6.67
C ASP D 730 42.92 32.84 7.84
N ILE D 731 44.24 33.03 7.73
CA ILE D 731 45.23 32.40 8.66
C ILE D 731 45.40 33.29 9.90
N TYR D 732 44.92 32.81 11.06
CA TYR D 732 44.88 33.55 12.35
C TYR D 732 46.20 33.36 13.11
N LEU D 733 47.26 34.03 12.63
CA LEU D 733 48.64 33.81 13.13
C LEU D 733 48.96 34.82 14.22
N SER D 734 49.37 34.36 15.41
CA SER D 734 49.76 35.24 16.56
C SER D 734 50.87 34.55 17.38
N ASP D 735 51.96 34.16 16.70
CA ASP D 735 53.22 33.64 17.30
C ASP D 735 53.04 32.21 17.77
N TYR D 736 54.05 31.36 17.56
CA TYR D 736 54.09 29.92 17.92
C TYR D 736 52.88 29.19 17.33
N ASP D 737 52.98 28.76 16.07
CA ASP D 737 51.93 27.99 15.33
C ASP D 737 50.73 28.92 15.06
N ILE D 738 49.72 28.39 14.36
CA ILE D 738 48.49 29.11 13.93
C ILE D 738 47.31 28.17 14.11
N THR D 739 46.18 28.67 14.63
CA THR D 739 44.85 28.02 14.58
C THR D 739 44.06 28.68 13.44
N GLN D 740 43.14 27.93 12.83
CA GLN D 740 42.47 28.29 11.55
C GLN D 740 43.55 28.50 10.48
N LYS D 741 44.20 27.41 10.07
CA LYS D 741 45.15 27.32 8.92
C LYS D 741 44.44 26.57 7.76
N GLY D 742 45.14 26.40 6.65
CA GLY D 742 44.81 25.40 5.61
C GLY D 742 43.87 25.96 4.56
N ILE D 743 43.22 25.06 3.81
CA ILE D 743 42.35 25.40 2.65
C ILE D 743 40.92 25.64 3.17
N LYS D 744 40.21 26.59 2.56
CA LYS D 744 38.78 26.87 2.85
C LYS D 744 37.90 25.73 2.34
N ASP D 745 37.00 25.23 3.18
CA ASP D 745 35.99 24.19 2.84
C ASP D 745 34.75 24.89 2.29
N ASN D 746 34.73 25.09 0.96
CA ASN D 746 33.57 25.67 0.21
C ASN D 746 33.03 24.60 -0.74
N ARG D 747 31.71 24.40 -0.77
CA ARG D 747 31.05 23.35 -1.60
C ARG D 747 30.72 23.96 -2.97
N GLU D 748 31.75 24.43 -3.68
CA GLU D 748 31.66 25.05 -5.04
C GLU D 748 32.15 24.05 -6.11
N LEU D 749 33.01 23.10 -5.73
CA LEU D 749 33.54 22.05 -6.65
C LEU D 749 32.43 21.04 -6.96
N THR D 750 32.63 20.22 -8.00
CA THR D 750 31.66 19.19 -8.48
C THR D 750 32.21 17.79 -8.20
N SER D 751 31.33 16.87 -7.77
CA SER D 751 31.63 15.44 -7.52
C SER D 751 32.10 14.78 -8.83
N ILE D 752 32.53 13.51 -8.74
CA ILE D 752 33.16 12.76 -9.87
C ILE D 752 32.30 11.54 -10.25
N TRP D 753 31.87 10.75 -9.26
CA TRP D 753 31.26 9.41 -9.46
C TRP D 753 29.73 9.49 -9.45
N PHE D 754 29.17 10.58 -8.93
CA PHE D 754 27.70 10.80 -8.81
C PHE D 754 27.40 12.29 -8.97
N PRO D 755 26.12 12.69 -9.11
CA PRO D 755 25.75 14.10 -9.22
C PRO D 755 25.86 14.85 -7.89
N GLY D 756 26.27 16.12 -7.93
CA GLY D 756 26.26 17.04 -6.77
C GLY D 756 27.53 17.87 -6.69
N SER D 757 27.56 18.81 -5.74
CA SER D 757 28.72 19.66 -5.39
C SER D 757 29.49 19.03 -4.22
N VAL D 758 30.77 19.37 -4.07
CA VAL D 758 31.70 18.71 -3.12
C VAL D 758 32.70 19.74 -2.58
N THR D 759 33.30 19.46 -1.41
CA THR D 759 34.36 20.28 -0.76
C THR D 759 35.72 19.83 -1.35
N LEU D 760 36.77 20.64 -1.21
CA LEU D 760 38.11 20.27 -1.73
C LEU D 760 38.57 18.98 -1.06
N LYS D 761 38.65 18.96 0.27
CA LYS D 761 39.04 17.78 1.07
C LYS D 761 38.27 16.56 0.54
N GLU D 762 36.95 16.70 0.36
CA GLU D 762 36.05 15.62 -0.14
C GLU D 762 36.40 15.32 -1.61
N TYR D 763 36.68 16.34 -2.41
CA TYR D 763 37.09 16.20 -3.84
C TYR D 763 38.31 15.28 -3.90
N LEU D 764 39.33 15.57 -3.09
CA LEU D 764 40.60 14.79 -3.02
C LEU D 764 40.26 13.34 -2.66
N THR D 765 39.47 13.14 -1.60
CA THR D 765 38.96 11.81 -1.17
C THR D 765 38.35 11.11 -2.40
N GLN D 766 37.41 11.77 -3.07
CA GLN D 766 36.72 11.23 -4.29
C GLN D 766 37.75 10.91 -5.37
N ILE D 767 38.93 11.55 -5.35
CA ILE D 767 40.00 11.33 -6.38
C ILE D 767 40.84 10.11 -5.99
N TYR D 768 41.42 10.11 -4.79
CA TYR D 768 42.47 9.14 -4.37
C TYR D 768 41.82 7.86 -3.81
N LEU D 769 40.69 7.96 -3.10
CA LEU D 769 40.04 6.82 -2.42
C LEU D 769 39.69 5.70 -3.41
N PRO D 770 39.13 6.02 -4.60
CA PRO D 770 38.76 4.99 -5.57
C PRO D 770 39.72 3.80 -5.69
N PHE D 771 41.03 4.08 -5.58
CA PHE D 771 42.15 3.13 -5.77
C PHE D 771 42.17 2.06 -4.65
N TYR D 772 41.66 2.39 -3.46
CA TYR D 772 41.68 1.49 -2.28
C TYR D 772 40.48 0.52 -2.33
N PHE D 773 39.57 0.71 -3.29
CA PHE D 773 38.49 -0.26 -3.64
C PHE D 773 39.10 -1.46 -4.38
N ASN D 774 40.26 -1.23 -5.03
CA ASN D 774 41.01 -2.25 -5.81
C ASN D 774 41.28 -3.48 -4.93
N ALA D 775 41.39 -4.66 -5.55
CA ALA D 775 41.59 -5.96 -4.87
C ALA D 775 43.03 -6.45 -5.10
N LYS D 776 43.66 -6.98 -4.03
CA LYS D 776 45.02 -7.58 -4.06
C LYS D 776 44.97 -8.94 -4.77
N GLY D 777 46.09 -9.35 -5.37
CA GLY D 777 46.31 -10.71 -5.89
C GLY D 777 45.24 -11.15 -6.88
N LEU D 778 44.84 -10.26 -7.79
CA LEU D 778 43.98 -10.58 -8.97
C LEU D 778 44.88 -11.02 -10.14
N HIS D 779 46.13 -10.56 -10.15
CA HIS D 779 47.13 -10.81 -11.23
C HIS D 779 47.48 -12.30 -11.26
N GLU D 780 47.18 -12.97 -12.37
CA GLU D 780 47.47 -14.42 -12.59
C GLU D 780 48.99 -14.61 -12.78
N LYS D 781 49.63 -15.30 -11.85
CA LYS D 781 51.12 -15.45 -11.76
C LYS D 781 51.69 -15.89 -13.11
N HIS D 782 50.97 -16.75 -13.84
CA HIS D 782 51.32 -17.24 -15.20
C HIS D 782 51.72 -16.07 -16.11
N HIS D 783 50.97 -14.96 -16.05
CA HIS D 783 51.11 -13.78 -16.94
C HIS D 783 52.08 -12.75 -16.37
N VAL D 784 52.11 -12.59 -15.04
CA VAL D 784 52.91 -11.54 -14.33
C VAL D 784 54.39 -11.80 -14.59
N MET D 785 54.85 -13.02 -14.26
CA MET D 785 56.26 -13.48 -14.41
C MET D 785 56.78 -13.09 -15.80
N VAL D 786 55.95 -13.27 -16.83
CA VAL D 786 56.28 -12.97 -18.25
C VAL D 786 56.55 -11.46 -18.40
N ASP D 787 55.57 -10.63 -18.06
CA ASP D 787 55.59 -9.15 -18.26
C ASP D 787 56.70 -8.54 -17.39
N LEU D 788 56.92 -9.07 -16.18
CA LEU D 788 58.02 -8.64 -15.28
C LEU D 788 59.37 -8.95 -15.94
N ALA D 789 59.58 -10.20 -16.36
CA ALA D 789 60.80 -10.68 -17.05
C ALA D 789 61.06 -9.81 -18.30
N LYS D 790 60.04 -9.68 -19.15
CA LYS D 790 60.10 -8.95 -20.44
C LYS D 790 60.68 -7.55 -20.21
N THR D 791 60.16 -6.83 -19.20
CA THR D 791 60.53 -5.42 -18.88
C THR D 791 62.01 -5.34 -18.50
N ILE D 792 62.47 -6.21 -17.59
CA ILE D 792 63.88 -6.22 -17.08
C ILE D 792 64.82 -6.45 -18.27
N LEU D 793 64.46 -7.37 -19.16
CA LEU D 793 65.28 -7.76 -20.34
C LEU D 793 65.17 -6.71 -21.45
N GLU D 794 64.06 -5.96 -21.50
CA GLU D 794 63.87 -4.83 -22.45
C GLU D 794 64.84 -3.69 -22.09
N ILE D 795 64.88 -3.29 -20.82
CA ILE D 795 65.64 -2.10 -20.32
C ILE D 795 67.14 -2.45 -20.27
N GLU D 796 67.49 -3.72 -20.05
CA GLU D 796 68.91 -4.17 -20.02
C GLU D 796 69.45 -4.17 -21.46
N CYS D 797 68.62 -4.57 -22.44
CA CYS D 797 68.96 -4.56 -23.89
C CYS D 797 69.17 -3.11 -24.36
N GLU D 798 68.23 -2.23 -24.02
CA GLU D 798 68.32 -0.75 -24.22
C GLU D 798 69.75 -0.30 -23.89
N GLN D 799 70.21 -0.62 -22.68
CA GLN D 799 71.55 -0.22 -22.15
C GLN D 799 72.65 -0.90 -22.98
N ARG D 800 72.48 -2.19 -23.29
CA ARG D 800 73.47 -3.02 -24.04
C ARG D 800 73.67 -2.45 -25.45
N GLU D 801 72.63 -1.88 -26.08
CA GLU D 801 72.67 -1.45 -27.50
C GLU D 801 72.86 0.06 -27.65
N ASN D 802 72.19 0.88 -26.83
CA ASN D 802 72.04 2.34 -27.06
C ASN D 802 72.94 3.14 -26.12
N ILE D 803 72.76 3.00 -24.80
CA ILE D 803 73.48 3.80 -23.76
C ILE D 803 74.92 3.25 -23.63
N LYS D 804 75.91 4.04 -24.04
CA LYS D 804 77.36 3.66 -24.06
C LYS D 804 78.16 4.63 -23.19
N GLU D 805 77.92 5.94 -23.32
CA GLU D 805 78.61 7.00 -22.53
C GLU D 805 77.97 7.11 -21.14
N ILE D 806 78.81 7.34 -20.12
CA ILE D 806 78.43 7.33 -18.67
C ILE D 806 78.21 8.78 -18.21
N TRP D 807 79.12 9.70 -18.56
CA TRP D 807 79.11 11.12 -18.11
C TRP D 807 78.78 12.03 -19.30
N SER D 808 78.31 13.26 -19.02
CA SER D 808 77.93 14.28 -20.03
C SER D 808 77.58 15.61 -19.35
N THR D 809 77.63 16.71 -20.10
CA THR D 809 77.37 18.10 -19.65
C THR D 809 75.98 18.57 -20.12
N ASN D 810 75.60 18.19 -21.35
CA ASN D 810 74.35 18.65 -22.03
C ASN D 810 73.11 18.09 -21.32
N CYS D 811 73.30 17.12 -20.41
CA CYS D 811 72.24 16.40 -19.66
C CYS D 811 71.45 15.51 -20.62
N THR D 812 71.70 14.20 -20.55
CA THR D 812 71.10 13.16 -21.43
C THR D 812 70.76 11.91 -20.60
N LYS D 813 69.90 11.05 -21.14
CA LYS D 813 69.28 9.91 -20.42
C LYS D 813 70.40 8.95 -19.98
N GLN D 814 70.31 8.45 -18.75
CA GLN D 814 71.32 7.55 -18.13
C GLN D 814 72.71 8.17 -18.32
N THR D 815 72.91 9.37 -17.76
CA THR D 815 74.21 10.11 -17.79
C THR D 815 74.30 11.01 -16.55
N VAL D 816 75.51 11.17 -16.00
CA VAL D 816 75.79 11.96 -14.76
C VAL D 816 76.85 13.02 -15.06
N ASN D 817 76.61 14.27 -14.63
CA ASN D 817 77.55 15.41 -14.79
C ASN D 817 78.71 15.25 -13.80
N LEU D 818 79.70 14.44 -14.21
CA LEU D 818 80.74 13.84 -13.32
C LEU D 818 81.40 14.92 -12.46
N LYS D 819 81.80 16.04 -13.06
CA LYS D 819 82.47 17.16 -12.37
C LYS D 819 81.54 17.70 -11.28
N ILE D 820 80.26 17.91 -11.61
CA ILE D 820 79.24 18.50 -10.69
C ILE D 820 78.94 17.49 -9.58
N LEU D 821 78.80 16.21 -9.92
CA LEU D 821 78.61 15.10 -8.95
C LEU D 821 79.67 15.21 -7.84
N ILE D 822 80.94 15.02 -8.21
CA ILE D 822 82.10 14.84 -7.28
C ILE D 822 82.14 16.01 -6.28
N HIS D 823 81.97 17.24 -6.75
CA HIS D 823 81.94 18.47 -5.92
C HIS D 823 80.80 18.35 -4.89
N SER D 824 79.57 18.15 -5.38
CA SER D 824 78.31 18.16 -4.58
C SER D 824 78.29 16.99 -3.59
N LEU D 825 78.95 15.88 -3.93
CA LEU D 825 79.23 14.78 -2.96
C LEU D 825 80.13 15.34 -1.86
N CYS D 826 81.28 15.90 -2.25
CA CYS D 826 82.35 16.42 -1.36
C CYS D 826 81.75 17.43 -0.37
N LYS D 827 80.94 18.37 -0.86
CA LYS D 827 80.34 19.47 -0.06
C LYS D 827 79.41 18.88 1.01
N ASN D 828 78.60 17.87 0.66
CA ASN D 828 77.56 17.28 1.56
C ASN D 828 78.23 16.31 2.55
N LEU D 829 79.16 15.48 2.06
CA LEU D 829 79.92 14.49 2.87
C LEU D 829 80.65 15.22 4.01
N LEU D 830 81.09 16.47 3.77
CA LEU D 830 81.72 17.37 4.77
C LEU D 830 80.70 17.69 5.88
N ALA D 831 79.56 18.29 5.50
CA ALA D 831 78.49 18.77 6.41
C ALA D 831 77.83 17.59 7.14
N ASP D 832 77.84 16.39 6.55
CA ASP D 832 77.27 15.17 7.17
C ASP D 832 78.34 14.45 8.02
N THR D 833 79.48 15.09 8.28
CA THR D 833 80.53 14.61 9.20
C THR D 833 80.90 15.70 10.22
N SER D 834 80.83 16.98 9.83
CA SER D 834 81.04 18.15 10.72
C SER D 834 79.92 18.23 11.78
N ARG D 835 78.70 17.83 11.41
CA ARG D 835 77.48 17.92 12.29
C ARG D 835 77.44 16.74 13.26
N HIS D 836 78.19 15.66 13.00
CA HIS D 836 78.37 14.52 13.93
C HIS D 836 79.72 13.83 13.68
N ASN D 837 80.61 13.86 14.68
CA ASN D 837 82.02 13.38 14.58
C ASN D 837 82.06 11.85 14.77
N HIS D 838 81.34 11.32 15.77
CA HIS D 838 81.30 9.87 16.13
C HIS D 838 80.43 9.09 15.13
N LEU D 839 80.34 9.55 13.87
CA LEU D 839 79.44 8.97 12.84
C LEU D 839 79.78 7.50 12.62
N ARG D 840 81.06 7.15 12.57
CA ARG D 840 81.54 5.75 12.41
C ARG D 840 81.15 4.94 13.65
N ASN D 841 81.18 5.57 14.83
CA ASN D 841 80.81 4.94 16.12
C ASN D 841 79.31 4.67 16.14
N ARG D 842 78.49 5.61 15.64
CA ARG D 842 77.01 5.52 15.64
C ARG D 842 76.56 4.35 14.74
N ILE D 843 77.25 4.14 13.62
CA ILE D 843 76.97 3.06 12.62
C ILE D 843 77.23 1.70 13.29
N GLU D 844 78.37 1.55 13.95
CA GLU D 844 78.82 0.31 14.63
C GLU D 844 77.73 -0.17 15.61
N ASN D 845 77.25 0.74 16.46
CA ASN D 845 76.29 0.47 17.57
C ASN D 845 74.91 0.15 16.99
N ARG D 846 74.22 1.17 16.43
CA ARG D 846 72.76 1.13 16.09
C ARG D 846 72.44 0.00 15.11
N ASN D 847 73.43 -0.51 14.38
CA ASN D 847 73.25 -1.57 13.34
C ASN D 847 73.97 -2.87 13.75
N ASN D 848 74.52 -2.94 14.97
CA ASN D 848 75.17 -4.14 15.54
C ASN D 848 76.25 -4.65 14.57
N PHE D 849 77.19 -3.80 14.16
CA PHE D 849 78.30 -4.15 13.24
C PHE D 849 79.33 -5.02 13.96
N ARG D 850 79.56 -4.74 15.26
CA ARG D 850 80.59 -5.40 16.10
C ARG D 850 80.12 -6.80 16.54
N ARG D 851 78.83 -6.97 16.83
CA ARG D 851 78.26 -8.22 17.40
C ARG D 851 78.21 -9.31 16.32
N SER D 852 78.02 -10.56 16.74
CA SER D 852 78.01 -11.78 15.89
C SER D 852 76.74 -11.80 15.03
N ILE D 853 76.85 -12.33 13.80
CA ILE D 853 75.77 -12.37 12.76
C ILE D 853 74.48 -12.95 13.36
N THR D 854 74.58 -13.83 14.36
CA THR D 854 73.46 -14.58 14.97
C THR D 854 72.56 -13.67 15.82
N THR D 855 72.94 -12.40 16.06
CA THR D 855 72.19 -11.45 16.91
C THR D 855 71.26 -10.56 16.07
N ILE D 856 71.64 -10.24 14.84
CA ILE D 856 70.89 -9.31 13.93
C ILE D 856 69.70 -10.06 13.32
N SER D 857 68.51 -9.45 13.35
CA SER D 857 67.21 -10.04 12.93
C SER D 857 67.23 -10.38 11.44
N THR D 858 67.61 -9.41 10.60
CA THR D 858 67.59 -9.48 9.10
C THR D 858 68.26 -10.77 8.61
N PHE D 859 69.20 -11.31 9.39
CA PHE D 859 70.02 -12.51 9.07
C PHE D 859 69.42 -13.76 9.73
N THR D 860 68.77 -13.61 10.89
CA THR D 860 68.22 -14.73 11.71
C THR D 860 66.70 -14.86 11.49
N SER D 861 66.15 -14.17 10.49
CA SER D 861 64.70 -14.12 10.18
C SER D 861 64.30 -15.32 9.33
N SER D 862 62.99 -15.59 9.24
CA SER D 862 62.37 -16.70 8.47
C SER D 862 61.85 -16.17 7.13
N LYS D 863 62.70 -15.44 6.39
CA LYS D 863 62.39 -14.89 5.05
C LYS D 863 62.94 -15.82 3.98
N SER D 864 62.44 -15.69 2.74
CA SER D 864 62.87 -16.44 1.53
C SER D 864 64.35 -16.12 1.24
N CYS D 865 65.09 -17.11 0.74
CA CYS D 865 66.54 -16.99 0.38
C CYS D 865 66.86 -17.91 -0.79
N LEU D 866 67.88 -17.54 -1.58
CA LEU D 866 68.28 -18.24 -2.83
C LEU D 866 69.60 -18.97 -2.61
N LYS D 867 69.63 -20.28 -2.91
CA LYS D 867 70.84 -21.14 -2.80
C LYS D 867 71.25 -21.56 -4.22
N ILE D 868 72.55 -21.44 -4.54
CA ILE D 868 73.14 -21.78 -5.86
C ILE D 868 73.94 -23.09 -5.72
N GLY D 869 74.06 -23.87 -6.79
CA GLY D 869 74.87 -25.10 -6.81
C GLY D 869 74.37 -26.11 -7.82
N ASP D 870 74.13 -27.36 -7.39
CA ASP D 870 73.58 -28.47 -8.20
C ASP D 870 72.65 -29.32 -7.33
N PHE D 871 71.34 -29.24 -7.62
CA PHE D 871 70.25 -29.97 -6.89
C PHE D 871 69.42 -30.77 -7.92
N ARG D 872 69.99 -30.97 -9.11
CA ARG D 872 69.41 -31.70 -10.26
C ARG D 872 68.90 -33.06 -9.79
N LYS D 873 69.57 -33.66 -8.81
CA LYS D 873 69.21 -34.98 -8.21
C LYS D 873 67.83 -34.87 -7.53
N GLU D 874 67.70 -34.02 -6.51
CA GLU D 874 66.49 -33.96 -5.65
C GLU D 874 65.36 -33.21 -6.37
N LYS D 875 65.70 -32.26 -7.24
CA LYS D 875 64.70 -31.46 -8.02
C LYS D 875 63.93 -32.37 -8.99
N GLU D 876 64.61 -33.37 -9.57
CA GLU D 876 64.01 -34.37 -10.49
C GLU D 876 63.11 -35.33 -9.71
N LEU D 877 63.58 -35.82 -8.56
CA LEU D 877 62.84 -36.77 -7.68
C LEU D 877 61.61 -36.09 -7.06
N GLN D 878 61.74 -34.83 -6.61
CA GLN D 878 60.61 -34.07 -5.99
C GLN D 878 59.50 -33.82 -7.04
N SER D 879 59.85 -33.75 -8.33
CA SER D 879 58.93 -33.42 -9.44
C SER D 879 58.10 -34.64 -9.86
N VAL D 880 58.77 -35.78 -10.11
CA VAL D 880 58.15 -37.03 -10.63
C VAL D 880 57.09 -37.55 -9.64
N LYS D 881 57.29 -37.31 -8.33
CA LYS D 881 56.32 -37.67 -7.25
C LYS D 881 54.96 -37.02 -7.56
N GLN D 882 54.96 -35.73 -7.89
CA GLN D 882 53.73 -34.93 -8.19
C GLN D 882 53.16 -35.35 -9.56
N LYS D 883 54.02 -35.72 -10.51
CA LYS D 883 53.62 -36.15 -11.88
C LYS D 883 52.89 -37.49 -11.83
N LYS D 884 53.09 -38.27 -10.76
CA LYS D 884 52.34 -39.52 -10.47
C LYS D 884 51.06 -39.17 -9.70
N ILE D 885 51.16 -38.31 -8.68
CA ILE D 885 50.02 -37.80 -7.87
C ILE D 885 48.98 -37.17 -8.82
N LEU D 886 49.44 -36.60 -9.95
CA LEU D 886 48.59 -36.12 -11.06
C LEU D 886 47.72 -37.27 -11.58
N GLU D 887 48.35 -38.40 -11.93
CA GLU D 887 47.68 -39.61 -12.48
C GLU D 887 46.78 -40.22 -11.40
N VAL D 888 47.25 -40.23 -10.14
CA VAL D 888 46.50 -40.75 -8.95
C VAL D 888 45.13 -40.07 -8.88
N GLN D 889 45.11 -38.73 -8.96
CA GLN D 889 43.88 -37.90 -8.84
C GLN D 889 43.01 -38.04 -10.10
N SER D 890 43.62 -38.29 -11.26
CA SER D 890 42.93 -38.46 -12.56
C SER D 890 42.22 -39.82 -12.59
N ARG D 891 42.90 -40.89 -12.16
CA ARG D 891 42.37 -42.28 -12.10
C ARG D 891 41.03 -42.31 -11.34
N LYS D 892 40.96 -41.62 -10.20
CA LYS D 892 39.76 -41.58 -9.31
C LYS D 892 38.61 -40.85 -10.01
N MET D 893 38.91 -39.88 -10.88
CA MET D 893 37.90 -39.05 -11.59
C MET D 893 37.29 -39.83 -12.76
N ARG D 894 38.06 -40.71 -13.40
CA ARG D 894 37.62 -41.53 -14.57
C ARG D 894 36.43 -42.42 -14.19
N LEU D 895 36.36 -42.88 -12.94
CA LEU D 895 35.34 -43.84 -12.44
C LEU D 895 33.98 -43.16 -12.32
N ALA D 896 33.93 -41.96 -11.71
CA ALA D 896 32.70 -41.25 -11.32
C ALA D 896 32.00 -40.64 -12.54
N ASN D 897 32.48 -39.50 -13.04
CA ASN D 897 31.89 -38.76 -14.19
C ASN D 897 32.93 -38.68 -15.30
N PRO D 898 33.00 -39.66 -16.23
CA PRO D 898 34.04 -39.71 -17.26
C PRO D 898 33.99 -38.50 -18.21
N MET D 899 34.58 -37.39 -17.80
CA MET D 899 34.60 -36.09 -18.54
C MET D 899 36.02 -35.76 -18.99
N PHE D 900 37.03 -36.00 -18.14
CA PHE D 900 38.47 -35.73 -18.39
C PHE D 900 38.68 -34.21 -18.51
N ASN D 914 57.45 -30.27 -16.80
CA ASN D 914 58.36 -31.41 -16.53
C ASN D 914 59.81 -30.90 -16.44
N TYR D 915 60.44 -31.04 -15.27
CA TYR D 915 61.80 -30.52 -14.96
C TYR D 915 62.87 -31.27 -15.77
N GLU D 916 62.66 -32.57 -16.01
CA GLU D 916 63.58 -33.42 -16.82
C GLU D 916 63.76 -32.78 -18.21
N MET D 917 62.65 -32.48 -18.89
CA MET D 917 62.61 -31.87 -20.24
C MET D 917 63.42 -30.57 -20.26
N LEU D 918 63.29 -29.74 -19.22
CA LEU D 918 63.91 -28.38 -19.14
C LEU D 918 65.44 -28.52 -19.13
N ARG D 919 65.96 -29.41 -18.27
CA ARG D 919 67.43 -29.63 -18.08
C ARG D 919 68.03 -30.28 -19.34
N ASN D 920 67.28 -31.17 -19.99
CA ASN D 920 67.69 -31.87 -21.23
C ASN D 920 67.81 -30.86 -22.38
N ALA D 921 66.90 -29.89 -22.43
CA ALA D 921 66.77 -28.88 -23.52
C ALA D 921 67.74 -27.72 -23.29
N MET D 922 67.76 -27.14 -22.07
CA MET D 922 68.61 -25.97 -21.73
C MET D 922 70.00 -26.45 -21.32
N PRO D 923 71.07 -26.12 -22.08
CA PRO D 923 72.43 -26.53 -21.72
C PRO D 923 73.08 -25.70 -20.59
N ASN D 924 73.05 -24.37 -20.72
CA ASN D 924 73.78 -23.43 -19.82
C ASN D 924 72.92 -23.06 -18.61
N TYR D 925 72.07 -23.99 -18.15
CA TYR D 925 71.15 -23.83 -17.00
C TYR D 925 71.96 -23.88 -15.69
N THR D 926 72.15 -22.72 -15.05
CA THR D 926 72.80 -22.58 -13.71
C THR D 926 71.77 -22.96 -12.64
N ASP D 927 72.01 -24.05 -11.91
CA ASP D 927 71.01 -24.68 -11.01
C ASP D 927 70.95 -23.88 -9.69
N TYR D 928 69.73 -23.69 -9.17
CA TYR D 928 69.43 -22.92 -7.93
C TYR D 928 68.32 -23.62 -7.14
N ILE D 929 67.97 -23.08 -5.98
CA ILE D 929 66.85 -23.57 -5.11
C ILE D 929 66.48 -22.48 -4.10
N SER D 930 65.22 -22.51 -3.64
CA SER D 930 64.67 -21.64 -2.58
C SER D 930 64.90 -22.28 -1.21
N THR D 931 65.24 -21.46 -0.21
CA THR D 931 65.47 -21.87 1.20
C THR D 931 65.05 -20.71 2.11
N LYS D 932 65.31 -20.84 3.42
CA LYS D 932 64.97 -19.81 4.44
C LYS D 932 66.26 -19.12 4.93
N VAL D 933 66.13 -17.86 5.33
CA VAL D 933 67.26 -16.99 5.80
C VAL D 933 67.81 -17.54 7.12
N PHE D 934 66.95 -18.04 8.00
CA PHE D 934 67.34 -18.66 9.30
C PHE D 934 67.99 -20.03 9.05
N ASP D 935 67.58 -20.71 7.97
CA ASP D 935 68.09 -22.05 7.57
C ASP D 935 69.47 -21.92 6.93
N ARG D 936 69.64 -20.96 6.00
CA ARG D 936 70.94 -20.72 5.32
C ARG D 936 72.02 -20.47 6.37
N LEU D 937 71.75 -19.60 7.33
CA LEU D 937 72.70 -19.23 8.43
C LEU D 937 73.14 -20.52 9.13
N TYR D 938 72.19 -21.38 9.52
CA TYR D 938 72.48 -22.69 10.16
C TYR D 938 73.38 -23.53 9.25
N GLU D 939 73.06 -23.61 7.95
CA GLU D 939 73.85 -24.37 6.95
C GLU D 939 75.29 -23.85 6.93
N LEU D 940 75.48 -22.54 6.77
CA LEU D 940 76.82 -21.92 6.56
C LEU D 940 77.69 -22.04 7.83
N LEU D 941 77.06 -22.13 9.01
CA LEU D 941 77.76 -22.33 10.32
C LEU D 941 78.24 -23.78 10.42
N ASP D 942 77.35 -24.75 10.18
CA ASP D 942 77.64 -26.21 10.31
C ASP D 942 78.77 -26.59 9.33
N LYS D 943 78.73 -26.08 8.10
CA LYS D 943 79.80 -26.29 7.08
C LYS D 943 80.97 -25.32 7.34
N LYS D 944 80.84 -24.46 8.35
CA LYS D 944 81.91 -23.56 8.87
C LYS D 944 82.45 -22.68 7.74
N VAL D 945 81.70 -21.63 7.39
CA VAL D 945 82.22 -20.44 6.65
C VAL D 945 81.82 -19.17 7.43
N LEU D 946 80.69 -19.22 8.15
CA LEU D 946 80.28 -18.20 9.15
C LEU D 946 80.75 -18.65 10.53
N THR D 947 80.92 -17.69 11.45
CA THR D 947 81.56 -17.88 12.79
C THR D 947 81.02 -16.83 13.77
N ASP D 948 81.54 -16.83 15.00
CA ASP D 948 81.23 -15.82 16.06
C ASP D 948 82.11 -14.57 15.87
N LYS D 949 82.85 -14.50 14.76
CA LYS D 949 83.60 -13.28 14.32
C LYS D 949 82.61 -12.14 14.12
N PRO D 950 83.01 -10.87 14.41
CA PRO D 950 82.16 -9.72 14.14
C PRO D 950 81.55 -9.70 12.73
N VAL D 951 80.23 -9.52 12.65
CA VAL D 951 79.43 -9.66 11.39
C VAL D 951 80.08 -8.84 10.28
N ILE D 952 80.49 -7.59 10.56
CA ILE D 952 81.11 -6.69 9.54
C ILE D 952 82.46 -7.28 9.11
N GLU D 953 83.23 -7.82 10.05
CA GLU D 953 84.56 -8.44 9.79
C GLU D 953 84.37 -9.64 8.86
N GLN D 954 83.24 -10.35 8.99
CA GLN D 954 82.88 -11.49 8.10
C GLN D 954 82.36 -10.95 6.75
N ILE D 955 81.61 -9.85 6.78
CA ILE D 955 81.07 -9.15 5.56
C ILE D 955 82.26 -8.76 4.67
N MET D 956 83.23 -8.03 5.24
CA MET D 956 84.43 -7.53 4.51
C MET D 956 85.07 -8.68 3.71
N ASP D 957 85.27 -9.84 4.35
CA ASP D 957 85.87 -11.06 3.75
C ASP D 957 84.94 -11.62 2.67
N MET D 958 83.62 -11.57 2.89
CA MET D 958 82.62 -12.13 1.94
C MET D 958 82.56 -11.26 0.69
N MET D 959 82.72 -9.93 0.82
CA MET D 959 82.74 -8.98 -0.32
C MET D 959 83.81 -9.40 -1.34
N ILE D 960 84.97 -9.85 -0.86
CA ILE D 960 86.14 -10.27 -1.71
C ILE D 960 86.05 -11.78 -2.01
N ASP D 961 85.44 -12.59 -1.13
CA ASP D 961 85.30 -14.05 -1.31
C ASP D 961 84.26 -14.35 -2.40
N HIS D 962 83.03 -13.86 -2.23
CA HIS D 962 81.91 -14.03 -3.20
C HIS D 962 82.13 -13.07 -4.39
N LYS D 963 82.21 -13.61 -5.61
CA LYS D 963 82.72 -12.87 -6.80
C LYS D 963 81.66 -12.80 -7.91
N LYS D 964 80.68 -13.71 -7.96
CA LYS D 964 79.57 -13.68 -8.95
C LYS D 964 78.23 -13.75 -8.21
N PHE D 965 77.35 -12.77 -8.47
CA PHE D 965 76.07 -12.56 -7.75
C PHE D 965 74.89 -12.94 -8.65
N TYR D 966 73.94 -13.68 -8.06
CA TYR D 966 72.73 -14.26 -8.71
C TYR D 966 71.48 -13.75 -8.01
N PHE D 967 70.48 -13.31 -8.77
CA PHE D 967 69.21 -12.76 -8.24
C PHE D 967 68.02 -13.36 -9.00
N THR D 968 66.92 -13.64 -8.28
CA THR D 968 65.63 -14.14 -8.81
C THR D 968 64.52 -13.16 -8.41
N PHE D 969 63.44 -13.12 -9.18
CA PHE D 969 62.25 -12.25 -8.93
C PHE D 969 61.01 -13.12 -8.71
N PHE D 970 60.17 -12.68 -7.76
CA PHE D 970 58.80 -13.23 -7.50
C PHE D 970 57.86 -12.03 -7.38
N ASN D 971 56.67 -12.14 -7.98
CA ASN D 971 55.72 -11.01 -8.15
C ASN D 971 55.03 -10.71 -6.81
N LYS D 972 54.69 -9.43 -6.57
CA LYS D 972 53.89 -9.01 -5.38
C LYS D 972 52.40 -9.09 -5.74
N GLY D 973 52.03 -8.67 -6.96
CA GLY D 973 50.65 -8.73 -7.49
C GLY D 973 49.68 -7.96 -6.61
N GLN D 974 50.04 -6.71 -6.30
CA GLN D 974 49.31 -5.84 -5.34
C GLN D 974 48.14 -5.14 -6.05
N LYS D 975 47.33 -4.40 -5.29
CA LYS D 975 46.04 -3.78 -5.71
C LYS D 975 46.21 -2.95 -6.99
N THR D 976 47.42 -2.43 -7.27
CA THR D 976 47.75 -1.64 -8.48
C THR D 976 47.63 -2.51 -9.74
N SER D 977 47.07 -1.96 -10.82
CA SER D 977 46.90 -2.61 -12.15
C SER D 977 48.28 -2.85 -12.78
N LYS D 978 49.23 -1.93 -12.54
CA LYS D 978 50.64 -2.03 -12.98
C LYS D 978 51.42 -2.79 -11.89
N ASP D 979 51.91 -4.00 -12.23
CA ASP D 979 52.44 -4.99 -11.24
C ASP D 979 53.87 -4.63 -10.83
N ARG D 980 54.21 -4.89 -9.56
CA ARG D 980 55.52 -4.56 -8.92
C ARG D 980 56.27 -5.87 -8.62
N GLU D 981 57.58 -5.89 -8.90
CA GLU D 981 58.48 -7.06 -8.71
C GLU D 981 59.27 -6.90 -7.40
N ILE D 982 59.73 -8.03 -6.84
CA ILE D 982 60.70 -8.07 -5.70
C ILE D 982 61.87 -8.97 -6.13
N PHE D 983 63.09 -8.44 -6.10
CA PHE D 983 64.35 -9.16 -6.40
C PHE D 983 64.94 -9.73 -5.09
N VAL D 984 64.98 -11.07 -4.98
CA VAL D 984 65.54 -11.80 -3.81
C VAL D 984 66.65 -12.74 -4.31
N GLY D 985 67.88 -12.53 -3.82
CA GLY D 985 69.09 -13.28 -4.22
C GLY D 985 69.73 -14.01 -3.06
N GLU D 986 71.06 -14.17 -3.10
CA GLU D 986 71.85 -15.04 -2.19
C GLU D 986 71.97 -14.38 -0.80
N TYR D 987 72.21 -15.20 0.23
CA TYR D 987 72.47 -14.77 1.63
C TYR D 987 73.81 -14.02 1.68
N GLU D 988 74.78 -14.47 0.88
CA GLU D 988 76.13 -13.86 0.77
C GLU D 988 75.98 -12.39 0.36
N ALA D 989 75.10 -12.11 -0.62
CA ALA D 989 74.76 -10.76 -1.10
C ALA D 989 74.19 -9.94 0.06
N LYS D 990 73.21 -10.51 0.77
CA LYS D 990 72.47 -9.84 1.88
C LYS D 990 73.47 -9.21 2.85
N MET D 991 74.55 -9.92 3.16
CA MET D 991 75.62 -9.49 4.09
C MET D 991 76.35 -8.27 3.52
N CYS D 992 76.63 -8.27 2.21
CA CYS D 992 77.39 -7.21 1.51
C CYS D 992 76.57 -5.90 1.50
N MET D 993 75.34 -5.97 0.99
CA MET D 993 74.43 -4.81 0.83
C MET D 993 74.10 -4.23 2.21
N TYR D 994 74.02 -5.09 3.25
CA TYR D 994 73.75 -4.71 4.66
C TYR D 994 74.67 -3.53 5.03
N ALA D 995 75.98 -3.75 4.96
CA ALA D 995 77.03 -2.76 5.32
C ALA D 995 76.81 -1.47 4.53
N VAL D 996 76.88 -1.57 3.19
CA VAL D 996 76.82 -0.41 2.25
C VAL D 996 75.56 0.41 2.52
N GLU D 997 74.40 -0.26 2.64
CA GLU D 997 73.09 0.40 2.86
C GLU D 997 73.04 1.01 4.27
N ARG D 998 73.46 0.25 5.30
CA ARG D 998 73.40 0.67 6.73
C ARG D 998 74.32 1.89 6.95
N ILE D 999 75.51 1.88 6.36
CA ILE D 999 76.47 3.03 6.47
C ILE D 999 75.79 4.28 5.91
N ALA D 1000 75.07 4.14 4.80
CA ALA D 1000 74.30 5.23 4.15
C ALA D 1000 73.06 5.58 4.99
N LYS D 1001 72.50 4.60 5.72
CA LYS D 1001 71.29 4.77 6.57
C LYS D 1001 71.54 5.88 7.59
N GLU D 1002 72.54 5.69 8.46
CA GLU D 1002 72.88 6.61 9.58
C GLU D 1002 73.44 7.93 9.03
N ARG D 1003 73.97 7.92 7.80
CA ARG D 1003 74.45 9.13 7.09
C ARG D 1003 73.24 9.96 6.66
N CYS D 1004 72.30 9.32 5.98
CA CYS D 1004 71.00 9.86 5.51
C CYS D 1004 70.23 10.48 6.68
N LYS D 1005 70.26 9.82 7.85
CA LYS D 1005 69.54 10.27 9.08
C LYS D 1005 69.99 11.69 9.45
N LEU D 1006 71.29 11.99 9.36
CA LEU D 1006 71.86 13.32 9.72
C LEU D 1006 71.16 14.42 8.91
N ASN D 1007 71.06 14.24 7.59
CA ASN D 1007 70.36 15.16 6.66
C ASN D 1007 68.87 15.20 7.01
N PRO D 1008 68.28 16.37 7.33
CA PRO D 1008 66.84 16.48 7.56
C PRO D 1008 65.98 16.36 6.30
N ASP D 1009 66.59 16.45 5.11
CA ASP D 1009 65.92 16.40 3.78
C ASP D 1009 65.43 14.97 3.49
N GLU D 1010 66.19 13.95 3.90
CA GLU D 1010 65.85 12.51 3.72
C GLU D 1010 64.71 12.13 4.67
N MET D 1011 63.75 11.31 4.20
CA MET D 1011 62.53 10.96 4.95
C MET D 1011 62.32 9.44 5.06
N ILE D 1012 63.15 8.62 4.40
CA ILE D 1012 63.15 7.13 4.62
C ILE D 1012 63.66 6.89 6.04
N SER D 1013 64.55 7.78 6.52
CA SER D 1013 65.10 7.83 7.91
C SER D 1013 63.94 7.87 8.93
N GLU D 1014 62.90 8.66 8.64
CA GLU D 1014 61.73 8.87 9.53
C GLU D 1014 60.77 7.68 9.40
N PRO D 1015 60.73 6.75 10.37
CA PRO D 1015 59.83 5.59 10.30
C PRO D 1015 58.35 5.96 10.50
N GLY D 1016 57.45 5.08 10.04
CA GLY D 1016 55.99 5.19 10.25
C GLY D 1016 55.39 6.39 9.55
N ASP D 1017 54.34 6.97 10.14
CA ASP D 1017 53.59 8.15 9.60
C ASP D 1017 54.20 9.44 10.16
N GLY D 1018 55.49 9.42 10.53
CA GLY D 1018 56.23 10.57 11.08
C GLY D 1018 56.41 11.68 10.07
N LYS D 1019 56.37 11.35 8.76
CA LYS D 1019 56.54 12.28 7.61
C LYS D 1019 55.45 13.37 7.67
N LEU D 1020 54.22 12.97 7.99
CA LEU D 1020 53.02 13.84 8.03
C LEU D 1020 53.33 15.15 8.76
N LYS D 1021 53.88 15.05 9.98
CA LYS D 1021 54.23 16.23 10.82
C LYS D 1021 55.36 17.01 10.14
N VAL D 1022 56.29 16.33 9.49
CA VAL D 1022 57.47 16.96 8.80
C VAL D 1022 56.92 17.83 7.66
N LEU D 1023 56.00 17.29 6.85
CA LEU D 1023 55.30 18.05 5.78
C LEU D 1023 54.78 19.36 6.39
N GLU D 1024 53.99 19.26 7.47
CA GLU D 1024 53.40 20.41 8.19
C GLU D 1024 54.51 21.39 8.59
N GLN D 1025 55.45 20.95 9.43
CA GLN D 1025 56.51 21.79 10.05
C GLN D 1025 57.26 22.59 8.97
N LYS D 1026 57.38 22.04 7.74
CA LYS D 1026 58.09 22.68 6.61
C LYS D 1026 57.15 23.61 5.83
N SER D 1027 55.86 23.26 5.74
CA SER D 1027 54.80 24.10 5.13
C SER D 1027 54.59 25.37 5.97
N GLU D 1028 54.52 25.21 7.29
CA GLU D 1028 54.30 26.30 8.27
C GLU D 1028 55.48 27.29 8.23
N GLN D 1029 56.71 26.78 8.11
CA GLN D 1029 57.95 27.58 8.01
C GLN D 1029 57.85 28.54 6.81
N GLU D 1030 57.24 28.06 5.72
CA GLU D 1030 57.10 28.80 4.44
C GLU D 1030 55.96 29.81 4.55
N ILE D 1031 54.81 29.42 5.11
CA ILE D 1031 53.63 30.31 5.30
C ILE D 1031 54.07 31.51 6.16
N ARG D 1032 54.88 31.26 7.19
CA ARG D 1032 55.44 32.29 8.11
C ARG D 1032 56.41 33.19 7.32
N PHE D 1033 57.43 32.58 6.70
CA PHE D 1033 58.49 33.27 5.91
C PHE D 1033 57.85 34.20 4.87
N LEU D 1034 56.91 33.65 4.09
CA LEU D 1034 56.15 34.38 3.04
C LEU D 1034 55.59 35.68 3.63
N VAL D 1035 54.90 35.59 4.78
CA VAL D 1035 54.29 36.74 5.51
C VAL D 1035 55.40 37.68 5.98
N GLU D 1036 56.31 37.16 6.82
CA GLU D 1036 57.43 37.91 7.44
C GLU D 1036 58.15 38.74 6.38
N THR D 1037 58.51 38.13 5.25
CA THR D 1037 59.33 38.75 4.17
C THR D 1037 58.51 39.82 3.44
N THR D 1038 57.23 39.55 3.18
CA THR D 1038 56.27 40.48 2.51
C THR D 1038 56.17 41.79 3.31
N ARG D 1039 56.01 41.68 4.63
CA ARG D 1039 55.87 42.84 5.56
C ARG D 1039 57.20 43.62 5.64
N GLN D 1040 58.33 42.99 5.32
CA GLN D 1040 59.70 43.57 5.47
C GLN D 1040 60.06 44.45 4.26
N LYS D 1041 59.39 44.25 3.11
CA LYS D 1041 59.70 44.98 1.84
C LYS D 1041 58.59 46.00 1.53
N ASN D 1042 57.32 45.63 1.68
CA ASN D 1042 56.14 46.43 1.26
C ASN D 1042 55.78 47.49 2.32
N ARG D 1043 56.48 47.51 3.47
CA ARG D 1043 56.20 48.42 4.61
C ARG D 1043 56.40 49.88 4.18
N GLU D 1044 57.42 50.14 3.35
CA GLU D 1044 57.79 51.49 2.84
C GLU D 1044 56.69 52.00 1.89
N ILE D 1045 56.11 51.10 1.09
CA ILE D 1045 55.10 51.43 0.04
C ILE D 1045 53.71 51.53 0.68
N ASP D 1046 53.38 50.62 1.60
CA ASP D 1046 52.03 50.54 2.25
C ASP D 1046 51.75 51.83 3.04
N GLU D 1047 52.78 52.48 3.57
CA GLU D 1047 52.68 53.72 4.41
C GLU D 1047 51.99 54.84 3.61
N ALA D 1048 52.34 54.99 2.33
CA ALA D 1048 51.82 56.06 1.43
C ALA D 1048 50.36 55.77 1.04
N ILE D 1049 49.96 54.50 1.01
CA ILE D 1049 48.61 54.04 0.58
C ILE D 1049 47.56 54.52 1.58
N GLU D 1050 47.77 54.26 2.88
CA GLU D 1050 46.83 54.64 3.98
C GLU D 1050 46.86 56.17 4.18
N ALA D 1051 47.98 56.82 3.82
CA ALA D 1051 48.21 58.28 3.96
C ALA D 1051 47.28 59.06 3.03
N LEU D 1052 47.14 58.63 1.77
CA LEU D 1052 46.35 59.32 0.73
C LEU D 1052 44.88 58.92 0.81
N ALA D 1053 44.60 57.63 1.13
CA ALA D 1053 43.24 57.06 1.23
C ALA D 1053 42.48 57.71 2.40
N SER D 1059 41.53 61.06 0.30
CA SER D 1059 41.75 61.89 -0.91
C SER D 1059 41.45 61.06 -2.17
N ASN D 1060 42.11 61.37 -3.30
CA ASN D 1060 41.97 60.65 -4.59
C ASN D 1060 42.52 59.21 -4.44
N LEU D 1061 41.78 58.22 -4.95
CA LEU D 1061 42.16 56.77 -4.92
C LEU D 1061 42.72 56.34 -6.29
N GLY D 1062 42.83 57.28 -7.24
CA GLY D 1062 43.33 57.03 -8.60
C GLY D 1062 44.85 56.99 -8.67
N LYS D 1063 45.53 57.64 -7.71
CA LYS D 1063 47.02 57.75 -7.65
C LYS D 1063 47.60 56.58 -6.83
N ILE D 1064 46.80 55.98 -5.94
CA ILE D 1064 47.21 54.88 -5.02
C ILE D 1064 47.59 53.63 -5.84
N GLU D 1065 46.85 53.35 -6.91
CA GLU D 1065 46.97 52.12 -7.74
C GLU D 1065 48.32 52.09 -8.47
N LYS D 1066 48.92 53.26 -8.76
CA LYS D 1066 50.23 53.40 -9.46
C LYS D 1066 51.34 52.76 -8.63
N LEU D 1067 51.38 53.08 -7.33
CA LEU D 1067 52.44 52.64 -6.38
C LEU D 1067 52.17 51.19 -5.94
N SER D 1068 50.89 50.81 -5.85
CA SER D 1068 50.43 49.48 -5.34
C SER D 1068 50.76 48.36 -6.33
N LEU D 1069 50.99 48.70 -7.61
CA LEU D 1069 51.39 47.74 -8.68
C LEU D 1069 52.88 47.44 -8.58
N GLY D 1070 53.71 48.50 -8.51
CA GLY D 1070 55.19 48.39 -8.43
C GLY D 1070 55.65 48.12 -7.01
N LYS D 1071 55.57 46.86 -6.57
CA LYS D 1071 56.02 46.39 -5.23
C LYS D 1071 56.48 44.93 -5.32
N ALA D 1072 56.81 44.33 -4.18
CA ALA D 1072 57.21 42.90 -4.04
C ALA D 1072 55.98 42.00 -4.25
N LYS D 1073 56.20 40.77 -4.75
CA LYS D 1073 55.14 39.78 -5.07
C LYS D 1073 55.52 38.42 -4.47
N GLY D 1074 54.68 37.86 -3.59
CA GLY D 1074 54.91 36.52 -3.02
C GLY D 1074 54.65 35.43 -4.06
N LEU D 1075 55.36 34.31 -3.99
CA LEU D 1075 55.14 33.12 -4.88
C LEU D 1075 55.54 31.84 -4.15
N LYS D 1076 54.56 31.02 -3.79
CA LYS D 1076 54.73 29.65 -3.23
C LYS D 1076 54.45 28.63 -4.34
N MET D 1077 55.11 27.47 -4.30
CA MET D 1077 54.81 26.34 -5.21
C MET D 1077 55.39 25.04 -4.62
N GLU D 1078 54.71 23.93 -4.86
CA GLU D 1078 55.11 22.57 -4.37
C GLU D 1078 55.22 21.62 -5.57
N ILE D 1079 56.40 21.06 -5.81
CA ILE D 1079 56.70 20.13 -6.94
C ILE D 1079 56.41 18.70 -6.45
N ASN D 1080 55.15 18.27 -6.54
CA ASN D 1080 54.69 16.94 -6.07
C ASN D 1080 55.19 15.87 -7.04
N ALA D 1081 56.46 15.50 -6.91
CA ALA D 1081 57.24 14.74 -7.92
C ALA D 1081 57.06 13.23 -7.72
N ASP D 1082 57.59 12.46 -8.68
CA ASP D 1082 57.49 10.98 -8.77
C ASP D 1082 58.47 10.55 -9.87
N MET D 1083 59.67 10.08 -9.49
CA MET D 1083 60.80 9.81 -10.42
C MET D 1083 60.46 8.60 -11.29
N SER D 1084 60.94 8.58 -12.53
CA SER D 1084 60.73 7.49 -13.53
C SER D 1084 61.92 6.52 -13.50
N LYS D 1085 61.64 5.23 -13.23
CA LYS D 1085 62.63 4.13 -13.18
C LYS D 1085 63.85 4.57 -12.37
N TRP D 1086 63.69 4.60 -11.04
CA TRP D 1086 64.72 5.00 -10.04
C TRP D 1086 65.88 4.00 -10.06
N SER D 1087 65.58 2.73 -10.34
CA SER D 1087 66.52 1.58 -10.27
C SER D 1087 67.17 1.34 -11.65
N ALA D 1088 66.34 1.17 -12.68
CA ALA D 1088 66.73 0.67 -14.02
C ALA D 1088 67.49 1.75 -14.79
N GLN D 1089 66.84 2.89 -15.07
CA GLN D 1089 67.40 4.02 -15.86
C GLN D 1089 68.17 4.94 -14.90
N ASP D 1090 69.22 4.41 -14.26
CA ASP D 1090 70.10 5.13 -13.30
C ASP D 1090 71.52 4.55 -13.39
N VAL D 1091 72.51 5.42 -13.58
CA VAL D 1091 73.95 5.07 -13.65
C VAL D 1091 74.39 4.59 -12.25
N PHE D 1092 74.91 3.37 -12.15
CA PHE D 1092 75.38 2.77 -10.86
C PHE D 1092 76.81 3.24 -10.55
N TYR D 1093 77.53 3.69 -11.59
CA TYR D 1093 78.95 4.11 -11.53
C TYR D 1093 79.12 5.31 -10.58
N LYS D 1094 78.11 6.18 -10.49
CA LYS D 1094 78.16 7.41 -9.65
C LYS D 1094 78.38 7.01 -8.18
N TYR D 1095 77.76 5.91 -7.74
CA TYR D 1095 77.76 5.43 -6.33
C TYR D 1095 79.19 5.04 -5.91
N PHE D 1096 80.03 4.64 -6.86
CA PHE D 1096 81.47 4.33 -6.63
C PHE D 1096 82.15 5.51 -5.93
N TRP D 1097 81.85 6.73 -6.36
CA TRP D 1097 82.46 7.99 -5.83
C TRP D 1097 82.08 8.20 -4.36
N LEU D 1098 80.84 7.89 -3.98
CA LEU D 1098 80.32 8.08 -2.60
C LEU D 1098 81.13 7.23 -1.61
N ILE D 1099 81.54 6.03 -2.04
CA ILE D 1099 82.36 5.09 -1.22
C ILE D 1099 83.80 5.62 -1.18
N ALA D 1100 84.29 6.12 -2.31
CA ALA D 1100 85.67 6.63 -2.52
C ALA D 1100 85.92 7.86 -1.65
N LEU D 1101 85.06 8.88 -1.75
CA LEU D 1101 85.23 10.19 -1.08
C LEU D 1101 85.01 10.06 0.43
N ASP D 1102 84.29 9.01 0.86
CA ASP D 1102 83.82 8.80 2.25
C ASP D 1102 84.98 8.99 3.24
N PRO D 1103 84.81 9.82 4.29
CA PRO D 1103 85.86 10.07 5.27
C PRO D 1103 85.95 9.00 6.38
N ILE D 1104 84.81 8.43 6.78
CA ILE D 1104 84.69 7.50 7.94
C ILE D 1104 84.91 6.04 7.47
N LEU D 1105 85.47 5.84 6.28
CA LEU D 1105 85.83 4.51 5.74
C LEU D 1105 87.35 4.41 5.55
N TYR D 1106 87.94 3.30 5.98
CA TYR D 1106 89.40 3.03 5.90
C TYR D 1106 89.77 2.63 4.48
N PRO D 1107 91.05 2.83 4.05
CA PRO D 1107 91.48 2.48 2.70
C PRO D 1107 91.29 1.01 2.35
N GLN D 1108 91.56 0.09 3.28
CA GLN D 1108 91.48 -1.38 3.08
C GLN D 1108 90.02 -1.83 3.01
N GLU D 1109 89.09 -1.06 3.59
CA GLU D 1109 87.62 -1.26 3.47
C GLU D 1109 87.16 -0.77 2.10
N LYS D 1110 87.52 0.47 1.76
CA LYS D 1110 87.15 1.16 0.49
C LYS D 1110 87.48 0.26 -0.71
N GLU D 1111 88.63 -0.41 -0.68
CA GLU D 1111 89.08 -1.35 -1.74
C GLU D 1111 88.08 -2.52 -1.85
N ARG D 1112 87.59 -3.02 -0.70
CA ARG D 1112 86.74 -4.23 -0.60
C ARG D 1112 85.28 -3.90 -0.95
N ILE D 1113 84.75 -2.78 -0.45
CA ILE D 1113 83.33 -2.37 -0.72
C ILE D 1113 83.14 -2.28 -2.25
N LEU D 1114 84.05 -1.58 -2.93
CA LEU D 1114 83.97 -1.27 -4.37
C LEU D 1114 84.16 -2.54 -5.22
N TYR D 1115 84.86 -3.55 -4.70
CA TYR D 1115 85.05 -4.85 -5.41
C TYR D 1115 83.70 -5.56 -5.53
N PHE D 1116 82.98 -5.70 -4.41
CA PHE D 1116 81.62 -6.31 -4.34
C PHE D 1116 80.71 -5.57 -5.32
N MET D 1117 80.74 -4.24 -5.32
CA MET D 1117 79.95 -3.37 -6.23
C MET D 1117 80.42 -3.58 -7.68
N CYS D 1118 81.71 -3.87 -7.88
CA CYS D 1118 82.31 -4.22 -9.20
C CYS D 1118 81.74 -5.56 -9.68
N ASN D 1119 81.43 -6.47 -8.76
CA ASN D 1119 80.82 -7.79 -9.06
C ASN D 1119 79.30 -7.63 -9.24
N TYR D 1120 78.71 -6.63 -8.56
CA TYR D 1120 77.27 -6.28 -8.64
C TYR D 1120 76.95 -5.62 -9.99
N MET D 1121 77.95 -5.50 -10.88
CA MET D 1121 77.77 -5.06 -12.28
C MET D 1121 77.69 -6.29 -13.19
N ASP D 1122 78.51 -7.31 -12.93
CA ASP D 1122 78.48 -8.62 -13.63
C ASP D 1122 77.64 -9.60 -12.78
N LYS D 1123 76.41 -9.19 -12.45
CA LYS D 1123 75.42 -10.00 -11.69
C LYS D 1123 74.37 -10.57 -12.64
N GLU D 1124 73.94 -11.82 -12.40
CA GLU D 1124 73.06 -12.59 -13.32
C GLU D 1124 71.67 -12.76 -12.71
N LEU D 1125 70.64 -12.56 -13.53
CA LEU D 1125 69.20 -12.72 -13.15
C LEU D 1125 68.74 -14.12 -13.59
N ILE D 1126 68.39 -14.96 -12.62
CA ILE D 1126 67.84 -16.34 -12.84
C ILE D 1126 66.34 -16.20 -13.10
N LEU D 1127 65.89 -16.52 -14.31
CA LEU D 1127 64.45 -16.63 -14.69
C LEU D 1127 63.87 -17.83 -13.96
N PRO D 1128 62.97 -17.65 -12.96
CA PRO D 1128 62.46 -18.76 -12.18
C PRO D 1128 61.78 -19.82 -13.09
N ASP D 1129 61.83 -21.09 -12.68
CA ASP D 1129 61.40 -22.26 -13.48
C ASP D 1129 59.97 -22.08 -13.98
N GLU D 1130 59.06 -21.58 -13.13
CA GLU D 1130 57.60 -21.41 -13.43
C GLU D 1130 57.42 -20.60 -14.72
N LEU D 1131 58.25 -19.58 -14.93
CA LEU D 1131 58.27 -18.76 -16.18
C LEU D 1131 58.80 -19.60 -17.34
N LEU D 1132 59.87 -20.38 -17.10
CA LEU D 1132 60.56 -21.19 -18.12
C LEU D 1132 59.64 -22.32 -18.61
N PHE D 1133 58.73 -22.78 -17.75
CA PHE D 1133 57.75 -23.87 -18.01
C PHE D 1133 56.66 -23.38 -18.96
N ASN D 1134 56.25 -22.11 -18.82
CA ASN D 1134 55.31 -21.44 -19.75
C ASN D 1134 55.92 -21.45 -21.16
N LEU D 1135 57.23 -21.17 -21.25
CA LEU D 1135 57.97 -21.00 -22.52
C LEU D 1135 58.53 -22.34 -23.02
N LEU D 1136 58.51 -23.38 -22.17
CA LEU D 1136 58.94 -24.76 -22.50
C LEU D 1136 58.02 -25.30 -23.59
N ASP D 1137 56.72 -25.37 -23.31
CA ASP D 1137 55.66 -25.73 -24.30
C ASP D 1137 55.51 -24.57 -25.28
N GLN D 1138 56.19 -24.65 -26.42
CA GLN D 1138 56.31 -23.56 -27.44
C GLN D 1138 54.92 -23.20 -27.96
N LYS D 1139 54.36 -24.02 -28.85
CA LYS D 1139 53.09 -23.76 -29.61
C LYS D 1139 53.24 -22.44 -30.38
N VAL D 1140 54.25 -22.36 -31.26
CA VAL D 1140 54.56 -21.19 -32.15
C VAL D 1140 55.05 -20.01 -31.29
N ALA D 1141 56.32 -19.63 -31.45
CA ALA D 1141 57.02 -18.61 -30.63
C ALA D 1141 56.50 -17.20 -30.96
N TYR D 1142 56.84 -16.24 -30.10
CA TYR D 1142 56.53 -14.78 -30.24
C TYR D 1142 57.31 -14.23 -31.44
N GLN D 1143 56.73 -13.26 -32.15
CA GLN D 1143 57.33 -12.61 -33.35
C GLN D 1143 58.73 -12.09 -32.99
N ASN D 1144 58.80 -11.09 -32.10
CA ASN D 1144 60.07 -10.49 -31.61
C ASN D 1144 60.24 -10.85 -30.14
N ASP D 1145 60.79 -12.04 -29.88
CA ASP D 1145 60.88 -12.67 -28.52
C ASP D 1145 62.09 -12.10 -27.79
N ILE D 1146 61.88 -11.06 -26.97
CA ILE D 1146 62.93 -10.39 -26.15
C ILE D 1146 63.51 -11.41 -25.16
N ILE D 1147 62.68 -12.27 -24.57
CA ILE D 1147 63.09 -13.30 -23.57
C ILE D 1147 64.05 -14.28 -24.25
N ALA D 1148 63.70 -14.77 -25.45
CA ALA D 1148 64.50 -15.72 -26.25
C ALA D 1148 65.77 -15.02 -26.78
N THR D 1149 65.66 -13.77 -27.20
CA THR D 1149 66.78 -12.95 -27.76
C THR D 1149 67.92 -12.88 -26.74
N MET D 1150 67.61 -12.59 -25.47
CA MET D 1150 68.61 -12.36 -24.38
C MET D 1150 69.14 -13.70 -23.85
N THR D 1151 68.42 -14.81 -24.08
CA THR D 1151 68.77 -16.17 -23.60
C THR D 1151 69.27 -17.05 -24.77
N ASN D 1152 69.38 -16.47 -25.98
CA ASN D 1152 69.86 -17.17 -27.21
C ASN D 1152 68.92 -18.34 -27.53
N GLN D 1153 67.72 -18.02 -28.03
CA GLN D 1153 66.63 -19.00 -28.33
C GLN D 1153 66.47 -19.95 -27.14
N LEU D 1154 66.45 -19.40 -25.92
CA LEU D 1154 66.30 -20.11 -24.62
C LEU D 1154 67.35 -21.21 -24.51
N ASN D 1155 68.56 -20.83 -24.07
CA ASN D 1155 69.74 -21.70 -23.85
C ASN D 1155 70.12 -21.66 -22.37
N SER D 1156 70.31 -20.45 -21.84
CA SER D 1156 70.58 -20.16 -20.40
C SER D 1156 69.30 -19.68 -19.72
N ASN D 1157 69.14 -19.98 -18.43
CA ASN D 1157 68.04 -19.44 -17.57
C ASN D 1157 68.54 -18.20 -16.83
N THR D 1158 69.71 -17.67 -17.21
CA THR D 1158 70.33 -16.45 -16.63
C THR D 1158 70.58 -15.42 -17.72
N VAL D 1159 70.28 -14.15 -17.41
CA VAL D 1159 70.62 -12.95 -18.23
C VAL D 1159 71.36 -11.97 -17.32
N LEU D 1160 72.50 -11.45 -17.78
CA LEU D 1160 73.38 -10.55 -16.99
C LEU D 1160 72.74 -9.17 -16.92
N ILE D 1161 72.60 -8.61 -15.71
CA ILE D 1161 72.04 -7.24 -15.48
C ILE D 1161 73.17 -6.35 -14.97
N LYS D 1162 73.36 -5.18 -15.59
CA LYS D 1162 74.53 -4.28 -15.36
C LYS D 1162 74.05 -3.01 -14.64
N ARG D 1163 73.69 -1.95 -15.38
CA ARG D 1163 73.43 -0.60 -14.84
C ARG D 1163 72.18 -0.61 -13.95
N ASN D 1164 71.23 -1.50 -14.23
CA ASN D 1164 69.98 -1.69 -13.46
C ASN D 1164 70.32 -2.35 -12.11
N TRP D 1165 70.76 -1.56 -11.12
CA TRP D 1165 70.85 -2.00 -9.70
C TRP D 1165 69.44 -2.33 -9.23
N LEU D 1166 69.26 -3.52 -8.66
CA LEU D 1166 67.94 -4.20 -8.52
C LEU D 1166 67.05 -3.43 -7.55
N GLN D 1167 65.75 -3.34 -7.87
CA GLN D 1167 64.73 -2.51 -7.18
C GLN D 1167 64.74 -2.78 -5.67
N GLY D 1168 65.11 -1.77 -4.87
CA GLY D 1168 65.01 -1.75 -3.40
C GLY D 1168 66.29 -2.20 -2.69
N ASN D 1169 67.36 -2.47 -3.44
CA ASN D 1169 68.63 -3.01 -2.91
C ASN D 1169 69.55 -1.88 -2.44
N PHE D 1170 69.37 -0.66 -2.99
CA PHE D 1170 70.20 0.54 -2.70
C PHE D 1170 69.30 1.77 -2.58
N ASN D 1171 68.38 1.76 -1.62
CA ASN D 1171 67.43 2.89 -1.36
C ASN D 1171 68.21 4.06 -0.75
N TYR D 1172 68.75 3.87 0.46
CA TYR D 1172 69.43 4.92 1.27
C TYR D 1172 70.57 5.54 0.45
N THR D 1173 71.38 4.68 -0.19
CA THR D 1173 72.54 5.04 -1.05
C THR D 1173 72.08 6.05 -2.11
N SER D 1174 71.16 5.63 -2.97
CA SER D 1174 70.52 6.46 -4.05
C SER D 1174 69.88 7.71 -3.44
N SER D 1175 69.31 7.58 -2.24
CA SER D 1175 68.54 8.64 -1.53
C SER D 1175 69.49 9.74 -1.02
N TYR D 1176 70.73 9.39 -0.65
CA TYR D 1176 71.76 10.39 -0.27
C TYR D 1176 72.17 11.18 -1.51
N VAL D 1177 72.27 10.50 -2.65
CA VAL D 1177 72.67 11.10 -3.97
C VAL D 1177 71.52 11.99 -4.48
N HIS D 1178 70.27 11.54 -4.30
CA HIS D 1178 69.05 12.35 -4.53
C HIS D 1178 69.15 13.64 -3.72
N SER D 1179 69.38 13.50 -2.40
CA SER D 1179 69.56 14.62 -1.44
C SER D 1179 70.67 15.56 -1.95
N CYS D 1180 71.81 14.98 -2.36
CA CYS D 1180 72.97 15.71 -2.95
C CYS D 1180 72.55 16.44 -4.23
N ALA D 1181 71.62 15.85 -5.00
CA ALA D 1181 71.09 16.42 -6.26
C ALA D 1181 70.16 17.60 -5.94
N MET D 1182 69.27 17.46 -4.95
CA MET D 1182 68.33 18.54 -4.54
C MET D 1182 69.09 19.65 -3.81
N SER D 1183 70.22 19.33 -3.15
CA SER D 1183 71.13 20.30 -2.49
C SER D 1183 71.68 21.28 -3.54
N VAL D 1184 71.96 20.79 -4.75
CA VAL D 1184 72.42 21.60 -5.91
C VAL D 1184 71.26 22.51 -6.35
N TYR D 1185 70.06 21.93 -6.49
CA TYR D 1185 68.84 22.63 -6.91
C TYR D 1185 68.59 23.85 -6.00
N LYS D 1186 68.81 23.71 -4.70
CA LYS D 1186 68.74 24.82 -3.72
C LYS D 1186 69.73 25.92 -4.15
N GLU D 1187 71.02 25.59 -4.17
CA GLU D 1187 72.13 26.52 -4.53
C GLU D 1187 71.80 27.23 -5.85
N ILE D 1188 71.29 26.49 -6.84
CA ILE D 1188 70.88 27.03 -8.17
C ILE D 1188 69.93 28.20 -7.94
N LEU D 1189 68.75 27.93 -7.37
CA LEU D 1189 67.66 28.93 -7.15
C LEU D 1189 68.17 30.06 -6.23
N LYS D 1190 68.87 29.72 -5.15
CA LYS D 1190 69.31 30.69 -4.11
C LYS D 1190 70.25 31.74 -4.72
N GLU D 1191 71.01 31.38 -5.75
CA GLU D 1191 71.87 32.34 -6.51
C GLU D 1191 71.01 33.11 -7.51
N ALA D 1192 69.94 32.49 -8.02
CA ALA D 1192 69.03 33.05 -9.04
C ALA D 1192 68.19 34.19 -8.46
N ILE D 1193 67.80 34.10 -7.18
CA ILE D 1193 66.86 35.06 -6.51
C ILE D 1193 67.65 36.24 -5.94
N THR D 1194 68.95 36.09 -5.71
CA THR D 1194 69.87 37.21 -5.32
C THR D 1194 70.05 38.15 -6.52
N LEU D 1195 69.85 37.65 -7.75
CA LEU D 1195 69.92 38.42 -9.02
C LEU D 1195 68.77 39.44 -9.06
N LEU D 1196 67.54 38.98 -8.84
CA LEU D 1196 66.31 39.80 -8.88
C LEU D 1196 66.22 40.66 -7.61
N ASP D 1197 66.98 40.29 -6.57
CA ASP D 1197 67.07 41.00 -5.27
C ASP D 1197 65.73 40.85 -4.52
N GLY D 1198 65.63 39.79 -3.70
CA GLY D 1198 64.44 39.48 -2.88
C GLY D 1198 64.80 38.52 -1.75
N SER D 1199 64.09 37.39 -1.66
CA SER D 1199 64.40 36.26 -0.75
C SER D 1199 63.68 35.00 -1.23
N ILE D 1200 64.29 33.85 -0.95
CA ILE D 1200 63.76 32.49 -1.31
C ILE D 1200 64.03 31.52 -0.15
N LEU D 1201 63.06 30.64 0.10
CA LEU D 1201 63.18 29.46 1.00
C LEU D 1201 62.76 28.22 0.23
N VAL D 1202 63.72 27.36 -0.10
CA VAL D 1202 63.53 26.06 -0.80
C VAL D 1202 63.64 24.94 0.24
N ASN D 1203 62.68 24.02 0.27
CA ASN D 1203 62.70 22.84 1.19
C ASN D 1203 62.43 21.57 0.36
N SER D 1204 63.39 20.64 0.34
CA SER D 1204 63.34 19.37 -0.42
C SER D 1204 63.19 18.19 0.54
N LEU D 1205 62.09 17.43 0.39
CA LEU D 1205 61.85 16.14 1.10
C LEU D 1205 62.12 14.98 0.14
N VAL D 1206 63.01 14.07 0.53
CA VAL D 1206 63.55 12.99 -0.35
C VAL D 1206 63.13 11.63 0.22
N HIS D 1207 62.65 10.74 -0.66
CA HIS D 1207 62.26 9.34 -0.35
C HIS D 1207 62.40 8.49 -1.62
N SER D 1208 63.62 8.01 -1.88
CA SER D 1208 63.99 7.16 -3.05
C SER D 1208 63.42 7.76 -4.34
N ASP D 1209 62.25 7.29 -4.78
CA ASP D 1209 61.63 7.69 -6.09
C ASP D 1209 60.55 8.75 -5.87
N ASP D 1210 59.93 8.81 -4.69
CA ASP D 1210 58.88 9.82 -4.36
C ASP D 1210 59.60 11.06 -3.81
N ASN D 1211 59.32 12.23 -4.40
CA ASN D 1211 59.97 13.53 -4.04
C ASN D 1211 58.91 14.63 -3.94
N GLN D 1212 59.13 15.56 -3.01
CA GLN D 1212 58.35 16.83 -2.84
C GLN D 1212 59.35 17.94 -2.53
N THR D 1213 59.31 19.04 -3.29
CA THR D 1213 60.24 20.19 -3.12
C THR D 1213 59.43 21.50 -3.15
N SER D 1214 59.28 22.15 -2.00
CA SER D 1214 58.51 23.40 -1.81
C SER D 1214 59.43 24.61 -2.01
N ILE D 1215 59.04 25.49 -2.95
CA ILE D 1215 59.75 26.75 -3.29
C ILE D 1215 58.86 27.93 -2.88
N THR D 1216 59.41 28.85 -2.09
CA THR D 1216 58.75 30.10 -1.63
C THR D 1216 59.68 31.28 -1.95
N ILE D 1217 59.25 32.18 -2.83
CA ILE D 1217 60.06 33.31 -3.38
C ILE D 1217 59.30 34.63 -3.18
N VAL D 1218 59.97 35.67 -2.70
CA VAL D 1218 59.44 37.06 -2.64
C VAL D 1218 60.14 37.88 -3.74
N GLN D 1219 59.36 38.33 -4.73
CA GLN D 1219 59.85 38.96 -5.98
C GLN D 1219 59.95 40.48 -5.80
N ASP D 1220 60.34 41.18 -6.87
CA ASP D 1220 60.50 42.66 -6.95
C ASP D 1220 60.41 43.09 -8.41
N LYS D 1221 61.13 42.38 -9.29
CA LYS D 1221 61.26 42.69 -10.74
C LYS D 1221 60.23 41.87 -11.55
N MET D 1222 60.64 40.76 -12.16
CA MET D 1222 59.90 40.10 -13.28
C MET D 1222 58.64 39.39 -12.74
N GLU D 1223 57.72 39.02 -13.64
CA GLU D 1223 56.39 38.45 -13.31
C GLU D 1223 56.54 37.04 -12.72
N ASN D 1224 55.53 36.62 -11.95
CA ASN D 1224 55.50 35.33 -11.19
C ASN D 1224 55.63 34.14 -12.16
N ASP D 1225 54.88 34.19 -13.27
CA ASP D 1225 54.73 33.06 -14.23
C ASP D 1225 56.06 32.74 -14.91
N LYS D 1226 56.96 33.71 -15.04
CA LYS D 1226 58.32 33.51 -15.61
C LYS D 1226 59.11 32.55 -14.72
N ILE D 1227 59.05 32.75 -13.41
CA ILE D 1227 59.86 31.99 -12.41
C ILE D 1227 59.30 30.56 -12.32
N ILE D 1228 57.99 30.40 -12.52
CA ILE D 1228 57.30 29.08 -12.54
C ILE D 1228 57.98 28.18 -13.57
N ASP D 1229 58.07 28.66 -14.83
CA ASP D 1229 58.72 27.93 -15.95
C ASP D 1229 60.20 27.72 -15.62
N PHE D 1230 60.86 28.72 -15.01
CA PHE D 1230 62.29 28.68 -14.65
C PHE D 1230 62.56 27.54 -13.66
N ALA D 1231 61.73 27.43 -12.61
CA ALA D 1231 61.85 26.43 -11.53
C ALA D 1231 61.81 25.01 -12.12
N MET D 1232 60.86 24.75 -13.03
CA MET D 1232 60.64 23.42 -13.65
C MET D 1232 61.82 23.05 -14.56
N LYS D 1233 62.35 24.03 -15.30
CA LYS D 1233 63.55 23.84 -16.17
C LYS D 1233 64.68 23.23 -15.33
N GLU D 1234 65.09 23.93 -14.27
CA GLU D 1234 66.27 23.59 -13.42
C GLU D 1234 65.96 22.31 -12.62
N PHE D 1235 64.69 21.98 -12.41
CA PHE D 1235 64.24 20.79 -11.65
C PHE D 1235 64.72 19.53 -12.36
N GLU D 1236 64.41 19.40 -13.66
CA GLU D 1236 64.84 18.26 -14.52
C GLU D 1236 66.36 18.30 -14.65
N ARG D 1237 66.92 19.48 -14.92
CA ARG D 1237 68.39 19.72 -15.03
C ARG D 1237 69.07 19.11 -13.81
N ALA D 1238 68.61 19.47 -12.61
CA ALA D 1238 69.13 19.03 -11.29
C ALA D 1238 69.11 17.49 -11.21
N CYS D 1239 68.00 16.86 -11.61
CA CYS D 1239 67.81 15.39 -11.62
C CYS D 1239 68.83 14.76 -12.58
N LEU D 1240 68.83 15.23 -13.83
CA LEU D 1240 69.54 14.60 -14.98
C LEU D 1240 71.05 14.83 -14.88
N THR D 1241 71.49 15.87 -14.16
CA THR D 1241 72.93 16.12 -13.86
C THR D 1241 73.47 15.05 -12.90
N PHE D 1242 72.61 14.23 -12.31
CA PHE D 1242 72.99 13.17 -11.34
C PHE D 1242 72.59 11.77 -11.84
N GLY D 1243 71.99 11.65 -13.03
CA GLY D 1243 71.65 10.37 -13.68
C GLY D 1243 70.18 10.01 -13.53
N CYS D 1244 69.47 10.61 -12.58
CA CYS D 1244 68.02 10.40 -12.32
C CYS D 1244 67.22 11.27 -13.30
N GLN D 1245 66.07 10.76 -13.75
CA GLN D 1245 65.13 11.52 -14.64
C GLN D 1245 63.75 11.57 -13.97
N ALA D 1246 63.13 12.75 -13.96
CA ALA D 1246 61.83 13.03 -13.30
C ALA D 1246 60.69 12.79 -14.29
N ASN D 1247 59.68 12.01 -13.89
CA ASN D 1247 58.48 11.70 -14.71
C ASN D 1247 57.56 12.93 -14.72
N MET D 1248 57.61 13.72 -15.79
CA MET D 1248 56.80 14.97 -15.95
C MET D 1248 55.33 14.61 -16.19
N LYS D 1249 55.05 13.32 -16.48
CA LYS D 1249 53.67 12.77 -16.63
C LYS D 1249 52.97 12.83 -15.27
N LYS D 1250 53.52 12.15 -14.27
CA LYS D 1250 52.89 11.98 -12.92
C LYS D 1250 53.17 13.21 -12.05
N THR D 1251 54.29 13.91 -12.27
CA THR D 1251 54.71 15.10 -11.48
C THR D 1251 53.74 16.25 -11.76
N TYR D 1252 53.21 16.87 -10.69
CA TYR D 1252 52.33 18.05 -10.76
C TYR D 1252 52.78 19.08 -9.71
N VAL D 1253 52.45 20.35 -9.94
CA VAL D 1253 52.84 21.51 -9.08
C VAL D 1253 51.57 22.27 -8.69
N THR D 1254 51.37 22.50 -7.39
CA THR D 1254 50.19 23.19 -6.81
C THR D 1254 50.65 24.44 -6.04
N ASN D 1255 49.68 25.17 -5.47
CA ASN D 1255 49.89 26.44 -4.74
C ASN D 1255 49.61 26.20 -3.24
N CYS D 1256 49.56 24.93 -2.82
CA CYS D 1256 49.03 24.52 -1.49
C CYS D 1256 49.26 23.03 -1.25
N ILE D 1257 48.59 22.18 -2.06
CA ILE D 1257 48.59 20.69 -1.94
C ILE D 1257 50.04 20.17 -1.89
N LYS D 1258 50.27 19.14 -1.08
CA LYS D 1258 51.58 18.41 -0.99
C LYS D 1258 51.33 16.90 -1.04
N GLU D 1259 51.70 16.24 -2.14
CA GLU D 1259 51.78 14.76 -2.25
C GLU D 1259 53.22 14.33 -1.90
N PHE D 1260 53.35 13.39 -0.97
CA PHE D 1260 54.64 12.79 -0.52
C PHE D 1260 54.33 11.46 0.16
N VAL D 1261 54.61 10.35 -0.53
CA VAL D 1261 54.37 8.96 -0.03
C VAL D 1261 52.86 8.79 0.24
N SER D 1262 52.03 9.52 -0.50
CA SER D 1262 50.54 9.52 -0.41
C SER D 1262 50.04 10.17 0.89
N LEU D 1263 50.94 10.61 1.78
CA LEU D 1263 50.57 11.46 2.96
C LEU D 1263 50.42 12.90 2.45
N PHE D 1264 49.28 13.53 2.69
CA PHE D 1264 48.91 14.87 2.14
C PHE D 1264 48.91 15.92 3.25
N ASN D 1265 49.56 17.05 2.97
CA ASN D 1265 49.49 18.30 3.77
C ASN D 1265 48.97 19.42 2.86
N LEU D 1266 47.84 20.01 3.24
CA LEU D 1266 47.23 21.20 2.60
C LEU D 1266 47.97 22.44 3.12
N TYR D 1267 47.38 23.64 3.05
CA TYR D 1267 48.08 24.91 3.38
C TYR D 1267 48.35 24.97 4.89
N GLY D 1268 49.19 24.06 5.38
CA GLY D 1268 49.46 23.85 6.81
C GLY D 1268 48.69 22.67 7.37
N GLU D 1269 47.36 22.68 7.22
CA GLU D 1269 46.45 21.60 7.67
C GLU D 1269 46.89 20.27 7.06
N PRO D 1270 47.36 19.29 7.87
CA PRO D 1270 47.70 17.97 7.35
C PRO D 1270 46.42 17.11 7.24
N PHE D 1271 46.32 16.30 6.19
CA PHE D 1271 45.11 15.48 5.88
C PHE D 1271 45.51 14.25 5.04
N SER D 1272 45.32 13.06 5.59
CA SER D 1272 45.45 11.76 4.87
C SER D 1272 44.04 11.25 4.52
N ILE D 1273 43.95 10.16 3.76
CA ILE D 1273 42.67 9.62 3.22
C ILE D 1273 42.12 8.58 4.20
N TYR D 1274 41.69 9.05 5.39
CA TYR D 1274 41.14 8.25 6.52
C TYR D 1274 40.46 6.98 6.01
N GLY D 1275 39.76 7.06 4.87
CA GLY D 1275 39.01 5.95 4.24
C GLY D 1275 39.83 4.68 4.05
N ARG D 1276 41.05 4.79 3.51
CA ARG D 1276 41.86 3.62 3.06
C ARG D 1276 42.00 2.59 4.19
N PHE D 1277 42.06 3.03 5.45
CA PHE D 1277 42.27 2.18 6.66
C PHE D 1277 40.94 1.56 7.12
N LEU D 1278 39.80 2.18 6.78
CA LEU D 1278 38.44 1.69 7.14
C LEU D 1278 38.05 0.56 6.18
N LEU D 1279 38.69 0.46 5.02
CA LEU D 1279 38.46 -0.58 3.98
C LEU D 1279 39.36 -1.79 4.22
N THR D 1280 40.16 -1.77 5.29
CA THR D 1280 41.08 -2.85 5.72
C THR D 1280 40.33 -3.83 6.63
N SER D 1281 39.56 -3.30 7.59
CA SER D 1281 38.78 -4.05 8.60
C SER D 1281 37.64 -4.81 7.91
N VAL D 1282 37.98 -5.84 7.13
CA VAL D 1282 37.02 -6.67 6.31
C VAL D 1282 37.59 -8.07 6.08
N GLY D 1283 38.88 -8.19 5.73
CA GLY D 1283 39.54 -9.48 5.49
C GLY D 1283 41.03 -9.46 5.81
N ASP D 1284 41.44 -8.68 6.83
CA ASP D 1284 42.85 -8.58 7.30
C ASP D 1284 42.97 -9.25 8.67
N CYS D 1285 43.21 -10.57 8.68
CA CYS D 1285 43.45 -11.39 9.89
C CYS D 1285 43.97 -12.78 9.46
N ALA D 1286 44.49 -13.55 10.42
CA ALA D 1286 45.07 -14.90 10.21
C ALA D 1286 44.06 -15.98 10.66
N TYR D 1287 42.87 -15.58 11.11
CA TYR D 1287 41.72 -16.47 11.43
C TYR D 1287 42.16 -17.51 12.46
N ILE D 1288 42.45 -17.05 13.68
CA ILE D 1288 43.04 -17.84 14.80
C ILE D 1288 41.96 -18.04 15.87
N GLY D 1289 41.30 -16.93 16.28
CA GLY D 1289 40.26 -16.92 17.33
C GLY D 1289 39.49 -15.59 17.35
N PRO D 1290 38.37 -15.53 18.10
CA PRO D 1290 37.47 -14.36 18.08
C PRO D 1290 38.16 -13.05 18.51
N TYR D 1291 38.92 -13.08 19.60
CA TYR D 1291 39.71 -11.94 20.14
C TYR D 1291 40.89 -11.66 19.20
N GLU D 1292 41.53 -12.74 18.75
CA GLU D 1292 42.76 -12.75 17.91
C GLU D 1292 42.47 -12.07 16.56
N ASP D 1293 41.28 -12.31 15.98
CA ASP D 1293 40.84 -11.69 14.70
C ASP D 1293 40.53 -10.20 14.93
N LEU D 1294 39.72 -9.89 15.96
CA LEU D 1294 39.27 -8.52 16.30
C LEU D 1294 40.49 -7.63 16.60
N ALA D 1295 41.50 -8.20 17.27
CA ALA D 1295 42.75 -7.50 17.69
C ALA D 1295 43.30 -6.62 16.55
N SER D 1296 43.42 -7.17 15.34
CA SER D 1296 44.03 -6.50 14.14
C SER D 1296 42.98 -5.68 13.38
N ARG D 1297 41.72 -6.12 13.38
CA ARG D 1297 40.59 -5.42 12.70
C ARG D 1297 40.30 -4.10 13.41
N ILE D 1298 40.43 -4.04 14.74
CA ILE D 1298 40.23 -2.80 15.54
C ILE D 1298 41.50 -1.92 15.44
N SER D 1299 42.68 -2.54 15.34
CA SER D 1299 43.98 -1.85 15.12
C SER D 1299 43.89 -0.99 13.84
N SER D 1300 43.21 -1.49 12.81
CA SER D 1300 42.96 -0.78 11.52
C SER D 1300 42.10 0.46 11.77
N ALA D 1301 41.09 0.35 12.63
CA ALA D 1301 40.21 1.47 13.06
C ALA D 1301 41.04 2.48 13.87
N GLN D 1302 41.85 2.00 14.83
CA GLN D 1302 42.75 2.85 15.66
C GLN D 1302 43.63 3.72 14.74
N THR D 1303 44.08 3.15 13.61
CA THR D 1303 44.99 3.79 12.63
C THR D 1303 44.26 4.93 11.90
N ALA D 1304 42.97 4.75 11.58
CA ALA D 1304 42.12 5.77 10.92
C ALA D 1304 42.16 7.07 11.74
N ILE D 1305 41.99 6.95 13.06
CA ILE D 1305 41.87 8.08 14.03
C ILE D 1305 43.16 8.92 13.98
N LYS D 1306 44.32 8.27 13.84
CA LYS D 1306 45.65 8.94 13.70
C LYS D 1306 45.59 9.90 12.51
N HIS D 1307 45.03 9.42 11.38
CA HIS D 1307 44.95 10.12 10.08
C HIS D 1307 43.62 10.87 9.95
N GLY D 1308 43.21 11.58 11.01
CA GLY D 1308 42.09 12.54 11.01
C GLY D 1308 40.80 11.96 10.46
N CYS D 1309 40.23 10.97 11.16
CA CYS D 1309 38.94 10.31 10.82
C CYS D 1309 37.87 10.75 11.81
N PRO D 1310 36.62 10.98 11.35
CA PRO D 1310 35.51 11.24 12.28
C PRO D 1310 35.11 10.04 13.14
N PRO D 1311 34.73 10.29 14.41
CA PRO D 1311 34.36 9.21 15.33
C PRO D 1311 33.22 8.36 14.75
N SER D 1312 32.19 9.00 14.21
CA SER D 1312 30.99 8.36 13.63
C SER D 1312 31.42 7.25 12.68
N LEU D 1313 32.30 7.56 11.73
CA LEU D 1313 32.82 6.59 10.73
C LEU D 1313 33.79 5.62 11.42
N ALA D 1314 34.60 6.10 12.37
CA ALA D 1314 35.52 5.24 13.17
C ALA D 1314 34.72 4.07 13.77
N TRP D 1315 33.59 4.38 14.43
CA TRP D 1315 32.67 3.42 15.10
C TRP D 1315 32.11 2.42 14.08
N VAL D 1316 31.88 2.87 12.84
CA VAL D 1316 31.35 2.03 11.72
C VAL D 1316 32.31 0.86 11.50
N SER D 1317 33.60 1.15 11.32
CA SER D 1317 34.69 0.14 11.20
C SER D 1317 34.65 -0.81 12.39
N ILE D 1318 34.52 -0.27 13.60
CA ILE D 1318 34.42 -1.05 14.88
C ILE D 1318 33.22 -2.01 14.76
N ALA D 1319 32.08 -1.55 14.23
CA ALA D 1319 30.88 -2.39 13.99
C ALA D 1319 31.22 -3.49 12.96
N ILE D 1320 31.68 -3.09 11.78
CA ILE D 1320 31.97 -4.02 10.64
C ILE D 1320 32.91 -5.12 11.14
N SER D 1321 34.02 -4.71 11.77
CA SER D 1321 35.06 -5.60 12.35
C SER D 1321 34.39 -6.66 13.22
N HIS D 1322 33.62 -6.25 14.24
CA HIS D 1322 32.80 -7.15 15.08
C HIS D 1322 31.95 -8.07 14.19
N TRP D 1323 31.22 -7.48 13.23
CA TRP D 1323 30.34 -8.25 12.30
C TRP D 1323 31.13 -9.42 11.68
N MET D 1324 32.23 -9.10 10.99
CA MET D 1324 33.07 -10.12 10.30
C MET D 1324 33.63 -11.11 11.34
N THR D 1325 34.25 -10.59 12.41
CA THR D 1325 34.80 -11.38 13.56
C THR D 1325 33.80 -12.45 13.96
N SER D 1326 32.55 -12.04 14.23
CA SER D 1326 31.46 -12.92 14.74
C SER D 1326 30.90 -13.80 13.60
N LEU D 1327 30.99 -13.33 12.35
CA LEU D 1327 30.53 -14.10 11.15
C LEU D 1327 31.47 -15.28 10.87
N THR D 1328 32.74 -15.15 11.27
CA THR D 1328 33.79 -16.19 11.06
C THR D 1328 33.49 -17.45 11.90
N TYR D 1329 33.06 -17.26 13.16
CA TYR D 1329 32.93 -18.33 14.19
C TYR D 1329 31.47 -18.55 14.59
N ASN D 1330 30.51 -17.97 13.85
CA ASN D 1330 29.05 -18.12 14.08
C ASN D 1330 28.72 -17.69 15.51
N MET D 1331 29.14 -16.47 15.88
CA MET D 1331 28.96 -15.84 17.22
C MET D 1331 28.08 -14.59 17.08
N LEU D 1332 27.31 -14.48 15.99
CA LEU D 1332 26.38 -13.34 15.73
C LEU D 1332 25.04 -13.60 16.44
N PRO D 1333 24.24 -12.55 16.70
CA PRO D 1333 22.91 -12.72 17.30
C PRO D 1333 22.01 -13.60 16.42
N GLY D 1334 21.65 -14.78 16.93
CA GLY D 1334 20.80 -15.77 16.24
C GLY D 1334 21.60 -16.90 15.61
N GLN D 1335 22.94 -16.81 15.63
CA GLN D 1335 23.85 -17.85 15.08
C GLN D 1335 23.89 -19.05 16.05
N SER D 1336 24.64 -20.09 15.68
CA SER D 1336 24.83 -21.34 16.45
C SER D 1336 25.51 -21.03 17.80
N ASN D 1337 26.68 -20.38 17.79
CA ASN D 1337 27.54 -20.24 18.99
C ASN D 1337 27.23 -18.92 19.71
N ASP D 1338 25.95 -18.52 19.73
CA ASP D 1338 25.47 -17.19 20.21
C ASP D 1338 25.51 -17.17 21.74
N PRO D 1339 26.52 -16.53 22.36
CA PRO D 1339 26.73 -16.62 23.81
C PRO D 1339 26.12 -15.44 24.60
N ILE D 1340 24.79 -15.28 24.55
CA ILE D 1340 24.02 -14.33 25.40
C ILE D 1340 23.12 -15.12 26.36
N ASP D 1341 22.51 -16.23 25.89
CA ASP D 1341 21.66 -17.13 26.70
C ASP D 1341 22.55 -18.06 27.53
N TYR D 1342 23.76 -18.36 27.04
CA TYR D 1342 24.72 -19.30 27.67
C TYR D 1342 25.37 -18.68 28.91
N PHE D 1343 25.34 -17.35 29.04
CA PHE D 1343 26.00 -16.59 30.15
C PHE D 1343 25.01 -15.62 30.78
N PRO D 1344 25.24 -15.23 32.06
CA PRO D 1344 24.40 -14.25 32.74
C PRO D 1344 24.81 -12.82 32.36
N ALA D 1345 23.99 -12.16 31.54
CA ALA D 1345 24.23 -10.78 31.05
C ALA D 1345 22.97 -10.22 30.39
N GLU D 1346 22.82 -8.89 30.41
CA GLU D 1346 21.71 -8.14 29.76
C GLU D 1346 21.92 -8.17 28.23
N ASN D 1347 23.10 -7.74 27.77
CA ASN D 1347 23.47 -7.60 26.33
C ASN D 1347 24.96 -7.89 26.16
N ARG D 1348 25.47 -7.90 24.92
CA ARG D 1348 26.85 -8.31 24.55
C ARG D 1348 27.88 -7.26 24.99
N LYS D 1349 27.44 -6.13 25.52
CA LYS D 1349 28.31 -5.08 26.12
C LYS D 1349 28.96 -5.63 27.40
N ASP D 1350 28.22 -6.47 28.13
CA ASP D 1350 28.59 -7.00 29.47
C ASP D 1350 29.34 -8.34 29.34
N ILE D 1351 29.13 -9.08 28.25
CA ILE D 1351 29.88 -10.34 27.96
C ILE D 1351 31.33 -9.98 27.70
N PRO D 1352 32.30 -10.59 28.44
CA PRO D 1352 33.72 -10.35 28.20
C PRO D 1352 34.14 -10.56 26.73
N ILE D 1353 34.89 -9.60 26.19
CA ILE D 1353 35.35 -9.55 24.77
C ILE D 1353 36.23 -10.78 24.48
N GLU D 1354 36.79 -11.41 25.53
CA GLU D 1354 37.55 -12.68 25.45
C GLU D 1354 36.62 -13.81 25.00
N LEU D 1355 35.35 -13.79 25.43
CA LEU D 1355 34.29 -14.76 25.02
C LEU D 1355 33.61 -14.27 23.73
N ASN D 1356 34.04 -13.13 23.20
CA ASN D 1356 33.42 -12.37 22.09
C ASN D 1356 32.05 -11.84 22.53
N GLY D 1357 31.94 -10.52 22.69
CA GLY D 1357 30.68 -9.78 22.81
C GLY D 1357 30.71 -8.55 21.93
N VAL D 1358 30.75 -7.35 22.52
CA VAL D 1358 31.09 -6.08 21.82
C VAL D 1358 32.04 -5.27 22.72
N LEU D 1359 32.73 -4.28 22.14
CA LEU D 1359 33.75 -3.46 22.83
C LEU D 1359 33.07 -2.23 23.43
N ASP D 1360 32.47 -2.38 24.61
CA ASP D 1360 31.83 -1.27 25.36
C ASP D 1360 32.91 -0.45 26.06
N ALA D 1361 33.35 0.64 25.41
CA ALA D 1361 34.33 1.61 25.91
C ALA D 1361 34.18 2.91 25.14
N PRO D 1362 34.69 4.05 25.65
CA PRO D 1362 34.75 5.28 24.87
C PRO D 1362 35.88 5.20 23.83
N LEU D 1363 35.68 5.84 22.67
CA LEU D 1363 36.61 5.80 21.52
C LEU D 1363 37.97 6.41 21.92
N SER D 1364 37.94 7.42 22.80
CA SER D 1364 39.12 8.14 23.36
C SER D 1364 40.02 7.16 24.16
N MET D 1365 39.49 5.98 24.48
CA MET D 1365 40.21 4.88 25.18
C MET D 1365 40.65 3.83 24.15
N ILE D 1366 39.74 3.45 23.25
CA ILE D 1366 39.97 2.41 22.19
C ILE D 1366 41.13 2.87 21.29
N SER D 1367 41.13 4.16 20.91
CA SER D 1367 42.19 4.79 20.10
C SER D 1367 43.55 4.61 20.78
N THR D 1368 43.60 4.77 22.10
CA THR D 1368 44.82 4.75 22.93
C THR D 1368 45.27 3.30 23.15
N VAL D 1369 44.43 2.44 23.75
CA VAL D 1369 44.84 1.05 24.15
C VAL D 1369 44.14 0.02 23.26
N GLY D 1370 42.80 0.00 23.23
CA GLY D 1370 41.99 -0.87 22.34
C GLY D 1370 41.80 -2.28 22.91
N LEU D 1371 40.58 -2.80 22.80
CA LEU D 1371 40.15 -4.18 23.20
C LEU D 1371 40.30 -4.39 24.71
N GLU D 1372 41.50 -4.14 25.26
CA GLU D 1372 41.77 -4.13 26.72
C GLU D 1372 40.98 -3.00 27.38
N SER D 1373 40.76 -1.91 26.65
CA SER D 1373 39.89 -0.75 27.04
C SER D 1373 38.55 -1.28 27.57
N GLY D 1374 37.90 -2.18 26.83
CA GLY D 1374 36.60 -2.79 27.16
C GLY D 1374 36.59 -3.44 28.54
N ASN D 1375 37.73 -4.01 28.95
CA ASN D 1375 37.93 -4.59 30.30
C ASN D 1375 38.13 -3.43 31.31
N LEU D 1376 38.94 -2.44 30.93
CA LEU D 1376 39.31 -1.28 31.80
C LEU D 1376 38.06 -0.47 32.16
N TYR D 1377 37.14 -0.28 31.22
CA TYR D 1377 35.90 0.52 31.39
C TYR D 1377 34.96 -0.16 32.40
N PHE D 1378 34.98 -1.49 32.46
CA PHE D 1378 34.09 -2.31 33.33
C PHE D 1378 34.54 -2.19 34.80
N LEU D 1379 35.76 -1.71 35.04
CA LEU D 1379 36.34 -1.49 36.39
C LEU D 1379 36.17 -0.03 36.81
N ILE D 1380 36.25 0.92 35.86
CA ILE D 1380 36.03 2.38 36.11
C ILE D 1380 34.56 2.61 36.44
N LYS D 1381 33.66 1.86 35.79
CA LYS D 1381 32.19 1.86 36.07
C LYS D 1381 31.94 1.59 37.56
N LEU D 1382 32.74 0.69 38.15
CA LEU D 1382 32.62 0.28 39.58
C LEU D 1382 33.09 1.44 40.47
N LEU D 1383 34.25 2.04 40.16
CA LEU D 1383 34.84 3.18 40.93
C LEU D 1383 33.99 4.45 40.76
N SER D 1384 32.86 4.35 40.05
CA SER D 1384 31.83 5.43 39.90
C SER D 1384 30.46 4.94 40.39
N LYS D 1385 30.44 3.83 41.13
CA LYS D 1385 29.19 3.22 41.70
C LYS D 1385 29.40 2.84 43.17
N TYR D 1386 30.47 2.08 43.47
CA TYR D 1386 30.77 1.52 44.81
C TYR D 1386 31.89 2.32 45.49
N THR D 1387 31.75 3.65 45.54
CA THR D 1387 32.67 4.56 46.28
C THR D 1387 31.82 5.66 46.94
N PRO D 1388 32.26 6.18 48.12
CA PRO D 1388 31.50 7.20 48.84
C PRO D 1388 31.58 8.59 48.20
N VAL D 1389 30.91 9.58 48.79
CA VAL D 1389 30.85 10.99 48.30
C VAL D 1389 32.27 11.57 48.33
N MET D 1390 33.01 11.32 49.41
CA MET D 1390 34.46 11.65 49.54
C MET D 1390 35.28 10.59 48.80
N GLN D 1391 36.47 10.97 48.30
CA GLN D 1391 37.48 10.08 47.66
C GLN D 1391 37.17 9.84 46.18
N LYS D 1392 35.89 9.86 45.78
CA LYS D 1392 35.44 9.62 44.38
C LYS D 1392 35.94 10.75 43.47
N ARG D 1393 35.83 12.01 43.92
CA ARG D 1393 36.26 13.22 43.19
C ARG D 1393 37.80 13.32 43.17
N GLU D 1394 38.49 12.60 44.06
CA GLU D 1394 39.98 12.57 44.16
C GLU D 1394 40.53 11.54 43.16
N SER D 1395 41.86 11.39 43.11
CA SER D 1395 42.62 10.53 42.16
C SER D 1395 42.06 9.09 42.16
N VAL D 1396 42.32 8.36 41.07
CA VAL D 1396 41.93 6.93 40.88
C VAL D 1396 42.60 6.08 41.97
N VAL D 1397 43.89 6.34 42.22
CA VAL D 1397 44.72 5.61 43.24
C VAL D 1397 43.92 5.51 44.54
N ASN D 1398 43.34 6.61 45.00
CA ASN D 1398 42.56 6.73 46.27
C ASN D 1398 41.30 5.86 46.19
N GLN D 1399 40.69 5.75 45.00
CA GLN D 1399 39.41 5.01 44.77
C GLN D 1399 39.69 3.49 44.81
N ILE D 1400 40.94 3.08 44.57
CA ILE D 1400 41.38 1.65 44.56
C ILE D 1400 41.57 1.16 46.01
N ALA D 1401 41.92 2.07 46.93
CA ALA D 1401 42.15 1.79 48.37
C ALA D 1401 40.84 1.38 49.04
N GLU D 1402 39.71 1.95 48.61
CA GLU D 1402 38.36 1.72 49.18
C GLU D 1402 37.83 0.35 48.76
N VAL D 1403 38.36 -0.23 47.67
CA VAL D 1403 37.88 -1.50 47.05
C VAL D 1403 37.86 -2.62 48.11
N LYS D 1404 38.89 -2.68 48.97
CA LYS D 1404 39.04 -3.74 50.01
C LYS D 1404 38.13 -3.45 51.21
N ASN D 1405 37.30 -2.40 51.12
CA ASN D 1405 36.29 -2.01 52.15
C ASN D 1405 34.88 -2.05 51.54
N TRP D 1406 34.71 -2.80 50.44
CA TRP D 1406 33.40 -3.07 49.78
C TRP D 1406 32.72 -4.26 50.47
N LYS D 1407 31.55 -4.67 49.99
CA LYS D 1407 30.88 -5.93 50.40
C LYS D 1407 30.49 -6.72 49.13
N VAL D 1408 30.87 -7.99 49.08
CA VAL D 1408 30.75 -8.91 47.90
C VAL D 1408 29.26 -9.19 47.62
N GLU D 1409 28.43 -9.22 48.66
CA GLU D 1409 26.98 -9.56 48.60
C GLU D 1409 26.24 -8.50 47.77
N ASP D 1410 26.71 -7.25 47.79
CA ASP D 1410 26.10 -6.08 47.08
C ASP D 1410 25.98 -6.38 45.58
N LEU D 1411 27.00 -7.03 45.00
CA LEU D 1411 27.18 -7.20 43.52
C LEU D 1411 26.05 -8.07 42.95
N THR D 1412 25.92 -8.06 41.61
CA THR D 1412 24.87 -8.76 40.81
C THR D 1412 25.50 -9.90 40.01
N ASP D 1413 24.66 -10.83 39.53
CA ASP D 1413 25.03 -12.04 38.73
C ASP D 1413 26.10 -11.68 37.69
N ASN D 1414 25.83 -10.65 36.88
CA ASN D 1414 26.71 -10.18 35.77
C ASN D 1414 27.99 -9.57 36.35
N GLU D 1415 27.87 -8.75 37.39
CA GLU D 1415 29.01 -8.02 38.02
C GLU D 1415 30.00 -9.05 38.59
N ILE D 1416 29.49 -10.10 39.26
CA ILE D 1416 30.31 -11.22 39.80
C ILE D 1416 30.99 -11.97 38.65
N PHE D 1417 30.25 -12.23 37.57
CA PHE D 1417 30.64 -13.07 36.41
C PHE D 1417 31.96 -12.57 35.79
N ARG D 1418 32.07 -11.26 35.55
CA ARG D 1418 33.26 -10.60 34.92
C ARG D 1418 34.49 -10.80 35.82
N LEU D 1419 34.38 -10.38 37.08
CA LEU D 1419 35.49 -10.35 38.08
C LEU D 1419 36.11 -11.76 38.23
N LYS D 1420 35.27 -12.80 38.20
CA LYS D 1420 35.72 -14.22 38.39
C LYS D 1420 36.65 -14.64 37.24
N ILE D 1421 36.31 -14.28 36.00
CA ILE D 1421 37.11 -14.57 34.77
C ILE D 1421 38.34 -13.64 34.78
N LEU D 1422 38.11 -12.35 35.08
CA LEU D 1422 39.14 -11.27 35.08
C LEU D 1422 40.31 -11.64 36.01
N ARG D 1423 40.05 -12.35 37.12
CA ARG D 1423 41.09 -12.76 38.10
C ARG D 1423 41.67 -14.12 37.69
N TYR D 1424 40.83 -15.15 37.68
CA TYR D 1424 41.24 -16.58 37.61
C TYR D 1424 41.65 -16.98 36.19
N LEU D 1425 41.25 -16.21 35.16
CA LEU D 1425 41.60 -16.53 33.75
C LEU D 1425 42.44 -15.40 33.13
N VAL D 1426 41.92 -14.17 33.12
CA VAL D 1426 42.47 -13.06 32.28
C VAL D 1426 43.90 -12.73 32.72
N LEU D 1427 44.16 -12.62 34.03
CA LEU D 1427 45.41 -12.03 34.60
C LEU D 1427 46.67 -12.60 33.95
N ASP D 1428 46.75 -13.93 33.76
CA ASP D 1428 47.93 -14.61 33.19
C ASP D 1428 47.46 -15.77 32.29
N ALA D 1429 48.10 -15.94 31.12
CA ALA D 1429 47.81 -16.99 30.12
C ALA D 1429 49.02 -17.20 29.21
N GLY D 1445 47.00 -9.43 23.89
CA GLY D 1445 46.67 -10.73 23.27
C GLY D 1445 46.28 -11.77 24.31
N ARG D 1446 45.23 -11.49 25.09
CA ARG D 1446 44.72 -12.36 26.18
C ARG D 1446 43.37 -12.97 25.74
N SER D 1447 43.39 -14.20 25.24
CA SER D 1447 42.20 -14.95 24.76
C SER D 1447 42.07 -16.28 25.54
N ILE D 1448 40.87 -16.85 25.55
CA ILE D 1448 40.51 -18.10 26.27
C ILE D 1448 39.97 -19.12 25.26
N LEU D 1449 38.94 -18.75 24.48
CA LEU D 1449 38.37 -19.57 23.39
C LEU D 1449 39.22 -19.36 22.13
N THR D 1450 39.76 -20.45 21.58
CA THR D 1450 40.63 -20.44 20.37
C THR D 1450 40.61 -21.82 19.73
N PRO D 1451 39.93 -22.00 18.57
CA PRO D 1451 39.87 -23.30 17.90
C PRO D 1451 41.26 -23.84 17.49
N ARG D 1452 41.54 -25.09 17.83
CA ARG D 1452 42.78 -25.82 17.41
C ARG D 1452 42.46 -26.66 16.18
N LYS D 1453 43.43 -26.76 15.26
CA LYS D 1453 43.30 -27.45 13.95
C LYS D 1453 44.10 -28.76 13.98
N PHE D 1454 43.93 -29.59 12.94
CA PHE D 1454 44.57 -30.92 12.79
C PHE D 1454 45.51 -30.90 11.56
N THR D 1455 46.10 -29.73 11.29
CA THR D 1455 46.91 -29.44 10.07
C THR D 1455 48.21 -30.24 10.11
N THR D 1456 48.74 -30.58 8.92
CA THR D 1456 49.98 -31.38 8.72
C THR D 1456 51.18 -30.43 8.55
N ALA D 1457 52.38 -30.90 8.88
CA ALA D 1457 53.66 -30.15 8.80
C ALA D 1457 53.93 -29.71 7.36
N GLY D 1458 53.66 -30.58 6.38
CA GLY D 1458 53.85 -30.31 4.94
C GLY D 1458 55.30 -30.56 4.51
N SER D 1459 55.61 -30.29 3.24
CA SER D 1459 56.93 -30.55 2.60
C SER D 1459 57.96 -29.53 3.11
N LEU D 1460 58.92 -30.01 3.90
CA LEU D 1460 60.05 -29.20 4.47
C LEU D 1460 61.38 -29.86 4.10
N ARG D 1461 61.53 -30.27 2.84
CA ARG D 1461 62.71 -31.01 2.30
C ARG D 1461 63.81 -30.02 1.90
N LYS D 1462 63.42 -28.87 1.35
CA LYS D 1462 64.34 -27.80 0.87
C LYS D 1462 65.29 -27.38 2.00
N LEU D 1463 64.78 -27.33 3.24
CA LEU D 1463 65.54 -26.89 4.43
C LEU D 1463 66.64 -27.90 4.76
N TYR D 1464 67.86 -27.39 5.02
CA TYR D 1464 69.02 -28.14 5.55
C TYR D 1464 68.82 -28.37 7.06
N SER D 1465 68.43 -27.31 7.79
CA SER D 1465 68.33 -27.26 9.27
C SER D 1465 67.29 -28.27 9.77
N PHE D 1466 66.19 -28.46 9.03
CA PHE D 1466 65.09 -29.40 9.42
C PHE D 1466 65.56 -30.86 9.26
N SER D 1467 66.54 -31.11 8.39
CA SER D 1467 67.14 -32.45 8.18
C SER D 1467 67.96 -32.86 9.42
N LYS D 1468 68.54 -31.87 10.13
CA LYS D 1468 69.37 -32.09 11.33
C LYS D 1468 68.50 -32.36 12.56
N TYR D 1469 67.20 -32.04 12.49
CA TYR D 1469 66.18 -32.42 13.51
C TYR D 1469 65.80 -33.89 13.29
N GLN D 1470 65.64 -34.31 12.02
CA GLN D 1470 65.35 -35.72 11.63
C GLN D 1470 66.43 -36.64 12.21
N ASP D 1471 67.70 -36.28 12.02
CA ASP D 1471 68.88 -37.09 12.42
C ASP D 1471 69.01 -37.12 13.95
N ARG D 1472 68.56 -36.06 14.65
CA ARG D 1472 68.61 -35.99 16.14
C ARG D 1472 67.38 -36.68 16.75
N LEU D 1473 66.27 -36.76 16.00
CA LEU D 1473 65.04 -37.49 16.43
C LEU D 1473 65.21 -39.00 16.16
N SER D 1474 65.89 -39.36 15.06
CA SER D 1474 66.09 -40.77 14.62
C SER D 1474 67.04 -41.51 15.57
N SER D 1475 68.22 -40.95 15.84
CA SER D 1475 69.29 -41.57 16.66
C SER D 1475 68.91 -41.48 18.14
N PRO D 1476 68.88 -42.62 18.88
CA PRO D 1476 68.40 -42.63 20.26
C PRO D 1476 69.33 -41.89 21.23
N GLY D 1477 68.76 -41.32 22.30
CA GLY D 1477 69.46 -40.54 23.33
C GLY D 1477 69.66 -39.09 22.92
N GLY D 1478 70.10 -38.87 21.68
CA GLY D 1478 70.44 -37.54 21.11
C GLY D 1478 69.34 -36.50 21.30
N MET D 1479 68.08 -36.93 21.29
CA MET D 1479 66.90 -36.04 21.51
C MET D 1479 66.96 -35.45 22.92
N VAL D 1480 66.97 -36.32 23.94
CA VAL D 1480 66.96 -35.94 25.39
C VAL D 1480 68.21 -35.08 25.67
N GLU D 1481 69.35 -35.44 25.07
CA GLU D 1481 70.65 -34.75 25.21
C GLU D 1481 70.48 -33.24 24.99
N LEU D 1482 69.67 -32.85 24.00
CA LEU D 1482 69.35 -31.43 23.67
C LEU D 1482 68.64 -30.78 24.87
N PHE D 1483 67.53 -31.40 25.30
CA PHE D 1483 66.63 -30.88 26.36
C PHE D 1483 67.40 -30.78 27.68
N THR D 1484 68.29 -31.74 27.95
CA THR D 1484 69.14 -31.79 29.18
C THR D 1484 70.19 -30.67 29.13
N TYR D 1485 70.75 -30.38 27.95
CA TYR D 1485 71.70 -29.26 27.71
C TYR D 1485 70.95 -27.92 27.84
N LEU D 1486 69.70 -27.87 27.38
CA LEU D 1486 68.86 -26.65 27.39
C LEU D 1486 68.44 -26.27 28.81
N LEU D 1487 68.38 -27.24 29.74
CA LEU D 1487 67.97 -27.00 31.16
C LEU D 1487 69.08 -26.25 31.90
N GLU D 1488 70.35 -26.48 31.54
CA GLU D 1488 71.53 -25.80 32.14
C GLU D 1488 71.75 -24.44 31.46
N LYS D 1489 71.11 -24.22 30.30
CA LYS D 1489 71.10 -22.92 29.58
C LYS D 1489 69.66 -22.60 29.16
N PRO D 1490 68.76 -22.22 30.11
CA PRO D 1490 67.36 -21.96 29.81
C PRO D 1490 67.12 -20.58 29.15
N GLU D 1491 68.20 -19.90 28.73
CA GLU D 1491 68.14 -18.57 28.07
C GLU D 1491 67.82 -18.76 26.58
N LEU D 1492 68.00 -19.99 26.08
CA LEU D 1492 67.95 -20.35 24.64
C LEU D 1492 66.60 -21.02 24.32
N LEU D 1493 65.66 -20.99 25.25
CA LEU D 1493 64.26 -21.50 25.08
C LEU D 1493 63.41 -20.38 24.48
N VAL D 1494 63.67 -19.12 24.88
CA VAL D 1494 62.83 -17.92 24.54
C VAL D 1494 63.54 -17.09 23.46
N THR D 1495 64.83 -16.78 23.64
CA THR D 1495 65.65 -15.94 22.73
C THR D 1495 66.72 -16.80 22.05
N LYS D 1496 67.10 -16.45 20.83
CA LYS D 1496 68.17 -17.14 20.04
C LYS D 1496 69.53 -16.81 20.67
N GLY D 1497 70.51 -17.69 20.47
CA GLY D 1497 71.83 -17.66 21.14
C GLY D 1497 72.65 -16.43 20.77
N GLU D 1498 73.54 -16.02 21.68
CA GLU D 1498 74.53 -14.93 21.46
C GLU D 1498 75.77 -15.52 20.78
N ASP D 1499 75.91 -16.85 20.77
CA ASP D 1499 77.05 -17.58 20.17
C ASP D 1499 76.55 -18.73 19.28
N MET D 1500 77.47 -19.26 18.47
CA MET D 1500 77.23 -20.22 17.35
C MET D 1500 76.42 -21.42 17.86
N LYS D 1501 77.02 -22.28 18.67
CA LYS D 1501 76.36 -23.48 19.27
C LYS D 1501 74.97 -23.09 19.78
N ASP D 1502 74.92 -22.08 20.65
CA ASP D 1502 73.68 -21.60 21.34
C ASP D 1502 72.61 -21.33 20.27
N TYR D 1503 72.93 -20.51 19.26
CA TYR D 1503 71.97 -20.16 18.17
C TYR D 1503 71.58 -21.42 17.39
N MET D 1504 72.58 -22.20 16.96
CA MET D 1504 72.40 -23.41 16.11
C MET D 1504 71.44 -24.39 16.80
N GLU D 1505 71.73 -24.78 18.03
CA GLU D 1505 70.95 -25.83 18.76
C GLU D 1505 69.55 -25.28 19.11
N SER D 1506 69.41 -23.96 19.25
CA SER D 1506 68.09 -23.27 19.40
C SER D 1506 67.22 -23.58 18.18
N VAL D 1507 67.80 -23.54 16.98
CA VAL D 1507 67.11 -23.76 15.68
C VAL D 1507 66.51 -25.18 15.65
N ILE D 1508 67.20 -26.16 16.24
CA ILE D 1508 66.78 -27.60 16.23
C ILE D 1508 65.63 -27.78 17.23
N PHE D 1509 65.79 -27.24 18.44
CA PHE D 1509 64.76 -27.28 19.53
C PHE D 1509 63.44 -26.71 19.02
N ARG D 1510 63.50 -25.61 18.25
CA ARG D 1510 62.33 -24.90 17.67
C ARG D 1510 61.37 -25.88 17.00
N TYR D 1511 61.90 -26.92 16.34
CA TYR D 1511 61.12 -27.93 15.56
C TYR D 1511 60.30 -28.81 16.50
N ASN D 1512 60.61 -28.81 17.81
CA ASN D 1512 59.80 -29.47 18.87
C ASN D 1512 58.34 -29.03 18.74
N SER D 1513 58.11 -27.72 18.63
CA SER D 1513 56.77 -27.09 18.43
C SER D 1513 56.24 -27.45 17.04
N LYS D 1514 55.04 -28.06 17.00
CA LYS D 1514 54.32 -28.42 15.73
C LYS D 1514 53.79 -27.15 15.07
N ARG D 1515 53.75 -26.04 15.80
CA ARG D 1515 53.28 -24.71 15.30
C ARG D 1515 54.42 -24.00 14.55
N PHE D 1516 55.67 -24.11 15.04
CA PHE D 1516 56.86 -23.53 14.37
C PHE D 1516 57.16 -24.29 13.07
N LYS D 1517 56.87 -25.60 13.05
CA LYS D 1517 57.01 -26.46 11.84
C LYS D 1517 55.99 -26.03 10.78
N GLU D 1518 54.80 -25.60 11.21
CA GLU D 1518 53.70 -25.12 10.31
C GLU D 1518 53.99 -23.66 9.90
N SER D 1519 54.57 -22.86 10.80
CA SER D 1519 54.86 -21.41 10.60
C SER D 1519 55.60 -21.19 9.27
N LEU D 1520 56.48 -22.13 8.88
CA LEU D 1520 57.36 -22.03 7.68
C LEU D 1520 56.60 -22.46 6.42
N SER D 1521 55.31 -22.80 6.53
CA SER D 1521 54.39 -23.08 5.40
C SER D 1521 53.29 -22.02 5.37
N ILE D 1522 52.87 -21.62 4.16
CA ILE D 1522 51.86 -20.53 3.92
C ILE D 1522 50.50 -21.16 3.64
N GLN D 1523 49.52 -20.92 4.52
CA GLN D 1523 48.10 -21.32 4.35
C GLN D 1523 47.31 -20.13 3.78
N ASN D 1524 46.40 -20.41 2.85
CA ASN D 1524 45.55 -19.38 2.18
C ASN D 1524 44.50 -18.88 3.16
N PRO D 1525 44.43 -17.55 3.44
CA PRO D 1525 43.45 -17.01 4.38
C PRO D 1525 42.01 -17.32 3.94
N ALA D 1526 41.79 -17.44 2.63
CA ALA D 1526 40.50 -17.85 2.00
C ALA D 1526 40.11 -19.25 2.51
N GLN D 1527 41.00 -20.23 2.35
CA GLN D 1527 40.80 -21.63 2.82
C GLN D 1527 40.72 -21.64 4.36
N LEU D 1528 41.55 -20.84 5.02
CA LEU D 1528 41.61 -20.72 6.51
C LEU D 1528 40.26 -20.22 7.03
N PHE D 1529 39.64 -19.27 6.32
CA PHE D 1529 38.32 -18.68 6.64
C PHE D 1529 37.24 -19.77 6.64
N ILE D 1530 37.15 -20.54 5.55
CA ILE D 1530 36.11 -21.60 5.34
C ILE D 1530 36.29 -22.68 6.41
N GLU D 1531 37.55 -22.96 6.78
CA GLU D 1531 37.91 -24.03 7.75
C GLU D 1531 37.47 -23.64 9.17
N GLN D 1532 37.29 -22.35 9.47
CA GLN D 1532 36.85 -21.87 10.81
C GLN D 1532 35.32 -21.82 10.86
N ILE D 1533 34.66 -21.71 9.70
CA ILE D 1533 33.17 -21.79 9.56
C ILE D 1533 32.76 -23.26 9.75
N LEU D 1534 33.36 -24.16 8.98
CA LEU D 1534 33.01 -25.61 8.92
C LEU D 1534 33.32 -26.29 10.26
N PHE D 1535 34.43 -25.90 10.89
CA PHE D 1535 34.88 -26.43 12.21
C PHE D 1535 34.54 -25.39 13.29
N SER D 1536 33.25 -25.20 13.53
CA SER D 1536 32.66 -24.38 14.62
C SER D 1536 31.72 -25.24 15.47
N HIS D 1537 30.95 -26.14 14.83
CA HIS D 1537 30.03 -27.11 15.47
C HIS D 1537 30.78 -28.38 15.88
N LYS D 1538 32.07 -28.50 15.52
CA LYS D 1538 32.94 -29.66 15.87
C LYS D 1538 33.76 -29.32 17.13
N PRO D 1539 34.21 -30.33 17.90
CA PRO D 1539 35.03 -30.09 19.08
C PRO D 1539 36.43 -29.61 18.68
N VAL D 1540 36.79 -28.37 19.03
CA VAL D 1540 38.05 -27.70 18.61
C VAL D 1540 38.78 -27.11 19.83
N ILE D 1541 38.05 -26.58 20.82
CA ILE D 1541 38.65 -25.89 22.01
C ILE D 1541 38.88 -26.94 23.10
N ASP D 1542 40.14 -27.25 23.40
CA ASP D 1542 40.57 -28.17 24.49
C ASP D 1542 40.40 -27.43 25.81
N PHE D 1543 39.56 -27.97 26.71
CA PHE D 1543 39.19 -27.35 28.01
C PHE D 1543 40.31 -27.58 29.04
N SER D 1544 41.18 -28.56 28.77
CA SER D 1544 42.36 -28.93 29.60
C SER D 1544 43.14 -27.69 30.03
N GLY D 1545 43.34 -26.73 29.10
CA GLY D 1545 44.11 -25.49 29.32
C GLY D 1545 43.30 -24.41 30.01
N ILE D 1546 41.97 -24.56 30.05
CA ILE D 1546 41.02 -23.65 30.76
C ILE D 1546 40.89 -24.11 32.22
N ARG D 1547 40.57 -25.39 32.43
CA ARG D 1547 40.30 -25.96 33.78
C ARG D 1547 41.59 -26.00 34.62
N ASP D 1548 42.76 -26.09 33.96
CA ASP D 1548 44.10 -26.13 34.60
C ASP D 1548 44.22 -24.99 35.62
N LYS D 1549 43.77 -23.78 35.26
CA LYS D 1549 43.89 -22.57 36.11
C LYS D 1549 42.94 -22.68 37.32
N TYR D 1550 41.73 -23.20 37.11
CA TYR D 1550 40.71 -23.43 38.16
C TYR D 1550 41.16 -24.55 39.10
N ILE D 1551 41.94 -25.52 38.60
CA ILE D 1551 42.49 -26.66 39.40
C ILE D 1551 43.78 -26.23 40.10
N ASN D 1552 44.53 -25.29 39.52
CA ASN D 1552 45.75 -24.67 40.12
C ASN D 1552 45.37 -23.32 40.74
N LEU D 1566 39.60 -36.23 28.66
CA LEU D 1566 38.36 -35.50 28.26
C LEU D 1566 38.37 -35.25 26.74
N GLY D 1567 39.48 -34.71 26.21
CA GLY D 1567 39.65 -34.38 24.78
C GLY D 1567 39.24 -32.95 24.47
N LYS D 1568 38.94 -32.67 23.20
CA LYS D 1568 38.52 -31.32 22.72
C LYS D 1568 37.01 -31.13 22.98
N VAL D 1569 36.58 -29.88 23.17
CA VAL D 1569 35.18 -29.49 23.50
C VAL D 1569 34.65 -28.56 22.42
N THR D 1570 33.39 -28.75 22.00
CA THR D 1570 32.65 -27.92 21.01
C THR D 1570 32.36 -26.56 21.63
N PHE D 1571 32.23 -25.51 20.80
CA PHE D 1571 31.98 -24.10 21.23
C PHE D 1571 30.78 -24.02 22.18
N THR D 1572 29.65 -24.61 21.78
CA THR D 1572 28.40 -24.65 22.59
C THR D 1572 28.71 -25.24 23.97
N GLU D 1573 29.35 -26.41 24.00
CA GLU D 1573 29.72 -27.16 25.24
C GLU D 1573 30.74 -26.36 26.06
N ALA D 1574 31.58 -25.54 25.40
CA ALA D 1574 32.67 -24.75 26.00
C ALA D 1574 32.09 -23.67 26.92
N TYR D 1575 30.89 -23.17 26.56
CA TYR D 1575 30.13 -22.18 27.37
C TYR D 1575 29.55 -22.89 28.61
N ARG D 1576 28.85 -24.01 28.39
CA ARG D 1576 28.24 -24.85 29.46
C ARG D 1576 29.32 -25.24 30.47
N LEU D 1577 30.40 -25.86 29.99
CA LEU D 1577 31.50 -26.43 30.83
C LEU D 1577 32.29 -25.32 31.52
N LEU D 1578 32.22 -24.08 31.03
CA LEU D 1578 32.83 -22.89 31.69
C LEU D 1578 32.03 -22.52 32.94
N MET D 1579 30.69 -22.59 32.86
CA MET D 1579 29.76 -22.22 33.96
C MET D 1579 29.85 -23.26 35.09
N ARG D 1580 29.95 -24.56 34.74
CA ARG D 1580 30.08 -25.70 35.69
C ARG D 1580 31.33 -25.50 36.57
N ASP D 1581 32.38 -24.88 36.02
CA ASP D 1581 33.66 -24.58 36.71
C ASP D 1581 33.57 -23.21 37.39
N LEU D 1582 32.90 -22.25 36.75
CA LEU D 1582 32.84 -20.82 37.18
C LEU D 1582 31.99 -20.70 38.46
N SER D 1583 30.84 -21.38 38.52
CA SER D 1583 29.91 -21.34 39.68
C SER D 1583 30.61 -21.81 40.96
N SER D 1584 31.61 -22.69 40.84
CA SER D 1584 32.39 -23.28 41.96
C SER D 1584 33.32 -22.24 42.59
N LEU D 1585 33.94 -21.38 41.77
CA LEU D 1585 34.95 -20.37 42.20
C LEU D 1585 34.35 -19.42 43.25
N GLU D 1586 35.22 -18.77 44.02
CA GLU D 1586 34.87 -17.92 45.18
C GLU D 1586 35.39 -16.49 44.93
N LEU D 1587 34.51 -15.49 45.05
CA LEU D 1587 34.85 -14.04 44.92
C LEU D 1587 34.96 -13.43 46.32
N THR D 1588 36.08 -12.78 46.63
CA THR D 1588 36.40 -12.16 47.94
C THR D 1588 36.63 -10.66 47.77
N ASN D 1589 36.89 -9.95 48.87
CA ASN D 1589 37.29 -8.52 48.89
C ASN D 1589 38.79 -8.40 48.58
N ASP D 1590 39.51 -9.52 48.57
CA ASP D 1590 40.96 -9.59 48.21
C ASP D 1590 41.11 -9.84 46.70
N ASP D 1591 40.39 -10.83 46.16
CA ASP D 1591 40.44 -11.26 44.74
C ASP D 1591 40.28 -10.04 43.82
N ILE D 1592 39.29 -9.19 44.10
CA ILE D 1592 38.99 -7.94 43.34
C ILE D 1592 40.19 -6.99 43.41
N GLN D 1593 40.90 -6.94 44.55
CA GLN D 1593 42.02 -6.00 44.82
C GLN D 1593 43.29 -6.45 44.08
N VAL D 1594 43.33 -7.69 43.58
CA VAL D 1594 44.45 -8.23 42.74
C VAL D 1594 44.25 -7.71 41.30
N ILE D 1595 42.99 -7.69 40.84
CA ILE D 1595 42.56 -7.15 39.51
C ILE D 1595 43.02 -5.69 39.41
N TYR D 1596 42.66 -4.87 40.41
CA TYR D 1596 42.93 -3.41 40.45
C TYR D 1596 44.42 -3.13 40.67
N SER D 1597 45.20 -4.15 41.02
CA SER D 1597 46.69 -4.08 41.15
C SER D 1597 47.34 -4.46 39.81
N TYR D 1598 47.00 -5.64 39.28
CA TYR D 1598 47.68 -6.27 38.11
C TYR D 1598 47.37 -5.51 36.81
N ILE D 1599 46.22 -4.86 36.72
CA ILE D 1599 45.75 -4.16 35.48
C ILE D 1599 46.03 -2.65 35.60
N ILE D 1600 45.39 -1.98 36.57
CA ILE D 1600 45.44 -0.49 36.72
C ILE D 1600 46.79 -0.09 37.34
N LEU D 1601 47.04 -0.48 38.59
CA LEU D 1601 48.17 0.03 39.41
C LEU D 1601 49.52 -0.45 38.87
N ASN D 1602 49.55 -1.54 38.09
CA ASN D 1602 50.80 -2.09 37.49
C ASN D 1602 51.29 -1.16 36.37
N ASP D 1603 50.43 -0.89 35.38
CA ASP D 1603 50.77 -0.11 34.15
C ASP D 1603 50.54 1.38 34.39
N PRO D 1604 51.60 2.23 34.36
CA PRO D 1604 51.44 3.68 34.50
C PRO D 1604 50.58 4.32 33.41
N MET D 1605 50.42 3.66 32.26
CA MET D 1605 49.54 4.11 31.14
C MET D 1605 48.08 3.93 31.56
N MET D 1606 47.71 2.72 31.99
CA MET D 1606 46.34 2.37 32.44
C MET D 1606 45.95 3.26 33.63
N ILE D 1607 46.91 3.60 34.50
CA ILE D 1607 46.74 4.55 35.63
C ILE D 1607 46.17 5.86 35.08
N THR D 1608 46.86 6.46 34.10
CA THR D 1608 46.55 7.81 33.54
C THR D 1608 45.24 7.75 32.74
N ILE D 1609 45.02 6.70 31.94
CA ILE D 1609 43.82 6.56 31.05
C ILE D 1609 42.56 6.57 31.91
N ALA D 1610 42.57 5.82 33.03
CA ALA D 1610 41.46 5.75 34.01
C ALA D 1610 41.24 7.14 34.62
N ASN D 1611 42.33 7.81 35.01
CA ASN D 1611 42.33 9.17 35.62
C ASN D 1611 41.66 10.15 34.65
N THR D 1612 42.09 10.15 33.38
CA THR D 1612 41.60 11.05 32.30
C THR D 1612 40.07 10.94 32.17
N HIS D 1613 39.50 9.75 32.39
CA HIS D 1613 38.05 9.48 32.18
C HIS D 1613 37.26 9.66 33.49
N ILE D 1614 37.94 9.92 34.62
CA ILE D 1614 37.29 10.18 35.94
C ILE D 1614 37.37 11.67 36.28
N LEU D 1615 38.53 12.30 36.03
CA LEU D 1615 38.78 13.74 36.33
C LEU D 1615 38.33 14.62 35.16
N SER D 1616 37.78 14.03 34.09
CA SER D 1616 37.39 14.70 32.83
C SER D 1616 36.37 15.81 33.10
N ILE D 1617 36.63 17.02 32.56
CA ILE D 1617 35.69 18.17 32.57
C ILE D 1617 35.65 18.76 31.15
N TYR D 1618 34.72 18.30 30.31
CA TYR D 1618 34.53 18.76 28.90
C TYR D 1618 33.97 20.19 28.93
N GLY D 1619 34.55 21.09 28.11
CA GLY D 1619 34.30 22.54 28.15
C GLY D 1619 33.56 23.03 26.92
N SER D 1620 34.08 24.09 26.28
CA SER D 1620 33.44 24.85 25.17
C SER D 1620 33.42 24.02 23.90
N PRO D 1621 32.25 23.77 23.27
CA PRO D 1621 32.18 23.15 21.96
C PRO D 1621 32.62 24.14 20.87
N GLN D 1622 33.56 23.75 19.99
CA GLN D 1622 34.10 24.64 18.93
C GLN D 1622 34.20 23.88 17.60
N ARG D 1623 34.17 24.62 16.48
CA ARG D 1623 34.31 24.08 15.10
C ARG D 1623 35.78 23.76 14.85
N ARG D 1624 36.06 22.64 14.14
CA ARG D 1624 37.42 22.16 13.81
C ARG D 1624 38.02 23.04 12.72
N MET D 1625 38.42 24.27 13.08
CA MET D 1625 38.92 25.31 12.14
C MET D 1625 40.35 24.96 11.70
N GLY D 1626 41.27 24.76 12.67
CA GLY D 1626 42.69 24.52 12.41
C GLY D 1626 43.15 23.17 12.95
N MET D 1627 43.40 22.20 12.06
CA MET D 1627 43.97 20.86 12.41
C MET D 1627 45.50 20.96 12.44
N SER D 1628 46.14 20.28 13.39
CA SER D 1628 47.62 20.24 13.55
C SER D 1628 48.07 18.81 13.89
N CYS D 1629 49.31 18.48 13.52
CA CYS D 1629 49.98 17.18 13.80
C CYS D 1629 50.51 17.16 15.23
N SER D 1630 50.43 16.01 15.89
CA SER D 1630 50.81 15.80 17.31
C SER D 1630 51.42 14.42 17.49
N THR D 1631 52.48 14.34 18.30
CA THR D 1631 53.26 13.13 18.63
C THR D 1631 52.72 12.51 19.92
N MET D 1632 52.51 11.19 19.94
CA MET D 1632 51.99 10.47 21.14
C MET D 1632 53.04 10.51 22.24
N PRO D 1633 52.65 10.85 23.50
CA PRO D 1633 53.61 11.04 24.58
C PRO D 1633 54.07 9.72 25.21
N GLU D 1634 54.92 9.80 26.24
CA GLU D 1634 55.59 8.66 26.91
C GLU D 1634 54.83 8.36 28.21
N PHE D 1635 54.63 7.07 28.53
CA PHE D 1635 53.95 6.59 29.76
C PHE D 1635 54.85 5.57 30.47
N ARG D 1636 56.15 5.91 30.62
CA ARG D 1636 57.20 5.02 31.18
C ARG D 1636 58.18 5.84 32.02
N SER D 1644 69.46 -4.37 29.17
CA SER D 1644 69.97 -5.49 28.31
C SER D 1644 68.93 -6.61 28.28
N PRO D 1645 68.71 -7.29 27.12
CA PRO D 1645 67.64 -8.29 26.99
C PRO D 1645 68.06 -9.74 27.30
N ALA D 1646 68.55 -10.48 26.30
CA ALA D 1646 68.78 -11.94 26.33
C ALA D 1646 69.94 -12.29 27.28
N LEU D 1647 70.87 -11.36 27.48
CA LEU D 1647 72.11 -11.54 28.30
C LEU D 1647 71.74 -11.55 29.79
N VAL D 1648 70.71 -10.79 30.19
CA VAL D 1648 70.23 -10.68 31.61
C VAL D 1648 69.75 -12.07 32.07
N LEU D 1649 68.93 -12.75 31.26
CA LEU D 1649 68.37 -14.09 31.56
C LEU D 1649 69.52 -15.10 31.77
N ARG D 1650 70.67 -14.89 31.14
CA ARG D 1650 71.88 -15.74 31.31
C ARG D 1650 72.51 -15.47 32.68
N ALA D 1651 72.34 -14.27 33.22
CA ALA D 1651 72.83 -13.85 34.55
C ALA D 1651 71.77 -14.14 35.63
N TYR D 1652 70.60 -14.68 35.24
CA TYR D 1652 69.55 -15.18 36.16
C TYR D 1652 69.69 -16.70 36.31
N SER D 1653 70.03 -17.40 35.23
CA SER D 1653 70.34 -18.85 35.20
C SER D 1653 71.47 -19.15 36.19
N LYS D 1654 72.57 -18.39 36.14
CA LYS D 1654 73.64 -18.34 37.18
C LYS D 1654 73.79 -16.89 37.63
N ASN D 1655 73.69 -16.61 38.95
CA ASN D 1655 73.59 -15.23 39.53
C ASN D 1655 74.76 -14.35 39.06
N ASN D 1656 75.91 -14.95 38.73
CA ASN D 1656 77.09 -14.23 38.18
C ASN D 1656 76.79 -13.76 36.76
N PRO D 1657 76.97 -12.44 36.45
CA PRO D 1657 76.78 -11.93 35.10
C PRO D 1657 78.08 -11.99 34.26
N ASP D 1658 78.22 -11.11 33.26
CA ASP D 1658 79.45 -10.97 32.43
C ASP D 1658 79.58 -9.50 32.00
N THR D 1665 78.64 -4.72 34.83
CA THR D 1665 78.48 -3.88 36.05
C THR D 1665 77.08 -3.27 36.07
N GLU D 1666 76.64 -2.66 34.96
CA GLU D 1666 75.27 -2.09 34.79
C GLU D 1666 74.25 -3.23 34.71
N MET D 1667 74.63 -4.35 34.10
CA MET D 1667 73.76 -5.55 33.91
C MET D 1667 73.53 -6.23 35.26
N ALA D 1668 74.47 -6.10 36.20
CA ALA D 1668 74.35 -6.59 37.59
C ALA D 1668 73.22 -5.84 38.32
N ARG D 1669 73.12 -4.52 38.09
CA ARG D 1669 72.11 -3.62 38.73
C ARG D 1669 70.72 -3.90 38.17
N ASP D 1670 70.64 -4.33 36.90
CA ASP D 1670 69.37 -4.63 36.18
C ASP D 1670 68.69 -5.88 36.79
N LEU D 1671 69.50 -6.81 37.33
CA LEU D 1671 69.03 -8.10 37.92
C LEU D 1671 68.33 -7.85 39.26
N VAL D 1672 68.71 -6.77 39.97
CA VAL D 1672 68.20 -6.43 41.33
C VAL D 1672 66.69 -6.19 41.26
N HIS D 1673 66.25 -5.40 40.27
CA HIS D 1673 64.81 -5.06 40.05
C HIS D 1673 64.07 -6.28 39.47
N LEU D 1674 64.79 -7.17 38.79
CA LEU D 1674 64.25 -8.46 38.26
C LEU D 1674 63.99 -9.42 39.44
N LYS D 1675 64.90 -9.44 40.44
CA LYS D 1675 64.76 -10.25 41.69
C LYS D 1675 63.47 -9.85 42.41
N GLU D 1676 63.21 -8.54 42.54
CA GLU D 1676 62.01 -7.96 43.20
C GLU D 1676 60.74 -8.44 42.48
N PHE D 1677 60.75 -8.41 41.14
CA PHE D 1677 59.61 -8.75 40.25
C PHE D 1677 59.17 -10.20 40.48
N VAL D 1678 60.13 -11.13 40.59
CA VAL D 1678 59.88 -12.59 40.70
C VAL D 1678 59.54 -12.95 42.16
N GLU D 1679 59.97 -12.12 43.12
CA GLU D 1679 59.73 -12.33 44.58
C GLU D 1679 58.37 -11.76 44.99
N ASN D 1680 58.01 -10.57 44.48
CA ASN D 1680 56.74 -9.86 44.82
C ASN D 1680 55.55 -10.68 44.30
N THR D 1681 55.65 -11.17 43.06
CA THR D 1681 54.67 -12.08 42.41
C THR D 1681 54.83 -13.49 43.01
N ASN D 1682 56.06 -13.86 43.39
CA ASN D 1682 56.41 -15.13 44.06
C ASN D 1682 56.31 -16.29 43.05
N LEU D 1683 56.66 -16.02 41.78
CA LEU D 1683 56.60 -17.00 40.66
C LEU D 1683 57.87 -17.85 40.63
N GLU D 1684 58.83 -17.59 41.54
CA GLU D 1684 60.07 -18.39 41.70
C GLU D 1684 59.72 -19.72 42.37
N GLU D 1685 58.89 -19.69 43.43
CA GLU D 1685 58.44 -20.86 44.21
C GLU D 1685 57.26 -21.53 43.50
N LYS D 1686 56.25 -20.75 43.08
CA LYS D 1686 55.00 -21.22 42.42
C LYS D 1686 55.35 -22.19 41.27
N MET D 1687 56.41 -21.90 40.52
CA MET D 1687 56.87 -22.70 39.36
C MET D 1687 57.55 -23.99 39.86
N LYS D 1688 58.42 -23.88 40.87
CA LYS D 1688 59.20 -25.02 41.45
C LYS D 1688 58.24 -26.02 42.10
N VAL D 1689 57.26 -25.53 42.86
CA VAL D 1689 56.22 -26.35 43.58
C VAL D 1689 55.40 -27.14 42.55
N ARG D 1690 55.08 -26.51 41.42
CA ARG D 1690 54.24 -27.09 40.34
C ARG D 1690 54.96 -28.30 39.71
N ILE D 1691 56.29 -28.24 39.60
CA ILE D 1691 57.16 -29.34 39.09
C ILE D 1691 57.36 -30.37 40.21
N ALA D 1692 57.77 -29.91 41.39
CA ALA D 1692 58.13 -30.74 42.57
C ALA D 1692 57.00 -31.72 42.94
N MET D 1693 55.74 -31.33 42.68
CA MET D 1693 54.54 -32.15 43.02
C MET D 1693 54.03 -32.91 41.78
N ASN D 1694 54.62 -32.67 40.60
CA ASN D 1694 54.26 -33.33 39.32
C ASN D 1694 55.02 -34.65 39.19
N GLU D 1695 56.25 -34.72 39.71
CA GLU D 1695 57.12 -35.93 39.69
C GLU D 1695 56.56 -37.00 40.64
N ALA D 1696 55.82 -36.59 41.68
CA ALA D 1696 55.10 -37.48 42.63
C ALA D 1696 53.69 -37.80 42.11
N GLU D 1697 53.25 -37.10 41.05
CA GLU D 1697 51.94 -37.30 40.37
C GLU D 1697 52.12 -38.26 39.20
N LYS D 1698 53.15 -38.07 38.37
CA LYS D 1698 53.44 -38.89 37.16
C LYS D 1698 54.22 -40.15 37.57
N GLY D 1699 55.37 -39.98 38.22
CA GLY D 1699 56.15 -41.09 38.81
C GLY D 1699 57.66 -40.84 38.79
N GLN D 1700 58.31 -41.04 37.64
CA GLN D 1700 59.78 -41.06 37.50
C GLN D 1700 60.28 -39.62 37.22
N ARG D 1701 60.74 -39.34 35.99
CA ARG D 1701 61.34 -38.05 35.58
C ARG D 1701 60.87 -37.70 34.16
N ASP D 1702 59.85 -36.85 34.04
CA ASP D 1702 59.25 -36.40 32.76
C ASP D 1702 59.95 -35.13 32.29
N ILE D 1703 60.81 -35.25 31.27
CA ILE D 1703 61.66 -34.15 30.72
C ILE D 1703 60.77 -33.13 30.01
N VAL D 1704 59.60 -33.57 29.53
CA VAL D 1704 58.58 -32.73 28.85
C VAL D 1704 58.13 -31.62 29.81
N PHE D 1705 57.72 -31.98 31.03
CA PHE D 1705 57.21 -31.04 32.06
C PHE D 1705 58.37 -30.24 32.66
N GLU D 1706 59.54 -30.86 32.78
CA GLU D 1706 60.79 -30.21 33.29
C GLU D 1706 61.06 -28.93 32.50
N LEU D 1707 60.82 -28.93 31.18
CA LEU D 1707 61.11 -27.79 30.26
C LEU D 1707 59.87 -26.91 30.09
N LYS D 1708 58.72 -27.48 29.72
CA LYS D 1708 57.50 -26.72 29.33
C LYS D 1708 57.13 -25.70 30.42
N GLU D 1709 57.27 -26.06 31.70
CA GLU D 1709 56.96 -25.19 32.86
C GLU D 1709 58.10 -24.18 33.08
N MET D 1710 59.35 -24.56 32.76
CA MET D 1710 60.56 -23.72 32.92
C MET D 1710 60.58 -22.62 31.84
N THR D 1711 60.03 -22.91 30.66
CA THR D 1711 59.97 -22.01 29.48
C THR D 1711 58.95 -20.89 29.75
N ARG D 1712 57.76 -21.27 30.22
CA ARG D 1712 56.68 -20.34 30.66
C ARG D 1712 57.27 -19.29 31.60
N PHE D 1713 58.16 -19.70 32.52
CA PHE D 1713 58.81 -18.84 33.53
C PHE D 1713 59.74 -17.82 32.87
N TYR D 1714 60.40 -18.20 31.77
CA TYR D 1714 61.40 -17.37 31.05
C TYR D 1714 60.70 -16.48 30.00
N GLN D 1715 59.56 -16.91 29.47
CA GLN D 1715 58.78 -16.12 28.47
C GLN D 1715 58.09 -14.94 29.17
N VAL D 1716 57.57 -15.14 30.39
CA VAL D 1716 56.92 -14.08 31.21
C VAL D 1716 58.00 -13.11 31.73
N CYS D 1717 59.26 -13.53 31.76
CA CYS D 1717 60.44 -12.67 32.05
C CYS D 1717 60.71 -11.76 30.85
N TYR D 1718 60.75 -12.33 29.65
CA TYR D 1718 61.08 -11.66 28.36
C TYR D 1718 60.38 -10.30 28.26
N GLU D 1719 59.07 -10.26 28.53
CA GLU D 1719 58.21 -9.05 28.39
C GLU D 1719 58.64 -7.99 29.41
N TYR D 1720 59.13 -8.40 30.59
CA TYR D 1720 59.60 -7.50 31.67
C TYR D 1720 61.02 -7.02 31.38
N VAL D 1721 61.90 -7.95 30.99
CA VAL D 1721 63.35 -7.70 30.74
C VAL D 1721 63.50 -6.89 29.45
N LYS D 1722 63.15 -7.47 28.30
CA LYS D 1722 63.24 -6.78 26.98
C LYS D 1722 62.07 -5.78 26.86
N SER D 1723 62.39 -4.50 26.87
CA SER D 1723 61.43 -3.35 26.86
C SER D 1723 61.04 -3.01 25.42
N THR D 1724 59.79 -2.54 25.23
CA THR D 1724 59.21 -2.15 23.92
C THR D 1724 59.78 -0.79 23.49
N GLU D 1725 60.05 -0.63 22.19
CA GLU D 1725 60.52 0.64 21.56
C GLU D 1725 59.30 1.53 21.32
N HIS D 1726 59.31 2.75 21.88
CA HIS D 1726 58.21 3.75 21.75
C HIS D 1726 58.24 4.32 20.32
N LYS D 1727 57.62 3.59 19.38
CA LYS D 1727 57.61 3.91 17.93
C LYS D 1727 56.83 5.21 17.69
N ILE D 1728 57.14 5.91 16.60
CA ILE D 1728 56.55 7.23 16.24
C ILE D 1728 55.09 7.04 15.83
N LYS D 1729 54.16 7.52 16.67
CA LYS D 1729 52.70 7.54 16.43
C LYS D 1729 52.24 9.00 16.40
N VAL D 1730 51.73 9.46 15.26
CA VAL D 1730 51.28 10.87 15.03
C VAL D 1730 49.75 10.87 14.90
N PHE D 1731 49.08 11.65 15.76
CA PHE D 1731 47.61 11.88 15.72
C PHE D 1731 47.33 13.31 15.27
N ILE D 1732 46.44 13.50 14.29
CA ILE D 1732 46.00 14.86 13.85
C ILE D 1732 44.95 15.34 14.86
N LEU D 1733 45.22 16.46 15.54
CA LEU D 1733 44.37 17.02 16.62
C LEU D 1733 44.11 18.50 16.34
N PRO D 1734 43.01 19.06 16.90
CA PRO D 1734 42.66 20.48 16.68
C PRO D 1734 43.67 21.52 17.17
N ALA D 1735 44.76 21.10 17.83
CA ALA D 1735 45.91 21.95 18.19
C ALA D 1735 47.15 21.09 18.47
N LYS D 1736 48.30 21.75 18.64
CA LYS D 1736 49.63 21.12 18.87
C LYS D 1736 49.70 20.57 20.30
N SER D 1737 49.99 19.27 20.45
CA SER D 1737 50.18 18.58 21.75
C SER D 1737 51.67 18.55 22.11
N TYR D 1738 52.10 19.48 22.96
CA TYR D 1738 53.50 19.58 23.45
C TYR D 1738 53.78 18.44 24.43
N THR D 1739 52.95 18.34 25.48
CA THR D 1739 53.15 17.40 26.63
C THR D 1739 51.93 16.49 26.80
N THR D 1740 52.09 15.49 27.68
CA THR D 1740 51.11 14.41 27.96
C THR D 1740 49.74 15.02 28.22
N THR D 1741 49.61 15.88 29.23
CA THR D 1741 48.34 16.51 29.67
C THR D 1741 47.66 17.17 28.46
N ASP D 1742 48.41 18.03 27.74
CA ASP D 1742 47.93 18.72 26.51
C ASP D 1742 47.38 17.65 25.56
N PHE D 1743 48.19 16.64 25.23
CA PHE D 1743 47.79 15.53 24.32
C PHE D 1743 46.46 14.93 24.80
N CYS D 1744 46.38 14.54 26.07
CA CYS D 1744 45.20 13.87 26.68
C CYS D 1744 43.94 14.68 26.39
N SER D 1745 43.93 15.96 26.79
CA SER D 1745 42.80 16.92 26.65
C SER D 1745 42.35 16.98 25.19
N LEU D 1746 43.28 17.24 24.27
CA LEU D 1746 42.96 17.44 22.83
C LEU D 1746 42.47 16.12 22.23
N MET D 1747 43.14 15.00 22.55
CA MET D 1747 42.76 13.62 22.13
C MET D 1747 41.31 13.36 22.57
N GLN D 1748 41.04 13.49 23.87
CA GLN D 1748 39.68 13.30 24.46
C GLN D 1748 38.66 14.04 23.58
N GLY D 1749 38.81 15.36 23.44
CA GLY D 1749 37.83 16.25 22.80
C GLY D 1749 37.65 16.03 21.30
N ASN D 1750 38.58 15.31 20.64
CA ASN D 1750 38.57 15.06 19.18
C ASN D 1750 37.69 13.84 18.84
N LEU D 1751 37.35 12.99 19.83
CA LEU D 1751 36.65 11.70 19.57
C LEU D 1751 35.30 11.66 20.30
N ILE D 1752 34.62 12.80 20.43
CA ILE D 1752 33.27 12.90 21.06
C ILE D 1752 32.24 13.13 19.95
N LYS D 1753 32.15 14.36 19.43
CA LYS D 1753 31.20 14.76 18.36
C LYS D 1753 31.98 15.02 17.06
N ASP D 1754 31.32 14.90 15.90
CA ASP D 1754 31.91 15.15 14.56
C ASP D 1754 31.88 16.66 14.26
N LYS D 1755 30.82 17.35 14.64
CA LYS D 1755 30.54 18.77 14.28
C LYS D 1755 31.35 19.72 15.16
N GLU D 1756 31.50 19.41 16.45
CA GLU D 1756 32.25 20.27 17.42
C GLU D 1756 33.30 19.43 18.17
N TRP D 1757 34.54 19.93 18.24
CA TRP D 1757 35.60 19.46 19.17
C TRP D 1757 35.45 20.20 20.50
N TYR D 1758 35.90 19.59 21.60
CA TYR D 1758 35.75 20.11 22.99
C TYR D 1758 37.13 20.24 23.64
N THR D 1759 37.39 21.35 24.35
CA THR D 1759 38.58 21.55 25.21
C THR D 1759 38.29 20.90 26.57
N VAL D 1760 39.29 20.28 27.19
CA VAL D 1760 39.14 19.40 28.38
C VAL D 1760 39.85 20.00 29.60
N HIS D 1761 39.29 19.78 30.78
CA HIS D 1761 39.84 20.18 32.11
C HIS D 1761 39.91 18.96 33.04
N TYR D 1762 40.65 19.07 34.15
CA TYR D 1762 40.88 17.99 35.13
C TYR D 1762 40.91 18.57 36.55
N LEU D 1763 40.24 17.90 37.49
CA LEU D 1763 40.14 18.32 38.92
C LEU D 1763 41.54 18.27 39.57
N LYS D 1764 42.19 17.10 39.49
CA LYS D 1764 43.56 16.84 40.01
C LYS D 1764 44.45 16.40 38.83
N GLN D 1765 45.76 16.34 39.06
CA GLN D 1765 46.76 15.83 38.08
C GLN D 1765 46.41 14.37 37.74
N ILE D 1766 46.43 14.04 36.45
CA ILE D 1766 46.07 12.70 35.90
C ILE D 1766 47.34 11.82 35.86
N LEU D 1767 48.51 12.44 35.79
CA LEU D 1767 49.83 11.77 35.64
C LEU D 1767 50.30 11.22 36.99
N SER D 1768 49.67 10.13 37.45
CA SER D 1768 50.13 9.29 38.59
C SER D 1768 51.05 8.20 38.04
N GLY D 1769 51.95 7.68 38.89
CA GLY D 1769 53.02 6.74 38.50
C GLY D 1769 52.89 5.36 39.12
N GLY D 1770 52.11 5.22 40.20
CA GLY D 1770 51.87 3.92 40.85
C GLY D 1770 51.09 4.01 42.15
N HIS D 1771 51.15 2.95 42.96
CA HIS D 1771 50.37 2.73 44.21
C HIS D 1771 51.25 3.00 45.43
N LYS D 1772 52.52 3.40 45.20
CA LYS D 1772 53.50 3.79 46.25
C LYS D 1772 53.45 5.30 46.46
N ALA D 1773 52.72 6.01 45.58
CA ALA D 1773 52.86 7.46 45.31
C ALA D 1773 51.57 8.21 45.61
N ILE D 1774 50.89 7.87 46.71
CA ILE D 1774 49.50 8.34 47.00
C ILE D 1774 49.59 9.71 47.69
N ASN D 1778 49.06 13.57 45.67
CA ASN D 1778 48.07 14.61 46.06
C ASN D 1778 48.78 15.97 46.25
N ALA D 1779 49.84 15.98 47.06
CA ALA D 1779 50.64 17.18 47.43
C ALA D 1779 50.97 18.02 46.19
N THR D 1780 51.47 17.37 45.14
CA THR D 1780 51.91 18.01 43.86
C THR D 1780 50.70 18.29 42.96
N SER D 1781 49.57 17.63 43.21
CA SER D 1781 48.29 17.83 42.46
C SER D 1781 47.54 19.05 43.01
N GLU D 1782 47.71 19.35 44.30
CA GLU D 1782 47.06 20.51 44.97
C GLU D 1782 47.71 21.82 44.50
N GLN D 1783 49.01 22.00 44.75
CA GLN D 1783 49.75 23.28 44.56
C GLN D 1783 49.30 23.98 43.26
N ASN D 1784 49.56 23.35 42.11
CA ASN D 1784 49.29 23.91 40.75
C ASN D 1784 47.87 24.51 40.68
N ILE D 1785 46.90 23.90 41.38
CA ILE D 1785 45.49 24.39 41.46
C ILE D 1785 45.52 25.83 42.00
N ALA D 1786 46.31 26.09 43.05
CA ALA D 1786 46.46 27.42 43.70
C ALA D 1786 47.01 28.42 42.66
N PHE D 1787 48.05 28.03 41.92
CA PHE D 1787 48.67 28.85 40.84
C PHE D 1787 47.60 29.18 39.79
N GLU D 1788 47.00 28.15 39.18
CA GLU D 1788 45.90 28.30 38.19
C GLU D 1788 44.88 29.31 38.74
N CYS D 1789 44.31 29.01 39.91
CA CYS D 1789 43.28 29.82 40.62
C CYS D 1789 43.64 31.32 40.58
N PHE D 1790 44.75 31.68 41.23
CA PHE D 1790 45.14 33.10 41.47
C PHE D 1790 45.57 33.75 40.15
N LYS D 1791 46.27 33.01 39.27
CA LYS D 1791 46.57 33.48 37.90
C LYS D 1791 45.26 33.90 37.22
N LEU D 1792 44.27 32.98 37.19
CA LEU D 1792 42.90 33.24 36.66
C LEU D 1792 42.32 34.50 37.32
N ILE D 1793 42.18 34.48 38.65
CA ILE D 1793 41.52 35.58 39.42
C ILE D 1793 42.18 36.92 39.08
N THR D 1794 43.49 37.05 39.28
CA THR D 1794 44.26 38.31 39.08
C THR D 1794 43.97 38.90 37.70
N HIS D 1795 43.93 38.04 36.66
CA HIS D 1795 43.71 38.48 35.25
C HIS D 1795 42.23 38.78 35.00
N PHE D 1796 41.32 37.93 35.47
CA PHE D 1796 39.84 38.18 35.40
C PHE D 1796 39.54 39.55 36.02
N ALA D 1797 40.18 39.85 37.15
CA ALA D 1797 40.01 41.10 37.94
C ALA D 1797 40.54 42.30 37.15
N ASP D 1798 41.73 42.19 36.55
CA ASP D 1798 42.42 43.33 35.88
C ASP D 1798 41.96 43.43 34.41
N SER D 1799 41.16 42.47 33.92
CA SER D 1799 40.68 42.41 32.52
C SER D 1799 39.27 42.99 32.39
N PHE D 1800 38.34 42.61 33.27
CA PHE D 1800 36.88 42.89 33.14
C PHE D 1800 36.38 43.84 34.24
N ILE D 1801 36.81 43.66 35.49
CA ILE D 1801 36.34 44.48 36.66
C ILE D 1801 36.97 45.87 36.55
N ASP D 1802 36.21 46.91 36.93
CA ASP D 1802 36.65 48.34 36.94
C ASP D 1802 37.90 48.48 37.81
N SER D 1803 38.88 49.25 37.33
CA SER D 1803 40.21 49.48 37.97
C SER D 1803 40.03 50.00 39.41
N LEU D 1804 39.09 50.92 39.62
CA LEU D 1804 38.87 51.65 40.90
C LEU D 1804 38.60 50.64 42.03
N SER D 1805 37.65 49.72 41.83
CA SER D 1805 37.20 48.72 42.83
C SER D 1805 37.65 47.31 42.40
N ARG D 1806 38.94 47.01 42.56
CA ARG D 1806 39.56 45.70 42.21
C ARG D 1806 40.04 44.98 43.47
N SER D 1807 40.58 45.72 44.45
CA SER D 1807 41.06 45.19 45.76
C SER D 1807 39.89 44.55 46.52
N ALA D 1808 38.77 45.28 46.63
CA ALA D 1808 37.53 44.84 47.30
C ALA D 1808 37.06 43.51 46.70
N PHE D 1809 36.97 43.45 45.37
CA PHE D 1809 36.60 42.24 44.59
C PHE D 1809 37.49 41.07 45.04
N LEU D 1810 38.82 41.22 44.88
CA LEU D 1810 39.84 40.21 45.27
C LEU D 1810 39.59 39.77 46.72
N GLN D 1811 39.45 40.73 47.64
CA GLN D 1811 39.27 40.49 49.09
C GLN D 1811 37.99 39.67 49.33
N LEU D 1812 36.92 39.99 48.59
CA LEU D 1812 35.64 39.23 48.65
C LEU D 1812 35.86 37.81 48.11
N ILE D 1813 36.56 37.69 46.98
CA ILE D 1813 36.82 36.39 46.30
C ILE D 1813 37.64 35.48 47.23
N ILE D 1814 38.76 35.96 47.76
CA ILE D 1814 39.73 35.17 48.56
C ILE D 1814 39.00 34.46 49.71
N ASP D 1815 38.15 35.18 50.46
CA ASP D 1815 37.53 34.71 51.72
C ASP D 1815 36.45 33.66 51.40
N GLU D 1816 35.27 34.11 50.92
CA GLU D 1816 34.09 33.24 50.68
C GLU D 1816 34.00 32.90 49.18
N PHE D 1817 34.90 32.03 48.71
CA PHE D 1817 34.86 31.37 47.37
C PHE D 1817 35.67 30.08 47.42
N SER D 1818 35.62 29.29 46.34
CA SER D 1818 36.33 27.98 46.21
C SER D 1818 36.57 27.66 44.74
N TYR D 1819 37.82 27.39 44.37
CA TYR D 1819 38.25 27.00 43.00
C TYR D 1819 38.50 25.49 42.94
N LYS D 1820 37.74 24.78 42.10
CA LYS D 1820 37.85 23.29 41.91
C LYS D 1820 37.73 22.60 43.27
N ASP D 1821 36.72 22.98 44.07
CA ASP D 1821 36.30 22.33 45.34
C ASP D 1821 37.35 22.55 46.44
N VAL D 1822 38.23 23.56 46.30
CA VAL D 1822 39.22 23.96 47.34
C VAL D 1822 39.03 25.46 47.64
N LYS D 1823 38.97 25.83 48.92
CA LYS D 1823 38.73 27.23 49.38
C LYS D 1823 39.92 28.11 49.00
N VAL D 1824 39.64 29.26 48.36
CA VAL D 1824 40.66 30.19 47.78
C VAL D 1824 41.61 30.65 48.89
N SER D 1825 41.11 30.77 50.12
CA SER D 1825 41.91 31.08 51.34
C SER D 1825 43.00 30.01 51.54
N LYS D 1826 42.62 28.73 51.47
CA LYS D 1826 43.54 27.57 51.65
C LYS D 1826 44.62 27.62 50.56
N LEU D 1827 44.21 27.92 49.33
CA LEU D 1827 45.10 28.05 48.15
C LEU D 1827 46.05 29.23 48.35
N TYR D 1828 45.53 30.37 48.84
CA TYR D 1828 46.32 31.58 49.19
C TYR D 1828 47.36 31.21 50.27
N ASP D 1829 46.93 30.45 51.29
CA ASP D 1829 47.83 29.95 52.37
C ASP D 1829 48.89 29.04 51.75
N ILE D 1830 48.50 28.15 50.82
CA ILE D 1830 49.44 27.26 50.06
C ILE D 1830 50.45 28.13 49.30
N ILE D 1831 49.99 29.22 48.67
CA ILE D 1831 50.89 30.16 47.93
C ILE D 1831 51.84 30.86 48.92
N LYS D 1832 51.30 31.38 50.03
CA LYS D 1832 52.03 32.16 51.06
C LYS D 1832 53.08 31.26 51.75
N ASN D 1833 52.75 29.97 51.96
CA ASN D 1833 53.64 28.98 52.62
C ASN D 1833 54.62 28.38 51.61
N GLY D 1834 54.51 28.74 50.32
CA GLY D 1834 55.37 28.25 49.23
C GLY D 1834 56.69 28.99 49.15
N TYR D 1835 57.59 28.53 48.29
CA TYR D 1835 58.97 29.04 48.11
C TYR D 1835 59.12 29.71 46.74
N ASN D 1836 58.01 30.05 46.08
CA ASN D 1836 57.97 30.74 44.76
C ASN D 1836 56.95 31.87 44.83
N ARG D 1837 56.94 32.62 45.94
CA ARG D 1837 56.06 33.79 46.18
C ARG D 1837 56.37 34.89 45.16
N THR D 1838 57.61 34.91 44.66
CA THR D 1838 58.14 35.86 43.65
C THR D 1838 57.31 35.80 42.35
N ASP D 1839 56.56 34.71 42.15
CA ASP D 1839 55.65 34.53 41.00
C ASP D 1839 54.39 35.38 41.18
N PHE D 1840 53.99 35.66 42.43
CA PHE D 1840 52.72 36.34 42.79
C PHE D 1840 52.98 37.61 43.61
N ILE D 1841 53.98 38.39 43.21
CA ILE D 1841 54.40 39.66 43.88
C ILE D 1841 53.23 40.64 43.90
N PRO D 1842 52.61 40.99 42.73
CA PRO D 1842 51.52 41.96 42.72
C PRO D 1842 50.31 41.52 43.54
N LEU D 1843 50.03 40.21 43.59
CA LEU D 1843 48.96 39.60 44.42
C LEU D 1843 49.26 39.86 45.91
N LEU D 1844 50.48 39.54 46.33
CA LEU D 1844 50.91 39.64 47.76
C LEU D 1844 50.91 41.12 48.21
N PHE D 1845 51.38 42.03 47.35
CA PHE D 1845 51.42 43.49 47.63
C PHE D 1845 50.00 44.03 47.87
N ARG D 1846 49.02 43.56 47.10
CA ARG D 1846 47.63 44.07 47.11
C ARG D 1846 46.88 43.63 48.38
N THR D 1847 47.26 42.48 48.96
CA THR D 1847 46.68 41.92 50.21
C THR D 1847 47.51 42.36 51.43
N GLY D 1848 48.81 42.61 51.23
CA GLY D 1848 49.73 43.06 52.29
C GLY D 1848 50.49 41.91 52.91
N ASP D 1849 50.98 41.00 52.07
CA ASP D 1849 51.68 39.74 52.46
C ASP D 1849 53.03 39.68 51.72
N LEU D 1850 53.53 40.83 51.27
CA LEU D 1850 54.82 40.97 50.54
C LEU D 1850 55.85 41.60 51.48
N ARG D 1851 56.94 40.87 51.77
CA ARG D 1851 58.10 41.33 52.59
C ARG D 1851 59.34 41.40 51.71
N GLN D 1852 60.42 41.98 52.23
CA GLN D 1852 61.66 42.34 51.48
C GLN D 1852 62.34 41.08 50.93
N ALA D 1853 62.31 39.98 51.69
CA ALA D 1853 62.91 38.66 51.33
C ALA D 1853 62.48 38.25 49.92
N ASP D 1854 61.19 38.44 49.59
CA ASP D 1854 60.58 38.09 48.29
C ASP D 1854 61.19 38.96 47.18
N LEU D 1855 61.21 40.28 47.38
CA LEU D 1855 61.78 41.28 46.43
C LEU D 1855 63.26 40.97 46.20
N ASP D 1856 64.02 40.75 47.28
CA ASP D 1856 65.46 40.41 47.25
C ASP D 1856 65.69 39.12 46.44
N LYS D 1857 64.82 38.11 46.62
CA LYS D 1857 64.88 36.83 45.86
C LYS D 1857 64.57 37.12 44.39
N TYR D 1858 63.41 37.73 44.10
CA TYR D 1858 62.94 38.10 42.73
C TYR D 1858 64.04 38.85 41.98
N ASP D 1859 64.69 39.83 42.64
CA ASP D 1859 65.78 40.64 42.04
C ASP D 1859 66.99 39.75 41.76
N ALA D 1860 67.22 38.72 42.60
CA ALA D 1860 68.34 37.75 42.47
C ALA D 1860 68.04 36.73 41.37
N MET D 1861 66.76 36.46 41.08
CA MET D 1861 66.31 35.54 40.00
C MET D 1861 66.70 36.13 38.64
N LYS D 1862 66.27 37.37 38.35
CA LYS D 1862 66.55 38.09 37.08
C LYS D 1862 67.51 39.25 37.36
N ARG D 2003 68.13 46.56 46.42
CA ARG D 2003 67.95 47.65 45.43
C ARG D 2003 66.46 48.04 45.34
N ILE D 2004 65.66 47.70 46.37
CA ILE D 2004 64.18 47.87 46.40
C ILE D 2004 63.74 48.15 47.86
N LEU D 2005 62.62 48.85 48.03
CA LEU D 2005 61.96 49.09 49.35
C LEU D 2005 60.45 48.91 49.22
N ILE D 2006 59.77 48.58 50.33
CA ILE D 2006 58.30 48.37 50.41
C ILE D 2006 57.60 49.71 50.11
N ARG D 2007 58.05 50.78 50.78
CA ARG D 2007 57.48 52.15 50.66
C ARG D 2007 57.68 52.68 49.23
N SER D 2008 58.78 52.26 48.57
CA SER D 2008 59.07 52.55 47.13
C SER D 2008 57.91 52.02 46.28
N LEU D 2009 57.53 50.74 46.49
CA LEU D 2009 56.35 50.10 45.84
C LEU D 2009 55.09 50.83 46.27
N ASP D 2010 54.99 51.17 47.56
CA ASP D 2010 53.80 51.85 48.16
C ASP D 2010 53.57 53.20 47.46
N TYR D 2011 54.65 53.89 47.04
CA TYR D 2011 54.58 55.18 46.30
C TYR D 2011 54.40 54.95 44.80
N LEU D 2012 55.23 54.09 44.20
CA LEU D 2012 55.29 53.87 42.72
C LEU D 2012 53.91 53.44 42.19
N ASN D 2013 53.24 52.52 42.88
CA ASN D 2013 51.95 51.90 42.45
C ASN D 2013 50.78 52.60 43.15
N ASN D 2014 50.70 53.93 43.04
CA ASN D 2014 49.58 54.77 43.54
C ASN D 2014 48.66 55.17 42.37
N ASP D 2015 49.12 54.99 41.12
CA ASP D 2015 48.37 55.33 39.88
C ASP D 2015 48.24 54.10 38.97
N ILE D 2016 48.74 52.93 39.40
CA ILE D 2016 48.62 51.64 38.66
C ILE D 2016 47.66 50.73 39.42
N PHE D 2017 46.41 50.62 38.95
CA PHE D 2017 45.33 49.80 39.56
C PHE D 2017 45.12 48.52 38.74
N SER D 2018 45.96 47.50 38.99
CA SER D 2018 45.84 46.12 38.43
C SER D 2018 46.44 45.11 39.40
N LEU D 2019 45.83 43.93 39.53
CA LEU D 2019 46.25 42.84 40.45
C LEU D 2019 47.25 41.92 39.74
N SER D 2020 47.47 42.12 38.44
CA SER D 2020 48.32 41.28 37.56
C SER D 2020 49.68 41.96 37.29
N ARG D 2021 49.87 43.18 37.80
CA ARG D 2021 50.98 44.07 37.37
C ARG D 2021 51.22 45.17 38.44
N ILE D 2022 52.45 45.28 38.95
CA ILE D 2022 52.92 46.40 39.82
C ILE D 2022 54.34 46.82 39.38
N LYS D 2023 54.62 48.12 39.35
CA LYS D 2023 55.96 48.69 39.07
C LYS D 2023 56.89 48.37 40.23
N VAL D 2024 58.01 47.68 39.97
CA VAL D 2024 59.08 47.35 40.96
C VAL D 2024 60.34 48.15 40.62
N GLY D 2025 60.21 49.17 39.78
CA GLY D 2025 61.30 50.10 39.40
C GLY D 2025 60.79 51.33 38.68
N LEU D 2026 61.58 51.87 37.75
CA LEU D 2026 61.23 53.07 36.94
C LEU D 2026 60.32 52.67 35.78
N ASP D 2027 60.62 51.54 35.12
CA ASP D 2027 59.86 51.03 33.94
C ASP D 2027 59.73 49.50 33.97
N GLU D 2028 60.04 48.85 35.10
CA GLU D 2028 59.98 47.36 35.24
C GLU D 2028 58.74 46.99 36.06
N PHE D 2029 57.74 46.41 35.40
CA PHE D 2029 56.45 45.94 35.98
C PHE D 2029 56.62 44.48 36.43
N ALA D 2030 55.76 44.02 37.34
CA ALA D 2030 55.75 42.65 37.90
C ALA D 2030 54.90 41.73 37.01
N THR D 2031 55.19 40.43 37.05
CA THR D 2031 54.52 39.37 36.24
C THR D 2031 53.65 38.49 37.15
N ILE D 2032 52.44 38.14 36.69
CA ILE D 2032 51.53 37.18 37.37
C ILE D 2032 51.37 35.91 36.52
N LYS D 2033 51.83 35.95 35.26
CA LYS D 2033 51.78 34.82 34.28
C LYS D 2033 50.33 34.44 34.00
N LYS D 2034 49.76 34.99 32.91
CA LYS D 2034 48.34 34.81 32.51
C LYS D 2034 48.06 33.32 32.25
N ALA D 2035 46.92 32.82 32.75
CA ALA D 2035 46.37 31.47 32.46
C ALA D 2035 45.19 31.62 31.48
N HIS D 2036 44.74 30.52 30.90
CA HIS D 2036 43.58 30.48 29.95
C HIS D 2036 42.29 30.81 30.72
N PHE D 2037 41.28 31.36 30.04
CA PHE D 2037 40.03 31.89 30.65
C PHE D 2037 38.87 30.90 30.49
N SER D 2038 39.13 29.65 30.09
CA SER D 2038 38.13 28.57 29.93
C SER D 2038 37.96 27.82 31.26
N LYS D 2039 38.63 28.28 32.32
CA LYS D 2039 38.75 27.60 33.63
C LYS D 2039 37.85 28.27 34.67
N MET D 2040 37.29 29.45 34.35
CA MET D 2040 36.56 30.32 35.32
C MET D 2040 35.24 29.66 35.76
N VAL D 2041 34.77 28.65 35.01
CA VAL D 2041 33.56 27.84 35.32
C VAL D 2041 33.77 27.07 36.62
N SER D 2042 35.03 26.74 36.97
CA SER D 2042 35.42 25.91 38.14
C SER D 2042 35.48 26.75 39.43
N PHE D 2043 34.83 27.92 39.43
CA PHE D 2043 34.66 28.81 40.63
C PHE D 2043 33.23 28.68 41.15
N GLU D 2044 33.07 28.55 42.47
CA GLU D 2044 31.79 28.35 43.19
C GLU D 2044 31.80 29.17 44.48
N GLY D 2045 30.99 30.23 44.54
CA GLY D 2045 30.86 31.12 45.70
C GLY D 2045 29.52 31.86 45.72
N PRO D 2046 29.18 32.56 46.82
CA PRO D 2046 27.96 33.35 46.88
C PRO D 2046 27.97 34.48 45.86
N PRO D 2047 26.79 34.95 45.40
CA PRO D 2047 26.73 36.01 44.38
C PRO D 2047 27.15 37.38 44.92
N ILE D 2048 27.96 38.10 44.14
CA ILE D 2048 28.39 39.51 44.42
C ILE D 2048 27.63 40.43 43.45
N LYS D 2049 26.70 41.22 43.98
CA LYS D 2049 25.79 42.10 43.19
C LYS D 2049 26.32 43.54 43.22
N THR D 2050 26.44 44.16 42.05
CA THR D 2050 27.08 45.49 41.84
C THR D 2050 26.11 46.40 41.06
N GLY D 2051 25.16 47.02 41.78
CA GLY D 2051 24.09 47.84 41.17
C GLY D 2051 23.07 46.98 40.46
N LEU D 2052 23.47 46.34 39.35
CA LEU D 2052 22.59 45.44 38.54
C LEU D 2052 23.33 44.14 38.19
N LEU D 2053 24.65 44.19 37.94
CA LEU D 2053 25.48 43.05 37.48
C LEU D 2053 25.76 42.10 38.65
N ASP D 2054 25.84 40.81 38.34
CA ASP D 2054 26.26 39.72 39.27
C ASP D 2054 27.57 39.11 38.74
N LEU D 2055 28.71 39.57 39.27
CA LEU D 2055 30.07 39.25 38.74
C LEU D 2055 30.32 37.74 38.79
N THR D 2056 29.72 37.03 39.76
CA THR D 2056 29.74 35.55 39.86
C THR D 2056 29.21 34.95 38.55
N GLU D 2057 28.10 35.48 38.03
CA GLU D 2057 27.47 35.02 36.78
C GLU D 2057 28.32 35.44 35.58
N LEU D 2058 29.12 36.51 35.70
CA LEU D 2058 30.12 36.92 34.68
C LEU D 2058 31.27 35.91 34.67
N MET D 2059 31.69 35.45 35.85
CA MET D 2059 32.66 34.34 36.02
C MET D 2059 32.08 33.07 35.37
N LYS D 2060 30.81 32.75 35.69
CA LYS D 2060 30.14 31.51 35.22
C LYS D 2060 29.71 31.64 33.75
N SER D 2061 29.75 32.84 33.16
CA SER D 2061 29.36 33.10 31.75
C SER D 2061 30.40 32.47 30.80
N GLN D 2062 29.98 32.13 29.58
CA GLN D 2062 30.81 31.48 28.54
C GLN D 2062 31.19 32.49 27.45
N ASP D 2063 30.19 33.25 26.97
CA ASP D 2063 30.27 34.08 25.74
C ASP D 2063 30.97 35.41 26.03
N LEU D 2064 30.72 36.01 27.21
CA LEU D 2064 31.18 37.38 27.57
C LEU D 2064 32.49 37.31 28.36
N LEU D 2065 33.36 36.35 28.03
CA LEU D 2065 34.71 36.18 28.65
C LEU D 2065 35.81 36.25 27.57
N ASN D 2066 35.45 36.51 26.32
CA ASN D 2066 36.42 36.66 25.19
C ASN D 2066 37.21 37.95 25.43
N LEU D 2067 38.50 37.95 25.04
CA LEU D 2067 39.39 39.14 25.13
C LEU D 2067 39.43 39.84 23.77
N ASN D 2068 38.33 39.77 23.01
CA ASN D 2068 38.14 40.44 21.70
C ASN D 2068 36.98 41.43 21.82
N TYR D 2069 37.24 42.72 21.59
CA TYR D 2069 36.26 43.83 21.65
C TYR D 2069 35.06 43.53 20.75
N ASP D 2070 35.34 43.18 19.48
CA ASP D 2070 34.32 42.99 18.41
C ASP D 2070 33.40 41.81 18.77
N ASN D 2071 33.96 40.68 19.24
CA ASN D 2071 33.21 39.46 19.60
C ASN D 2071 32.17 39.78 20.69
N ILE D 2072 32.56 40.59 21.69
CA ILE D 2072 31.67 40.99 22.83
C ILE D 2072 30.72 42.09 22.35
N ARG D 2073 31.18 43.03 21.52
CA ARG D 2073 30.34 44.14 20.99
C ARG D 2073 29.21 43.54 20.13
N ASN D 2074 29.54 42.56 19.28
CA ASN D 2074 28.60 41.90 18.34
C ASN D 2074 28.16 40.55 18.92
N SER D 2075 27.75 40.54 20.19
CA SER D 2075 27.22 39.35 20.91
C SER D 2075 25.72 39.53 21.18
N ASN D 2076 25.05 38.46 21.63
CA ASN D 2076 23.57 38.38 21.75
C ASN D 2076 23.15 38.85 23.16
N LEU D 2077 21.90 39.33 23.27
CA LEU D 2077 21.27 39.79 24.54
C LEU D 2077 20.94 38.57 25.42
N ILE D 2078 20.66 37.42 24.79
CA ILE D 2078 20.38 36.13 25.50
C ILE D 2078 21.60 35.77 26.35
N SER D 2079 22.80 36.06 25.85
CA SER D 2079 24.11 35.81 26.51
C SER D 2079 24.27 36.73 27.73
N PHE D 2080 23.93 38.02 27.58
CA PHE D 2080 24.11 39.09 28.59
C PHE D 2080 23.03 39.01 29.67
N SER D 2081 21.82 38.58 29.29
CA SER D 2081 20.59 38.55 30.13
C SER D 2081 20.79 37.71 31.39
N LYS D 2082 21.87 36.91 31.46
CA LYS D 2082 22.22 36.08 32.65
C LYS D 2082 22.87 36.95 33.73
N LEU D 2083 23.40 38.12 33.37
CA LEU D 2083 24.21 39.00 34.26
C LEU D 2083 23.35 40.18 34.74
N ILE D 2084 22.31 39.90 35.52
CA ILE D 2084 21.34 40.93 36.00
C ILE D 2084 20.63 40.41 37.26
N CYS D 2085 20.52 41.25 38.29
CA CYS D 2085 19.61 41.07 39.46
C CYS D 2085 18.95 42.41 39.80
N CYS D 2086 19.78 43.43 40.10
CA CYS D 2086 19.43 44.88 40.13
C CYS D 2086 18.68 45.27 41.41
N GLU D 2087 17.99 44.33 42.06
CA GLU D 2087 17.22 44.55 43.32
C GLU D 2087 16.58 45.95 43.27
N GLY D 2088 15.97 46.29 42.14
CA GLY D 2088 15.40 47.63 41.86
C GLY D 2088 16.50 48.68 41.76
N SER D 2089 17.30 48.63 40.70
CA SER D 2089 18.32 49.65 40.33
C SER D 2089 17.65 50.79 39.55
N ASP D 2090 18.45 51.62 38.87
CA ASP D 2090 17.98 52.69 37.94
C ASP D 2090 19.17 53.25 37.16
N ASN D 2091 18.96 53.60 35.89
CA ASN D 2091 19.97 54.20 34.98
C ASN D 2091 21.09 53.18 34.72
N ILE D 2092 20.85 52.24 33.79
CA ILE D 2092 21.77 51.10 33.48
C ILE D 2092 23.17 51.63 33.18
N ASN D 2093 23.27 52.84 32.60
CA ASN D 2093 24.54 53.54 32.29
C ASN D 2093 25.39 53.62 33.56
N ASP D 2094 24.78 53.99 34.70
CA ASP D 2094 25.46 54.21 35.99
C ASP D 2094 25.94 52.87 36.56
N GLY D 2095 25.06 51.86 36.58
CA GLY D 2095 25.31 50.54 37.20
C GLY D 2095 26.47 49.79 36.56
N LEU D 2096 26.83 50.14 35.32
CA LEU D 2096 27.93 49.49 34.55
C LEU D 2096 29.28 50.14 34.86
N GLU D 2097 29.37 50.93 35.94
CA GLU D 2097 30.62 51.61 36.40
C GLU D 2097 31.64 50.56 36.87
N PHE D 2098 31.19 49.35 37.21
CA PHE D 2098 32.01 48.25 37.79
C PHE D 2098 32.51 47.32 36.68
N LEU D 2099 32.93 47.90 35.55
CA LEU D 2099 33.54 47.20 34.39
C LEU D 2099 34.79 47.97 33.95
N SER D 2100 35.82 47.25 33.50
CA SER D 2100 37.15 47.81 33.12
C SER D 2100 37.01 48.85 32.01
N ASP D 2101 37.34 50.11 32.31
CA ASP D 2101 37.35 51.23 31.34
C ASP D 2101 38.75 51.33 30.69
N ASP D 2102 39.47 50.20 30.62
CA ASP D 2102 40.79 50.06 29.97
C ASP D 2102 40.59 49.45 28.58
N PRO D 2103 41.45 49.76 27.58
CA PRO D 2103 41.26 49.29 26.21
C PRO D 2103 41.36 47.76 26.08
N MET D 2104 40.65 47.20 25.09
CA MET D 2104 40.61 45.74 24.78
C MET D 2104 41.41 45.46 23.50
N ASN D 2105 41.61 44.18 23.17
CA ASN D 2105 42.40 43.70 22.02
C ASN D 2105 41.46 43.20 20.91
N PHE D 2106 41.54 43.81 19.73
CA PHE D 2106 40.78 43.40 18.50
C PHE D 2106 41.73 42.66 17.56
N THR D 2107 41.17 41.78 16.72
CA THR D 2107 41.91 40.97 15.71
C THR D 2107 41.80 41.65 14.35
N GLU D 2108 42.92 42.14 13.80
CA GLU D 2108 42.99 42.78 12.46
C GLU D 2108 43.56 41.76 11.46
N GLY D 2109 43.11 41.84 10.20
CA GLY D 2109 43.55 40.97 9.10
C GLY D 2109 44.04 41.77 7.91
N GLU D 2110 45.05 41.26 7.21
CA GLU D 2110 45.60 41.88 5.96
C GLU D 2110 45.92 40.80 4.93
N ALA D 2111 45.73 41.13 3.65
CA ALA D 2111 46.14 40.32 2.47
C ALA D 2111 47.66 40.29 2.39
N ILE D 2112 48.24 39.20 1.87
CA ILE D 2112 49.72 38.96 1.92
C ILE D 2112 50.37 39.24 0.57
N HIS D 2113 49.60 39.39 -0.51
CA HIS D 2113 50.08 39.68 -1.88
C HIS D 2113 51.00 38.54 -2.37
N SER D 2114 50.51 37.31 -2.23
CA SER D 2114 51.12 36.09 -2.81
C SER D 2114 50.29 35.66 -4.02
N THR D 2115 50.78 34.68 -4.80
CA THR D 2115 50.03 34.03 -5.91
C THR D 2115 48.84 33.27 -5.32
N PRO D 2116 49.04 32.41 -4.29
CA PRO D 2116 47.94 31.93 -3.47
C PRO D 2116 47.58 33.03 -2.46
N ILE D 2117 46.70 33.96 -2.85
CA ILE D 2117 46.39 35.18 -2.04
C ILE D 2117 45.49 34.80 -0.86
N PHE D 2118 45.94 35.10 0.36
CA PHE D 2118 45.24 34.84 1.64
C PHE D 2118 45.42 36.05 2.57
N ASN D 2119 44.56 36.10 3.60
CA ASN D 2119 44.60 37.15 4.66
C ASN D 2119 45.15 36.52 5.95
N ILE D 2120 46.16 37.17 6.55
CA ILE D 2120 46.61 36.84 7.94
C ILE D 2120 45.81 37.72 8.90
N TYR D 2121 45.28 37.11 9.97
CA TYR D 2121 44.60 37.80 11.11
C TYR D 2121 45.48 37.66 12.35
N TYR D 2122 45.66 38.76 13.09
CA TYR D 2122 46.47 38.83 14.34
C TYR D 2122 45.83 39.79 15.34
N SER D 2123 46.30 39.72 16.59
CA SER D 2123 45.77 40.47 17.77
C SER D 2123 46.50 41.81 17.91
N LYS D 2124 45.75 42.92 17.90
CA LYS D 2124 46.26 44.30 18.15
C LYS D 2124 45.72 44.79 19.50
N ARG D 2125 46.07 46.01 19.91
CA ARG D 2125 45.73 46.58 21.25
C ARG D 2125 44.65 47.66 21.11
N GLY D 2126 44.07 47.83 19.92
CA GLY D 2126 43.01 48.82 19.65
C GLY D 2126 43.48 50.24 19.90
N GLU D 2127 42.58 51.11 20.39
CA GLU D 2127 42.88 52.53 20.73
C GLU D 2127 42.55 52.78 22.21
N ARG D 2128 41.46 53.50 22.51
CA ARG D 2128 41.10 53.96 23.88
C ARG D 2128 39.59 53.79 24.10
N HIS D 2129 38.75 54.28 23.18
CA HIS D 2129 37.26 54.22 23.26
C HIS D 2129 36.77 52.77 23.13
N MET D 2130 37.68 51.82 22.86
CA MET D 2130 37.40 50.37 22.80
C MET D 2130 37.66 49.73 24.17
N THR D 2131 36.87 50.12 25.18
CA THR D 2131 36.89 49.57 26.57
C THR D 2131 35.83 48.47 26.69
N TYR D 2132 35.85 47.72 27.79
CA TYR D 2132 34.89 46.62 28.09
C TYR D 2132 33.50 47.21 28.30
N ARG D 2133 33.41 48.37 28.96
CA ARG D 2133 32.15 49.12 29.22
C ARG D 2133 31.44 49.41 27.89
N ASN D 2134 32.11 50.15 27.00
CA ASN D 2134 31.56 50.65 25.70
C ASN D 2134 31.03 49.46 24.90
N ALA D 2135 31.77 48.34 24.88
CA ALA D 2135 31.37 47.07 24.22
C ALA D 2135 30.01 46.64 24.75
N ILE D 2136 29.93 46.41 26.07
CA ILE D 2136 28.68 45.99 26.79
C ILE D 2136 27.57 46.98 26.44
N LYS D 2137 27.83 48.29 26.55
CA LYS D 2137 26.83 49.36 26.28
C LYS D 2137 26.31 49.21 24.84
N LEU D 2138 27.22 49.16 23.87
CA LEU D 2138 26.88 49.06 22.42
C LEU D 2138 26.10 47.76 22.16
N LEU D 2139 26.50 46.65 22.80
CA LEU D 2139 25.74 45.37 22.77
C LEU D 2139 24.31 45.64 23.25
N ILE D 2140 24.19 46.16 24.47
CA ILE D 2140 22.89 46.48 25.14
C ILE D 2140 22.04 47.28 24.16
N GLU D 2141 22.54 48.43 23.68
CA GLU D 2141 21.82 49.35 22.76
C GLU D 2141 21.34 48.58 21.52
N ARG D 2142 22.27 48.01 20.75
CA ARG D 2142 21.98 47.33 19.46
C ARG D 2142 20.97 46.20 19.69
N GLU D 2143 21.17 45.38 20.73
CA GLU D 2143 20.38 44.13 20.94
C GLU D 2143 19.01 44.44 21.57
N THR D 2144 18.92 45.45 22.44
CA THR D 2144 17.67 45.85 23.14
C THR D 2144 16.70 46.47 22.12
N LYS D 2145 17.21 47.29 21.19
CA LYS D 2145 16.42 47.92 20.10
C LYS D 2145 15.63 46.84 19.35
N ILE D 2146 16.26 45.68 19.11
CA ILE D 2146 15.68 44.51 18.37
C ILE D 2146 14.63 43.83 19.27
N PHE D 2147 14.88 43.74 20.58
CA PHE D 2147 13.97 43.10 21.56
C PHE D 2147 12.71 43.94 21.75
N GLU D 2148 12.86 45.27 21.82
CA GLU D 2148 11.75 46.24 22.02
C GLU D 2148 10.69 46.05 20.93
N GLU D 2149 11.11 46.13 19.67
CA GLU D 2149 10.21 46.12 18.47
C GLU D 2149 9.57 44.74 18.29
N ALA D 2150 10.12 43.70 18.93
CA ALA D 2150 9.61 42.30 18.87
C ALA D 2150 8.56 42.05 19.96
N PHE D 2151 8.53 42.91 21.00
CA PHE D 2151 7.65 42.75 22.19
C PHE D 2151 6.77 44.00 22.37
N THR D 2152 6.50 44.72 21.28
CA THR D 2152 5.61 45.92 21.27
C THR D 2152 4.15 45.47 21.48
N PHE D 2153 3.68 44.53 20.64
CA PHE D 2153 2.30 43.96 20.67
C PHE D 2153 1.26 45.07 20.46
N SER D 2154 1.66 46.18 19.82
CA SER D 2154 0.84 47.39 19.56
C SER D 2154 1.67 48.40 18.74
N GLU D 2155 1.04 49.48 18.27
CA GLU D 2155 1.70 50.57 17.50
C GLU D 2155 1.97 51.74 18.45
N ASN D 2156 2.83 51.51 19.46
CA ASN D 2156 3.21 52.49 20.51
C ASN D 2156 4.70 52.34 20.84
N GLY D 2157 5.10 51.19 21.41
CA GLY D 2157 6.50 50.88 21.78
C GLY D 2157 6.58 50.18 23.12
N PHE D 2158 7.50 50.65 23.99
CA PHE D 2158 7.68 50.17 25.39
C PHE D 2158 7.18 51.25 26.37
N ILE D 2159 6.42 52.22 25.84
CA ILE D 2159 5.67 53.26 26.63
C ILE D 2159 4.19 52.87 26.55
N SER D 2160 3.28 53.76 26.94
CA SER D 2160 1.80 53.60 26.87
C SER D 2160 1.36 52.50 27.84
N PRO D 2161 0.90 52.85 29.06
CA PRO D 2161 0.38 51.88 30.02
C PRO D 2161 -0.53 50.78 29.45
N GLU D 2162 -1.22 51.07 28.33
CA GLU D 2162 -2.02 50.10 27.54
C GLU D 2162 -1.14 48.92 27.10
N ASN D 2163 0.16 49.16 26.84
CA ASN D 2163 1.16 48.14 26.45
C ASN D 2163 1.89 47.63 27.70
N LEU D 2164 2.24 48.52 28.63
CA LEU D 2164 2.92 48.17 29.91
C LEU D 2164 2.05 47.16 30.68
N GLY D 2165 0.72 47.28 30.57
CA GLY D 2165 -0.24 46.29 31.10
C GLY D 2165 -0.06 44.92 30.48
N CYS D 2166 0.05 44.87 29.14
CA CYS D 2166 0.36 43.65 28.35
C CYS D 2166 1.70 43.08 28.84
N LEU D 2167 2.73 43.91 28.94
CA LEU D 2167 4.07 43.52 29.46
C LEU D 2167 3.91 42.90 30.86
N GLU D 2168 3.19 43.59 31.76
CA GLU D 2168 2.91 43.14 33.15
C GLU D 2168 2.24 41.76 33.09
N ALA D 2169 1.20 41.61 32.28
CA ALA D 2169 0.46 40.34 32.10
C ALA D 2169 1.42 39.24 31.63
N VAL D 2170 2.23 39.53 30.61
CA VAL D 2170 3.19 38.57 29.99
C VAL D 2170 4.26 38.20 31.02
N VAL D 2171 4.70 39.12 31.88
CA VAL D 2171 5.79 38.88 32.88
C VAL D 2171 5.21 38.29 34.17
N SER D 2172 3.90 38.38 34.37
CA SER D 2172 3.20 37.87 35.58
C SER D 2172 3.18 36.34 35.54
N LEU D 2173 2.55 35.77 34.51
CA LEU D 2173 2.46 34.31 34.27
C LEU D 2173 3.85 33.68 34.46
N ILE D 2174 4.90 34.37 34.00
CA ILE D 2174 6.32 33.90 34.03
C ILE D 2174 6.71 33.51 35.46
N LYS D 2175 6.11 34.15 36.47
CA LYS D 2175 6.40 33.89 37.91
C LYS D 2175 5.40 32.86 38.46
N LEU D 2176 4.20 32.75 37.88
CA LEU D 2176 3.16 31.79 38.32
C LEU D 2176 2.94 30.72 37.24
N LEU D 2177 3.93 29.84 37.09
CA LEU D 2177 3.93 28.72 36.12
C LEU D 2177 5.06 27.76 36.51
N LYS D 2178 6.09 27.60 35.67
CA LYS D 2178 7.30 26.78 35.95
C LYS D 2178 8.52 27.45 35.32
N THR D 2179 9.47 27.89 36.15
CA THR D 2179 10.73 28.55 35.71
C THR D 2179 11.65 27.49 35.06
N ASN D 2180 11.56 27.32 33.74
CA ASN D 2180 12.36 26.34 32.95
C ASN D 2180 13.70 26.97 32.59
N GLU D 2181 13.73 27.81 31.55
CA GLU D 2181 14.98 28.39 30.96
C GLU D 2181 14.62 29.43 29.90
N TRP D 2182 13.56 29.19 29.12
CA TRP D 2182 13.08 30.08 28.03
C TRP D 2182 12.39 31.31 28.63
N SER D 2183 11.49 31.10 29.60
CA SER D 2183 10.68 32.14 30.28
C SER D 2183 11.60 33.17 30.97
N THR D 2184 12.50 32.69 31.82
CA THR D 2184 13.44 33.49 32.66
C THR D 2184 14.19 34.51 31.78
N VAL D 2185 14.63 34.09 30.58
CA VAL D 2185 15.35 34.96 29.60
C VAL D 2185 14.46 36.16 29.26
N ILE D 2186 13.20 35.90 28.89
CA ILE D 2186 12.19 36.94 28.52
C ILE D 2186 12.10 37.93 29.69
N ASP D 2187 11.86 37.42 30.90
CA ASP D 2187 11.75 38.22 32.16
C ASP D 2187 12.94 39.17 32.25
N LYS D 2188 14.17 38.60 32.23
CA LYS D 2188 15.43 39.37 32.44
C LYS D 2188 15.61 40.38 31.30
N CYS D 2189 15.34 39.99 30.05
CA CYS D 2189 15.40 40.91 28.86
C CYS D 2189 14.45 42.10 29.07
N ILE D 2190 13.17 41.80 29.36
CA ILE D 2190 12.14 42.83 29.69
C ILE D 2190 12.72 43.73 30.79
N HIS D 2191 13.15 43.14 31.90
CA HIS D 2191 13.82 43.83 33.03
C HIS D 2191 14.83 44.84 32.47
N ILE D 2192 15.84 44.34 31.75
CA ILE D 2192 16.92 45.17 31.11
C ILE D 2192 16.25 46.35 30.39
N CYS D 2193 15.34 46.04 29.45
CA CYS D 2193 14.66 47.03 28.58
C CYS D 2193 13.95 48.10 29.42
N LEU D 2194 13.32 47.70 30.54
CA LEU D 2194 12.55 48.63 31.42
C LEU D 2194 13.50 49.44 32.30
N ILE D 2195 14.63 48.86 32.75
CA ILE D 2195 15.64 49.61 33.56
C ILE D 2195 16.29 50.68 32.66
N LYS D 2196 16.52 50.35 31.38
CA LYS D 2196 17.16 51.27 30.40
C LYS D 2196 16.28 52.51 30.19
N ASN D 2197 14.96 52.32 30.04
CA ASN D 2197 13.98 53.40 29.71
C ASN D 2197 13.65 54.22 30.98
N GLY D 2198 14.28 53.91 32.12
CA GLY D 2198 14.04 54.57 33.41
C GLY D 2198 12.68 54.22 33.98
N MET D 2199 12.25 52.96 33.80
CA MET D 2199 10.93 52.44 34.25
C MET D 2199 11.15 51.31 35.27
N ASP D 2200 12.27 51.34 35.99
CA ASP D 2200 12.61 50.35 37.05
C ASP D 2200 12.20 50.92 38.41
N HIS D 2201 11.06 51.63 38.45
CA HIS D 2201 10.43 52.19 39.69
C HIS D 2201 8.99 51.66 39.78
N MET D 2202 8.76 50.46 39.24
CA MET D 2202 7.41 49.85 39.08
C MET D 2202 7.52 48.36 38.70
N TYR D 2203 8.49 48.00 37.85
CA TYR D 2203 8.72 46.61 37.37
C TYR D 2203 8.65 45.61 38.53
N HIS D 2204 9.31 45.90 39.65
CA HIS D 2204 9.39 44.98 40.83
C HIS D 2204 8.04 44.95 41.57
N SER D 2205 7.24 46.02 41.45
CA SER D 2205 5.86 46.12 41.98
C SER D 2205 4.84 45.80 40.88
N PHE D 2206 5.10 44.75 40.10
CA PHE D 2206 4.24 44.25 38.99
C PHE D 2206 3.75 42.85 39.35
N ASP D 2207 2.52 42.76 39.87
CA ASP D 2207 1.84 41.47 40.19
C ASP D 2207 0.65 41.34 39.23
N VAL D 2208 -0.07 40.22 39.31
CA VAL D 2208 -1.17 39.85 38.36
C VAL D 2208 -2.21 40.96 38.38
N PRO D 2209 -2.50 41.60 37.23
CA PRO D 2209 -3.51 42.66 37.15
C PRO D 2209 -4.90 42.29 37.68
N LYS D 2210 -5.73 43.33 37.90
CA LYS D 2210 -7.11 43.22 38.46
C LYS D 2210 -8.01 42.41 37.51
N CYS D 2211 -7.79 42.49 36.21
CA CYS D 2211 -8.58 41.76 35.18
C CYS D 2211 -8.60 40.25 35.51
N PHE D 2212 -7.41 39.70 35.79
CA PHE D 2212 -7.15 38.25 36.02
C PHE D 2212 -7.53 37.84 37.45
N MET D 2213 -7.36 38.74 38.41
CA MET D 2213 -7.61 38.52 39.86
C MET D 2213 -9.06 38.90 40.19
N GLY D 2214 -9.94 37.91 40.32
CA GLY D 2214 -11.36 38.08 40.69
C GLY D 2214 -11.52 38.99 41.89
N ASN D 2215 -10.95 38.59 43.03
CA ASN D 2215 -10.91 39.38 44.30
C ASN D 2215 -9.45 39.70 44.63
N PRO D 2216 -9.11 40.98 44.90
CA PRO D 2216 -7.74 41.36 45.23
C PRO D 2216 -7.22 40.66 46.50
N ILE D 2217 -8.03 40.65 47.56
CA ILE D 2217 -7.70 40.02 48.88
C ILE D 2217 -7.63 38.51 48.69
N THR D 2218 -8.75 37.87 48.33
CA THR D 2218 -8.82 36.42 47.99
C THR D 2218 -8.02 36.19 46.71
N ARG D 2219 -6.71 35.97 46.83
CA ARG D 2219 -5.76 35.78 45.70
C ARG D 2219 -6.23 34.58 44.87
N ASP D 2220 -7.20 34.81 43.98
CA ASP D 2220 -7.75 33.83 43.01
C ASP D 2220 -7.30 34.24 41.61
N ILE D 2221 -6.92 33.26 40.78
CA ILE D 2221 -6.35 33.46 39.42
C ILE D 2221 -7.32 32.87 38.38
N ASN D 2222 -7.62 33.64 37.32
CA ASN D 2222 -8.56 33.22 36.24
C ASN D 2222 -7.74 32.64 35.08
N TRP D 2223 -7.26 31.41 35.26
CA TRP D 2223 -6.44 30.68 34.27
C TRP D 2223 -7.08 30.77 32.88
N VAL D 2224 -8.40 30.57 32.79
CA VAL D 2224 -9.19 30.71 31.53
C VAL D 2224 -8.86 32.07 30.90
N MET D 2225 -9.03 33.15 31.66
CA MET D 2225 -8.71 34.54 31.20
C MET D 2225 -7.25 34.55 30.75
N PHE D 2226 -6.31 34.26 31.67
CA PHE D 2226 -4.86 34.18 31.35
C PHE D 2226 -4.66 33.38 30.06
N ARG D 2227 -5.20 32.15 30.06
CA ARG D 2227 -5.18 31.22 28.89
C ARG D 2227 -5.60 31.98 27.64
N GLU D 2228 -6.74 32.67 27.66
CA GLU D 2228 -7.27 33.40 26.46
C GLU D 2228 -6.41 34.65 26.23
N PHE D 2229 -5.77 35.19 27.28
CA PHE D 2229 -4.81 36.32 27.15
C PHE D 2229 -3.62 35.88 26.31
N ILE D 2230 -3.10 34.67 26.56
CA ILE D 2230 -1.89 34.15 25.82
C ILE D 2230 -2.24 34.02 24.33
N ASN D 2231 -3.40 33.40 24.02
CA ASN D 2231 -3.92 33.21 22.64
C ASN D 2231 -4.10 34.58 21.98
N SER D 2232 -4.57 35.58 22.76
CA SER D 2232 -4.90 36.95 22.29
C SER D 2232 -3.63 37.79 22.09
N LEU D 2233 -2.44 37.20 22.24
CA LEU D 2233 -1.14 37.85 21.97
C LEU D 2233 -0.76 37.60 20.52
N PRO D 2234 -0.54 38.65 19.69
CA PRO D 2234 -0.38 38.48 18.24
C PRO D 2234 0.92 37.75 17.86
N GLY D 2235 2.05 38.16 18.44
CA GLY D 2235 3.38 37.62 18.13
C GLY D 2235 3.98 38.28 16.91
N THR D 2236 5.31 38.30 16.83
CA THR D 2236 6.10 38.88 15.71
C THR D 2236 6.99 37.78 15.12
N ASP D 2237 7.45 37.97 13.88
CA ASP D 2237 8.27 36.99 13.11
C ASP D 2237 9.59 37.65 12.68
N ILE D 2238 10.25 38.34 13.61
CA ILE D 2238 11.58 38.98 13.40
C ILE D 2238 12.64 38.16 14.14
N PRO D 2239 13.77 37.80 13.48
CA PRO D 2239 14.86 37.09 14.15
C PRO D 2239 15.55 37.93 15.23
N PRO D 2240 16.11 37.31 16.30
CA PRO D 2240 16.05 35.87 16.51
C PRO D 2240 14.88 35.37 17.36
N TRP D 2241 13.92 36.26 17.70
CA TRP D 2241 12.89 36.03 18.76
C TRP D 2241 11.65 35.33 18.19
N ASN D 2242 11.56 35.23 16.86
CA ASN D 2242 10.41 34.64 16.12
C ASN D 2242 10.08 33.25 16.69
N VAL D 2243 11.08 32.37 16.83
CA VAL D 2243 10.93 30.97 17.35
C VAL D 2243 10.89 31.03 18.88
N MET D 2244 11.72 31.89 19.48
CA MET D 2244 11.87 32.07 20.95
C MET D 2244 10.49 32.31 21.57
N THR D 2245 9.78 33.35 21.12
CA THR D 2245 8.44 33.75 21.62
C THR D 2245 7.43 32.62 21.32
N GLU D 2246 7.47 32.11 20.09
CA GLU D 2246 6.60 31.00 19.60
C GLU D 2246 6.65 29.83 20.58
N ASN D 2247 7.85 29.31 20.88
CA ASN D 2247 8.04 28.16 21.81
C ASN D 2247 7.53 28.56 23.20
N PHE D 2248 7.94 29.73 23.69
CA PHE D 2248 7.49 30.33 24.99
C PHE D 2248 5.96 30.20 25.12
N LYS D 2249 5.24 30.83 24.20
CA LYS D 2249 3.74 30.83 24.16
C LYS D 2249 3.22 29.40 24.36
N LYS D 2250 3.59 28.50 23.43
CA LYS D 2250 3.14 27.09 23.36
C LYS D 2250 3.44 26.40 24.70
N LYS D 2251 4.69 26.50 25.17
CA LYS D 2251 5.14 25.99 26.49
C LYS D 2251 4.16 26.46 27.56
N CYS D 2252 4.01 27.78 27.71
CA CYS D 2252 3.19 28.40 28.80
C CYS D 2252 1.72 27.92 28.68
N ILE D 2253 1.15 27.91 27.47
CA ILE D 2253 -0.22 27.40 27.20
C ILE D 2253 -0.33 25.94 27.68
N ALA D 2254 0.43 25.05 27.03
CA ALA D 2254 0.46 23.60 27.35
C ALA D 2254 0.55 23.44 28.87
N LEU D 2255 1.52 24.10 29.48
CA LEU D 2255 1.80 24.03 30.94
C LEU D 2255 0.55 24.46 31.71
N ILE D 2256 0.01 25.67 31.43
CA ILE D 2256 -1.24 26.17 32.08
C ILE D 2256 -2.31 25.07 31.98
N ASN D 2257 -2.57 24.58 30.76
CA ASN D 2257 -3.60 23.53 30.54
C ASN D 2257 -3.29 22.31 31.43
N SER D 2258 -2.00 21.97 31.59
CA SER D 2258 -1.55 20.84 32.44
C SER D 2258 -2.10 20.99 33.87
N LYS D 2259 -1.93 22.17 34.49
CA LYS D 2259 -2.34 22.47 35.89
C LYS D 2259 -3.75 21.93 36.16
N PHE D 2260 -4.67 22.21 35.22
CA PHE D 2260 -6.08 21.76 35.26
C PHE D 2260 -6.14 20.23 35.18
N GLU D 2261 -5.60 19.67 34.10
CA GLU D 2261 -5.71 18.23 33.73
C GLU D 2261 -5.04 17.37 34.81
N THR D 2262 -5.79 17.04 35.86
CA THR D 2262 -5.36 16.14 36.97
C THR D 2262 -6.09 14.80 36.85
N GLN D 2263 -5.41 13.77 36.34
CA GLN D 2263 -5.92 12.38 36.25
C GLN D 2263 -6.17 11.87 37.68
N ARG D 2264 -7.39 12.05 38.18
CA ARG D 2264 -7.80 11.60 39.55
C ARG D 2264 -8.16 10.12 39.51
N ASP D 2265 -8.12 9.47 40.67
CA ASP D 2265 -8.43 8.02 40.83
C ASP D 2265 -9.95 7.83 40.74
N PHE D 2266 -10.40 6.70 40.19
CA PHE D 2266 -11.80 6.37 39.86
C PHE D 2266 -12.62 6.25 41.15
N SER D 2267 -11.96 5.82 42.24
CA SER D 2267 -12.57 5.57 43.57
C SER D 2267 -12.49 6.83 44.44
N GLU D 2268 -11.59 7.77 44.14
CA GLU D 2268 -11.33 8.97 45.00
C GLU D 2268 -12.64 9.73 45.21
N PHE D 2269 -13.25 10.26 44.14
CA PHE D 2269 -14.50 11.06 44.22
C PHE D 2269 -15.64 10.24 44.84
N THR D 2270 -15.65 8.93 44.59
CA THR D 2270 -16.73 8.01 45.05
C THR D 2270 -16.71 7.92 46.59
N LYS D 2271 -15.69 8.50 47.24
CA LYS D 2271 -15.53 8.51 48.73
C LYS D 2271 -16.04 9.84 49.31
N LEU D 2272 -15.60 10.98 48.75
CA LEU D 2272 -15.89 12.34 49.27
C LEU D 2272 -17.41 12.54 49.35
N MET D 2273 -18.11 12.40 48.22
CA MET D 2273 -19.59 12.59 48.10
C MET D 2273 -20.30 11.27 48.41
N GLY F 22 -66.14 -3.93 7.91
CA GLY F 22 -67.09 -3.52 6.84
C GLY F 22 -68.54 -3.58 7.30
N MET F 23 -69.14 -4.77 7.28
CA MET F 23 -70.54 -5.03 7.70
C MET F 23 -70.56 -5.42 9.19
N ASP F 24 -71.77 -5.52 9.77
CA ASP F 24 -72.00 -5.95 11.18
C ASP F 24 -71.71 -7.46 11.28
N TYR F 25 -71.06 -7.88 12.35
CA TYR F 25 -70.58 -9.27 12.58
C TYR F 25 -71.73 -10.15 13.08
N GLN F 26 -72.65 -9.58 13.86
CA GLN F 26 -73.78 -10.30 14.51
C GLN F 26 -74.70 -10.92 13.45
N GLU F 27 -75.03 -10.18 12.38
CA GLU F 27 -75.97 -10.61 11.31
C GLU F 27 -75.29 -11.65 10.41
N TYR F 28 -73.96 -11.54 10.22
CA TYR F 28 -73.15 -12.49 9.41
C TYR F 28 -73.22 -13.90 10.02
N GLN F 29 -73.05 -14.00 11.34
CA GLN F 29 -73.03 -15.28 12.10
C GLN F 29 -74.39 -15.97 12.02
N GLN F 30 -75.48 -15.20 12.14
CA GLN F 30 -76.88 -15.72 12.17
C GLN F 30 -77.28 -16.21 10.77
N PHE F 31 -76.88 -15.50 9.71
CA PHE F 31 -77.17 -15.84 8.29
C PHE F 31 -76.38 -17.08 7.88
N LEU F 32 -75.18 -17.27 8.43
CA LEU F 32 -74.30 -18.44 8.17
C LEU F 32 -74.92 -19.70 8.77
N ALA F 33 -75.47 -19.59 10.00
CA ALA F 33 -76.11 -20.69 10.75
C ALA F 33 -77.42 -21.11 10.06
N ARG F 34 -78.14 -20.15 9.46
CA ARG F 34 -79.43 -20.38 8.77
C ARG F 34 -79.23 -21.23 7.51
N ILE F 35 -78.04 -21.19 6.90
CA ILE F 35 -77.68 -21.95 5.67
C ILE F 35 -77.54 -23.45 6.02
N ASN F 36 -76.95 -23.75 7.18
CA ASN F 36 -76.75 -25.14 7.67
C ASN F 36 -78.06 -25.68 8.26
N THR F 37 -78.79 -24.86 9.02
CA THR F 37 -80.07 -25.23 9.69
C THR F 37 -81.10 -25.67 8.64
N ALA F 38 -81.21 -24.93 7.52
CA ALA F 38 -82.19 -25.16 6.43
C ALA F 38 -81.85 -26.45 5.68
N ARG F 39 -82.88 -27.20 5.27
CA ARG F 39 -82.79 -28.44 4.46
C ARG F 39 -83.55 -28.26 3.14
N ASP F 40 -84.79 -27.75 3.19
CA ASP F 40 -85.69 -27.57 2.03
C ASP F 40 -85.28 -26.32 1.25
N ALA F 41 -85.51 -26.32 -0.06
CA ALA F 41 -85.12 -25.26 -1.02
C ALA F 41 -85.94 -23.98 -0.78
N CYS F 42 -87.21 -24.14 -0.37
CA CYS F 42 -88.17 -23.02 -0.11
C CYS F 42 -87.78 -22.25 1.15
N VAL F 43 -86.97 -22.85 2.03
CA VAL F 43 -86.41 -22.21 3.25
C VAL F 43 -85.13 -21.46 2.87
N ALA F 44 -84.31 -22.04 1.98
CA ALA F 44 -83.09 -21.44 1.41
C ALA F 44 -83.45 -20.25 0.52
N LYS F 45 -84.58 -20.33 -0.18
CA LYS F 45 -85.15 -19.23 -1.02
C LYS F 45 -85.21 -17.94 -0.19
N ASP F 46 -85.82 -18.01 1.00
CA ASP F 46 -86.09 -16.84 1.89
C ASP F 46 -84.78 -16.23 2.39
N ILE F 47 -83.74 -17.06 2.59
CA ILE F 47 -82.40 -16.63 3.08
C ILE F 47 -81.77 -15.71 2.03
N ASP F 48 -81.97 -16.01 0.74
CA ASP F 48 -81.52 -15.18 -0.40
C ASP F 48 -82.30 -13.86 -0.40
N VAL F 49 -83.60 -13.90 -0.12
CA VAL F 49 -84.53 -12.73 -0.12
C VAL F 49 -84.17 -11.80 1.04
N ASP F 50 -83.89 -12.36 2.23
CA ASP F 50 -83.54 -11.60 3.46
C ASP F 50 -82.14 -10.97 3.31
N LEU F 51 -81.25 -11.61 2.53
CA LEU F 51 -79.86 -11.15 2.29
C LEU F 51 -79.88 -9.89 1.41
N LEU F 52 -80.86 -9.78 0.51
CA LEU F 52 -81.05 -8.61 -0.39
C LEU F 52 -81.38 -7.37 0.45
N MET F 53 -82.38 -7.47 1.34
CA MET F 53 -82.83 -6.37 2.24
C MET F 53 -81.69 -5.96 3.17
N ALA F 54 -80.91 -6.94 3.66
CA ALA F 54 -79.72 -6.74 4.52
C ALA F 54 -78.69 -5.85 3.80
N ARG F 55 -78.53 -6.04 2.49
CA ARG F 55 -77.61 -5.27 1.62
C ARG F 55 -78.25 -3.92 1.27
N HIS F 56 -79.55 -3.91 1.04
CA HIS F 56 -80.40 -2.74 0.69
C HIS F 56 -80.26 -1.67 1.77
N ASP F 57 -80.47 -2.04 3.03
CA ASP F 57 -80.43 -1.12 4.20
C ASP F 57 -78.98 -0.71 4.51
N TYR F 58 -78.02 -1.61 4.29
CA TYR F 58 -76.57 -1.40 4.58
C TYR F 58 -76.04 -0.22 3.76
N PHE F 59 -76.37 -0.20 2.46
CA PHE F 59 -75.99 0.88 1.51
C PHE F 59 -76.62 2.20 1.95
N GLY F 60 -77.91 2.16 2.35
CA GLY F 60 -78.70 3.32 2.80
C GLY F 60 -78.19 3.91 4.10
N ARG F 61 -77.81 3.06 5.07
CA ARG F 61 -77.35 3.48 6.42
C ARG F 61 -76.09 4.36 6.31
N GLU F 62 -75.15 3.97 5.43
CA GLU F 62 -73.81 4.63 5.29
C GLU F 62 -73.89 5.83 4.34
N LEU F 63 -74.82 5.81 3.37
CA LEU F 63 -74.99 6.89 2.37
C LEU F 63 -75.68 8.10 3.01
N CYS F 64 -76.60 7.86 3.96
CA CYS F 64 -77.34 8.91 4.71
C CYS F 64 -76.36 9.80 5.50
N LYS F 65 -75.33 9.18 6.09
CA LYS F 65 -74.21 9.89 6.78
C LYS F 65 -73.36 10.62 5.75
N SER F 66 -73.19 10.04 4.56
CA SER F 66 -72.41 10.61 3.42
C SER F 66 -73.07 11.89 2.90
N LEU F 67 -74.40 12.00 3.05
CA LEU F 67 -75.21 13.15 2.59
C LEU F 67 -75.69 13.99 3.78
N ASN F 68 -75.45 13.54 5.02
CA ASN F 68 -75.69 14.27 6.29
C ASN F 68 -77.17 14.22 6.71
N ILE F 69 -78.03 13.59 5.89
CA ILE F 69 -79.52 13.58 6.10
C ILE F 69 -79.88 12.48 7.11
N GLU F 70 -81.09 12.55 7.67
CA GLU F 70 -81.65 11.54 8.61
C GLU F 70 -82.00 10.27 7.83
N TYR F 71 -81.80 9.10 8.45
CA TYR F 71 -82.12 7.76 7.88
C TYR F 71 -83.59 7.45 8.10
N ARG F 72 -84.27 6.93 7.06
CA ARG F 72 -85.68 6.47 7.08
C ARG F 72 -85.81 5.24 6.18
N ASN F 73 -86.85 4.42 6.43
CA ASN F 73 -87.12 3.16 5.68
C ASN F 73 -88.63 3.01 5.47
N ASP F 74 -89.03 2.73 4.22
CA ASP F 74 -90.44 2.49 3.76
C ASP F 74 -91.39 3.48 4.45
N VAL F 75 -91.16 4.78 4.27
CA VAL F 75 -92.03 5.88 4.80
C VAL F 75 -93.06 6.24 3.73
N PRO F 76 -94.37 6.31 4.05
CA PRO F 76 -95.40 6.64 3.06
C PRO F 76 -95.28 8.08 2.53
N PHE F 77 -95.65 8.30 1.27
CA PHE F 77 -95.54 9.59 0.55
C PHE F 77 -96.58 10.60 1.07
N ILE F 78 -97.72 10.11 1.55
CA ILE F 78 -98.85 10.95 2.06
C ILE F 78 -98.44 11.58 3.41
N ASP F 79 -97.48 10.97 4.12
CA ASP F 79 -96.92 11.47 5.40
C ASP F 79 -95.74 12.43 5.12
N ILE F 80 -95.05 12.24 3.98
CA ILE F 80 -93.84 13.04 3.57
C ILE F 80 -94.26 14.50 3.31
N ILE F 81 -95.49 14.72 2.84
CA ILE F 81 -96.05 16.08 2.53
C ILE F 81 -96.40 16.77 3.85
N LEU F 82 -96.95 16.02 4.80
CA LEU F 82 -97.40 16.51 6.14
C LEU F 82 -96.24 17.15 6.91
N ASP F 83 -94.99 16.73 6.64
CA ASP F 83 -93.77 17.30 7.25
C ASP F 83 -93.54 18.72 6.69
N ILE F 84 -93.96 18.99 5.45
CA ILE F 84 -93.73 20.28 4.74
C ILE F 84 -94.93 21.20 4.95
N ARG F 85 -96.14 20.71 4.66
CA ARG F 85 -97.40 21.51 4.72
C ARG F 85 -98.52 20.67 5.34
N PRO F 86 -98.72 20.75 6.68
CA PRO F 86 -99.78 20.00 7.35
C PRO F 86 -101.14 20.72 7.51
N GLU F 87 -101.34 21.86 6.83
CA GLU F 87 -102.56 22.70 6.94
C GLU F 87 -103.72 22.03 6.19
N VAL F 88 -103.44 21.40 5.04
CA VAL F 88 -104.42 20.60 4.26
C VAL F 88 -104.30 19.13 4.70
N ASP F 89 -105.38 18.56 5.21
CA ASP F 89 -105.45 17.17 5.74
C ASP F 89 -105.19 16.18 4.60
N PRO F 90 -104.67 14.96 4.90
CA PRO F 90 -104.31 14.00 3.85
C PRO F 90 -105.49 13.31 3.15
N LEU F 91 -106.72 13.45 3.68
CA LEU F 91 -107.93 12.78 3.16
C LEU F 91 -108.44 13.50 1.90
N THR F 92 -108.53 14.84 1.95
CA THR F 92 -109.10 15.69 0.85
C THR F 92 -108.09 15.79 -0.30
N ILE F 93 -106.83 16.13 -0.01
CA ILE F 93 -105.75 16.29 -1.02
C ILE F 93 -105.28 14.89 -1.44
N ASP F 94 -105.32 14.59 -2.75
CA ASP F 94 -105.03 13.25 -3.32
C ASP F 94 -103.52 13.13 -3.60
N ALA F 95 -102.82 12.34 -2.79
CA ALA F 95 -101.38 12.05 -2.90
C ALA F 95 -101.16 10.65 -3.46
N PRO F 96 -100.12 10.41 -4.29
CA PRO F 96 -99.82 9.07 -4.80
C PRO F 96 -99.33 8.13 -3.69
N HIS F 97 -100.05 7.02 -3.47
CA HIS F 97 -99.76 6.02 -2.40
C HIS F 97 -98.58 5.13 -2.84
N ILE F 98 -97.36 5.67 -2.74
CA ILE F 98 -96.07 4.96 -3.03
C ILE F 98 -95.27 4.85 -1.73
N THR F 99 -94.20 4.06 -1.73
CA THR F 99 -93.34 3.78 -0.56
C THR F 99 -91.88 4.11 -0.87
N PRO F 100 -91.50 5.42 -0.91
CA PRO F 100 -90.10 5.81 -1.00
C PRO F 100 -89.32 5.50 0.28
N ASP F 101 -87.99 5.49 0.20
CA ASP F 101 -87.08 5.11 1.32
C ASP F 101 -86.75 6.35 2.17
N ASN F 102 -86.35 7.45 1.52
CA ASN F 102 -85.96 8.72 2.19
C ASN F 102 -86.47 9.91 1.37
N TYR F 103 -86.53 11.11 1.97
CA TYR F 103 -87.01 12.36 1.33
C TYR F 103 -86.21 13.57 1.84
N LEU F 104 -86.29 14.69 1.13
CA LEU F 104 -85.62 15.97 1.45
C LEU F 104 -86.33 17.11 0.71
N TYR F 105 -86.53 18.26 1.38
CA TYR F 105 -87.19 19.47 0.85
C TYR F 105 -86.28 20.69 1.02
N ILE F 106 -85.62 21.10 -0.07
CA ILE F 106 -84.73 22.30 -0.13
C ILE F 106 -84.94 22.99 -1.49
N ASN F 107 -85.05 24.32 -1.50
CA ASN F 107 -85.13 25.19 -2.69
C ASN F 107 -86.50 25.03 -3.37
N ASN F 108 -87.55 24.80 -2.57
CA ASN F 108 -88.96 24.70 -3.03
C ASN F 108 -89.11 23.53 -4.02
N VAL F 109 -88.37 22.43 -3.79
CA VAL F 109 -88.41 21.18 -4.61
C VAL F 109 -88.29 19.98 -3.66
N LEU F 110 -89.23 19.04 -3.73
CA LEU F 110 -89.21 17.78 -2.93
C LEU F 110 -88.41 16.72 -3.70
N TYR F 111 -87.33 16.21 -3.09
CA TYR F 111 -86.43 15.16 -3.66
C TYR F 111 -86.74 13.83 -2.97
N ILE F 112 -87.20 12.85 -3.76
CA ILE F 112 -87.67 11.50 -3.29
C ILE F 112 -86.56 10.48 -3.56
N ILE F 113 -86.19 9.69 -2.54
CA ILE F 113 -85.06 8.73 -2.57
C ILE F 113 -85.61 7.30 -2.45
N ASP F 114 -85.17 6.42 -3.36
CA ASP F 114 -85.46 4.96 -3.36
C ASP F 114 -84.18 4.22 -3.78
N TYR F 115 -83.22 4.10 -2.86
CA TYR F 115 -81.87 3.51 -3.08
C TYR F 115 -82.01 2.00 -3.31
N LYS F 116 -81.16 1.44 -4.19
CA LYS F 116 -81.13 -0.01 -4.54
C LYS F 116 -79.77 -0.37 -5.14
N VAL F 117 -79.23 -1.54 -4.75
CA VAL F 117 -77.89 -2.05 -5.16
C VAL F 117 -78.10 -3.17 -6.20
N SER F 118 -77.68 -2.94 -7.45
CA SER F 118 -77.73 -3.91 -8.57
C SER F 118 -76.66 -3.56 -9.62
N VAL F 119 -76.33 -4.53 -10.48
CA VAL F 119 -75.24 -4.41 -11.51
C VAL F 119 -75.69 -3.48 -12.64
N SER F 120 -76.97 -3.56 -13.05
CA SER F 120 -77.55 -2.81 -14.19
C SER F 120 -78.61 -1.83 -13.69
N ASN F 121 -78.86 -0.76 -14.46
CA ASN F 121 -79.87 0.30 -14.17
C ASN F 121 -81.22 -0.08 -14.77
N GLU F 122 -81.35 -1.29 -15.32
CA GLU F 122 -82.61 -1.84 -15.90
C GLU F 122 -83.70 -1.87 -14.82
N SER F 123 -83.34 -2.19 -13.57
CA SER F 123 -84.25 -2.27 -12.40
C SER F 123 -84.53 -0.87 -11.82
N SER F 124 -83.72 0.13 -12.20
CA SER F 124 -83.82 1.55 -11.72
C SER F 124 -84.78 2.36 -12.60
N VAL F 125 -84.69 2.19 -13.92
CA VAL F 125 -85.53 2.94 -14.91
C VAL F 125 -87.00 2.49 -14.75
N ILE F 126 -87.23 1.21 -14.45
CA ILE F 126 -88.58 0.63 -14.17
C ILE F 126 -89.21 1.38 -13.00
N THR F 127 -88.47 1.59 -11.91
CA THR F 127 -88.91 2.26 -10.66
C THR F 127 -88.94 3.78 -10.85
N TYR F 128 -88.10 4.32 -11.74
CA TYR F 128 -87.99 5.76 -12.07
C TYR F 128 -89.31 6.26 -12.68
N ASP F 129 -89.68 5.71 -13.85
CA ASP F 129 -90.88 6.11 -14.64
C ASP F 129 -92.16 5.82 -13.85
N LYS F 130 -92.13 4.79 -13.00
CA LYS F 130 -93.26 4.38 -12.11
C LYS F 130 -93.50 5.48 -11.08
N TYR F 131 -92.42 5.98 -10.46
CA TYR F 131 -92.45 7.08 -9.44
C TYR F 131 -92.78 8.41 -10.11
N TYR F 132 -92.15 8.71 -11.25
CA TYR F 132 -92.26 9.99 -11.99
C TYR F 132 -93.72 10.23 -12.43
N GLU F 133 -94.43 9.17 -12.81
CA GLU F 133 -95.83 9.23 -13.33
C GLU F 133 -96.80 9.56 -12.19
N LEU F 134 -96.64 8.89 -11.04
CA LEU F 134 -97.58 8.96 -9.88
C LEU F 134 -97.44 10.30 -9.13
N THR F 135 -96.20 10.80 -8.98
CA THR F 135 -95.87 12.02 -8.19
C THR F 135 -96.44 13.28 -8.85
N ARG F 136 -96.86 13.20 -10.12
CA ARG F 136 -97.37 14.34 -10.92
C ARG F 136 -98.85 14.64 -10.59
N ASP F 137 -99.53 13.76 -9.86
CA ASP F 137 -100.95 13.93 -9.45
C ASP F 137 -101.08 15.08 -8.45
N ILE F 138 -100.08 15.26 -7.58
CA ILE F 138 -100.07 16.30 -6.50
C ILE F 138 -99.00 17.37 -6.80
N SER F 139 -98.19 17.19 -7.85
CA SER F 139 -97.12 18.13 -8.28
C SER F 139 -97.73 19.41 -8.86
N ASP F 140 -98.86 19.30 -9.57
CA ASP F 140 -99.62 20.43 -10.14
C ASP F 140 -100.71 20.87 -9.16
N ARG F 141 -101.11 19.98 -8.24
CA ARG F 141 -102.17 20.21 -7.23
C ARG F 141 -101.65 21.18 -6.14
N LEU F 142 -100.40 21.01 -5.71
CA LEU F 142 -99.74 21.87 -4.69
C LEU F 142 -98.86 22.94 -5.35
N SER F 143 -98.62 22.84 -6.66
CA SER F 143 -97.77 23.74 -7.47
C SER F 143 -96.32 23.73 -6.94
N ILE F 144 -95.87 22.57 -6.47
CA ILE F 144 -94.48 22.32 -5.97
C ILE F 144 -93.91 21.14 -6.75
N PRO F 145 -92.85 21.33 -7.58
CA PRO F 145 -92.30 20.23 -8.38
C PRO F 145 -91.54 19.22 -7.53
N ILE F 146 -91.80 17.92 -7.76
CA ILE F 146 -91.23 16.78 -6.99
C ILE F 146 -90.29 16.01 -7.93
N GLU F 147 -88.99 15.98 -7.62
CA GLU F 147 -87.93 15.34 -8.45
C GLU F 147 -87.64 13.94 -7.91
N ILE F 148 -87.55 12.94 -8.79
CA ILE F 148 -87.26 11.52 -8.44
C ILE F 148 -85.74 11.33 -8.45
N VAL F 149 -85.17 10.96 -7.29
CA VAL F 149 -83.70 10.77 -7.09
C VAL F 149 -83.44 9.33 -6.63
N ILE F 150 -83.22 8.42 -7.58
CA ILE F 150 -82.91 6.98 -7.31
C ILE F 150 -81.40 6.77 -7.42
N ILE F 151 -80.75 6.40 -6.31
CA ILE F 151 -79.28 6.19 -6.20
C ILE F 151 -79.00 4.69 -6.30
N ARG F 152 -78.24 4.28 -7.32
CA ARG F 152 -77.80 2.87 -7.54
C ARG F 152 -76.28 2.81 -7.50
N ILE F 153 -75.75 1.78 -6.83
CA ILE F 153 -74.29 1.47 -6.76
C ILE F 153 -74.08 0.03 -7.25
N ASP F 154 -72.96 -0.21 -7.94
CA ASP F 154 -72.58 -1.53 -8.51
C ASP F 154 -72.01 -2.40 -7.39
N PRO F 155 -72.47 -3.67 -7.25
CA PRO F 155 -72.07 -4.50 -6.12
C PRO F 155 -70.66 -5.12 -6.19
N VAL F 156 -69.89 -4.82 -7.25
CA VAL F 156 -68.49 -5.32 -7.43
C VAL F 156 -67.55 -4.16 -7.82
N SER F 157 -67.91 -3.37 -8.84
CA SER F 157 -67.07 -2.25 -9.37
C SER F 157 -67.25 -0.99 -8.53
N ARG F 158 -68.38 -0.88 -7.81
CA ARG F 158 -68.71 0.23 -6.88
C ARG F 158 -68.60 1.58 -7.60
N ASP F 159 -69.61 1.91 -8.41
CA ASP F 159 -69.77 3.22 -9.11
C ASP F 159 -71.15 3.78 -8.80
N LEU F 160 -71.22 5.07 -8.44
CA LEU F 160 -72.50 5.79 -8.13
C LEU F 160 -73.19 6.17 -9.45
N HIS F 161 -74.51 5.91 -9.55
CA HIS F 161 -75.36 6.29 -10.71
C HIS F 161 -76.66 6.93 -10.20
N ILE F 162 -76.81 8.25 -10.41
CA ILE F 162 -78.01 9.04 -10.03
C ILE F 162 -78.62 9.65 -11.31
N ASN F 163 -79.94 9.55 -11.45
CA ASN F 163 -80.71 10.00 -12.64
C ASN F 163 -81.04 11.50 -12.52
N SER F 164 -81.23 11.99 -11.29
CA SER F 164 -81.60 13.40 -10.96
C SER F 164 -80.44 14.34 -11.33
N ASP F 165 -80.71 15.32 -12.21
CA ASP F 165 -79.72 16.33 -12.69
C ASP F 165 -79.59 17.46 -11.67
N ARG F 166 -80.68 17.80 -10.97
CA ARG F 166 -80.73 18.83 -9.91
C ARG F 166 -79.86 18.39 -8.72
N PHE F 167 -79.84 17.09 -8.42
CA PHE F 167 -79.10 16.47 -7.29
C PHE F 167 -77.58 16.48 -7.58
N LYS F 168 -77.19 16.41 -8.86
CA LYS F 168 -75.77 16.39 -9.30
C LYS F 168 -75.08 17.71 -8.92
N GLU F 169 -75.79 18.84 -9.07
CA GLU F 169 -75.26 20.20 -8.80
C GLU F 169 -75.24 20.46 -7.29
N LEU F 170 -76.11 19.81 -6.51
CA LEU F 170 -76.18 19.94 -5.03
C LEU F 170 -74.92 19.32 -4.41
N TYR F 171 -74.76 18.01 -4.53
CA TYR F 171 -73.61 17.22 -4.01
C TYR F 171 -72.59 17.02 -5.13
N PRO F 172 -71.43 17.72 -5.08
CA PRO F 172 -70.40 17.59 -6.11
C PRO F 172 -69.60 16.28 -5.95
N THR F 173 -69.34 15.85 -4.71
CA THR F 173 -68.60 14.60 -4.37
C THR F 173 -69.22 13.95 -3.13
N ILE F 174 -69.46 12.63 -3.18
CA ILE F 174 -70.10 11.83 -2.09
C ILE F 174 -69.16 10.69 -1.69
N VAL F 175 -68.96 10.48 -0.39
CA VAL F 175 -68.07 9.44 0.20
C VAL F 175 -68.76 8.08 0.02
N VAL F 176 -68.15 7.17 -0.75
CA VAL F 176 -68.66 5.78 -1.00
C VAL F 176 -67.49 4.79 -0.89
N ASP F 177 -67.07 4.50 0.34
CA ASP F 177 -66.11 3.42 0.68
C ASP F 177 -66.93 2.26 1.27
N ILE F 178 -67.78 1.64 0.45
CA ILE F 178 -68.72 0.55 0.82
C ILE F 178 -68.07 -0.81 0.51
N ASN F 179 -68.39 -1.84 1.30
CA ASN F 179 -67.86 -3.22 1.18
C ASN F 179 -69.01 -4.22 0.95
N PHE F 180 -69.07 -4.84 -0.23
CA PHE F 180 -70.00 -5.93 -0.58
C PHE F 180 -69.27 -7.29 -0.57
N ASN F 181 -67.94 -7.25 -0.54
CA ASN F 181 -67.05 -8.44 -0.54
C ASN F 181 -67.51 -9.44 0.53
N GLN F 182 -67.94 -8.94 1.68
CA GLN F 182 -68.37 -9.73 2.87
C GLN F 182 -69.76 -10.33 2.65
N PHE F 183 -70.59 -9.71 1.79
CA PHE F 183 -71.99 -10.14 1.49
C PHE F 183 -71.95 -11.38 0.57
N PHE F 184 -71.07 -11.39 -0.42
CA PHE F 184 -70.94 -12.46 -1.46
C PHE F 184 -70.38 -13.74 -0.84
N ASP F 185 -69.71 -13.64 0.31
CA ASP F 185 -69.17 -14.80 1.07
C ASP F 185 -70.34 -15.68 1.55
N LEU F 186 -71.42 -15.04 2.03
CA LEU F 186 -72.67 -15.73 2.47
C LEU F 186 -73.37 -16.35 1.25
N LYS F 187 -73.29 -15.69 0.09
CA LYS F 187 -73.90 -16.15 -1.19
C LYS F 187 -73.23 -17.45 -1.63
N GLN F 188 -71.91 -17.56 -1.51
CA GLN F 188 -71.12 -18.75 -1.92
C GLN F 188 -71.59 -19.97 -1.11
N LEU F 189 -71.86 -19.78 0.18
CA LEU F 189 -72.29 -20.86 1.12
C LEU F 189 -73.70 -21.35 0.78
N LEU F 190 -74.62 -20.43 0.47
CA LEU F 190 -76.05 -20.72 0.19
C LEU F 190 -76.19 -21.41 -1.17
N TYR F 191 -75.34 -21.05 -2.15
CA TYR F 191 -75.34 -21.63 -3.52
C TYR F 191 -74.35 -22.80 -3.60
N GLU F 192 -74.01 -23.41 -2.48
CA GLU F 192 -73.11 -24.59 -2.37
C GLU F 192 -73.93 -25.82 -1.98
N LYS F 193 -74.71 -25.72 -0.89
CA LYS F 193 -75.53 -26.82 -0.31
C LYS F 193 -76.78 -27.03 -1.16
N PHE F 194 -77.48 -25.95 -1.53
CA PHE F 194 -78.77 -25.95 -2.26
C PHE F 194 -78.55 -25.77 -3.78
N GLY F 195 -77.35 -25.33 -4.18
CA GLY F 195 -76.98 -25.11 -5.59
C GLY F 195 -77.06 -26.38 -6.43
N ASP F 196 -76.85 -27.54 -5.79
CA ASP F 196 -76.92 -28.89 -6.42
C ASP F 196 -78.38 -29.23 -6.74
N ASP F 197 -79.31 -28.90 -5.83
CA ASP F 197 -80.76 -29.15 -5.96
C ASP F 197 -81.33 -28.22 -7.04
N GLU F 198 -82.25 -28.73 -7.87
CA GLU F 198 -82.91 -27.98 -8.99
C GLU F 198 -84.12 -27.20 -8.46
N GLU F 199 -84.61 -27.55 -7.28
CA GLU F 199 -85.79 -26.93 -6.62
C GLU F 199 -85.46 -25.48 -6.23
N PHE F 200 -84.19 -25.21 -5.89
CA PHE F 200 -83.69 -23.87 -5.46
C PHE F 200 -83.39 -22.99 -6.68
N LEU F 201 -82.88 -23.60 -7.76
CA LEU F 201 -82.52 -22.90 -9.03
C LEU F 201 -83.80 -22.39 -9.72
N LEU F 202 -84.95 -23.01 -9.49
CA LEU F 202 -86.27 -22.57 -10.01
C LEU F 202 -86.65 -21.20 -9.43
N LYS F 203 -86.25 -20.92 -8.18
CA LYS F 203 -86.61 -19.67 -7.44
C LYS F 203 -85.71 -18.51 -7.89
N VAL F 204 -84.45 -18.79 -8.26
CA VAL F 204 -83.47 -17.75 -8.72
C VAL F 204 -83.57 -17.65 -10.25
N ALA F 205 -84.26 -16.63 -10.73
CA ALA F 205 -84.56 -16.39 -12.16
C ALA F 205 -84.98 -14.93 -12.33
N HIS F 206 -84.30 -14.21 -13.23
CA HIS F 206 -84.55 -12.79 -13.59
C HIS F 206 -84.91 -12.71 -15.08
N GLY F 207 -85.71 -13.67 -15.55
CA GLY F 207 -86.10 -13.82 -16.96
C GLY F 207 -86.81 -15.14 -17.24
N ASP F 208 -86.41 -16.21 -16.53
CA ASP F 208 -86.89 -17.62 -16.72
C ASP F 208 -86.53 -18.08 -18.14
N PHE F 209 -85.25 -17.91 -18.51
CA PHE F 209 -84.63 -18.29 -19.81
C PHE F 209 -85.21 -17.46 -20.96
N THR F 210 -84.39 -16.58 -21.54
CA THR F 210 -84.72 -15.70 -22.70
C THR F 210 -83.67 -15.94 -23.80
N LEU F 211 -84.04 -16.71 -24.82
CA LEU F 211 -83.18 -16.99 -26.01
C LEU F 211 -83.45 -15.92 -27.07
N THR F 212 -82.39 -15.25 -27.54
CA THR F 212 -82.46 -14.09 -28.48
C THR F 212 -82.59 -14.60 -29.93
N ALA F 213 -82.49 -13.68 -30.90
CA ALA F 213 -82.71 -13.94 -32.35
C ALA F 213 -81.68 -14.92 -32.89
N PRO F 214 -82.05 -15.84 -33.81
CA PRO F 214 -81.10 -16.74 -34.45
C PRO F 214 -80.12 -16.00 -35.38
N TRP F 215 -78.91 -16.56 -35.55
CA TRP F 215 -77.82 -16.00 -36.40
C TRP F 215 -77.92 -16.52 -37.83
N CYS F 216 -78.77 -17.53 -38.06
CA CYS F 216 -78.92 -18.21 -39.38
C CYS F 216 -80.42 -18.42 -39.67
N LYS F 217 -80.75 -18.67 -40.95
CA LYS F 217 -82.14 -18.85 -41.46
C LYS F 217 -82.35 -20.29 -41.97
N THR F 218 -81.30 -20.90 -42.55
CA THR F 218 -81.33 -22.27 -43.15
C THR F 218 -80.18 -23.11 -42.59
N GLY F 219 -80.38 -24.43 -42.50
CA GLY F 219 -79.40 -25.39 -41.95
C GLY F 219 -78.34 -25.77 -42.98
N CYS F 220 -77.68 -26.92 -42.77
CA CYS F 220 -76.61 -27.48 -43.65
C CYS F 220 -76.94 -28.93 -43.99
N PRO F 221 -77.22 -29.25 -45.28
CA PRO F 221 -77.44 -30.64 -45.69
C PRO F 221 -76.13 -31.44 -45.81
N GLU F 222 -75.05 -30.78 -46.27
CA GLU F 222 -73.73 -31.40 -46.60
C GLU F 222 -73.11 -32.01 -45.34
N PHE F 223 -73.42 -31.47 -44.17
CA PHE F 223 -72.91 -31.89 -42.84
C PHE F 223 -73.26 -33.36 -42.56
N TRP F 224 -74.49 -33.78 -42.89
CA TRP F 224 -75.00 -35.16 -42.67
C TRP F 224 -74.37 -36.12 -43.70
N LYS F 225 -73.86 -35.58 -44.81
CA LYS F 225 -73.27 -36.34 -45.95
C LYS F 225 -71.75 -36.48 -45.77
N HIS F 226 -71.12 -35.58 -45.00
CA HIS F 226 -69.64 -35.45 -44.87
C HIS F 226 -69.02 -36.74 -44.32
N PRO F 227 -67.94 -37.27 -44.95
CA PRO F 227 -67.34 -38.54 -44.53
C PRO F 227 -66.79 -38.56 -43.09
N ILE F 228 -66.46 -37.39 -42.55
CA ILE F 228 -65.99 -37.21 -41.14
C ILE F 228 -67.16 -37.47 -40.20
N TYR F 229 -68.38 -37.02 -40.58
CA TYR F 229 -69.62 -37.27 -39.80
C TYR F 229 -69.99 -38.76 -39.90
N LYS F 230 -69.67 -39.40 -41.04
CA LYS F 230 -69.76 -40.87 -41.22
C LYS F 230 -68.77 -41.55 -40.28
N GLU F 231 -67.50 -41.11 -40.32
CA GLU F 231 -66.39 -41.67 -39.48
C GLU F 231 -66.68 -41.46 -38.00
N PHE F 232 -67.40 -40.38 -37.64
CA PHE F 232 -67.80 -40.06 -36.25
C PHE F 232 -68.74 -41.14 -35.71
N LYS F 233 -69.77 -41.51 -36.48
CA LYS F 233 -70.83 -42.47 -36.07
C LYS F 233 -70.35 -43.91 -36.20
N MET F 234 -69.32 -44.17 -37.02
CA MET F 234 -68.72 -45.53 -37.20
C MET F 234 -68.39 -46.13 -35.83
N SER F 235 -67.56 -45.43 -35.06
CA SER F 235 -67.07 -45.85 -33.71
C SER F 235 -68.20 -45.77 -32.68
N MET F 236 -68.98 -44.70 -32.70
CA MET F 236 -70.08 -44.43 -31.72
C MET F 236 -71.08 -45.58 -31.73
N PRO F 237 -71.67 -45.95 -30.57
CA PRO F 237 -72.75 -46.95 -30.53
C PRO F 237 -74.08 -46.43 -31.12
N VAL F 238 -74.96 -47.36 -31.50
CA VAL F 238 -76.18 -47.09 -32.31
C VAL F 238 -77.23 -46.34 -31.48
N PRO F 239 -77.37 -46.55 -30.15
CA PRO F 239 -78.27 -45.72 -29.35
C PRO F 239 -77.78 -44.26 -29.27
N GLU F 240 -76.45 -44.08 -29.24
CA GLU F 240 -75.78 -42.74 -29.20
C GLU F 240 -75.90 -42.08 -30.59
N ARG F 241 -75.72 -42.86 -31.66
CA ARG F 241 -75.89 -42.37 -33.07
C ARG F 241 -77.18 -41.54 -33.17
N ARG F 242 -78.32 -42.13 -32.81
CA ARG F 242 -79.68 -41.50 -32.90
C ARG F 242 -79.77 -40.30 -31.94
N LEU F 243 -79.20 -40.42 -30.73
CA LEU F 243 -79.19 -39.35 -29.70
C LEU F 243 -78.51 -38.10 -30.29
N PHE F 244 -77.42 -38.27 -31.03
CA PHE F 244 -76.68 -37.16 -31.69
C PHE F 244 -77.58 -36.48 -32.73
N GLU F 245 -78.28 -37.27 -33.55
CA GLU F 245 -79.31 -36.78 -34.50
C GLU F 245 -80.36 -35.97 -33.74
N GLU F 246 -80.89 -36.56 -32.66
CA GLU F 246 -81.97 -35.98 -31.82
C GLU F 246 -81.52 -34.63 -31.24
N SER F 247 -80.30 -34.57 -30.71
CA SER F 247 -79.72 -33.41 -29.99
C SER F 247 -79.57 -32.21 -30.94
N VAL F 248 -79.07 -32.44 -32.16
CA VAL F 248 -78.81 -31.37 -33.17
C VAL F 248 -80.14 -30.72 -33.58
N LYS F 249 -81.17 -31.52 -33.84
CA LYS F 249 -82.47 -31.07 -34.40
C LYS F 249 -83.32 -30.42 -33.31
N PHE F 250 -83.02 -30.67 -32.03
CA PHE F 250 -83.72 -30.08 -30.86
C PHE F 250 -83.61 -28.55 -30.89
N ASN F 251 -84.75 -27.86 -30.76
CA ASN F 251 -84.83 -26.39 -30.60
C ASN F 251 -85.32 -26.09 -29.16
N ALA F 252 -84.50 -25.38 -28.39
CA ALA F 252 -84.74 -25.06 -26.96
C ALA F 252 -85.94 -24.11 -26.82
N TYR F 253 -86.12 -23.20 -27.78
CA TYR F 253 -87.18 -22.15 -27.76
C TYR F 253 -88.55 -22.77 -28.05
N GLU F 254 -88.58 -23.92 -28.73
CA GLU F 254 -89.84 -24.62 -29.14
C GLU F 254 -90.47 -25.34 -27.94
N SER F 255 -89.76 -26.33 -27.38
CA SER F 255 -90.23 -27.15 -26.23
C SER F 255 -90.46 -26.27 -25.00
N GLU F 256 -91.36 -26.70 -24.10
CA GLU F 256 -91.81 -25.92 -22.90
C GLU F 256 -90.58 -25.36 -22.17
N ARG F 257 -89.62 -26.22 -21.83
CA ARG F 257 -88.34 -25.84 -21.15
C ARG F 257 -87.15 -26.08 -22.08
N TRP F 258 -86.07 -25.31 -21.88
CA TRP F 258 -84.81 -25.37 -22.67
C TRP F 258 -84.07 -26.68 -22.39
N ASN F 259 -84.13 -27.17 -21.16
CA ASN F 259 -83.37 -28.37 -20.70
C ASN F 259 -84.22 -29.64 -20.87
N THR F 260 -84.94 -29.76 -21.99
CA THR F 260 -85.75 -30.95 -22.34
C THR F 260 -84.79 -32.08 -22.77
N ASN F 261 -84.01 -31.83 -23.83
CA ASN F 261 -83.04 -32.78 -24.43
C ASN F 261 -81.87 -33.00 -23.47
N LEU F 262 -81.29 -31.90 -22.97
CA LEU F 262 -80.04 -31.88 -22.16
C LEU F 262 -80.21 -32.79 -20.93
N VAL F 263 -81.38 -32.77 -20.30
CA VAL F 263 -81.72 -33.63 -19.12
C VAL F 263 -82.06 -35.04 -19.62
N LYS F 264 -82.74 -35.15 -20.76
CA LYS F 264 -83.16 -36.45 -21.36
C LYS F 264 -81.91 -37.31 -21.61
N ILE F 265 -80.87 -36.75 -22.24
CA ILE F 265 -79.63 -37.50 -22.59
C ILE F 265 -78.82 -37.74 -21.30
N ARG F 266 -78.92 -36.83 -20.33
CA ARG F 266 -78.27 -36.95 -18.99
C ARG F 266 -78.74 -38.24 -18.30
N GLU F 267 -80.05 -38.51 -18.31
CA GLU F 267 -80.68 -39.63 -17.56
C GLU F 267 -80.37 -40.98 -18.23
N TYR F 268 -80.01 -40.99 -19.52
CA TYR F 268 -79.66 -42.23 -20.29
C TYR F 268 -78.30 -42.75 -19.83
N THR F 269 -77.29 -41.87 -19.83
CA THR F 269 -75.86 -42.20 -19.55
C THR F 269 -75.64 -42.39 -18.04
N LYS F 270 -76.65 -42.08 -17.22
CA LYS F 270 -76.58 -42.06 -15.72
C LYS F 270 -76.34 -43.48 -15.17
N LYS F 271 -76.58 -44.52 -15.99
CA LYS F 271 -76.31 -45.94 -15.62
C LYS F 271 -74.79 -46.14 -15.48
N ASP F 272 -74.03 -45.89 -16.55
CA ASP F 272 -72.58 -46.15 -16.62
C ASP F 272 -71.82 -45.11 -15.79
N TYR F 273 -72.29 -43.87 -15.76
CA TYR F 273 -71.68 -42.73 -15.01
C TYR F 273 -71.65 -43.07 -13.52
N SER F 274 -72.83 -43.30 -12.93
CA SER F 274 -73.02 -43.67 -11.50
C SER F 274 -72.05 -44.80 -11.12
N GLU F 275 -71.86 -45.76 -12.04
CA GLU F 275 -71.01 -46.96 -11.84
C GLU F 275 -69.52 -46.58 -11.96
N HIS F 276 -69.16 -45.73 -12.93
CA HIS F 276 -67.74 -45.31 -13.19
C HIS F 276 -67.26 -44.36 -12.09
N ILE F 277 -68.15 -43.50 -11.56
CA ILE F 277 -67.85 -42.60 -10.42
C ILE F 277 -67.48 -43.45 -9.20
N SER F 278 -68.28 -44.49 -8.92
CA SER F 278 -68.03 -45.49 -7.86
C SER F 278 -66.71 -46.22 -8.15
N LYS F 279 -66.62 -46.84 -9.33
CA LYS F 279 -65.45 -47.62 -9.83
C LYS F 279 -64.15 -46.94 -9.38
N SER F 280 -63.95 -45.68 -9.76
CA SER F 280 -62.74 -44.86 -9.50
C SER F 280 -62.62 -44.57 -7.99
N ALA F 281 -63.75 -44.29 -7.33
CA ALA F 281 -63.81 -43.87 -5.91
C ALA F 281 -63.39 -45.03 -5.00
N LYS F 282 -63.82 -46.25 -5.33
CA LYS F 282 -63.61 -47.48 -4.51
C LYS F 282 -62.12 -47.88 -4.55
N ASN F 283 -61.33 -47.31 -5.45
CA ASN F 283 -59.89 -47.61 -5.62
C ASN F 283 -59.08 -47.03 -4.45
N ILE F 284 -59.73 -46.35 -3.51
CA ILE F 284 -59.10 -45.74 -2.30
C ILE F 284 -58.55 -46.84 -1.38
N PHE F 285 -59.18 -48.02 -1.37
CA PHE F 285 -58.79 -49.20 -0.56
C PHE F 285 -57.72 -50.02 -1.31
N LEU F 286 -57.81 -50.03 -2.64
CA LEU F 286 -56.90 -50.77 -3.55
C LEU F 286 -55.48 -50.19 -3.48
N ALA F 287 -55.37 -48.89 -3.25
CA ALA F 287 -54.10 -48.12 -3.26
C ALA F 287 -53.18 -48.58 -2.12
N SER F 288 -51.87 -48.34 -2.28
CA SER F 288 -50.81 -48.59 -1.28
C SER F 288 -49.98 -47.31 -1.10
N GLY F 289 -49.02 -47.32 -0.16
CA GLY F 289 -48.12 -46.17 0.11
C GLY F 289 -46.96 -46.11 -0.87
N PHE F 290 -47.17 -46.56 -2.12
CA PHE F 290 -46.16 -46.65 -3.20
C PHE F 290 -46.56 -45.74 -4.36
N TYR F 291 -45.98 -44.53 -4.39
CA TYR F 291 -46.17 -43.50 -5.46
C TYR F 291 -44.79 -43.00 -5.90
N LYS F 292 -44.68 -42.53 -7.14
CA LYS F 292 -43.41 -42.02 -7.75
C LYS F 292 -42.91 -40.84 -6.90
N GLN F 293 -42.09 -41.17 -5.89
CA GLN F 293 -41.47 -40.23 -4.93
C GLN F 293 -40.00 -40.04 -5.33
N PRO F 294 -39.48 -38.79 -5.38
CA PRO F 294 -38.08 -38.57 -5.72
C PRO F 294 -37.14 -39.08 -4.60
N ASN F 295 -36.08 -39.79 -4.97
CA ASN F 295 -35.05 -40.32 -4.03
C ASN F 295 -33.68 -40.32 -4.71
N LYS F 296 -32.62 -40.15 -3.92
CA LYS F 296 -31.21 -39.96 -4.38
C LYS F 296 -30.88 -40.96 -5.50
N ASN F 297 -31.22 -42.25 -5.32
CA ASN F 297 -30.95 -43.32 -6.30
C ASN F 297 -31.77 -43.09 -7.57
N GLU F 298 -33.07 -42.79 -7.43
CA GLU F 298 -34.01 -42.58 -8.56
C GLU F 298 -33.47 -41.47 -9.47
N ILE F 299 -32.88 -40.42 -8.88
CA ILE F 299 -32.27 -39.27 -9.62
C ILE F 299 -31.01 -39.77 -10.33
N SER F 300 -30.12 -40.45 -9.58
CA SER F 300 -28.83 -41.00 -10.06
C SER F 300 -29.06 -41.91 -11.28
N GLU F 301 -30.06 -42.79 -11.21
CA GLU F 301 -30.41 -43.74 -12.30
C GLU F 301 -30.78 -42.96 -13.56
N GLY F 302 -31.63 -41.93 -13.42
CA GLY F 302 -32.06 -41.07 -14.54
C GLY F 302 -30.86 -40.43 -15.25
N TRP F 303 -29.93 -39.87 -14.48
CA TRP F 303 -28.70 -39.18 -14.99
C TRP F 303 -27.91 -40.13 -15.90
N THR F 304 -27.75 -41.38 -15.47
CA THR F 304 -26.92 -42.41 -16.14
C THR F 304 -27.51 -42.71 -17.53
N LEU F 305 -28.83 -42.89 -17.61
CA LEU F 305 -29.58 -43.13 -18.89
C LEU F 305 -29.50 -41.87 -19.76
N MET F 306 -29.47 -40.68 -19.13
CA MET F 306 -29.25 -39.38 -19.81
C MET F 306 -27.86 -39.41 -20.48
N VAL F 307 -26.82 -39.78 -19.73
CA VAL F 307 -25.43 -39.88 -20.26
C VAL F 307 -25.44 -40.78 -21.51
N GLU F 308 -25.98 -42.00 -21.40
CA GLU F 308 -26.10 -42.99 -22.52
C GLU F 308 -26.75 -42.30 -23.73
N ARG F 309 -27.87 -41.60 -23.53
CA ARG F 309 -28.64 -40.89 -24.58
C ARG F 309 -27.75 -39.83 -25.23
N VAL F 310 -27.20 -38.91 -24.43
CA VAL F 310 -26.39 -37.76 -24.93
C VAL F 310 -25.17 -38.30 -25.69
N GLN F 311 -24.49 -39.32 -25.14
CA GLN F 311 -23.25 -39.92 -25.71
C GLN F 311 -23.53 -40.54 -27.09
N ASP F 312 -24.79 -40.87 -27.38
CA ASP F 312 -25.24 -41.35 -28.71
C ASP F 312 -25.69 -40.16 -29.56
N GLN F 313 -26.58 -39.32 -29.02
CA GLN F 313 -27.30 -38.26 -29.79
C GLN F 313 -26.36 -37.12 -30.16
N ARG F 314 -25.26 -36.92 -29.43
CA ARG F 314 -24.24 -35.86 -29.73
C ARG F 314 -22.84 -36.47 -29.76
N GLU F 315 -21.89 -35.79 -30.42
CA GLU F 315 -20.46 -36.16 -30.47
C GLU F 315 -19.77 -35.66 -29.20
N ILE F 316 -19.62 -36.54 -28.19
CA ILE F 316 -18.95 -36.23 -26.89
C ILE F 316 -17.45 -36.06 -27.14
N SER F 317 -16.88 -34.95 -26.67
CA SER F 317 -15.41 -34.68 -26.73
C SER F 317 -14.87 -34.45 -25.31
N LYS F 318 -13.61 -34.82 -25.10
CA LYS F 318 -12.85 -34.62 -23.82
C LYS F 318 -11.67 -33.66 -24.06
N SER F 319 -11.43 -33.25 -25.32
CA SER F 319 -10.37 -32.28 -25.72
C SER F 319 -10.80 -30.87 -25.33
N LEU F 320 -9.85 -30.03 -24.91
CA LEU F 320 -10.10 -28.65 -24.40
C LEU F 320 -9.90 -27.62 -25.53
N HIS F 321 -9.73 -28.07 -26.78
CA HIS F 321 -9.57 -27.21 -27.99
C HIS F 321 -10.90 -27.10 -28.76
N ASP F 322 -11.86 -28.00 -28.49
CA ASP F 322 -13.19 -28.04 -29.18
C ASP F 322 -14.17 -27.09 -28.48
N GLN F 323 -13.87 -26.66 -27.25
CA GLN F 323 -14.71 -25.73 -26.44
C GLN F 323 -15.00 -24.46 -27.24
N LYS F 324 -16.13 -23.80 -26.98
CA LYS F 324 -16.48 -22.47 -27.53
C LYS F 324 -16.42 -21.45 -26.40
N PRO F 325 -16.24 -20.14 -26.69
CA PRO F 325 -16.15 -19.12 -25.65
C PRO F 325 -17.39 -19.08 -24.75
N SER F 326 -17.18 -19.02 -23.43
CA SER F 326 -18.21 -18.79 -22.39
C SER F 326 -18.71 -17.35 -22.51
N ILE F 327 -17.75 -16.41 -22.66
CA ILE F 327 -17.95 -14.97 -22.96
C ILE F 327 -17.00 -14.63 -24.13
N HIS F 328 -17.39 -13.69 -25.01
CA HIS F 328 -16.71 -13.37 -26.28
C HIS F 328 -15.91 -12.07 -26.13
N PHE F 329 -15.02 -12.02 -25.13
CA PHE F 329 -14.29 -10.81 -24.67
C PHE F 329 -13.07 -11.25 -23.86
N ILE F 330 -11.98 -10.47 -23.91
CA ILE F 330 -10.72 -10.76 -23.13
C ILE F 330 -10.26 -9.49 -22.41
N TRP F 331 -10.67 -9.31 -21.15
CA TRP F 331 -10.36 -8.10 -20.34
C TRP F 331 -8.94 -8.18 -19.78
N GLY F 332 -8.23 -7.05 -19.78
CA GLY F 332 -6.90 -6.86 -19.17
C GLY F 332 -6.79 -5.50 -18.51
N ALA F 333 -6.06 -5.43 -17.39
CA ALA F 333 -5.94 -4.24 -16.51
C ALA F 333 -5.56 -3.00 -17.32
N HIS F 334 -6.20 -1.87 -17.00
CA HIS F 334 -5.91 -0.52 -17.58
C HIS F 334 -4.53 -0.05 -17.11
N ASN F 335 -3.91 0.85 -17.88
CA ASN F 335 -2.51 1.33 -17.68
C ASN F 335 -2.53 2.85 -17.47
N PRO F 336 -2.55 3.34 -16.21
CA PRO F 336 -2.67 4.78 -15.94
C PRO F 336 -1.44 5.61 -16.30
N GLY F 337 -0.28 4.96 -16.45
CA GLY F 337 1.00 5.59 -16.87
C GLY F 337 0.90 6.17 -18.27
N ASN F 338 0.32 5.42 -19.20
CA ASN F 338 0.05 5.85 -20.60
C ASN F 338 -1.14 6.81 -20.59
N SER F 339 -1.22 7.71 -21.58
CA SER F 339 -2.28 8.74 -21.71
C SER F 339 -3.61 8.09 -22.11
N ASN F 340 -4.73 8.69 -21.66
CA ASN F 340 -6.12 8.24 -21.92
C ASN F 340 -6.76 9.17 -22.95
N ASN F 341 -6.18 9.26 -24.15
CA ASN F 341 -6.60 10.19 -25.23
C ASN F 341 -6.58 9.48 -26.59
N ALA F 342 -7.64 9.69 -27.39
CA ALA F 342 -7.94 8.97 -28.65
C ALA F 342 -6.68 8.83 -29.51
N THR F 343 -6.23 9.93 -30.12
CA THR F 343 -5.15 9.98 -31.14
C THR F 343 -3.94 9.19 -30.63
N PHE F 344 -3.63 9.28 -29.34
CA PHE F 344 -2.47 8.61 -28.68
C PHE F 344 -2.68 7.09 -28.70
N LYS F 345 -3.89 6.63 -28.34
CA LYS F 345 -4.25 5.19 -28.26
C LYS F 345 -4.13 4.54 -29.64
N LEU F 346 -4.64 5.23 -30.68
CA LEU F 346 -4.64 4.77 -32.09
C LEU F 346 -3.21 4.40 -32.51
N ILE F 347 -2.26 5.30 -32.28
CA ILE F 347 -0.81 5.10 -32.62
C ILE F 347 -0.21 4.09 -31.63
N LEU F 348 -0.57 4.16 -30.34
CA LEU F 348 -0.11 3.20 -29.30
C LEU F 348 -0.37 1.78 -29.81
N LEU F 349 -1.62 1.48 -30.18
CA LEU F 349 -2.05 0.13 -30.66
C LEU F 349 -1.34 -0.16 -31.99
N SER F 350 -1.14 0.86 -32.83
CA SER F 350 -0.44 0.75 -34.14
C SER F 350 0.98 0.20 -33.90
N LYS F 351 1.80 0.93 -33.15
CA LYS F 351 3.18 0.51 -32.79
C LYS F 351 3.11 -0.84 -32.07
N SER F 352 2.19 -0.99 -31.11
CA SER F 352 2.01 -2.25 -30.33
C SER F 352 1.84 -3.45 -31.28
N LEU F 353 0.98 -3.30 -32.29
CA LEU F 353 0.65 -4.38 -33.27
C LEU F 353 1.85 -4.64 -34.19
N GLN F 354 2.58 -3.59 -34.58
CA GLN F 354 3.82 -3.67 -35.40
C GLN F 354 4.93 -4.38 -34.58
N SER F 355 4.89 -4.22 -33.25
CA SER F 355 5.95 -4.63 -32.31
C SER F 355 5.79 -6.10 -31.88
N ILE F 356 4.68 -6.75 -32.21
CA ILE F 356 4.43 -8.19 -31.86
C ILE F 356 5.64 -9.00 -32.35
N LYS F 357 6.28 -9.78 -31.48
CA LYS F 357 7.53 -10.51 -31.79
C LYS F 357 7.36 -12.01 -31.49
N GLY F 358 7.73 -12.85 -32.46
CA GLY F 358 7.63 -14.32 -32.38
C GLY F 358 7.37 -14.93 -33.75
N ILE F 359 6.65 -16.05 -33.79
CA ILE F 359 6.20 -16.75 -35.03
C ILE F 359 5.06 -17.71 -34.67
N SER F 360 3.88 -17.51 -35.28
CA SER F 360 2.65 -18.32 -35.08
C SER F 360 2.08 -18.70 -36.46
N THR F 361 0.77 -18.52 -36.67
CA THR F 361 0.08 -18.73 -37.97
C THR F 361 -0.12 -17.38 -38.65
N TYR F 362 -0.75 -16.42 -37.95
CA TYR F 362 -1.19 -15.10 -38.50
C TYR F 362 -0.32 -13.96 -37.95
N THR F 363 0.87 -14.29 -37.42
CA THR F 363 1.79 -13.32 -36.77
C THR F 363 2.06 -12.14 -37.71
N GLU F 364 2.54 -12.42 -38.93
CA GLU F 364 2.94 -11.40 -39.94
C GLU F 364 1.71 -10.65 -40.45
N ALA F 365 0.51 -11.22 -40.26
CA ALA F 365 -0.79 -10.59 -40.63
C ALA F 365 -1.11 -9.47 -39.63
N PHE F 366 -1.16 -9.80 -38.33
CA PHE F 366 -1.40 -8.84 -37.21
C PHE F 366 -0.36 -7.72 -37.26
N LYS F 367 0.85 -8.06 -37.71
CA LYS F 367 2.01 -7.13 -37.85
C LYS F 367 1.65 -6.01 -38.85
N SER F 368 1.27 -6.38 -40.07
CA SER F 368 0.97 -5.46 -41.20
C SER F 368 -0.28 -4.61 -40.90
N LEU F 369 -1.22 -5.15 -40.11
CA LEU F 369 -2.48 -4.45 -39.72
C LEU F 369 -2.15 -3.22 -38.88
N GLY F 370 -1.23 -3.35 -37.92
CA GLY F 370 -0.67 -2.22 -37.15
C GLY F 370 0.05 -1.24 -38.05
N LYS F 371 0.78 -1.77 -39.04
CA LYS F 371 1.52 -0.98 -40.07
C LYS F 371 0.53 -0.16 -40.89
N MET F 372 -0.65 -0.70 -41.17
CA MET F 372 -1.71 -0.04 -42.01
C MET F 372 -2.60 0.87 -41.14
N MET F 373 -2.18 1.19 -39.91
CA MET F 373 -2.86 2.19 -39.04
C MET F 373 -1.83 3.07 -38.33
N ASP F 374 -0.70 3.33 -38.99
CA ASP F 374 0.39 4.23 -38.51
C ASP F 374 0.04 5.68 -38.87
N ILE F 375 0.42 6.63 -38.01
CA ILE F 375 0.25 8.09 -38.21
C ILE F 375 1.54 8.81 -37.79
N GLY F 376 2.07 8.49 -36.60
CA GLY F 376 3.39 8.92 -36.10
C GLY F 376 3.58 10.43 -36.13
N ASP F 377 4.43 10.90 -37.05
CA ASP F 377 4.78 12.34 -37.23
C ASP F 377 3.52 13.15 -37.53
N LYS F 378 2.67 12.64 -38.43
CA LYS F 378 1.45 13.35 -38.94
C LYS F 378 0.25 13.01 -38.04
N ALA F 379 0.40 13.21 -36.73
CA ALA F 379 -0.66 12.98 -35.72
C ALA F 379 -1.72 14.08 -35.83
N ILE F 380 -1.29 15.31 -36.15
CA ILE F 380 -2.16 16.53 -36.21
C ILE F 380 -3.04 16.47 -37.46
N GLU F 381 -2.57 15.83 -38.55
CA GLU F 381 -3.32 15.71 -39.83
C GLU F 381 -4.53 14.79 -39.62
N TYR F 382 -4.39 13.78 -38.75
CA TYR F 382 -5.47 12.85 -38.35
C TYR F 382 -6.55 13.61 -37.57
N GLU F 383 -6.14 14.60 -36.75
CA GLU F 383 -7.05 15.39 -35.88
C GLU F 383 -7.91 16.33 -36.74
N GLU F 384 -7.39 16.84 -37.85
CA GLU F 384 -8.11 17.77 -38.77
C GLU F 384 -8.95 16.97 -39.77
N PHE F 385 -8.30 16.16 -40.61
CA PHE F 385 -8.92 15.42 -41.75
C PHE F 385 -10.21 14.73 -41.28
N CYS F 386 -10.15 14.03 -40.14
CA CYS F 386 -11.28 13.26 -39.55
C CYS F 386 -12.41 14.23 -39.14
N MET F 387 -12.07 15.40 -38.57
CA MET F 387 -13.04 16.38 -38.03
C MET F 387 -13.79 17.08 -39.17
N SER F 388 -13.16 17.24 -40.33
CA SER F 388 -13.79 17.75 -41.57
C SER F 388 -14.89 16.79 -42.03
N LEU F 389 -14.55 15.49 -42.14
CA LEU F 389 -15.46 14.42 -42.59
C LEU F 389 -16.67 14.34 -41.65
N LYS F 390 -16.44 14.32 -40.34
CA LYS F 390 -17.49 14.26 -39.29
C LYS F 390 -18.39 15.50 -39.40
N SER F 391 -17.78 16.68 -39.62
CA SER F 391 -18.50 17.98 -39.79
C SER F 391 -19.34 17.96 -41.07
N LYS F 392 -18.83 17.36 -42.15
CA LYS F 392 -19.51 17.24 -43.47
C LYS F 392 -20.83 16.47 -43.30
N ALA F 393 -20.81 15.36 -42.56
CA ALA F 393 -21.99 14.50 -42.30
C ALA F 393 -22.92 15.19 -41.30
N ARG F 394 -22.37 15.93 -40.33
CA ARG F 394 -23.12 16.56 -39.20
C ARG F 394 -23.94 17.76 -39.69
N SER F 395 -23.72 18.24 -40.93
CA SER F 395 -24.46 19.36 -41.55
C SER F 395 -25.85 18.90 -42.01
N SER F 396 -25.93 17.71 -42.60
CA SER F 396 -27.12 17.19 -43.33
C SER F 396 -27.99 16.31 -42.43
N TRP F 397 -29.32 16.42 -42.58
CA TRP F 397 -30.33 15.49 -42.01
C TRP F 397 -30.16 14.11 -42.63
N LYS F 398 -30.22 14.03 -43.96
CA LYS F 398 -30.01 12.79 -44.75
C LYS F 398 -28.51 12.50 -44.84
N GLN F 399 -28.15 11.27 -45.22
CA GLN F 399 -26.75 10.83 -45.45
C GLN F 399 -26.20 11.56 -46.69
N ILE F 400 -24.87 11.73 -46.75
CA ILE F 400 -24.16 12.41 -47.86
C ILE F 400 -24.10 11.45 -49.06
N MET F 401 -24.92 11.71 -50.08
CA MET F 401 -25.10 10.86 -51.29
C MET F 401 -24.30 11.43 -52.47
N ASN F 402 -23.95 10.58 -53.44
CA ASN F 402 -23.36 10.94 -54.76
C ASN F 402 -21.88 11.29 -54.61
N LYS F 403 -21.50 12.09 -53.61
CA LYS F 403 -20.09 12.49 -53.34
C LYS F 403 -19.30 11.27 -52.88
N LYS F 404 -18.09 11.08 -53.42
CA LYS F 404 -17.22 9.90 -53.18
C LYS F 404 -16.27 10.18 -52.01
N LEU F 405 -16.27 9.31 -51.00
CA LEU F 405 -15.32 9.34 -49.86
C LEU F 405 -13.98 8.77 -50.33
N GLU F 406 -12.87 9.49 -50.10
CA GLU F 406 -11.51 9.15 -50.60
C GLU F 406 -10.51 9.26 -49.45
N PRO F 407 -9.58 8.29 -49.29
CA PRO F 407 -8.63 8.30 -48.18
C PRO F 407 -7.47 9.28 -48.35
N LYS F 408 -6.70 9.51 -47.27
CA LYS F 408 -5.48 10.36 -47.25
C LYS F 408 -4.29 9.53 -46.75
N GLN F 409 -3.24 9.41 -47.57
CA GLN F 409 -1.99 8.66 -47.25
C GLN F 409 -1.28 9.36 -46.08
N ILE F 410 -1.18 8.68 -44.93
CA ILE F 410 -0.49 9.19 -43.71
C ILE F 410 0.49 8.11 -43.23
N ASN F 411 1.80 8.40 -43.34
CA ASN F 411 2.92 7.45 -43.09
C ASN F 411 2.74 6.22 -43.99
N ASN F 412 2.16 5.14 -43.46
CA ASN F 412 1.92 3.86 -44.18
C ASN F 412 0.42 3.60 -44.32
N ALA F 413 -0.40 4.17 -43.43
CA ALA F 413 -1.87 3.97 -43.36
C ALA F 413 -2.58 4.93 -44.34
N LEU F 414 -3.75 4.51 -44.81
CA LEU F 414 -4.66 5.28 -45.70
C LEU F 414 -5.99 5.50 -44.98
N VAL F 415 -6.05 6.53 -44.11
CA VAL F 415 -7.21 6.82 -43.23
C VAL F 415 -8.41 7.14 -44.12
N LEU F 416 -9.55 6.50 -43.86
CA LEU F 416 -10.84 6.74 -44.56
C LEU F 416 -11.79 7.52 -43.64
N TRP F 417 -11.70 7.30 -42.33
CA TRP F 417 -12.50 7.98 -41.28
C TRP F 417 -11.80 7.84 -39.93
N GLU F 418 -12.22 8.62 -38.92
CA GLU F 418 -11.81 8.48 -37.50
C GLU F 418 -11.89 7.00 -37.08
N GLN F 419 -10.73 6.36 -36.91
CA GLN F 419 -10.55 4.94 -36.48
C GLN F 419 -10.98 3.97 -37.58
N GLN F 420 -11.03 4.44 -38.83
CA GLN F 420 -11.30 3.61 -40.04
C GLN F 420 -10.08 3.69 -40.96
N PHE F 421 -9.58 2.54 -41.41
CA PHE F 421 -8.36 2.42 -42.26
C PHE F 421 -8.65 1.55 -43.48
N MET F 422 -7.71 1.53 -44.44
CA MET F 422 -7.82 0.82 -45.73
C MET F 422 -6.84 -0.36 -45.74
N ILE F 423 -7.29 -1.51 -46.23
CA ILE F 423 -6.47 -2.76 -46.39
C ILE F 423 -5.60 -2.59 -47.64
N ASN F 424 -4.33 -2.24 -47.44
CA ASN F 424 -3.31 -2.00 -48.51
C ASN F 424 -2.70 -3.33 -48.92
N ASN F 425 -2.94 -3.77 -50.17
CA ASN F 425 -2.56 -5.11 -50.70
C ASN F 425 -1.04 -5.19 -50.90
N ASP F 426 -0.34 -4.06 -50.89
CA ASP F 426 1.15 -3.98 -51.01
C ASP F 426 1.79 -4.29 -49.65
N LEU F 427 1.21 -3.81 -48.55
CA LEU F 427 1.79 -3.88 -47.18
C LEU F 427 1.66 -5.31 -46.62
N ILE F 428 0.74 -6.13 -47.14
CA ILE F 428 0.54 -7.55 -46.74
C ILE F 428 0.97 -8.46 -47.89
N ASP F 429 1.57 -9.61 -47.57
CA ASP F 429 1.90 -10.69 -48.54
C ASP F 429 0.59 -11.33 -49.02
N LYS F 430 0.59 -11.80 -50.27
CA LYS F 430 -0.59 -12.44 -50.93
C LYS F 430 -1.02 -13.65 -50.10
N SER F 431 -0.06 -14.42 -49.56
CA SER F 431 -0.29 -15.63 -48.73
C SER F 431 -0.71 -15.24 -47.31
N GLU F 432 -0.15 -14.15 -46.77
CA GLU F 432 -0.39 -13.71 -45.37
C GLU F 432 -1.75 -12.99 -45.28
N LYS F 433 -2.22 -12.38 -46.37
CA LYS F 433 -3.57 -11.77 -46.45
C LYS F 433 -4.63 -12.87 -46.45
N LEU F 434 -4.40 -13.93 -47.24
CA LEU F 434 -5.26 -15.13 -47.32
C LEU F 434 -5.44 -15.70 -45.90
N LYS F 435 -4.35 -16.11 -45.25
CA LYS F 435 -4.33 -16.75 -43.89
C LYS F 435 -5.34 -16.05 -42.97
N LEU F 436 -5.32 -14.72 -42.92
CA LEU F 436 -6.12 -13.89 -41.98
C LEU F 436 -7.61 -14.07 -42.27
N PHE F 437 -7.99 -14.21 -43.54
CA PHE F 437 -9.41 -14.14 -43.99
C PHE F 437 -9.98 -15.53 -44.25
N LYS F 438 -9.23 -16.44 -44.88
CA LYS F 438 -9.67 -17.82 -45.19
C LYS F 438 -9.77 -18.64 -43.89
N ASN F 439 -8.74 -18.59 -43.05
CA ASN F 439 -8.57 -19.46 -41.87
C ASN F 439 -9.06 -18.75 -40.60
N PHE F 440 -8.63 -17.51 -40.36
CA PHE F 440 -8.86 -16.78 -39.08
C PHE F 440 -10.25 -16.12 -39.10
N CYS F 441 -10.59 -15.37 -40.15
CA CYS F 441 -11.89 -14.66 -40.30
C CYS F 441 -12.97 -15.61 -40.83
N GLY F 442 -12.57 -16.63 -41.61
CA GLY F 442 -13.46 -17.69 -42.12
C GLY F 442 -14.28 -17.27 -43.32
N ILE F 443 -13.90 -16.17 -43.98
CA ILE F 443 -14.52 -15.69 -45.27
C ILE F 443 -14.06 -16.63 -46.38
N GLY F 444 -14.92 -17.57 -46.79
CA GLY F 444 -14.64 -18.59 -47.81
C GLY F 444 -13.98 -19.81 -47.19
N LYS F 445 -14.73 -20.60 -46.42
CA LYS F 445 -14.24 -21.80 -45.68
C LYS F 445 -14.98 -23.04 -46.18
N HIS F 446 -16.30 -22.95 -46.40
CA HIS F 446 -17.16 -24.03 -46.95
C HIS F 446 -16.57 -24.54 -48.28
N SER F 460 -21.02 -36.22 -38.35
CA SER F 460 -21.82 -34.99 -38.59
C SER F 460 -22.82 -34.75 -37.43
N LYS F 461 -22.42 -35.10 -36.20
CA LYS F 461 -23.21 -34.86 -34.96
C LYS F 461 -22.77 -33.55 -34.33
N PRO F 462 -23.55 -32.95 -33.40
CA PRO F 462 -23.11 -31.75 -32.68
C PRO F 462 -21.93 -32.04 -31.74
N LYS F 463 -20.98 -31.09 -31.67
CA LYS F 463 -19.75 -31.16 -30.82
C LYS F 463 -20.08 -30.60 -29.43
N ILE F 464 -19.79 -31.38 -28.39
CA ILE F 464 -20.16 -31.10 -26.97
C ILE F 464 -19.02 -31.63 -26.07
N LEU F 465 -18.90 -31.08 -24.85
CA LEU F 465 -17.82 -31.45 -23.88
C LEU F 465 -18.36 -32.42 -22.83
N ASP F 466 -17.61 -33.48 -22.52
CA ASP F 466 -18.02 -34.52 -21.53
C ASP F 466 -18.04 -33.88 -20.12
N PHE F 467 -19.24 -33.63 -19.62
CA PHE F 467 -19.52 -32.94 -18.33
C PHE F 467 -19.42 -33.95 -17.16
N ASP F 468 -19.21 -35.24 -17.47
CA ASP F 468 -19.02 -36.34 -16.48
C ASP F 468 -17.54 -36.67 -16.33
N ASP F 469 -16.65 -36.02 -17.09
CA ASP F 469 -15.18 -36.12 -16.90
C ASP F 469 -14.76 -35.14 -15.80
N ALA F 470 -14.21 -35.66 -14.70
CA ALA F 470 -13.74 -34.89 -13.53
C ALA F 470 -12.57 -33.98 -13.93
N ASN F 471 -11.81 -34.37 -14.96
CA ASN F 471 -10.63 -33.64 -15.49
C ASN F 471 -11.08 -32.62 -16.55
N MET F 472 -12.35 -32.65 -16.95
CA MET F 472 -13.02 -31.61 -17.77
C MET F 472 -13.74 -30.63 -16.83
N TYR F 473 -14.51 -31.15 -15.87
CA TYR F 473 -15.16 -30.35 -14.80
C TYR F 473 -14.09 -29.58 -14.02
N LEU F 474 -12.96 -30.22 -13.75
CA LEU F 474 -11.73 -29.58 -13.19
C LEU F 474 -11.39 -28.37 -14.07
N ALA F 475 -11.08 -28.61 -15.33
CA ALA F 475 -10.69 -27.58 -16.33
C ALA F 475 -11.71 -26.43 -16.31
N SER F 476 -13.00 -26.76 -16.26
CA SER F 476 -14.11 -25.77 -16.20
C SER F 476 -14.05 -24.99 -14.87
N LEU F 477 -13.72 -25.66 -13.76
CA LEU F 477 -13.66 -25.08 -12.40
C LEU F 477 -12.46 -24.12 -12.31
N THR F 478 -11.31 -24.53 -12.86
CA THR F 478 -10.02 -23.77 -12.88
C THR F 478 -10.20 -22.49 -13.69
N MET F 479 -11.07 -22.51 -14.71
CA MET F 479 -11.45 -21.32 -15.51
C MET F 479 -12.17 -20.30 -14.59
N MET F 480 -13.03 -20.79 -13.69
CA MET F 480 -13.76 -19.96 -12.69
C MET F 480 -12.77 -19.47 -11.63
N GLU F 481 -11.96 -20.38 -11.09
CA GLU F 481 -10.88 -20.07 -10.10
C GLU F 481 -9.97 -18.97 -10.68
N GLN F 482 -9.61 -19.08 -11.96
CA GLN F 482 -8.81 -18.08 -12.71
C GLN F 482 -9.54 -16.73 -12.70
N SER F 483 -10.82 -16.73 -13.09
CA SER F 483 -11.67 -15.52 -13.21
C SER F 483 -11.79 -14.83 -11.85
N LYS F 484 -12.12 -15.58 -10.80
CA LYS F 484 -12.25 -15.06 -9.40
C LYS F 484 -10.91 -14.43 -8.97
N LYS F 485 -9.79 -15.07 -9.34
CA LYS F 485 -8.42 -14.66 -8.95
C LYS F 485 -8.12 -13.24 -9.49
N ILE F 486 -8.64 -12.92 -10.69
CA ILE F 486 -8.29 -11.69 -11.44
C ILE F 486 -9.38 -10.61 -11.25
N LEU F 487 -10.67 -11.00 -11.25
CA LEU F 487 -11.80 -10.03 -11.29
C LEU F 487 -12.11 -9.48 -9.89
N SER F 488 -11.84 -10.26 -8.83
CA SER F 488 -12.06 -9.85 -7.41
C SER F 488 -11.22 -8.61 -7.09
N LYS F 489 -10.04 -8.47 -7.71
CA LYS F 489 -9.11 -7.32 -7.53
C LYS F 489 -9.80 -6.02 -7.95
N SER F 490 -9.71 -4.99 -7.09
CA SER F 490 -10.42 -3.70 -7.20
C SER F 490 -9.98 -2.93 -8.45
N ASN F 491 -10.83 -2.01 -8.92
CA ASN F 491 -10.55 -1.08 -10.05
C ASN F 491 -9.46 -0.09 -9.62
N GLY F 492 -9.56 0.40 -8.38
CA GLY F 492 -8.73 1.50 -7.84
C GLY F 492 -9.25 2.85 -8.28
N LEU F 493 -10.25 2.86 -9.17
CA LEU F 493 -10.92 4.06 -9.71
C LEU F 493 -12.11 4.40 -8.80
N LYS F 494 -12.55 5.67 -8.79
CA LYS F 494 -13.68 6.15 -7.95
C LYS F 494 -14.91 5.28 -8.22
N PRO F 495 -15.60 4.77 -7.18
CA PRO F 495 -16.80 3.96 -7.37
C PRO F 495 -18.04 4.86 -7.55
N ASP F 496 -18.03 5.68 -8.61
CA ASP F 496 -19.06 6.73 -8.87
C ASP F 496 -19.39 6.76 -10.36
N ASN F 497 -20.48 6.10 -10.76
CA ASN F 497 -21.07 6.15 -12.13
C ASN F 497 -22.51 6.66 -12.02
N PHE F 498 -23.08 7.11 -13.15
CA PHE F 498 -24.39 7.80 -13.25
C PHE F 498 -25.42 7.17 -12.30
N ILE F 499 -25.54 5.84 -12.33
CA ILE F 499 -26.48 5.05 -11.48
C ILE F 499 -26.35 5.53 -10.03
N LEU F 500 -25.15 5.39 -9.45
CA LEU F 500 -24.84 5.78 -8.05
C LEU F 500 -24.91 7.30 -7.91
N ASN F 501 -24.26 8.04 -8.82
CA ASN F 501 -24.15 9.52 -8.80
C ASN F 501 -25.55 10.15 -8.67
N GLU F 502 -26.55 9.62 -9.39
CA GLU F 502 -27.87 10.29 -9.56
C GLU F 502 -29.00 9.52 -8.85
N PHE F 503 -28.83 8.23 -8.55
CA PHE F 503 -29.89 7.40 -7.90
C PHE F 503 -29.41 6.79 -6.56
N GLY F 504 -28.11 6.86 -6.26
CA GLY F 504 -27.53 6.33 -5.00
C GLY F 504 -28.30 6.81 -3.78
N SER F 505 -28.58 8.12 -3.71
CA SER F 505 -29.34 8.80 -2.62
C SER F 505 -30.69 8.10 -2.40
N ARG F 506 -31.42 7.83 -3.49
CA ARG F 506 -32.80 7.27 -3.45
C ARG F 506 -32.75 5.76 -3.21
N ILE F 507 -31.60 5.12 -3.45
CA ILE F 507 -31.39 3.67 -3.12
C ILE F 507 -31.03 3.55 -1.64
N LYS F 508 -30.09 4.36 -1.15
CA LYS F 508 -29.53 4.27 0.23
C LYS F 508 -30.65 4.40 1.26
N ASP F 509 -31.59 5.33 1.08
CA ASP F 509 -32.66 5.63 2.06
C ASP F 509 -33.68 4.48 2.10
N ALA F 510 -33.77 3.69 1.02
CA ALA F 510 -34.68 2.53 0.90
C ALA F 510 -34.12 1.35 1.70
N ASN F 511 -32.86 1.00 1.45
CA ASN F 511 -32.11 -0.05 2.19
C ASN F 511 -30.61 0.23 2.05
N LYS F 512 -29.96 0.60 3.16
CA LYS F 512 -28.53 1.02 3.21
C LYS F 512 -27.65 -0.14 2.74
N GLU F 513 -28.04 -1.37 3.06
CA GLU F 513 -27.30 -2.62 2.70
C GLU F 513 -27.06 -2.64 1.18
N THR F 514 -28.12 -2.42 0.38
CA THR F 514 -28.06 -2.53 -1.11
C THR F 514 -27.15 -1.44 -1.68
N TYR F 515 -27.13 -0.25 -1.10
CA TYR F 515 -26.21 0.85 -1.50
C TYR F 515 -24.78 0.33 -1.38
N ASP F 516 -24.44 -0.26 -0.23
CA ASP F 516 -23.11 -0.88 0.04
C ASP F 516 -22.86 -2.02 -0.96
N ASN F 517 -23.83 -2.92 -1.10
CA ASN F 517 -23.80 -4.06 -2.07
C ASN F 517 -23.41 -3.52 -3.45
N MET F 518 -24.00 -2.40 -3.86
CA MET F 518 -23.75 -1.75 -5.18
C MET F 518 -22.27 -1.34 -5.24
N HIS F 519 -21.81 -0.56 -4.26
CA HIS F 519 -20.39 -0.15 -4.08
C HIS F 519 -19.49 -1.38 -4.25
N LYS F 520 -19.73 -2.43 -3.45
CA LYS F 520 -18.94 -3.69 -3.45
C LYS F 520 -18.76 -4.18 -4.88
N ILE F 521 -19.78 -4.03 -5.75
CA ILE F 521 -19.72 -4.47 -7.17
C ILE F 521 -18.84 -3.48 -7.94
N PHE F 522 -19.24 -2.20 -7.95
CA PHE F 522 -18.61 -1.11 -8.74
C PHE F 522 -17.10 -1.06 -8.46
N GLU F 523 -16.72 -1.18 -7.19
CA GLU F 523 -15.30 -1.24 -6.73
C GLU F 523 -14.57 -2.36 -7.49
N THR F 524 -15.18 -3.54 -7.60
CA THR F 524 -14.53 -4.80 -8.05
C THR F 524 -14.43 -4.84 -9.58
N GLY F 525 -13.34 -5.45 -10.08
CA GLY F 525 -12.98 -5.55 -11.50
C GLY F 525 -14.06 -6.22 -12.33
N TYR F 526 -14.95 -6.99 -11.69
CA TYR F 526 -16.16 -7.60 -12.29
C TYR F 526 -16.95 -6.53 -13.07
N TRP F 527 -17.24 -5.41 -12.41
CA TRP F 527 -18.07 -4.30 -12.96
C TRP F 527 -17.34 -3.63 -14.13
N GLN F 528 -16.04 -3.34 -13.95
CA GLN F 528 -15.18 -2.66 -14.96
C GLN F 528 -15.02 -3.58 -16.18
N CYS F 529 -14.96 -4.90 -15.96
CA CYS F 529 -14.83 -5.93 -17.02
C CYS F 529 -16.04 -5.85 -17.96
N ILE F 530 -17.24 -6.04 -17.40
CA ILE F 530 -18.52 -6.07 -18.17
C ILE F 530 -18.79 -4.70 -18.78
N SER F 531 -18.70 -3.62 -17.99
CA SER F 531 -19.08 -2.24 -18.40
C SER F 531 -18.24 -1.80 -19.60
N ASP F 532 -16.95 -2.16 -19.62
CA ASP F 532 -15.99 -1.82 -20.70
C ASP F 532 -16.29 -2.67 -21.94
N PHE F 533 -16.79 -3.90 -21.77
CA PHE F 533 -17.26 -4.77 -22.89
C PHE F 533 -18.54 -4.17 -23.48
N SER F 534 -19.44 -3.71 -22.61
CA SER F 534 -20.66 -2.93 -22.95
C SER F 534 -20.28 -1.70 -23.79
N THR F 535 -19.52 -0.79 -23.18
CA THR F 535 -19.07 0.49 -23.80
C THR F 535 -18.26 0.19 -25.07
N LEU F 536 -17.52 -0.91 -25.10
CA LEU F 536 -16.69 -1.31 -26.27
C LEU F 536 -17.61 -1.81 -27.40
N MET F 537 -18.58 -2.67 -27.08
CA MET F 537 -19.51 -3.27 -28.10
C MET F 537 -20.35 -2.17 -28.73
N LYS F 538 -20.87 -1.23 -27.92
CA LYS F 538 -21.61 -0.03 -28.40
C LYS F 538 -20.81 0.66 -29.50
N ASN F 539 -19.48 0.69 -29.35
CA ASN F 539 -18.52 1.38 -30.26
C ASN F 539 -18.07 0.42 -31.36
N ILE F 540 -18.21 -0.89 -31.16
CA ILE F 540 -17.95 -1.93 -32.19
C ILE F 540 -19.08 -1.86 -33.22
N LEU F 541 -20.33 -1.81 -32.75
CA LEU F 541 -21.55 -1.73 -33.59
C LEU F 541 -21.57 -0.41 -34.37
N SER F 542 -21.42 0.70 -33.65
CA SER F 542 -21.37 2.09 -34.19
C SER F 542 -20.36 2.17 -35.36
N VAL F 543 -19.25 1.43 -35.24
CA VAL F 543 -18.16 1.36 -36.27
C VAL F 543 -18.59 0.38 -37.37
N SER F 544 -19.13 -0.78 -37.00
CA SER F 544 -19.43 -1.92 -37.92
C SER F 544 -20.48 -1.53 -38.97
N GLN F 545 -21.28 -0.50 -38.70
CA GLN F 545 -22.40 -0.04 -39.58
C GLN F 545 -21.84 0.40 -40.94
N TYR F 546 -20.78 1.23 -40.94
CA TYR F 546 -20.16 1.82 -42.15
C TYR F 546 -18.84 1.10 -42.47
N ASN F 547 -18.65 -0.10 -41.91
CA ASN F 547 -17.48 -0.99 -42.18
C ASN F 547 -17.62 -1.55 -43.60
N ARG F 548 -16.67 -1.23 -44.48
CA ARG F 548 -16.65 -1.63 -45.91
C ARG F 548 -15.94 -2.98 -46.06
N HIS F 549 -15.76 -3.44 -47.31
CA HIS F 549 -15.17 -4.77 -47.67
C HIS F 549 -13.65 -4.66 -47.89
N ASN F 550 -13.11 -3.44 -47.94
CA ASN F 550 -11.66 -3.17 -48.13
C ASN F 550 -11.11 -2.40 -46.92
N THR F 551 -11.86 -2.33 -45.82
CA THR F 551 -11.52 -1.57 -44.59
C THR F 551 -11.50 -2.51 -43.38
N PHE F 552 -10.61 -2.22 -42.43
CA PHE F 552 -10.63 -2.75 -41.04
C PHE F 552 -10.71 -1.54 -40.09
N ARG F 553 -11.69 -1.55 -39.17
CA ARG F 553 -11.97 -0.42 -38.25
C ARG F 553 -11.48 -0.78 -36.84
N ILE F 554 -11.09 0.25 -36.08
CA ILE F 554 -10.59 0.14 -34.67
C ILE F 554 -11.66 0.72 -33.75
N ALA F 555 -12.04 -0.02 -32.71
CA ALA F 555 -13.01 0.41 -31.66
C ALA F 555 -12.31 0.36 -30.31
N MET F 556 -12.21 1.52 -29.64
CA MET F 556 -11.60 1.67 -28.30
C MET F 556 -12.70 1.94 -27.28
N CYS F 557 -12.38 1.82 -25.99
CA CYS F 557 -13.31 1.93 -24.84
C CYS F 557 -12.73 2.86 -23.78
N ALA F 558 -13.40 2.97 -22.63
CA ALA F 558 -12.97 3.74 -21.44
C ALA F 558 -11.64 3.19 -20.90
N ASN F 559 -11.33 1.92 -21.19
CA ASN F 559 -10.05 1.26 -20.84
C ASN F 559 -9.01 1.59 -21.92
N ASN F 560 -7.81 2.01 -21.51
CA ASN F 560 -6.72 2.50 -22.40
C ASN F 560 -5.72 1.37 -22.69
N ASN F 561 -6.04 0.13 -22.30
CA ASN F 561 -5.29 -1.10 -22.65
C ASN F 561 -6.15 -2.00 -23.55
N VAL F 562 -7.48 -1.91 -23.42
CA VAL F 562 -8.48 -2.77 -24.12
C VAL F 562 -8.89 -2.09 -25.43
N PHE F 563 -8.85 -2.84 -26.54
CA PHE F 563 -9.22 -2.39 -27.90
C PHE F 563 -9.94 -3.52 -28.63
N ALA F 564 -10.55 -3.21 -29.77
CA ALA F 564 -11.22 -4.18 -30.67
C ALA F 564 -10.96 -3.80 -32.14
N ILE F 565 -10.72 -4.80 -33.00
CA ILE F 565 -10.52 -4.62 -34.47
C ILE F 565 -11.68 -5.30 -35.20
N VAL F 566 -12.52 -4.52 -35.88
CA VAL F 566 -13.71 -5.04 -36.63
C VAL F 566 -13.27 -5.27 -38.09
N PHE F 567 -13.09 -6.55 -38.47
CA PHE F 567 -12.60 -6.98 -39.81
C PHE F 567 -13.73 -6.86 -40.82
N PRO F 568 -13.43 -6.83 -42.14
CA PRO F 568 -14.47 -6.72 -43.16
C PRO F 568 -15.48 -7.87 -43.13
N SER F 569 -16.77 -7.53 -42.95
CA SER F 569 -17.92 -8.47 -42.89
C SER F 569 -18.41 -8.77 -44.31
N ALA F 570 -18.59 -10.05 -44.62
CA ALA F 570 -19.10 -10.55 -45.94
C ALA F 570 -20.63 -10.42 -45.97
N ALA F 577 -27.54 -8.99 -40.18
CA ALA F 577 -26.16 -8.63 -40.60
C ALA F 577 -25.14 -9.26 -39.65
N THR F 578 -23.90 -9.39 -40.11
CA THR F 578 -22.78 -10.08 -39.42
C THR F 578 -21.75 -9.06 -38.96
N VAL F 579 -21.34 -9.13 -37.68
CA VAL F 579 -20.23 -8.32 -37.09
C VAL F 579 -19.05 -9.28 -36.87
N VAL F 580 -17.92 -9.02 -37.54
CA VAL F 580 -16.67 -9.83 -37.43
C VAL F 580 -15.63 -9.01 -36.67
N TYR F 581 -15.31 -9.41 -35.44
CA TYR F 581 -14.46 -8.61 -34.51
C TYR F 581 -13.51 -9.52 -33.72
N SER F 582 -12.35 -8.96 -33.35
CA SER F 582 -11.39 -9.48 -32.34
C SER F 582 -11.18 -8.40 -31.27
N ILE F 583 -11.07 -8.84 -30.01
CA ILE F 583 -10.66 -7.98 -28.85
C ILE F 583 -9.13 -8.06 -28.77
N ILE F 584 -8.45 -6.91 -28.88
CA ILE F 584 -6.97 -6.79 -28.77
C ILE F 584 -6.65 -6.01 -27.49
N VAL F 585 -5.95 -6.64 -26.54
CA VAL F 585 -5.69 -6.06 -25.18
C VAL F 585 -4.18 -5.96 -24.95
N LEU F 586 -3.73 -4.88 -24.29
CA LEU F 586 -2.30 -4.63 -23.94
C LEU F 586 -2.13 -4.72 -22.41
N HIS F 587 -2.36 -5.91 -21.85
CA HIS F 587 -2.22 -6.23 -20.40
C HIS F 587 -0.78 -5.95 -19.92
N LYS F 588 -0.62 -5.74 -18.61
CA LYS F 588 0.66 -5.28 -17.96
C LYS F 588 1.74 -6.36 -18.12
N GLU F 589 1.77 -7.35 -17.21
CA GLU F 589 2.70 -8.51 -17.22
C GLU F 589 2.03 -9.64 -18.01
N GLU F 590 2.73 -10.75 -18.26
CA GLU F 590 2.16 -11.90 -19.01
C GLU F 590 1.18 -12.64 -18.10
N GLU F 591 0.02 -13.05 -18.66
CA GLU F 591 -1.10 -13.74 -17.95
C GLU F 591 -1.66 -12.86 -16.81
N ASN F 592 -1.71 -11.54 -17.04
CA ASN F 592 -2.58 -10.60 -16.26
C ASN F 592 -3.81 -10.29 -17.13
N ILE F 593 -4.41 -11.32 -17.74
CA ILE F 593 -5.53 -11.21 -18.72
C ILE F 593 -6.60 -12.26 -18.39
N PHE F 594 -7.87 -11.91 -18.61
CA PHE F 594 -9.04 -12.80 -18.39
C PHE F 594 -9.42 -13.46 -19.71
N ASN F 595 -9.29 -14.79 -19.79
CA ASN F 595 -9.73 -15.62 -20.95
C ASN F 595 -10.86 -16.53 -20.50
N PRO F 596 -12.10 -16.33 -20.99
CA PRO F 596 -13.20 -17.26 -20.72
C PRO F 596 -13.23 -18.46 -21.69
N GLY F 597 -12.27 -18.52 -22.62
CA GLY F 597 -12.24 -19.45 -23.77
C GLY F 597 -12.43 -18.71 -25.09
N CYS F 598 -12.11 -17.42 -25.11
CA CYS F 598 -12.30 -16.48 -26.26
C CYS F 598 -10.96 -16.17 -26.94
N LEU F 599 -9.86 -16.25 -26.18
CA LEU F 599 -8.50 -15.80 -26.61
C LEU F 599 -7.92 -16.78 -27.65
N HIS F 600 -7.31 -16.24 -28.71
CA HIS F 600 -6.52 -16.96 -29.73
C HIS F 600 -5.10 -17.18 -29.18
N GLY F 601 -4.47 -16.12 -28.66
CA GLY F 601 -3.14 -16.19 -28.05
C GLY F 601 -2.62 -14.85 -27.55
N THR F 602 -1.73 -14.89 -26.55
CA THR F 602 -0.94 -13.74 -26.03
C THR F 602 0.35 -13.63 -26.86
N PHE F 603 0.94 -12.44 -26.93
CA PHE F 603 2.20 -12.16 -27.67
C PHE F 603 3.03 -11.10 -26.94
N LYS F 604 4.36 -11.28 -26.93
CA LYS F 604 5.34 -10.32 -26.36
C LYS F 604 5.70 -9.28 -27.43
N CYS F 605 5.55 -7.99 -27.08
CA CYS F 605 5.67 -6.82 -27.98
C CYS F 605 6.80 -5.90 -27.49
N MET F 606 6.78 -4.64 -27.96
CA MET F 606 7.81 -3.57 -27.81
C MET F 606 8.16 -3.31 -26.34
N ASN F 607 7.16 -2.88 -25.55
CA ASN F 607 7.32 -2.49 -24.12
C ASN F 607 6.62 -3.54 -23.24
N GLY F 608 5.30 -3.69 -23.41
CA GLY F 608 4.48 -4.66 -22.66
C GLY F 608 4.17 -5.91 -23.46
N TYR F 609 3.07 -6.57 -23.11
CA TYR F 609 2.51 -7.77 -23.79
C TYR F 609 1.17 -7.39 -24.43
N ILE F 610 0.86 -7.97 -25.60
CA ILE F 610 -0.42 -7.73 -26.34
C ILE F 610 -1.04 -9.08 -26.71
N SER F 611 -2.34 -9.22 -26.44
CA SER F 611 -3.15 -10.45 -26.65
C SER F 611 -4.32 -10.15 -27.59
N ILE F 612 -4.41 -10.93 -28.67
CA ILE F 612 -5.46 -10.85 -29.73
C ILE F 612 -6.34 -12.09 -29.60
N SER F 613 -7.66 -11.89 -29.56
CA SER F 613 -8.69 -12.95 -29.36
C SER F 613 -9.15 -13.49 -30.72
N ARG F 614 -9.53 -14.77 -30.75
CA ARG F 614 -10.11 -15.46 -31.94
C ARG F 614 -11.19 -14.56 -32.56
N ALA F 615 -11.31 -14.57 -33.89
CA ALA F 615 -12.29 -13.75 -34.64
C ALA F 615 -13.71 -14.25 -34.34
N ILE F 616 -14.51 -13.42 -33.66
CA ILE F 616 -15.93 -13.71 -33.32
C ILE F 616 -16.79 -13.15 -34.45
N ARG F 617 -17.74 -13.96 -34.95
CA ARG F 617 -18.78 -13.58 -35.96
C ARG F 617 -20.15 -13.64 -35.28
N LEU F 618 -20.55 -12.53 -34.68
CA LEU F 618 -21.84 -12.38 -33.93
C LEU F 618 -22.79 -11.53 -34.77
N ASP F 619 -24.08 -11.53 -34.43
CA ASP F 619 -25.15 -10.77 -35.12
C ASP F 619 -25.61 -9.62 -34.21
N LYS F 620 -25.97 -8.49 -34.82
CA LYS F 620 -26.29 -7.22 -34.12
C LYS F 620 -27.34 -7.48 -33.03
N GLU F 621 -28.31 -8.36 -33.30
CA GLU F 621 -29.38 -8.77 -32.34
C GLU F 621 -28.74 -9.26 -31.03
N ARG F 622 -27.70 -10.09 -31.13
CA ARG F 622 -26.98 -10.67 -29.96
C ARG F 622 -26.16 -9.57 -29.28
N CYS F 623 -25.38 -8.82 -30.07
CA CYS F 623 -24.46 -7.75 -29.59
C CYS F 623 -25.23 -6.74 -28.72
N GLN F 624 -26.40 -6.29 -29.19
CA GLN F 624 -27.30 -5.34 -28.47
C GLN F 624 -27.37 -5.73 -26.99
N ARG F 625 -27.72 -6.99 -26.69
CA ARG F 625 -27.87 -7.52 -25.32
C ARG F 625 -26.57 -7.34 -24.54
N ILE F 626 -25.43 -7.61 -25.19
CA ILE F 626 -24.07 -7.43 -24.62
C ILE F 626 -23.89 -5.97 -24.17
N VAL F 627 -24.44 -5.01 -24.92
CA VAL F 627 -24.33 -3.56 -24.61
C VAL F 627 -25.14 -3.25 -23.34
N SER F 628 -26.32 -3.87 -23.18
CA SER F 628 -27.25 -3.68 -22.03
C SER F 628 -26.95 -4.71 -20.92
N SER F 629 -25.88 -5.50 -21.09
CA SER F 629 -25.46 -6.60 -20.16
C SER F 629 -25.18 -6.09 -18.75
N PRO F 630 -24.60 -4.89 -18.55
CA PRO F 630 -24.32 -4.40 -17.19
C PRO F 630 -25.60 -4.28 -16.34
N GLY F 631 -26.67 -3.74 -16.94
CA GLY F 631 -28.00 -3.62 -16.31
C GLY F 631 -28.54 -4.97 -15.89
N LEU F 632 -28.47 -5.95 -16.80
CA LEU F 632 -28.81 -7.38 -16.54
C LEU F 632 -27.97 -7.89 -15.37
N PHE F 633 -26.67 -7.56 -15.38
CA PHE F 633 -25.64 -8.07 -14.43
C PHE F 633 -25.90 -7.54 -13.03
N LEU F 634 -25.96 -6.21 -12.88
CA LEU F 634 -26.19 -5.52 -11.58
C LEU F 634 -27.39 -6.16 -10.87
N THR F 635 -28.53 -6.21 -11.57
CA THR F 635 -29.83 -6.76 -11.11
C THR F 635 -29.62 -8.19 -10.61
N THR F 636 -29.06 -9.06 -11.45
CA THR F 636 -28.70 -10.47 -11.12
C THR F 636 -28.08 -10.49 -9.71
N CYS F 637 -26.94 -9.83 -9.54
CA CYS F 637 -26.13 -9.79 -8.30
C CYS F 637 -27.01 -9.28 -7.14
N LEU F 638 -27.50 -8.04 -7.28
CA LEU F 638 -28.25 -7.36 -6.19
C LEU F 638 -29.42 -8.25 -5.74
N LEU F 639 -30.11 -8.89 -6.69
CA LEU F 639 -31.32 -9.73 -6.45
C LEU F 639 -30.94 -10.95 -5.62
N PHE F 640 -29.87 -11.65 -6.03
CA PHE F 640 -29.32 -12.84 -5.32
C PHE F 640 -28.85 -12.41 -3.92
N LYS F 641 -27.98 -11.41 -3.83
CA LYS F 641 -27.33 -11.01 -2.55
C LYS F 641 -28.38 -10.42 -1.58
N HIS F 642 -29.42 -9.77 -2.11
CA HIS F 642 -30.43 -8.99 -1.34
C HIS F 642 -30.79 -9.71 -0.03
N ASP F 643 -30.40 -9.12 1.11
CA ASP F 643 -30.86 -9.49 2.48
C ASP F 643 -30.52 -10.95 2.77
N ASN F 644 -29.34 -11.41 2.32
CA ASN F 644 -28.79 -12.75 2.63
C ASN F 644 -27.29 -12.61 2.91
N PRO F 645 -26.89 -12.53 4.20
CA PRO F 645 -25.50 -12.26 4.56
C PRO F 645 -24.56 -13.47 4.48
N THR F 646 -25.10 -14.68 4.26
CA THR F 646 -24.35 -15.96 4.22
C THR F 646 -23.76 -16.20 2.84
N LEU F 647 -24.11 -15.35 1.86
CA LEU F 647 -23.68 -15.50 0.44
C LEU F 647 -22.41 -14.67 0.19
N VAL F 648 -21.54 -15.18 -0.69
CA VAL F 648 -20.20 -14.62 -1.01
C VAL F 648 -20.35 -13.69 -2.23
N MET F 649 -20.25 -12.38 -2.02
CA MET F 649 -20.56 -11.35 -3.06
C MET F 649 -19.63 -11.49 -4.26
N SER F 650 -18.36 -11.86 -4.04
CA SER F 650 -17.35 -12.05 -5.12
C SER F 650 -17.64 -13.35 -5.90
N ASP F 651 -18.39 -14.29 -5.31
CA ASP F 651 -18.79 -15.57 -5.95
C ASP F 651 -20.06 -15.38 -6.78
N ILE F 652 -20.98 -14.52 -6.32
CA ILE F 652 -22.23 -14.19 -7.06
C ILE F 652 -21.85 -13.56 -8.41
N MET F 653 -20.96 -12.56 -8.37
CA MET F 653 -20.46 -11.80 -9.54
C MET F 653 -19.62 -12.72 -10.44
N ASN F 654 -18.91 -13.69 -9.85
CA ASN F 654 -18.09 -14.69 -10.58
C ASN F 654 -19.00 -15.50 -11.51
N PHE F 655 -20.20 -15.85 -11.05
CA PHE F 655 -21.21 -16.66 -11.78
C PHE F 655 -22.00 -15.75 -12.73
N SER F 656 -22.24 -14.51 -12.32
CA SER F 656 -23.16 -13.55 -12.98
C SER F 656 -22.64 -13.12 -14.36
N ILE F 657 -21.35 -12.78 -14.50
CA ILE F 657 -20.78 -12.33 -15.81
C ILE F 657 -20.96 -13.47 -16.82
N TYR F 658 -20.83 -14.72 -16.38
CA TYR F 658 -20.95 -15.92 -17.24
C TYR F 658 -22.40 -16.17 -17.65
N THR F 659 -23.37 -15.53 -16.97
CA THR F 659 -24.82 -15.63 -17.29
C THR F 659 -25.24 -14.43 -18.14
N SER F 660 -25.02 -13.22 -17.64
CA SER F 660 -25.50 -11.95 -18.23
C SER F 660 -24.85 -11.70 -19.60
N LEU F 661 -23.68 -12.30 -19.87
CA LEU F 661 -22.91 -12.14 -21.13
C LEU F 661 -22.95 -13.42 -21.97
N SER F 662 -23.64 -14.47 -21.50
CA SER F 662 -23.74 -15.78 -22.20
C SER F 662 -24.79 -15.71 -23.31
N ILE F 663 -24.32 -15.66 -24.56
CA ILE F 663 -25.13 -15.41 -25.79
C ILE F 663 -25.31 -16.71 -26.58
N THR F 664 -24.50 -17.73 -26.28
CA THR F 664 -24.59 -19.10 -26.87
C THR F 664 -25.90 -19.77 -26.43
N LYS F 665 -26.31 -20.82 -27.14
CA LYS F 665 -27.54 -21.60 -26.86
C LYS F 665 -27.24 -22.73 -25.86
N SER F 666 -25.96 -22.97 -25.58
CA SER F 666 -25.47 -23.99 -24.63
C SER F 666 -26.14 -23.81 -23.25
N VAL F 667 -26.35 -22.57 -22.81
CA VAL F 667 -26.77 -22.22 -21.42
C VAL F 667 -28.28 -22.46 -21.26
N LEU F 668 -29.09 -22.08 -22.27
CA LEU F 668 -30.57 -22.16 -22.23
C LEU F 668 -31.00 -23.59 -21.91
N SER F 669 -30.25 -24.57 -22.46
CA SER F 669 -30.47 -26.03 -22.29
C SER F 669 -30.29 -26.46 -20.83
N LEU F 670 -29.73 -25.60 -19.99
CA LEU F 670 -29.55 -25.84 -18.53
C LEU F 670 -30.62 -25.05 -17.75
N THR F 671 -30.67 -23.73 -18.00
CA THR F 671 -31.47 -22.73 -17.22
C THR F 671 -32.95 -23.14 -17.19
N GLU F 672 -33.49 -23.60 -18.33
CA GLU F 672 -34.93 -23.94 -18.47
C GLU F 672 -35.18 -25.26 -17.75
N PRO F 673 -34.56 -26.39 -18.16
CA PRO F 673 -34.86 -27.69 -17.55
C PRO F 673 -34.56 -27.79 -16.05
N ALA F 674 -33.65 -26.96 -15.52
CA ALA F 674 -33.31 -26.88 -14.08
C ALA F 674 -34.59 -26.66 -13.26
N ARG F 675 -35.37 -25.65 -13.65
CA ARG F 675 -36.59 -25.16 -12.94
C ARG F 675 -37.46 -26.34 -12.50
N TYR F 676 -37.64 -27.33 -13.38
CA TYR F 676 -38.48 -28.54 -13.15
C TYR F 676 -37.64 -29.61 -12.43
N MET F 677 -36.36 -29.75 -12.80
CA MET F 677 -35.44 -30.77 -12.24
C MET F 677 -35.27 -30.57 -10.73
N ILE F 678 -35.20 -29.32 -10.25
CA ILE F 678 -35.06 -29.02 -8.79
C ILE F 678 -36.44 -29.24 -8.13
N MET F 679 -37.47 -28.53 -8.60
CA MET F 679 -38.84 -28.54 -8.01
C MET F 679 -39.38 -29.97 -7.93
N ASN F 680 -39.19 -30.78 -8.98
CA ASN F 680 -39.55 -32.22 -8.99
C ASN F 680 -38.84 -32.93 -7.83
N SER F 681 -37.54 -32.66 -7.65
CA SER F 681 -36.63 -33.37 -6.73
C SER F 681 -36.89 -32.99 -5.26
N LEU F 682 -37.68 -31.94 -4.99
CA LEU F 682 -38.04 -31.52 -3.61
C LEU F 682 -39.56 -31.60 -3.37
N ALA F 683 -40.35 -31.95 -4.39
CA ALA F 683 -41.80 -32.19 -4.27
C ALA F 683 -42.03 -33.58 -3.66
N ILE F 684 -43.28 -33.87 -3.26
CA ILE F 684 -43.68 -35.13 -2.56
C ILE F 684 -43.87 -36.23 -3.61
N SER F 685 -44.88 -36.08 -4.49
CA SER F 685 -45.17 -37.01 -5.61
C SER F 685 -44.73 -36.35 -6.92
N SER F 686 -43.75 -36.96 -7.60
CA SER F 686 -43.08 -36.39 -8.79
C SER F 686 -42.17 -37.45 -9.43
N ASN F 687 -42.20 -37.54 -10.77
CA ASN F 687 -41.38 -38.49 -11.56
C ASN F 687 -40.14 -37.76 -12.10
N VAL F 688 -39.03 -37.84 -11.36
CA VAL F 688 -37.73 -37.19 -11.70
C VAL F 688 -37.02 -38.04 -12.76
N LYS F 689 -36.84 -39.33 -12.44
CA LYS F 689 -36.17 -40.35 -13.28
C LYS F 689 -36.51 -40.07 -14.74
N ASP F 690 -37.80 -40.11 -15.09
CA ASP F 690 -38.31 -40.00 -16.47
C ASP F 690 -37.89 -38.65 -17.06
N TYR F 691 -38.06 -37.55 -16.32
CA TYR F 691 -37.72 -36.17 -16.80
C TYR F 691 -36.23 -36.10 -17.11
N ILE F 692 -35.40 -36.61 -16.18
CA ILE F 692 -33.91 -36.50 -16.28
C ILE F 692 -33.42 -37.48 -17.35
N ALA F 693 -34.18 -38.54 -17.62
CA ALA F 693 -33.79 -39.66 -18.51
C ALA F 693 -34.28 -39.44 -19.95
N GLU F 694 -35.04 -38.37 -20.21
CA GLU F 694 -35.71 -38.13 -21.52
C GLU F 694 -35.74 -36.63 -21.84
N LYS F 695 -36.30 -35.82 -20.93
CA LYS F 695 -36.60 -34.38 -21.17
C LYS F 695 -35.35 -33.52 -20.95
N PHE F 696 -34.39 -33.95 -20.13
CA PHE F 696 -33.11 -33.22 -19.86
C PHE F 696 -32.02 -33.66 -20.83
N SER F 697 -31.52 -32.73 -21.65
CA SER F 697 -30.47 -32.93 -22.69
C SER F 697 -29.50 -31.75 -22.69
N PRO F 698 -28.36 -31.84 -21.97
CA PRO F 698 -27.34 -30.79 -22.02
C PRO F 698 -26.73 -30.61 -23.42
N TYR F 699 -26.43 -29.37 -23.78
CA TYR F 699 -25.75 -28.96 -25.03
C TYR F 699 -24.45 -28.24 -24.65
N THR F 700 -23.73 -28.76 -23.66
CA THR F 700 -22.50 -28.16 -23.07
C THR F 700 -21.44 -28.02 -24.17
N LYS F 701 -21.59 -26.96 -24.97
CA LYS F 701 -20.72 -26.58 -26.10
C LYS F 701 -19.55 -25.75 -25.55
N THR F 702 -19.88 -24.79 -24.66
CA THR F 702 -18.92 -23.87 -24.00
C THR F 702 -18.44 -24.50 -22.69
N LEU F 703 -17.57 -23.79 -21.96
CA LEU F 703 -16.82 -24.32 -20.79
C LEU F 703 -17.54 -23.96 -19.48
N PHE F 704 -18.22 -22.81 -19.44
CA PHE F 704 -19.10 -22.41 -18.29
C PHE F 704 -20.23 -23.43 -18.15
N SER F 705 -20.84 -23.81 -19.29
CA SER F 705 -21.94 -24.81 -19.40
C SER F 705 -21.59 -26.07 -18.62
N VAL F 706 -20.36 -26.56 -18.78
CA VAL F 706 -19.83 -27.78 -18.13
C VAL F 706 -19.89 -27.60 -16.61
N TYR F 707 -19.36 -26.49 -16.11
CA TYR F 707 -19.32 -26.12 -14.67
C TYR F 707 -20.74 -25.96 -14.14
N MET F 708 -21.61 -25.36 -14.94
CA MET F 708 -23.00 -25.00 -14.56
C MET F 708 -23.87 -26.27 -14.51
N THR F 709 -23.66 -27.21 -15.42
CA THR F 709 -24.32 -28.53 -15.45
C THR F 709 -24.12 -29.21 -14.08
N ARG F 710 -22.87 -29.28 -13.61
CA ARG F 710 -22.48 -29.97 -12.36
C ARG F 710 -23.06 -29.21 -11.15
N LEU F 711 -23.24 -27.90 -11.25
CA LEU F 711 -23.93 -27.08 -10.21
C LEU F 711 -25.37 -27.59 -10.07
N ILE F 712 -26.05 -27.81 -11.20
CA ILE F 712 -27.45 -28.33 -11.27
C ILE F 712 -27.45 -29.77 -10.74
N LYS F 713 -26.63 -30.66 -11.34
CA LYS F 713 -26.54 -32.07 -10.92
C LYS F 713 -26.59 -32.13 -9.39
N ASN F 714 -25.68 -31.41 -8.74
CA ASN F 714 -25.50 -31.38 -7.26
C ASN F 714 -26.78 -30.87 -6.60
N ALA F 715 -27.38 -29.80 -7.13
CA ALA F 715 -28.56 -29.11 -6.55
C ALA F 715 -29.79 -30.03 -6.53
N CYS F 716 -29.83 -31.05 -7.39
CA CYS F 716 -30.94 -32.04 -7.47
C CYS F 716 -30.97 -32.91 -6.19
N PHE F 717 -29.80 -33.30 -5.68
CA PHE F 717 -29.64 -34.20 -4.51
C PHE F 717 -29.86 -33.42 -3.21
N ASP F 718 -29.38 -32.17 -3.16
CA ASP F 718 -29.49 -31.27 -1.98
C ASP F 718 -30.97 -31.04 -1.64
N ALA F 719 -31.82 -30.97 -2.67
CA ALA F 719 -33.28 -30.76 -2.57
C ALA F 719 -33.93 -31.88 -1.75
N TYR F 720 -33.69 -33.14 -2.15
CA TYR F 720 -34.24 -34.36 -1.52
C TYR F 720 -34.00 -34.34 -0.01
N ASP F 721 -32.81 -33.91 0.42
CA ASP F 721 -32.37 -33.90 1.84
C ASP F 721 -32.88 -32.63 2.54
N GLN F 722 -33.53 -31.72 1.81
CA GLN F 722 -34.05 -30.42 2.33
C GLN F 722 -35.59 -30.40 2.25
N ARG F 723 -36.22 -31.42 1.67
CA ARG F 723 -37.70 -31.56 1.58
C ARG F 723 -38.34 -31.26 2.95
N GLN F 724 -37.76 -31.78 4.03
CA GLN F 724 -38.29 -31.66 5.42
C GLN F 724 -37.68 -30.44 6.14
N ARG F 725 -36.71 -29.76 5.51
CA ARG F 725 -36.04 -28.55 6.06
C ARG F 725 -36.95 -27.33 5.90
N VAL F 726 -38.06 -27.47 5.18
CA VAL F 726 -39.11 -26.41 4.99
C VAL F 726 -40.03 -26.42 6.21
N GLN F 727 -40.33 -25.23 6.76
CA GLN F 727 -41.23 -25.05 7.93
C GLN F 727 -42.39 -24.14 7.52
N LEU F 728 -43.52 -24.21 8.23
CA LEU F 728 -44.80 -23.52 7.90
C LEU F 728 -45.14 -22.50 8.99
N ARG F 729 -45.30 -21.23 8.59
CA ARG F 729 -45.36 -20.05 9.50
C ARG F 729 -46.55 -20.20 10.47
N ASP F 730 -46.36 -19.75 11.70
CA ASP F 730 -47.39 -19.78 12.79
C ASP F 730 -48.55 -18.86 12.37
N ILE F 731 -49.69 -19.44 12.02
CA ILE F 731 -50.81 -18.74 11.30
C ILE F 731 -51.68 -18.02 12.34
N TYR F 732 -51.65 -16.69 12.33
CA TYR F 732 -52.39 -15.80 13.27
C TYR F 732 -53.78 -15.51 12.69
N LEU F 733 -54.65 -16.53 12.70
CA LEU F 733 -56.07 -16.48 12.23
C LEU F 733 -56.95 -15.87 13.33
N SER F 734 -57.77 -14.87 12.96
CA SER F 734 -58.78 -14.20 13.81
C SER F 734 -59.98 -13.73 12.97
N ASP F 735 -60.45 -14.59 12.05
CA ASP F 735 -61.67 -14.40 11.21
C ASP F 735 -61.41 -13.37 10.11
N TYR F 736 -61.95 -13.62 8.91
CA TYR F 736 -61.80 -12.79 7.68
C TYR F 736 -60.30 -12.55 7.40
N ASP F 737 -59.68 -13.48 6.67
CA ASP F 737 -58.26 -13.41 6.23
C ASP F 737 -57.35 -13.62 7.45
N ILE F 738 -56.04 -13.73 7.20
CA ILE F 738 -54.97 -14.00 8.19
C ILE F 738 -53.78 -13.07 7.89
N THR F 739 -53.16 -12.51 8.91
CA THR F 739 -51.80 -11.89 8.84
C THR F 739 -50.82 -12.88 9.47
N GLN F 740 -49.57 -12.86 9.04
CA GLN F 740 -48.51 -13.85 9.38
C GLN F 740 -48.99 -15.24 8.93
N LYS F 741 -48.99 -15.49 7.62
CA LYS F 741 -49.27 -16.82 7.02
C LYS F 741 -48.11 -17.19 6.10
N GLY F 742 -48.26 -18.23 5.27
CA GLY F 742 -47.25 -18.65 4.27
C GLY F 742 -46.18 -19.55 4.87
N ILE F 743 -45.05 -19.69 4.17
CA ILE F 743 -43.87 -20.49 4.63
C ILE F 743 -43.02 -19.62 5.55
N LYS F 744 -42.42 -20.25 6.58
CA LYS F 744 -41.42 -19.64 7.49
C LYS F 744 -40.14 -19.38 6.71
N ASP F 745 -39.59 -18.17 6.83
CA ASP F 745 -38.29 -17.77 6.23
C ASP F 745 -37.16 -18.16 7.20
N ASN F 746 -36.65 -19.38 7.06
CA ASN F 746 -35.51 -19.93 7.81
C ASN F 746 -34.37 -20.18 6.83
N ARG F 747 -33.16 -19.72 7.16
CA ARG F 747 -31.97 -19.84 6.27
C ARG F 747 -31.26 -21.17 6.58
N GLU F 748 -31.99 -22.28 6.40
CA GLU F 748 -31.50 -23.67 6.66
C GLU F 748 -31.23 -24.37 5.31
N LEU F 749 -31.88 -23.94 4.23
CA LEU F 749 -31.68 -24.49 2.85
C LEU F 749 -30.31 -24.03 2.33
N THR F 750 -29.83 -24.68 1.26
CA THR F 750 -28.51 -24.40 0.62
C THR F 750 -28.73 -23.79 -0.77
N SER F 751 -27.91 -22.78 -1.12
CA SER F 751 -27.90 -22.11 -2.45
C SER F 751 -27.58 -23.13 -3.55
N ILE F 752 -27.66 -22.70 -4.81
CA ILE F 752 -27.53 -23.59 -6.02
C ILE F 752 -26.30 -23.18 -6.84
N TRP F 753 -26.13 -21.89 -7.12
CA TRP F 753 -25.16 -21.35 -8.11
C TRP F 753 -23.86 -20.92 -7.43
N PHE F 754 -23.88 -20.71 -6.12
CA PHE F 754 -22.73 -20.24 -5.31
C PHE F 754 -22.79 -20.86 -3.92
N PRO F 755 -21.71 -20.74 -3.09
CA PRO F 755 -21.73 -21.26 -1.73
C PRO F 755 -22.59 -20.42 -0.78
N GLY F 756 -23.27 -21.08 0.17
CA GLY F 756 -23.99 -20.42 1.27
C GLY F 756 -25.34 -21.05 1.53
N SER F 757 -26.02 -20.60 2.59
CA SER F 757 -27.40 -20.99 2.97
C SER F 757 -28.39 -19.96 2.41
N VAL F 758 -29.65 -20.35 2.24
CA VAL F 758 -30.69 -19.55 1.53
C VAL F 758 -32.06 -19.80 2.19
N THR F 759 -32.99 -18.86 2.01
CA THR F 759 -34.41 -18.94 2.46
C THR F 759 -35.21 -19.68 1.39
N LEU F 760 -36.40 -20.21 1.72
CA LEU F 760 -37.25 -20.93 0.72
C LEU F 760 -37.57 -19.96 -0.43
N LYS F 761 -38.20 -18.82 -0.12
CA LYS F 761 -38.56 -17.79 -1.13
C LYS F 761 -37.34 -17.55 -2.03
N GLU F 762 -36.15 -17.35 -1.43
CA GLU F 762 -34.89 -17.10 -2.15
C GLU F 762 -34.48 -18.36 -2.94
N TYR F 763 -34.66 -19.54 -2.34
CA TYR F 763 -34.39 -20.85 -2.99
C TYR F 763 -35.17 -20.93 -4.30
N LEU F 764 -36.48 -20.64 -4.24
CA LEU F 764 -37.40 -20.67 -5.41
C LEU F 764 -36.87 -19.69 -6.47
N THR F 765 -36.57 -18.45 -6.06
CA THR F 765 -35.96 -17.40 -6.94
C THR F 765 -34.72 -18.01 -7.62
N GLN F 766 -33.80 -18.57 -6.84
CA GLN F 766 -32.55 -19.21 -7.35
C GLN F 766 -32.91 -20.36 -8.31
N ILE F 767 -34.10 -20.94 -8.22
CA ILE F 767 -34.54 -22.07 -9.08
C ILE F 767 -35.12 -21.52 -10.40
N TYR F 768 -36.12 -20.65 -10.31
CA TYR F 768 -36.95 -20.22 -11.48
C TYR F 768 -36.29 -19.05 -12.21
N LEU F 769 -35.63 -18.14 -11.50
CA LEU F 769 -35.04 -16.90 -12.08
C LEU F 769 -34.04 -17.22 -13.18
N PRO F 770 -33.14 -18.21 -12.99
CA PRO F 770 -32.13 -18.54 -14.01
C PRO F 770 -32.61 -18.49 -15.45
N PHE F 771 -33.86 -18.90 -15.69
CA PHE F 771 -34.51 -19.03 -17.02
C PHE F 771 -34.72 -17.67 -17.68
N TYR F 772 -34.85 -16.60 -16.90
CA TYR F 772 -35.12 -15.22 -17.41
C TYR F 772 -33.81 -14.53 -17.80
N PHE F 773 -32.65 -15.17 -17.52
CA PHE F 773 -31.32 -14.77 -18.05
C PHE F 773 -31.23 -15.15 -19.53
N ASN F 774 -32.02 -16.14 -19.95
CA ASN F 774 -32.09 -16.68 -21.34
C ASN F 774 -32.37 -15.52 -22.32
N ALA F 775 -31.88 -15.64 -23.55
CA ALA F 775 -31.99 -14.61 -24.62
C ALA F 775 -32.99 -15.06 -25.69
N LYS F 776 -33.84 -14.12 -26.13
CA LYS F 776 -34.85 -14.32 -27.21
C LYS F 776 -34.15 -14.40 -28.56
N GLY F 777 -34.75 -15.11 -29.53
CA GLY F 777 -34.34 -15.12 -30.95
C GLY F 777 -32.88 -15.49 -31.14
N LEU F 778 -32.41 -16.51 -30.42
CA LEU F 778 -31.08 -17.16 -30.66
C LEU F 778 -31.25 -18.29 -31.69
N HIS F 779 -32.45 -18.85 -31.80
CA HIS F 779 -32.80 -19.98 -32.70
C HIS F 779 -32.69 -19.53 -34.17
N GLU F 780 -31.78 -20.13 -34.94
CA GLU F 780 -31.57 -19.84 -36.38
C GLU F 780 -32.75 -20.38 -37.20
N LYS F 781 -33.53 -19.49 -37.82
CA LYS F 781 -34.81 -19.80 -38.53
C LYS F 781 -34.62 -20.98 -39.49
N HIS F 782 -33.46 -21.07 -40.14
CA HIS F 782 -33.07 -22.16 -41.08
C HIS F 782 -33.35 -23.53 -40.44
N HIS F 783 -33.01 -23.69 -39.15
CA HIS F 783 -33.07 -24.97 -38.39
C HIS F 783 -34.44 -25.15 -37.72
N VAL F 784 -35.05 -24.07 -37.24
CA VAL F 784 -36.33 -24.10 -36.46
C VAL F 784 -37.43 -24.68 -37.34
N MET F 785 -37.63 -24.06 -38.51
CA MET F 785 -38.66 -24.44 -39.51
C MET F 785 -38.64 -25.96 -39.72
N VAL F 786 -37.44 -26.54 -39.82
CA VAL F 786 -37.21 -27.99 -40.05
C VAL F 786 -37.78 -28.79 -38.86
N ASP F 787 -37.29 -28.51 -37.65
CA ASP F 787 -37.63 -29.28 -36.42
C ASP F 787 -39.11 -29.08 -36.08
N LEU F 788 -39.66 -27.90 -36.34
CA LEU F 788 -41.12 -27.61 -36.15
C LEU F 788 -41.92 -28.47 -37.13
N ALA F 789 -41.59 -28.42 -38.43
CA ALA F 789 -42.25 -29.20 -39.50
C ALA F 789 -42.18 -30.70 -39.17
N LYS F 790 -40.97 -31.18 -38.86
CA LYS F 790 -40.67 -32.61 -38.57
C LYS F 790 -41.63 -33.14 -37.50
N THR F 791 -41.80 -32.38 -36.41
CA THR F 791 -42.62 -32.75 -35.22
C THR F 791 -44.09 -32.90 -35.63
N ILE F 792 -44.65 -31.92 -36.36
CA ILE F 792 -46.07 -31.89 -36.79
C ILE F 792 -46.34 -33.12 -37.66
N LEU F 793 -45.40 -33.44 -38.56
CA LEU F 793 -45.51 -34.57 -39.52
C LEU F 793 -45.23 -35.90 -38.82
N GLU F 794 -44.45 -35.90 -37.73
CA GLU F 794 -44.17 -37.11 -36.90
C GLU F 794 -45.47 -37.52 -36.19
N ILE F 795 -46.14 -36.57 -35.53
CA ILE F 795 -47.33 -36.85 -34.66
C ILE F 795 -48.55 -37.12 -35.53
N GLU F 796 -48.61 -36.55 -36.74
CA GLU F 796 -49.73 -36.78 -37.68
C GLU F 796 -49.60 -38.20 -38.26
N CYS F 797 -48.37 -38.65 -38.54
CA CYS F 797 -48.05 -40.02 -39.03
C CYS F 797 -48.43 -41.05 -37.96
N GLU F 798 -47.98 -40.81 -36.72
CA GLU F 798 -48.37 -41.57 -35.51
C GLU F 798 -49.87 -41.89 -35.58
N GLN F 799 -50.70 -40.85 -35.72
CA GLN F 799 -52.18 -40.96 -35.77
C GLN F 799 -52.60 -41.75 -37.01
N ARG F 800 -51.99 -41.48 -38.17
CA ARG F 800 -52.31 -42.12 -39.47
C ARG F 800 -52.04 -43.62 -39.41
N GLU F 801 -51.03 -44.07 -38.66
CA GLU F 801 -50.58 -45.49 -38.65
C GLU F 801 -51.10 -46.26 -37.43
N ASN F 802 -51.08 -45.65 -36.23
CA ASN F 802 -51.24 -46.37 -34.94
C ASN F 802 -52.65 -46.12 -34.35
N ILE F 803 -53.00 -44.85 -34.07
CA ILE F 803 -54.27 -44.48 -33.38
C ILE F 803 -55.42 -44.56 -34.40
N LYS F 804 -56.33 -45.52 -34.21
CA LYS F 804 -57.47 -45.81 -35.12
C LYS F 804 -58.80 -45.68 -34.36
N GLU F 805 -58.89 -46.24 -33.14
CA GLU F 805 -60.09 -46.19 -32.27
C GLU F 805 -60.15 -44.83 -31.56
N ILE F 806 -61.36 -44.28 -31.42
CA ILE F 806 -61.64 -42.90 -30.89
C ILE F 806 -62.03 -43.00 -29.40
N TRP F 807 -62.92 -43.93 -29.05
CA TRP F 807 -63.47 -44.10 -27.68
C TRP F 807 -62.93 -45.39 -27.04
N SER F 808 -62.97 -45.48 -25.71
CA SER F 808 -62.49 -46.64 -24.90
C SER F 808 -62.82 -46.45 -23.42
N THR F 809 -62.85 -47.56 -22.67
CA THR F 809 -63.19 -47.62 -21.23
C THR F 809 -61.92 -47.81 -20.39
N ASN F 810 -60.97 -48.61 -20.87
CA ASN F 810 -59.72 -48.99 -20.15
C ASN F 810 -58.80 -47.78 -19.97
N CYS F 811 -59.09 -46.67 -20.67
CA CYS F 811 -58.29 -45.41 -20.69
C CYS F 811 -56.96 -45.67 -21.41
N THR F 812 -56.86 -45.18 -22.65
CA THR F 812 -55.69 -45.36 -23.55
C THR F 812 -55.41 -44.05 -24.30
N LYS F 813 -54.20 -43.93 -24.86
CA LYS F 813 -53.66 -42.66 -25.44
C LYS F 813 -54.55 -42.25 -26.61
N GLN F 814 -54.86 -40.95 -26.72
CA GLN F 814 -55.75 -40.38 -27.76
C GLN F 814 -57.04 -41.21 -27.80
N THR F 815 -57.77 -41.25 -26.68
CA THR F 815 -59.08 -41.94 -26.55
C THR F 815 -59.93 -41.25 -25.47
N VAL F 816 -61.25 -41.20 -25.66
CA VAL F 816 -62.22 -40.51 -24.77
C VAL F 816 -63.29 -41.51 -24.33
N ASN F 817 -63.61 -41.54 -23.02
CA ASN F 817 -64.66 -42.41 -22.42
C ASN F 817 -66.04 -41.84 -22.77
N LEU F 818 -66.51 -42.18 -23.97
CA LEU F 818 -67.62 -41.50 -24.70
C LEU F 818 -68.84 -41.37 -23.78
N LYS F 819 -69.23 -42.45 -23.10
CA LYS F 819 -70.41 -42.48 -22.20
C LYS F 819 -70.20 -41.45 -21.09
N ILE F 820 -69.01 -41.44 -20.48
CA ILE F 820 -68.67 -40.55 -19.32
C ILE F 820 -68.61 -39.10 -19.81
N LEU F 821 -67.99 -38.86 -20.98
CA LEU F 821 -67.94 -37.53 -21.64
C LEU F 821 -69.35 -36.93 -21.67
N ILE F 822 -70.25 -37.57 -22.43
CA ILE F 822 -71.60 -37.04 -22.81
C ILE F 822 -72.36 -36.61 -21.55
N HIS F 823 -72.36 -37.47 -20.51
CA HIS F 823 -73.00 -37.20 -19.20
C HIS F 823 -72.41 -35.91 -18.60
N SER F 824 -71.08 -35.88 -18.41
CA SER F 824 -70.34 -34.82 -17.70
C SER F 824 -70.42 -33.50 -18.48
N LEU F 825 -70.55 -33.57 -19.81
CA LEU F 825 -70.91 -32.38 -20.64
C LEU F 825 -72.30 -31.91 -20.23
N CYS F 826 -73.29 -32.82 -20.29
CA CYS F 826 -74.73 -32.55 -20.03
C CYS F 826 -74.88 -31.91 -18.65
N LYS F 827 -74.23 -32.46 -17.62
CA LYS F 827 -74.34 -31.99 -16.21
C LYS F 827 -73.82 -30.55 -16.10
N ASN F 828 -72.71 -30.22 -16.75
CA ASN F 828 -72.03 -28.89 -16.64
C ASN F 828 -72.76 -27.87 -17.52
N LEU F 829 -73.14 -28.25 -18.74
CA LEU F 829 -73.89 -27.41 -19.70
C LEU F 829 -75.19 -26.92 -19.05
N LEU F 830 -75.80 -27.74 -18.18
CA LEU F 830 -77.00 -27.40 -17.39
C LEU F 830 -76.67 -26.25 -16.42
N ALA F 831 -75.69 -26.47 -15.54
CA ALA F 831 -75.26 -25.54 -14.47
C ALA F 831 -74.68 -24.25 -15.05
N ASP F 832 -74.12 -24.30 -16.27
CA ASP F 832 -73.57 -23.10 -16.98
C ASP F 832 -74.65 -22.42 -17.81
N THR F 833 -75.92 -22.79 -17.62
CA THR F 833 -77.10 -22.12 -18.24
C THR F 833 -78.14 -21.76 -17.15
N SER F 834 -78.24 -22.57 -16.10
CA SER F 834 -79.11 -22.31 -14.90
C SER F 834 -78.60 -21.08 -14.14
N ARG F 835 -77.28 -20.87 -14.10
CA ARG F 835 -76.61 -19.79 -13.33
C ARG F 835 -76.67 -18.46 -14.10
N HIS F 836 -76.92 -18.50 -15.41
CA HIS F 836 -77.16 -17.29 -16.26
C HIS F 836 -78.05 -17.66 -17.45
N ASN F 837 -79.23 -17.07 -17.52
CA ASN F 837 -80.31 -17.37 -18.51
C ASN F 837 -80.01 -16.65 -19.84
N HIS F 838 -79.66 -15.36 -19.77
CA HIS F 838 -79.39 -14.47 -20.95
C HIS F 838 -78.03 -14.78 -21.57
N LEU F 839 -77.54 -16.03 -21.44
CA LEU F 839 -76.17 -16.44 -21.86
C LEU F 839 -75.97 -16.16 -23.36
N ARG F 840 -76.98 -16.47 -24.18
CA ARG F 840 -76.94 -16.22 -25.64
C ARG F 840 -76.91 -14.70 -25.90
N ASN F 841 -77.60 -13.93 -25.05
CA ASN F 841 -77.66 -12.44 -25.13
C ASN F 841 -76.29 -11.86 -24.78
N ARG F 842 -75.62 -12.41 -23.75
CA ARG F 842 -74.31 -11.92 -23.25
C ARG F 842 -73.24 -12.12 -24.34
N ILE F 843 -73.30 -13.23 -25.07
CA ILE F 843 -72.35 -13.59 -26.17
C ILE F 843 -72.50 -12.57 -27.30
N GLU F 844 -73.74 -12.30 -27.72
CA GLU F 844 -74.07 -11.36 -28.84
C GLU F 844 -73.42 -9.99 -28.58
N ASN F 845 -73.60 -9.45 -27.37
CA ASN F 845 -73.16 -8.09 -26.97
C ASN F 845 -71.63 -8.05 -26.85
N ARG F 846 -71.08 -8.70 -25.82
CA ARG F 846 -69.66 -8.54 -25.36
C ARG F 846 -68.67 -8.86 -26.49
N ASN F 847 -69.09 -9.60 -27.52
CA ASN F 847 -68.22 -10.04 -28.64
C ASN F 847 -68.67 -9.41 -29.96
N ASN F 848 -69.63 -8.49 -29.94
CA ASN F 848 -70.12 -7.73 -31.12
C ASN F 848 -70.52 -8.70 -32.24
N PHE F 849 -71.39 -9.68 -31.95
CA PHE F 849 -71.86 -10.69 -32.94
C PHE F 849 -72.83 -10.03 -33.93
N ARG F 850 -73.64 -9.08 -33.46
CA ARG F 850 -74.73 -8.41 -34.23
C ARG F 850 -74.13 -7.35 -35.17
N ARG F 851 -73.10 -6.64 -34.73
CA ARG F 851 -72.51 -5.48 -35.47
C ARG F 851 -71.72 -5.98 -36.69
N SER F 852 -71.41 -5.07 -37.62
CA SER F 852 -70.71 -5.34 -38.90
C SER F 852 -69.25 -5.69 -38.66
N ILE F 853 -68.68 -6.58 -39.47
CA ILE F 853 -67.30 -7.14 -39.35
C ILE F 853 -66.28 -6.01 -39.18
N THR F 854 -66.56 -4.84 -39.76
CA THR F 854 -65.64 -3.67 -39.83
C THR F 854 -65.46 -3.01 -38.45
N THR F 855 -66.23 -3.41 -37.43
CA THR F 855 -66.19 -2.80 -36.07
C THR F 855 -65.27 -3.59 -35.14
N ILE F 856 -65.16 -4.91 -35.31
CA ILE F 856 -64.38 -5.82 -34.41
C ILE F 856 -62.89 -5.71 -34.76
N SER F 857 -62.04 -5.55 -33.74
CA SER F 857 -60.58 -5.29 -33.86
C SER F 857 -59.87 -6.46 -34.53
N THR F 858 -60.09 -7.69 -34.04
CA THR F 858 -59.43 -8.95 -34.47
C THR F 858 -59.46 -9.10 -35.99
N PHE F 859 -60.47 -8.50 -36.64
CA PHE F 859 -60.72 -8.56 -38.10
C PHE F 859 -60.15 -7.33 -38.81
N THR F 860 -60.12 -6.17 -38.13
CA THR F 860 -59.67 -4.87 -38.70
C THR F 860 -58.24 -4.54 -38.27
N SER F 861 -57.53 -5.52 -37.69
CA SER F 861 -56.15 -5.35 -37.15
C SER F 861 -55.12 -5.51 -38.27
N SER F 862 -53.88 -5.09 -38.00
CA SER F 862 -52.71 -5.14 -38.93
C SER F 862 -51.84 -6.35 -38.58
N LYS F 863 -52.47 -7.54 -38.48
CA LYS F 863 -51.78 -8.82 -38.21
C LYS F 863 -51.57 -9.56 -39.54
N SER F 864 -50.64 -10.54 -39.53
CA SER F 864 -50.33 -11.42 -40.68
C SER F 864 -51.55 -12.27 -41.03
N CYS F 865 -51.75 -12.54 -42.33
CA CYS F 865 -52.87 -13.34 -42.87
C CYS F 865 -52.42 -14.12 -44.11
N LEU F 866 -53.07 -15.25 -44.40
CA LEU F 866 -52.71 -16.20 -45.49
C LEU F 866 -53.75 -16.11 -46.60
N LYS F 867 -53.31 -15.88 -47.84
CA LYS F 867 -54.17 -15.83 -49.05
C LYS F 867 -53.83 -17.03 -49.94
N ILE F 868 -54.86 -17.74 -50.42
CA ILE F 868 -54.72 -18.95 -51.30
C ILE F 868 -55.14 -18.54 -52.72
N GLY F 869 -54.60 -19.20 -53.74
CA GLY F 869 -54.97 -18.99 -55.16
C GLY F 869 -53.84 -19.32 -56.11
N ASP F 870 -53.49 -18.39 -57.00
CA ASP F 870 -52.38 -18.50 -57.98
C ASP F 870 -51.69 -17.14 -58.13
N PHE F 871 -50.47 -17.02 -57.63
CA PHE F 871 -49.63 -15.79 -57.67
C PHE F 871 -48.27 -16.13 -58.30
N ARG F 872 -48.22 -17.26 -59.00
CA ARG F 872 -47.04 -17.81 -59.71
C ARG F 872 -46.42 -16.73 -60.61
N LYS F 873 -47.25 -15.84 -61.15
CA LYS F 873 -46.83 -14.70 -62.02
C LYS F 873 -45.95 -13.74 -61.22
N GLU F 874 -46.48 -13.13 -60.15
CA GLU F 874 -45.80 -12.04 -59.40
C GLU F 874 -44.72 -12.63 -58.48
N LYS F 875 -44.90 -13.87 -57.99
CA LYS F 875 -43.93 -14.55 -57.09
C LYS F 875 -42.62 -14.81 -57.85
N GLU F 876 -42.70 -15.14 -59.14
CA GLU F 876 -41.52 -15.38 -60.02
C GLU F 876 -40.82 -14.05 -60.31
N LEU F 877 -41.57 -13.00 -60.65
CA LEU F 877 -41.03 -11.65 -60.98
C LEU F 877 -40.41 -11.01 -59.74
N GLN F 878 -41.03 -11.14 -58.56
CA GLN F 878 -40.51 -10.55 -57.29
C GLN F 878 -39.19 -11.22 -56.90
N SER F 879 -38.98 -12.48 -57.30
CA SER F 879 -37.80 -13.32 -56.93
C SER F 879 -36.58 -12.96 -57.80
N VAL F 880 -36.75 -12.92 -59.12
CA VAL F 880 -35.65 -12.72 -60.12
C VAL F 880 -35.01 -11.34 -59.91
N LYS F 881 -35.79 -10.36 -59.44
CA LYS F 881 -35.30 -8.99 -59.11
C LYS F 881 -34.18 -9.09 -58.07
N GLN F 882 -34.39 -9.88 -57.00
CA GLN F 882 -33.41 -10.08 -55.90
C GLN F 882 -32.23 -10.93 -56.39
N LYS F 883 -32.47 -11.88 -57.29
CA LYS F 883 -31.44 -12.80 -57.85
C LYS F 883 -30.47 -12.01 -58.73
N LYS F 884 -30.88 -10.84 -59.22
CA LYS F 884 -30.00 -9.88 -59.95
C LYS F 884 -29.31 -8.96 -58.95
N ILE F 885 -30.07 -8.43 -57.97
CA ILE F 885 -29.56 -7.57 -56.86
C ILE F 885 -28.43 -8.33 -56.14
N LEU F 886 -28.51 -9.66 -56.10
CA LEU F 886 -27.43 -10.57 -55.61
C LEU F 886 -26.15 -10.31 -56.40
N GLU F 887 -26.24 -10.37 -57.73
CA GLU F 887 -25.09 -10.18 -58.67
C GLU F 887 -24.61 -8.73 -58.58
N VAL F 888 -25.54 -7.77 -58.47
CA VAL F 888 -25.26 -6.31 -58.32
C VAL F 888 -24.29 -6.09 -57.15
N GLN F 889 -24.60 -6.68 -55.98
CA GLN F 889 -23.82 -6.51 -54.72
C GLN F 889 -22.50 -7.28 -54.82
N SER F 890 -22.47 -8.39 -55.58
CA SER F 890 -21.27 -9.25 -55.77
C SER F 890 -20.27 -8.53 -56.69
N ARG F 891 -20.75 -7.94 -57.80
CA ARG F 891 -19.94 -7.21 -58.80
C ARG F 891 -19.11 -6.12 -58.10
N LYS F 892 -19.72 -5.37 -57.18
CA LYS F 892 -19.08 -4.23 -56.45
C LYS F 892 -17.98 -4.77 -55.51
N MET F 893 -18.13 -6.00 -55.00
CA MET F 893 -17.17 -6.62 -54.03
C MET F 893 -15.93 -7.15 -54.78
N ARG F 894 -16.09 -7.60 -56.02
CA ARG F 894 -14.99 -8.16 -56.86
C ARG F 894 -13.88 -7.11 -57.08
N LEU F 895 -14.25 -5.83 -57.15
CA LEU F 895 -13.32 -4.70 -57.47
C LEU F 895 -12.38 -4.44 -56.29
N ALA F 896 -12.91 -4.38 -55.06
CA ALA F 896 -12.20 -3.93 -53.85
C ALA F 896 -11.22 -5.01 -53.36
N ASN F 897 -11.71 -6.04 -52.66
CA ASN F 897 -10.91 -7.15 -52.08
C ASN F 897 -11.36 -8.46 -52.71
N PRO F 898 -10.76 -8.90 -53.85
CA PRO F 898 -11.20 -10.10 -54.57
C PRO F 898 -11.07 -11.38 -53.73
N MET F 899 -12.04 -11.64 -52.86
CA MET F 899 -12.06 -12.79 -51.92
C MET F 899 -13.19 -13.77 -52.31
N PHE F 900 -14.37 -13.25 -52.67
CA PHE F 900 -15.60 -14.03 -53.00
C PHE F 900 -16.06 -14.78 -51.74
N ASN F 914 -34.31 -20.52 -55.47
CA ASN F 914 -34.91 -20.09 -56.77
C ASN F 914 -36.35 -20.65 -56.87
N TYR F 915 -37.35 -19.76 -56.95
CA TYR F 915 -38.80 -20.09 -56.94
C TYR F 915 -39.20 -20.84 -58.22
N GLU F 916 -38.57 -20.49 -59.35
CA GLU F 916 -38.80 -21.14 -60.67
C GLU F 916 -38.55 -22.65 -60.53
N MET F 917 -37.37 -23.02 -60.00
CA MET F 917 -36.94 -24.43 -59.78
C MET F 917 -37.99 -25.18 -58.96
N LEU F 918 -38.51 -24.56 -57.90
CA LEU F 918 -39.44 -25.19 -56.92
C LEU F 918 -40.74 -25.60 -57.63
N ARG F 919 -41.33 -24.67 -58.41
CA ARG F 919 -42.62 -24.86 -59.12
C ARG F 919 -42.45 -25.89 -60.25
N ASN F 920 -41.30 -25.89 -60.93
CA ASN F 920 -40.95 -26.83 -62.03
C ASN F 920 -40.84 -28.26 -61.47
N ALA F 921 -40.29 -28.40 -60.25
CA ALA F 921 -39.97 -29.68 -59.59
C ALA F 921 -41.22 -30.23 -58.88
N MET F 922 -41.89 -29.40 -58.08
CA MET F 922 -43.08 -29.81 -57.29
C MET F 922 -44.34 -29.69 -58.14
N PRO F 923 -45.04 -30.80 -58.45
CA PRO F 923 -46.27 -30.76 -59.25
C PRO F 923 -47.51 -30.28 -58.48
N ASN F 924 -47.79 -30.89 -57.32
CA ASN F 924 -49.04 -30.69 -56.54
C ASN F 924 -48.88 -29.51 -55.58
N TYR F 925 -48.09 -28.50 -55.95
CA TYR F 925 -47.82 -27.26 -55.17
C TYR F 925 -49.06 -26.36 -55.21
N THR F 926 -49.80 -26.30 -54.09
CA THR F 926 -50.96 -25.39 -53.88
C THR F 926 -50.43 -23.99 -53.54
N ASP F 927 -50.65 -23.01 -54.41
CA ASP F 927 -49.99 -21.67 -54.35
C ASP F 927 -50.69 -20.82 -53.28
N TYR F 928 -49.90 -20.07 -52.50
CA TYR F 928 -50.35 -19.19 -51.38
C TYR F 928 -49.52 -17.90 -51.37
N ILE F 929 -49.86 -16.99 -50.45
CA ILE F 929 -49.10 -15.72 -50.23
C ILE F 929 -49.48 -15.13 -48.86
N SER F 930 -48.58 -14.34 -48.28
CA SER F 930 -48.76 -13.56 -47.02
C SER F 930 -49.39 -12.21 -47.35
N THR F 931 -50.31 -11.76 -46.49
CA THR F 931 -51.00 -10.44 -46.58
C THR F 931 -51.32 -9.96 -45.16
N LYS F 932 -52.05 -8.84 -45.04
CA LYS F 932 -52.46 -8.25 -43.74
C LYS F 932 -53.97 -8.47 -43.52
N VAL F 933 -54.36 -8.58 -42.25
CA VAL F 933 -55.76 -8.84 -41.80
C VAL F 933 -56.66 -7.65 -42.19
N PHE F 934 -56.15 -6.42 -42.05
CA PHE F 934 -56.87 -5.17 -42.44
C PHE F 934 -56.96 -5.08 -43.97
N ASP F 935 -55.97 -5.62 -44.68
CA ASP F 935 -55.88 -5.61 -46.17
C ASP F 935 -56.84 -6.64 -46.76
N ARG F 936 -56.86 -7.86 -46.21
CA ARG F 936 -57.75 -8.95 -46.68
C ARG F 936 -59.20 -8.46 -46.63
N LEU F 937 -59.61 -7.88 -45.50
CA LEU F 937 -60.99 -7.34 -45.28
C LEU F 937 -61.32 -6.37 -46.41
N TYR F 938 -60.43 -5.42 -46.71
CA TYR F 938 -60.60 -4.44 -47.83
C TYR F 938 -60.78 -5.19 -49.15
N GLU F 939 -59.93 -6.20 -49.41
CA GLU F 939 -59.98 -7.01 -50.66
C GLU F 939 -61.36 -7.68 -50.77
N LEU F 940 -61.82 -8.37 -49.72
CA LEU F 940 -63.05 -9.20 -49.74
C LEU F 940 -64.30 -8.32 -49.88
N LEU F 941 -64.24 -7.07 -49.42
CA LEU F 941 -65.34 -6.07 -49.55
C LEU F 941 -65.40 -5.56 -51.00
N ASP F 942 -64.27 -5.13 -51.57
CA ASP F 942 -64.18 -4.56 -52.94
C ASP F 942 -64.64 -5.60 -53.96
N LYS F 943 -64.24 -6.87 -53.80
CA LYS F 943 -64.67 -8.00 -54.66
C LYS F 943 -66.04 -8.51 -54.21
N LYS F 944 -66.60 -7.92 -53.14
CA LYS F 944 -67.98 -8.13 -52.65
C LYS F 944 -68.21 -9.63 -52.36
N VAL F 945 -67.69 -10.10 -51.22
CA VAL F 945 -68.15 -11.36 -50.55
C VAL F 945 -68.46 -11.04 -49.08
N LEU F 946 -67.78 -10.06 -48.49
CA LEU F 946 -68.11 -9.45 -47.18
C LEU F 946 -68.99 -8.22 -47.40
N THR F 947 -69.79 -7.84 -46.40
CA THR F 947 -70.83 -6.80 -46.48
C THR F 947 -71.06 -6.18 -45.10
N ASP F 948 -72.04 -5.26 -44.99
CA ASP F 948 -72.49 -4.63 -43.73
C ASP F 948 -73.50 -5.54 -43.02
N LYS F 949 -73.69 -6.77 -43.51
CA LYS F 949 -74.48 -7.83 -42.85
C LYS F 949 -73.85 -8.15 -41.50
N PRO F 950 -74.66 -8.50 -40.46
CA PRO F 950 -74.12 -8.92 -39.16
C PRO F 950 -73.01 -9.98 -39.26
N VAL F 951 -71.88 -9.71 -38.60
CA VAL F 951 -70.62 -10.51 -38.73
C VAL F 951 -70.93 -12.00 -38.54
N ILE F 952 -71.73 -12.36 -37.52
CA ILE F 952 -72.08 -13.78 -37.21
C ILE F 952 -72.91 -14.34 -38.38
N GLU F 953 -73.83 -13.54 -38.92
CA GLU F 953 -74.72 -13.95 -40.05
C GLU F 953 -73.84 -14.24 -41.27
N GLN F 954 -72.73 -13.51 -41.43
CA GLN F 954 -71.74 -13.74 -42.52
C GLN F 954 -70.87 -14.95 -42.18
N ILE F 955 -70.52 -15.13 -40.89
CA ILE F 955 -69.73 -16.30 -40.38
C ILE F 955 -70.49 -17.59 -40.72
N MET F 956 -71.77 -17.67 -40.32
CA MET F 956 -72.63 -18.86 -40.53
C MET F 956 -72.56 -19.30 -42.00
N ASP F 957 -72.68 -18.36 -42.94
CA ASP F 957 -72.62 -18.61 -44.41
C ASP F 957 -71.21 -19.05 -44.81
N MET F 958 -70.17 -18.47 -44.19
CA MET F 958 -68.76 -18.77 -44.52
C MET F 958 -68.41 -20.19 -44.06
N MET F 959 -68.96 -20.63 -42.91
CA MET F 959 -68.75 -22.00 -42.37
C MET F 959 -69.15 -23.05 -43.41
N ILE F 960 -70.23 -22.82 -44.16
CA ILE F 960 -70.78 -23.73 -45.20
C ILE F 960 -70.18 -23.40 -46.57
N ASP F 961 -69.80 -22.13 -46.82
CA ASP F 961 -69.21 -21.69 -48.11
C ASP F 961 -67.77 -22.21 -48.24
N HIS F 962 -66.90 -21.88 -47.28
CA HIS F 962 -65.48 -22.32 -47.24
C HIS F 962 -65.42 -23.78 -46.77
N LYS F 963 -64.84 -24.66 -47.59
CA LYS F 963 -64.97 -26.14 -47.44
C LYS F 963 -63.61 -26.82 -47.23
N LYS F 964 -62.50 -26.22 -47.67
CA LYS F 964 -61.13 -26.75 -47.43
C LYS F 964 -60.27 -25.67 -46.77
N PHE F 965 -59.65 -25.99 -45.63
CA PHE F 965 -58.90 -25.06 -44.77
C PHE F 965 -57.40 -25.33 -44.87
N TYR F 966 -56.63 -24.25 -45.01
CA TYR F 966 -55.16 -24.23 -45.21
C TYR F 966 -54.49 -23.42 -44.10
N PHE F 967 -53.43 -23.96 -43.50
CA PHE F 967 -52.69 -23.31 -42.39
C PHE F 967 -51.17 -23.39 -42.64
N THR F 968 -50.46 -22.31 -42.29
CA THR F 968 -48.99 -22.19 -42.36
C THR F 968 -48.44 -21.87 -40.96
N PHE F 969 -47.18 -22.21 -40.69
CA PHE F 969 -46.49 -21.97 -39.40
C PHE F 969 -45.28 -21.06 -39.62
N PHE F 970 -45.06 -20.15 -38.67
CA PHE F 970 -43.85 -19.29 -38.55
C PHE F 970 -43.40 -19.36 -37.08
N ASN F 971 -42.08 -19.46 -36.85
CA ASN F 971 -41.49 -19.76 -35.51
C ASN F 971 -41.54 -18.50 -34.65
N LYS F 972 -41.69 -18.67 -33.33
CA LYS F 972 -41.60 -17.56 -32.35
C LYS F 972 -40.13 -17.40 -31.91
N GLY F 973 -39.42 -18.51 -31.70
CA GLY F 973 -37.99 -18.54 -31.33
C GLY F 973 -37.73 -17.80 -30.04
N GLN F 974 -38.51 -18.12 -29.00
CA GLN F 974 -38.51 -17.39 -27.69
C GLN F 974 -37.39 -17.93 -26.79
N LYS F 975 -37.20 -17.31 -25.62
CA LYS F 975 -36.07 -17.52 -24.68
C LYS F 975 -35.91 -18.99 -24.32
N THR F 976 -36.97 -19.80 -24.41
CA THR F 976 -36.96 -21.27 -24.14
C THR F 976 -36.10 -21.99 -25.18
N SER F 977 -35.32 -22.97 -24.74
CA SER F 977 -34.44 -23.84 -25.59
C SER F 977 -35.30 -24.72 -26.51
N LYS F 978 -36.46 -25.14 -26.01
CA LYS F 978 -37.49 -25.90 -26.79
C LYS F 978 -38.39 -24.89 -27.51
N ASP F 979 -38.35 -24.85 -28.85
CA ASP F 979 -38.95 -23.77 -29.68
C ASP F 979 -40.46 -23.98 -29.84
N ARG F 980 -41.22 -22.88 -29.87
CA ARG F 980 -42.71 -22.85 -29.94
C ARG F 980 -43.14 -22.32 -31.31
N GLU F 981 -44.15 -22.95 -31.91
CA GLU F 981 -44.70 -22.64 -33.26
C GLU F 981 -45.97 -21.79 -33.11
N ILE F 982 -46.30 -21.01 -34.14
CA ILE F 982 -47.61 -20.29 -34.29
C ILE F 982 -48.21 -20.68 -35.65
N PHE F 983 -49.41 -21.23 -35.65
CA PHE F 983 -50.20 -21.59 -36.87
C PHE F 983 -51.09 -20.42 -37.26
N VAL F 984 -50.82 -19.82 -38.43
CA VAL F 984 -51.61 -18.69 -38.99
C VAL F 984 -52.11 -19.10 -40.38
N GLY F 985 -53.45 -19.13 -40.55
CA GLY F 985 -54.13 -19.57 -41.78
C GLY F 985 -54.99 -18.48 -42.39
N GLU F 986 -56.08 -18.85 -43.06
CA GLU F 986 -56.93 -17.96 -43.90
C GLU F 986 -57.78 -17.04 -43.03
N TYR F 987 -58.20 -15.90 -43.59
CA TYR F 987 -59.13 -14.93 -42.96
C TYR F 987 -60.51 -15.58 -42.81
N GLU F 988 -60.90 -16.41 -43.79
CA GLU F 988 -62.18 -17.15 -43.81
C GLU F 988 -62.27 -18.02 -42.55
N ALA F 989 -61.17 -18.71 -42.22
CA ALA F 989 -61.02 -19.54 -41.00
C ALA F 989 -61.23 -18.67 -39.76
N LYS F 990 -60.53 -17.54 -39.69
CA LYS F 990 -60.52 -16.61 -38.54
C LYS F 990 -61.97 -16.31 -38.12
N MET F 991 -62.86 -16.10 -39.11
CA MET F 991 -64.29 -15.77 -38.90
C MET F 991 -65.01 -16.96 -38.26
N CYS F 992 -64.70 -18.19 -38.69
CA CYS F 992 -65.35 -19.44 -38.22
C CYS F 992 -64.98 -19.70 -36.76
N MET F 993 -63.68 -19.75 -36.47
CA MET F 993 -63.13 -20.04 -35.11
C MET F 993 -63.58 -18.97 -34.12
N TYR F 994 -63.71 -17.72 -34.59
CA TYR F 994 -64.17 -16.56 -33.79
C TYR F 994 -65.44 -16.96 -33.02
N ALA F 995 -66.49 -17.35 -33.74
CA ALA F 995 -67.81 -17.73 -33.18
C ALA F 995 -67.62 -18.86 -32.16
N VAL F 996 -67.09 -20.00 -32.61
CA VAL F 996 -66.96 -21.25 -31.81
C VAL F 996 -66.19 -20.95 -30.52
N GLU F 997 -65.07 -20.23 -30.62
CA GLU F 997 -64.18 -19.88 -29.47
C GLU F 997 -64.90 -18.88 -28.55
N ARG F 998 -65.51 -17.83 -29.13
CA ARG F 998 -66.17 -16.73 -28.36
C ARG F 998 -67.37 -17.28 -27.60
N ILE F 999 -68.17 -18.16 -28.22
CA ILE F 999 -69.35 -18.80 -27.56
C ILE F 999 -68.86 -19.56 -26.33
N ALA F 1000 -67.73 -20.26 -26.44
CA ALA F 1000 -67.07 -21.00 -25.34
C ALA F 1000 -66.45 -20.03 -24.34
N LYS F 1001 -66.01 -18.84 -24.80
CA LYS F 1001 -65.36 -17.80 -23.96
C LYS F 1001 -66.30 -17.42 -22.81
N GLU F 1002 -67.48 -16.89 -23.16
CA GLU F 1002 -68.49 -16.37 -22.19
C GLU F 1002 -69.10 -17.52 -21.39
N ARG F 1003 -69.03 -18.75 -21.91
CA ARG F 1003 -69.49 -19.99 -21.22
C ARG F 1003 -68.47 -20.32 -20.11
N CYS F 1004 -67.19 -20.37 -20.50
CA CYS F 1004 -66.01 -20.60 -19.61
C CYS F 1004 -66.01 -19.58 -18.47
N LYS F 1005 -66.35 -18.33 -18.76
CA LYS F 1005 -66.36 -17.21 -17.77
C LYS F 1005 -67.28 -17.57 -16.60
N LEU F 1006 -68.46 -18.16 -16.87
CA LEU F 1006 -69.45 -18.53 -15.83
C LEU F 1006 -68.80 -19.45 -14.78
N ASN F 1007 -68.11 -20.50 -15.24
CA ASN F 1007 -67.35 -21.46 -14.38
C ASN F 1007 -66.23 -20.72 -13.68
N PRO F 1008 -66.17 -20.71 -12.32
CA PRO F 1008 -65.05 -20.10 -11.60
C PRO F 1008 -63.73 -20.91 -11.69
N ASP F 1009 -63.79 -22.16 -12.15
CA ASP F 1009 -62.63 -23.10 -12.27
C ASP F 1009 -61.71 -22.64 -13.41
N GLU F 1010 -62.27 -22.13 -14.51
CA GLU F 1010 -61.51 -21.64 -15.69
C GLU F 1010 -60.82 -20.30 -15.33
N MET F 1011 -59.58 -20.11 -15.80
CA MET F 1011 -58.73 -18.94 -15.43
C MET F 1011 -58.18 -18.20 -16.67
N ILE F 1012 -58.40 -18.71 -17.89
CA ILE F 1012 -58.10 -17.95 -19.14
C ILE F 1012 -59.09 -16.76 -19.19
N SER F 1013 -60.29 -16.97 -18.64
CA SER F 1013 -61.36 -15.95 -18.46
C SER F 1013 -60.82 -14.73 -17.70
N GLU F 1014 -60.00 -14.96 -16.67
CA GLU F 1014 -59.40 -13.92 -15.79
C GLU F 1014 -58.21 -13.30 -16.50
N PRO F 1015 -58.32 -12.07 -17.06
CA PRO F 1015 -57.21 -11.43 -17.76
C PRO F 1015 -56.11 -10.93 -16.79
N GLY F 1016 -54.90 -10.72 -17.32
CA GLY F 1016 -53.75 -10.14 -16.61
C GLY F 1016 -53.27 -11.03 -15.47
N ASP F 1017 -52.76 -10.42 -14.40
CA ASP F 1017 -52.20 -11.11 -13.21
C ASP F 1017 -53.32 -11.30 -12.16
N GLY F 1018 -54.58 -11.37 -12.60
CA GLY F 1018 -55.77 -11.56 -11.75
C GLY F 1018 -55.79 -12.93 -11.08
N LYS F 1019 -55.11 -13.91 -11.68
CA LYS F 1019 -55.03 -15.33 -11.21
C LYS F 1019 -54.40 -15.38 -9.82
N LEU F 1020 -53.36 -14.56 -9.60
CA LEU F 1020 -52.55 -14.51 -8.35
C LEU F 1020 -53.49 -14.46 -7.14
N LYS F 1021 -54.46 -13.54 -7.13
CA LYS F 1021 -55.42 -13.36 -6.01
C LYS F 1021 -56.33 -14.58 -5.92
N VAL F 1022 -56.69 -15.17 -7.08
CA VAL F 1022 -57.58 -16.38 -7.14
C VAL F 1022 -56.85 -17.54 -6.46
N LEU F 1023 -55.58 -17.76 -6.77
CA LEU F 1023 -54.72 -18.77 -6.08
C LEU F 1023 -54.87 -18.58 -4.57
N GLU F 1024 -54.62 -17.37 -4.09
CA GLU F 1024 -54.71 -16.98 -2.64
C GLU F 1024 -56.10 -17.36 -2.12
N GLN F 1025 -57.15 -16.74 -2.67
CA GLN F 1025 -58.55 -16.85 -2.18
C GLN F 1025 -58.96 -18.33 -2.04
N LYS F 1026 -58.40 -19.21 -2.88
CA LYS F 1026 -58.71 -20.67 -2.89
C LYS F 1026 -57.82 -21.41 -1.88
N SER F 1027 -56.57 -20.97 -1.70
CA SER F 1027 -55.61 -21.50 -0.71
C SER F 1027 -56.11 -21.19 0.71
N GLU F 1028 -56.57 -19.96 0.94
CA GLU F 1028 -57.09 -19.45 2.23
C GLU F 1028 -58.35 -20.23 2.63
N GLN F 1029 -59.23 -20.52 1.67
CA GLN F 1029 -60.48 -21.30 1.86
C GLN F 1029 -60.13 -22.67 2.45
N GLU F 1030 -59.02 -23.26 1.99
CA GLU F 1030 -58.54 -24.61 2.38
C GLU F 1030 -57.85 -24.55 3.75
N ILE F 1031 -57.00 -23.56 3.99
CA ILE F 1031 -56.28 -23.38 5.29
C ILE F 1031 -57.33 -23.24 6.39
N ARG F 1032 -58.41 -22.49 6.13
CA ARG F 1032 -59.56 -22.27 7.05
C ARG F 1032 -60.29 -23.60 7.27
N PHE F 1033 -60.75 -24.23 6.16
CA PHE F 1033 -61.51 -25.50 6.16
C PHE F 1033 -60.76 -26.57 6.95
N LEU F 1034 -59.47 -26.75 6.63
CA LEU F 1034 -58.55 -27.71 7.29
C LEU F 1034 -58.67 -27.56 8.80
N VAL F 1035 -58.52 -26.32 9.30
CA VAL F 1035 -58.57 -25.97 10.75
C VAL F 1035 -59.98 -26.24 11.27
N GLU F 1036 -60.98 -25.57 10.69
CA GLU F 1036 -62.42 -25.65 11.06
C GLU F 1036 -62.82 -27.12 11.24
N THR F 1037 -62.51 -27.97 10.26
CA THR F 1037 -62.96 -29.39 10.20
C THR F 1037 -62.22 -30.21 11.26
N THR F 1038 -60.92 -29.97 11.45
CA THR F 1038 -60.05 -30.64 12.45
C THR F 1038 -60.63 -30.42 13.86
N ARG F 1039 -61.01 -29.18 14.18
CA ARG F 1039 -61.56 -28.79 15.52
C ARG F 1039 -62.96 -29.39 15.71
N GLN F 1040 -63.66 -29.74 14.62
CA GLN F 1040 -65.06 -30.24 14.65
C GLN F 1040 -65.12 -31.74 14.95
N LYS F 1041 -64.03 -32.48 14.73
CA LYS F 1041 -63.96 -33.96 14.93
C LYS F 1041 -63.14 -34.31 16.17
N ASN F 1042 -62.00 -33.64 16.39
CA ASN F 1042 -61.02 -33.98 17.46
C ASN F 1042 -61.43 -33.34 18.79
N ARG F 1043 -62.53 -32.58 18.83
CA ARG F 1043 -62.99 -31.85 20.05
C ARG F 1043 -63.38 -32.85 21.14
N GLU F 1044 -63.98 -33.97 20.75
CA GLU F 1044 -64.43 -35.07 21.67
C GLU F 1044 -63.21 -35.75 22.30
N ILE F 1045 -62.13 -35.91 21.54
CA ILE F 1045 -60.90 -36.64 21.94
C ILE F 1045 -59.99 -35.71 22.75
N ASP F 1046 -59.84 -34.44 22.31
CA ASP F 1046 -58.94 -33.43 22.93
C ASP F 1046 -59.37 -33.15 24.37
N GLU F 1047 -60.66 -33.27 24.69
CA GLU F 1047 -61.24 -33.00 26.04
C GLU F 1047 -60.58 -33.90 27.10
N ALA F 1048 -60.36 -35.18 26.77
CA ALA F 1048 -59.79 -36.21 27.68
C ALA F 1048 -58.29 -35.97 27.89
N ILE F 1049 -57.62 -35.37 26.89
CA ILE F 1049 -56.14 -35.15 26.89
C ILE F 1049 -55.78 -34.12 27.97
N GLU F 1050 -56.45 -32.98 27.99
CA GLU F 1050 -56.22 -31.87 28.96
C GLU F 1050 -56.70 -32.29 30.36
N ALA F 1051 -57.68 -33.21 30.42
CA ALA F 1051 -58.30 -33.71 31.68
C ALA F 1051 -57.27 -34.51 32.49
N LEU F 1052 -56.51 -35.41 31.83
CA LEU F 1052 -55.54 -36.32 32.48
C LEU F 1052 -54.20 -35.60 32.70
N ALA F 1053 -53.78 -34.75 31.76
CA ALA F 1053 -52.51 -34.00 31.79
C ALA F 1053 -52.52 -32.99 32.94
N SER F 1059 -51.61 -35.80 35.75
CA SER F 1059 -51.47 -37.25 36.09
C SER F 1059 -50.47 -37.91 35.13
N ASN F 1060 -50.63 -39.22 34.87
CA ASN F 1060 -49.76 -40.01 33.95
C ASN F 1060 -49.94 -39.52 32.52
N LEU F 1061 -48.84 -39.34 31.78
CA LEU F 1061 -48.81 -38.88 30.37
C LEU F 1061 -48.60 -40.07 29.42
N GLY F 1062 -48.52 -41.30 29.96
CA GLY F 1062 -48.31 -42.53 29.19
C GLY F 1062 -49.60 -43.05 28.56
N LYS F 1063 -50.76 -42.69 29.13
CA LYS F 1063 -52.10 -43.14 28.68
C LYS F 1063 -52.67 -42.17 27.64
N ILE F 1064 -52.21 -40.91 27.65
CA ILE F 1064 -52.68 -39.81 26.74
C ILE F 1064 -52.34 -40.17 25.29
N GLU F 1065 -51.16 -40.76 25.05
CA GLU F 1065 -50.60 -41.03 23.69
C GLU F 1065 -51.44 -42.09 22.96
N LYS F 1066 -52.13 -42.98 23.71
CA LYS F 1066 -53.00 -44.05 23.14
C LYS F 1066 -54.16 -43.44 22.38
N LEU F 1067 -54.84 -42.45 22.96
CA LEU F 1067 -56.06 -41.80 22.40
C LEU F 1067 -55.65 -40.76 21.36
N SER F 1068 -54.48 -40.12 21.51
CA SER F 1068 -53.97 -39.04 20.64
C SER F 1068 -53.56 -39.58 19.26
N LEU F 1069 -53.29 -40.89 19.15
CA LEU F 1069 -52.94 -41.56 17.88
C LEU F 1069 -54.21 -41.85 17.08
N GLY F 1070 -55.22 -42.46 17.72
CA GLY F 1070 -56.50 -42.84 17.10
C GLY F 1070 -57.46 -41.66 17.04
N LYS F 1071 -57.27 -40.76 16.07
CA LYS F 1071 -58.12 -39.56 15.83
C LYS F 1071 -58.11 -39.22 14.34
N ALA F 1072 -58.73 -38.10 13.96
CA ALA F 1072 -58.78 -37.55 12.58
C ALA F 1072 -57.39 -37.00 12.21
N LYS F 1073 -57.06 -37.03 10.91
CA LYS F 1073 -55.76 -36.57 10.36
C LYS F 1073 -56.00 -35.64 9.17
N GLY F 1074 -55.58 -34.38 9.26
CA GLY F 1074 -55.59 -33.41 8.14
C GLY F 1074 -54.60 -33.79 7.06
N LEU F 1075 -54.94 -33.52 5.79
CA LEU F 1075 -54.06 -33.76 4.61
C LEU F 1075 -54.37 -32.76 3.50
N LYS F 1076 -53.44 -31.83 3.24
CA LYS F 1076 -53.49 -30.87 2.11
C LYS F 1076 -52.51 -31.37 1.02
N MET F 1077 -52.81 -31.08 -0.25
CA MET F 1077 -51.88 -31.37 -1.37
C MET F 1077 -52.28 -30.54 -2.59
N GLU F 1078 -51.29 -30.10 -3.38
CA GLU F 1078 -51.48 -29.29 -4.61
C GLU F 1078 -50.81 -29.99 -5.79
N ILE F 1079 -51.61 -30.35 -6.81
CA ILE F 1079 -51.14 -31.05 -8.04
C ILE F 1079 -50.71 -29.99 -9.07
N ASN F 1080 -49.47 -29.52 -8.97
CA ASN F 1080 -48.90 -28.46 -9.83
C ASN F 1080 -48.65 -29.05 -11.22
N ALA F 1081 -49.71 -29.18 -12.02
CA ALA F 1081 -49.76 -30.00 -13.25
C ALA F 1081 -49.28 -29.19 -14.47
N ASP F 1082 -49.14 -29.89 -15.60
CA ASP F 1082 -48.62 -29.38 -16.89
C ASP F 1082 -48.90 -30.47 -17.93
N MET F 1083 -49.96 -30.31 -18.73
CA MET F 1083 -50.48 -31.36 -19.65
C MET F 1083 -49.49 -31.54 -20.82
N SER F 1084 -49.39 -32.77 -21.34
CA SER F 1084 -48.50 -33.14 -22.47
C SER F 1084 -49.29 -33.09 -23.79
N LYS F 1085 -48.81 -32.29 -24.74
CA LYS F 1085 -49.38 -32.11 -26.11
C LYS F 1085 -50.90 -31.94 -26.00
N TRP F 1086 -51.31 -30.74 -25.59
CA TRP F 1086 -52.73 -30.33 -25.39
C TRP F 1086 -53.46 -30.32 -26.72
N SER F 1087 -52.76 -29.98 -27.81
CA SER F 1087 -53.31 -29.76 -29.17
C SER F 1087 -53.22 -31.06 -29.99
N ALA F 1088 -52.03 -31.65 -30.07
CA ALA F 1088 -51.67 -32.75 -31.01
C ALA F 1088 -52.30 -34.07 -30.55
N GLN F 1089 -51.92 -34.55 -29.36
CA GLN F 1089 -52.38 -35.84 -28.79
C GLN F 1089 -53.68 -35.59 -28.02
N ASP F 1090 -54.73 -35.15 -28.74
CA ASP F 1090 -56.07 -34.85 -28.20
C ASP F 1090 -57.12 -35.14 -29.29
N VAL F 1091 -58.12 -35.95 -28.95
CA VAL F 1091 -59.27 -36.31 -29.85
C VAL F 1091 -60.10 -35.05 -30.09
N PHE F 1092 -60.27 -34.64 -31.35
CA PHE F 1092 -61.06 -33.43 -31.73
C PHE F 1092 -62.55 -33.78 -31.82
N TYR F 1093 -62.85 -35.07 -31.96
CA TYR F 1093 -64.22 -35.62 -32.13
C TYR F 1093 -65.08 -35.31 -30.90
N LYS F 1094 -64.48 -35.26 -29.70
CA LYS F 1094 -65.21 -35.01 -28.43
C LYS F 1094 -65.92 -33.65 -28.51
N TYR F 1095 -65.27 -32.65 -29.12
CA TYR F 1095 -65.75 -31.24 -29.18
C TYR F 1095 -67.05 -31.17 -29.98
N PHE F 1096 -67.28 -32.11 -30.91
CA PHE F 1096 -68.54 -32.24 -31.70
C PHE F 1096 -69.74 -32.28 -30.75
N TRP F 1097 -69.62 -33.03 -29.66
CA TRP F 1097 -70.71 -33.24 -28.66
C TRP F 1097 -71.06 -31.93 -27.95
N LEU F 1098 -70.06 -31.09 -27.65
CA LEU F 1098 -70.23 -29.80 -26.92
C LEU F 1098 -71.12 -28.86 -27.74
N ILE F 1099 -70.98 -28.89 -29.07
CA ILE F 1099 -71.80 -28.07 -30.03
C ILE F 1099 -73.20 -28.68 -30.11
N ALA F 1100 -73.28 -30.01 -30.14
CA ALA F 1100 -74.53 -30.79 -30.29
C ALA F 1100 -75.44 -30.59 -29.08
N LEU F 1101 -74.91 -30.81 -27.87
CA LEU F 1101 -75.68 -30.79 -26.60
C LEU F 1101 -76.09 -29.35 -26.25
N ASP F 1102 -75.38 -28.36 -26.78
CA ASP F 1102 -75.49 -26.91 -26.43
C ASP F 1102 -76.96 -26.48 -26.46
N PRO F 1103 -77.47 -25.83 -25.39
CA PRO F 1103 -78.86 -25.40 -25.35
C PRO F 1103 -79.12 -24.04 -26.04
N ILE F 1104 -78.15 -23.13 -26.00
CA ILE F 1104 -78.27 -21.72 -26.48
C ILE F 1104 -77.88 -21.64 -27.96
N LEU F 1105 -77.83 -22.77 -28.68
CA LEU F 1105 -77.55 -22.84 -30.13
C LEU F 1105 -78.77 -23.43 -30.86
N TYR F 1106 -79.16 -22.81 -31.97
CA TYR F 1106 -80.34 -23.21 -32.80
C TYR F 1106 -79.95 -24.43 -33.64
N PRO F 1107 -80.94 -25.25 -34.07
CA PRO F 1107 -80.66 -26.43 -34.90
C PRO F 1107 -79.95 -26.12 -36.21
N GLN F 1108 -80.34 -25.03 -36.89
CA GLN F 1108 -79.80 -24.61 -38.21
C GLN F 1108 -78.37 -24.06 -38.05
N GLU F 1109 -78.01 -23.57 -36.86
CA GLU F 1109 -76.63 -23.15 -36.50
C GLU F 1109 -75.78 -24.39 -36.23
N LYS F 1110 -76.29 -25.28 -35.37
CA LYS F 1110 -75.62 -26.54 -34.94
C LYS F 1110 -75.16 -27.32 -36.16
N GLU F 1111 -75.99 -27.40 -37.20
CA GLU F 1111 -75.69 -28.09 -38.47
C GLU F 1111 -74.47 -27.44 -39.13
N ARG F 1112 -74.39 -26.10 -39.09
CA ARG F 1112 -73.37 -25.28 -39.80
C ARG F 1112 -72.05 -25.27 -39.03
N ILE F 1113 -72.08 -25.10 -37.70
CA ILE F 1113 -70.85 -25.07 -36.85
C ILE F 1113 -70.08 -26.38 -37.09
N LEU F 1114 -70.77 -27.50 -37.00
CA LEU F 1114 -70.17 -28.87 -37.06
C LEU F 1114 -69.64 -29.17 -38.47
N TYR F 1115 -70.19 -28.54 -39.51
CA TYR F 1115 -69.72 -28.71 -40.90
C TYR F 1115 -68.31 -28.13 -41.03
N PHE F 1116 -68.12 -26.88 -40.59
CA PHE F 1116 -66.80 -26.18 -40.58
C PHE F 1116 -65.79 -27.04 -39.82
N MET F 1117 -66.19 -27.56 -38.65
CA MET F 1117 -65.34 -28.44 -37.80
C MET F 1117 -65.09 -29.77 -38.53
N CYS F 1118 -66.04 -30.23 -39.34
CA CYS F 1118 -65.91 -31.42 -40.23
C CYS F 1118 -64.87 -31.17 -41.31
N ASN F 1119 -64.74 -29.91 -41.76
CA ASN F 1119 -63.73 -29.48 -42.76
C ASN F 1119 -62.39 -29.23 -42.07
N TYR F 1120 -62.42 -28.84 -40.78
CA TYR F 1120 -61.23 -28.61 -39.92
C TYR F 1120 -60.56 -29.95 -39.55
N MET F 1121 -61.09 -31.07 -40.07
CA MET F 1121 -60.47 -32.41 -39.95
C MET F 1121 -59.69 -32.71 -41.24
N ASP F 1122 -60.24 -32.34 -42.40
CA ASP F 1122 -59.58 -32.43 -43.72
C ASP F 1122 -58.94 -31.06 -44.05
N LYS F 1123 -58.11 -30.56 -43.13
CA LYS F 1123 -57.37 -29.28 -43.26
C LYS F 1123 -55.90 -29.57 -43.59
N GLU F 1124 -55.31 -28.75 -44.46
CA GLU F 1124 -53.95 -28.99 -45.03
C GLU F 1124 -52.96 -27.96 -44.47
N LEU F 1125 -51.76 -28.45 -44.11
CA LEU F 1125 -50.63 -27.61 -43.60
C LEU F 1125 -49.69 -27.31 -44.76
N ILE F 1126 -49.58 -26.03 -45.14
CA ILE F 1126 -48.65 -25.53 -46.19
C ILE F 1126 -47.27 -25.34 -45.54
N LEU F 1127 -46.29 -26.14 -45.97
CA LEU F 1127 -44.85 -25.98 -45.60
C LEU F 1127 -44.33 -24.71 -46.24
N PRO F 1128 -44.02 -23.64 -45.47
CA PRO F 1128 -43.61 -22.37 -46.06
C PRO F 1128 -42.37 -22.54 -46.95
N ASP F 1129 -42.26 -21.71 -48.00
CA ASP F 1129 -41.25 -21.82 -49.07
C ASP F 1129 -39.83 -21.89 -48.47
N GLU F 1130 -39.53 -21.06 -47.46
CA GLU F 1130 -38.18 -20.94 -46.84
C GLU F 1130 -37.69 -22.32 -46.35
N LEU F 1131 -38.60 -23.15 -45.82
CA LEU F 1131 -38.30 -24.55 -45.42
C LEU F 1131 -38.06 -25.41 -46.67
N LEU F 1132 -38.87 -25.23 -47.72
CA LEU F 1132 -38.84 -26.02 -48.97
C LEU F 1132 -37.53 -25.73 -49.73
N PHE F 1133 -36.99 -24.52 -49.56
CA PHE F 1133 -35.75 -24.02 -50.22
C PHE F 1133 -34.52 -24.70 -49.59
N ASN F 1134 -34.56 -24.94 -48.27
CA ASN F 1134 -33.52 -25.71 -47.54
C ASN F 1134 -33.45 -27.12 -48.16
N LEU F 1135 -34.62 -27.71 -48.44
CA LEU F 1135 -34.76 -29.13 -48.89
C LEU F 1135 -34.69 -29.21 -50.42
N LEU F 1136 -34.76 -28.07 -51.11
CA LEU F 1136 -34.65 -27.97 -52.59
C LEU F 1136 -33.25 -28.42 -53.01
N ASP F 1137 -32.21 -27.75 -52.49
CA ASP F 1137 -30.79 -28.14 -52.65
C ASP F 1137 -30.55 -29.40 -51.81
N GLN F 1138 -30.64 -30.57 -52.45
CA GLN F 1138 -30.60 -31.90 -51.79
C GLN F 1138 -29.25 -32.09 -51.08
N LYS F 1139 -28.19 -32.37 -51.84
CA LYS F 1139 -26.84 -32.75 -51.33
C LYS F 1139 -26.98 -33.97 -50.40
N VAL F 1140 -27.50 -35.08 -50.94
CA VAL F 1140 -27.71 -36.40 -50.26
C VAL F 1140 -28.79 -36.25 -49.17
N ALA F 1141 -29.94 -36.91 -49.35
CA ALA F 1141 -31.14 -36.79 -48.50
C ALA F 1141 -30.91 -37.47 -47.15
N TYR F 1142 -31.82 -37.19 -46.20
CA TYR F 1142 -31.87 -37.77 -44.83
C TYR F 1142 -32.19 -39.26 -44.96
N GLN F 1143 -31.65 -40.09 -44.05
CA GLN F 1143 -31.85 -41.57 -44.04
C GLN F 1143 -33.34 -41.88 -44.03
N ASN F 1144 -34.03 -41.51 -42.93
CA ASN F 1144 -35.49 -41.70 -42.74
C ASN F 1144 -36.16 -40.31 -42.75
N ASP F 1145 -36.45 -39.80 -43.94
CA ASP F 1145 -36.93 -38.41 -44.20
C ASP F 1145 -38.44 -38.36 -43.98
N ILE F 1146 -38.88 -38.00 -42.77
CA ILE F 1146 -40.31 -37.87 -42.38
C ILE F 1146 -40.97 -36.80 -43.27
N ILE F 1147 -40.27 -35.70 -43.53
CA ILE F 1147 -40.79 -34.56 -44.36
C ILE F 1147 -41.08 -35.07 -45.78
N ALA F 1148 -40.14 -35.81 -46.37
CA ALA F 1148 -40.25 -36.39 -47.73
C ALA F 1148 -41.30 -37.51 -47.75
N THR F 1149 -41.34 -38.33 -46.69
CA THR F 1149 -42.28 -39.47 -46.55
C THR F 1149 -43.73 -38.97 -46.69
N MET F 1150 -44.07 -37.88 -45.99
CA MET F 1150 -45.46 -37.34 -45.89
C MET F 1150 -45.80 -36.53 -47.15
N THR F 1151 -44.80 -36.08 -47.90
CA THR F 1151 -44.95 -35.25 -49.13
C THR F 1151 -44.66 -36.08 -50.39
N ASN F 1152 -44.40 -37.39 -50.24
CA ASN F 1152 -44.10 -38.34 -51.34
C ASN F 1152 -42.85 -37.87 -52.10
N GLN F 1153 -41.68 -38.05 -51.47
CA GLN F 1153 -40.36 -37.60 -51.99
C GLN F 1153 -40.48 -36.15 -52.48
N LEU F 1154 -41.11 -35.30 -51.67
CA LEU F 1154 -41.37 -33.85 -51.93
C LEU F 1154 -42.05 -33.66 -53.28
N ASN F 1155 -43.38 -33.80 -53.29
CA ASN F 1155 -44.27 -33.64 -54.47
C ASN F 1155 -45.23 -32.48 -54.21
N SER F 1156 -45.94 -32.54 -53.07
CA SER F 1156 -46.86 -31.48 -52.56
C SER F 1156 -46.16 -30.67 -51.46
N ASN F 1157 -46.49 -29.39 -51.34
CA ASN F 1157 -46.03 -28.51 -50.23
C ASN F 1157 -47.10 -28.50 -49.12
N THR F 1158 -48.10 -29.38 -49.21
CA THR F 1158 -49.19 -29.54 -48.23
C THR F 1158 -49.21 -30.96 -47.68
N VAL F 1159 -49.41 -31.10 -46.37
CA VAL F 1159 -49.68 -32.38 -45.65
C VAL F 1159 -50.96 -32.19 -44.85
N LEU F 1160 -51.89 -33.14 -44.94
CA LEU F 1160 -53.23 -33.08 -44.29
C LEU F 1160 -53.06 -33.35 -42.79
N ILE F 1161 -53.60 -32.47 -41.94
CA ILE F 1161 -53.57 -32.61 -40.45
C ILE F 1161 -55.00 -32.86 -39.98
N LYS F 1162 -55.21 -33.91 -39.17
CA LYS F 1162 -56.56 -34.40 -38.78
C LYS F 1162 -56.79 -34.11 -37.29
N ARG F 1163 -56.43 -35.06 -36.41
CA ARG F 1163 -56.79 -35.04 -34.96
C ARG F 1163 -56.08 -33.87 -34.27
N ASN F 1164 -54.90 -33.48 -34.76
CA ASN F 1164 -54.10 -32.34 -34.24
C ASN F 1164 -54.78 -31.02 -34.61
N TRP F 1165 -55.79 -30.61 -33.83
CA TRP F 1165 -56.35 -29.23 -33.89
C TRP F 1165 -55.23 -28.25 -33.52
N LEU F 1166 -54.99 -27.24 -34.36
CA LEU F 1166 -53.73 -26.47 -34.41
C LEU F 1166 -53.56 -25.64 -33.13
N GLN F 1167 -52.33 -25.55 -32.64
CA GLN F 1167 -51.95 -24.96 -31.32
C GLN F 1167 -52.52 -23.54 -31.19
N GLY F 1168 -53.44 -23.35 -30.23
CA GLY F 1168 -53.97 -22.04 -29.81
C GLY F 1168 -55.26 -21.65 -30.51
N ASN F 1169 -55.81 -22.53 -31.36
CA ASN F 1169 -57.00 -22.25 -32.21
C ASN F 1169 -58.28 -22.56 -31.44
N PHE F 1170 -58.22 -23.44 -30.43
CA PHE F 1170 -59.38 -23.89 -29.62
C PHE F 1170 -58.99 -24.00 -28.14
N ASN F 1171 -58.59 -22.87 -27.53
CA ASN F 1171 -58.18 -22.80 -26.11
C ASN F 1171 -59.42 -22.95 -25.23
N TYR F 1172 -60.35 -21.99 -25.31
CA TYR F 1172 -61.55 -21.89 -24.44
C TYR F 1172 -62.37 -23.20 -24.55
N THR F 1173 -62.56 -23.67 -25.79
CA THR F 1173 -63.31 -24.90 -26.14
C THR F 1173 -62.74 -26.08 -25.32
N SER F 1174 -61.47 -26.39 -25.55
CA SER F 1174 -60.69 -27.45 -24.85
C SER F 1174 -60.72 -27.22 -23.34
N SER F 1175 -60.68 -25.94 -22.92
CA SER F 1175 -60.60 -25.51 -21.49
C SER F 1175 -61.93 -25.76 -20.78
N TYR F 1176 -63.07 -25.67 -21.48
CA TYR F 1176 -64.39 -26.04 -20.90
C TYR F 1176 -64.44 -27.57 -20.68
N VAL F 1177 -63.86 -28.32 -21.62
CA VAL F 1177 -63.82 -29.82 -21.56
C VAL F 1177 -62.85 -30.25 -20.46
N HIS F 1178 -61.73 -29.56 -20.32
CA HIS F 1178 -60.78 -29.70 -19.17
C HIS F 1178 -61.56 -29.52 -17.87
N SER F 1179 -62.27 -28.39 -17.74
CA SER F 1179 -63.12 -28.04 -16.58
C SER F 1179 -64.13 -29.18 -16.32
N CYS F 1180 -64.79 -29.65 -17.39
CA CYS F 1180 -65.74 -30.81 -17.35
C CYS F 1180 -65.03 -32.07 -16.86
N ALA F 1181 -63.75 -32.24 -17.21
CA ALA F 1181 -62.91 -33.39 -16.82
C ALA F 1181 -62.56 -33.30 -15.33
N MET F 1182 -62.15 -32.11 -14.85
CA MET F 1182 -61.80 -31.88 -13.42
C MET F 1182 -63.07 -31.91 -12.55
N SER F 1183 -64.22 -31.56 -13.12
CA SER F 1183 -65.55 -31.63 -12.45
C SER F 1183 -65.86 -33.09 -12.08
N VAL F 1184 -65.46 -34.04 -12.92
CA VAL F 1184 -65.59 -35.51 -12.67
C VAL F 1184 -64.65 -35.89 -11.53
N TYR F 1185 -63.40 -35.42 -11.60
CA TYR F 1185 -62.34 -35.69 -10.60
C TYR F 1185 -62.83 -35.29 -9.20
N LYS F 1186 -63.53 -34.16 -9.09
CA LYS F 1186 -64.18 -33.73 -7.81
C LYS F 1186 -65.13 -34.82 -7.34
N GLU F 1187 -66.17 -35.11 -8.15
CA GLU F 1187 -67.22 -36.12 -7.86
C GLU F 1187 -66.58 -37.44 -7.43
N ILE F 1188 -65.52 -37.85 -8.14
CA ILE F 1188 -64.75 -39.10 -7.85
C ILE F 1188 -64.32 -39.06 -6.37
N LEU F 1189 -63.47 -38.10 -6.01
CA LEU F 1189 -62.88 -37.97 -4.64
C LEU F 1189 -63.99 -37.76 -3.61
N LYS F 1190 -64.97 -36.90 -3.90
CA LYS F 1190 -66.05 -36.50 -2.94
C LYS F 1190 -66.88 -37.73 -2.53
N GLU F 1191 -67.02 -38.72 -3.41
CA GLU F 1191 -67.70 -40.00 -3.10
C GLU F 1191 -66.74 -40.93 -2.34
N ALA F 1192 -65.43 -40.79 -2.60
CA ALA F 1192 -64.35 -41.63 -2.01
C ALA F 1192 -64.16 -41.30 -0.53
N ILE F 1193 -64.33 -40.04 -0.13
CA ILE F 1193 -64.03 -39.55 1.26
C ILE F 1193 -65.27 -39.75 2.15
N THR F 1194 -66.47 -39.88 1.57
CA THR F 1194 -67.71 -40.25 2.29
C THR F 1194 -67.61 -41.72 2.75
N LEU F 1195 -66.79 -42.53 2.06
CA LEU F 1195 -66.54 -43.95 2.40
C LEU F 1195 -65.79 -44.05 3.73
N LEU F 1196 -64.68 -43.31 3.86
CA LEU F 1196 -63.81 -43.29 5.06
C LEU F 1196 -64.49 -42.49 6.17
N ASP F 1197 -65.48 -41.67 5.82
CA ASP F 1197 -66.29 -40.83 6.74
C ASP F 1197 -65.40 -39.71 7.31
N GLY F 1198 -65.38 -38.56 6.64
CA GLY F 1198 -64.64 -37.36 7.06
C GLY F 1198 -65.18 -36.13 6.34
N SER F 1199 -64.29 -35.40 5.66
CA SER F 1199 -64.65 -34.25 4.77
C SER F 1199 -63.49 -33.97 3.80
N ILE F 1200 -63.83 -33.46 2.61
CA ILE F 1200 -62.86 -33.08 1.54
C ILE F 1200 -63.33 -31.79 0.87
N LEU F 1201 -62.37 -30.92 0.53
CA LEU F 1201 -62.55 -29.72 -0.32
C LEU F 1201 -61.53 -29.78 -1.45
N VAL F 1202 -62.02 -30.02 -2.67
CA VAL F 1202 -61.20 -30.08 -3.93
C VAL F 1202 -61.44 -28.79 -4.69
N ASN F 1203 -60.38 -28.10 -5.12
CA ASN F 1203 -60.47 -26.85 -5.94
C ASN F 1203 -59.55 -26.98 -7.16
N SER F 1204 -60.12 -26.93 -8.36
CA SER F 1204 -59.42 -27.10 -9.66
C SER F 1204 -59.38 -25.76 -10.41
N LEU F 1205 -58.16 -25.26 -10.70
CA LEU F 1205 -57.91 -24.07 -11.56
C LEU F 1205 -57.44 -24.56 -12.93
N VAL F 1206 -58.12 -24.13 -13.99
CA VAL F 1206 -57.93 -24.64 -15.38
C VAL F 1206 -57.44 -23.50 -16.28
N HIS F 1207 -56.41 -23.78 -17.09
CA HIS F 1207 -55.82 -22.85 -18.09
C HIS F 1207 -55.20 -23.68 -19.22
N SER F 1208 -56.02 -24.07 -20.20
CA SER F 1208 -55.63 -24.88 -21.39
C SER F 1208 -54.74 -26.06 -20.96
N ASP F 1209 -53.42 -25.91 -21.02
CA ASP F 1209 -52.44 -27.02 -20.76
C ASP F 1209 -51.89 -26.92 -19.32
N ASP F 1210 -51.86 -25.72 -18.74
CA ASP F 1210 -51.36 -25.50 -17.35
C ASP F 1210 -52.53 -25.73 -16.39
N ASN F 1211 -52.37 -26.60 -15.39
CA ASN F 1211 -53.42 -26.98 -14.42
C ASN F 1211 -52.84 -27.00 -13.00
N GLN F 1212 -53.67 -26.62 -12.02
CA GLN F 1212 -53.40 -26.72 -10.56
C GLN F 1212 -54.71 -27.18 -9.89
N THR F 1213 -54.65 -28.24 -9.10
CA THR F 1213 -55.82 -28.83 -8.39
C THR F 1213 -55.46 -29.12 -6.94
N SER F 1214 -55.99 -28.32 -6.01
CA SER F 1214 -55.73 -28.39 -4.56
C SER F 1214 -56.76 -29.32 -3.89
N ILE F 1215 -56.26 -30.35 -3.20
CA ILE F 1215 -57.08 -31.36 -2.45
C ILE F 1215 -56.77 -31.19 -0.96
N THR F 1216 -57.83 -31.01 -0.16
CA THR F 1216 -57.77 -30.90 1.32
C THR F 1216 -58.75 -31.92 1.91
N ILE F 1217 -58.24 -32.90 2.66
CA ILE F 1217 -59.00 -34.06 3.21
C ILE F 1217 -58.77 -34.18 4.71
N VAL F 1218 -59.85 -34.37 5.48
CA VAL F 1218 -59.77 -34.70 6.94
C VAL F 1218 -60.14 -36.18 7.10
N GLN F 1219 -59.17 -37.00 7.53
CA GLN F 1219 -59.25 -38.48 7.58
C GLN F 1219 -59.80 -38.94 8.93
N ASP F 1220 -59.85 -40.27 9.13
CA ASP F 1220 -60.35 -40.94 10.36
C ASP F 1220 -59.78 -42.37 10.39
N LYS F 1221 -59.84 -43.08 9.26
CA LYS F 1221 -59.40 -44.50 9.12
C LYS F 1221 -57.97 -44.55 8.60
N MET F 1222 -57.76 -44.79 7.30
CA MET F 1222 -56.49 -45.27 6.70
C MET F 1222 -55.44 -44.15 6.71
N GLU F 1223 -54.16 -44.51 6.49
CA GLU F 1223 -52.99 -43.60 6.59
C GLU F 1223 -53.02 -42.57 5.45
N ASN F 1224 -52.36 -41.42 5.67
CA ASN F 1224 -52.32 -40.25 4.75
C ASN F 1224 -51.70 -40.66 3.40
N ASP F 1225 -50.60 -41.43 3.44
CA ASP F 1225 -49.77 -41.78 2.26
C ASP F 1225 -50.56 -42.66 1.28
N LYS F 1226 -51.55 -43.41 1.77
CA LYS F 1226 -52.44 -44.26 0.92
C LYS F 1226 -53.24 -43.35 -0.02
N ILE F 1227 -53.79 -42.26 0.52
CA ILE F 1227 -54.71 -41.34 -0.21
C ILE F 1227 -53.88 -40.56 -1.24
N ILE F 1228 -52.62 -40.27 -0.92
CA ILE F 1228 -51.66 -39.56 -1.81
C ILE F 1228 -51.59 -40.34 -3.14
N ASP F 1229 -51.27 -41.63 -3.07
CA ASP F 1229 -51.17 -42.53 -4.25
C ASP F 1229 -52.53 -42.61 -4.94
N PHE F 1230 -53.62 -42.66 -4.15
CA PHE F 1230 -55.02 -42.77 -4.66
C PHE F 1230 -55.36 -41.54 -5.52
N ALA F 1231 -55.05 -40.34 -5.02
CA ALA F 1231 -55.35 -39.04 -5.68
C ALA F 1231 -54.69 -38.99 -7.07
N MET F 1232 -53.42 -39.40 -7.16
CA MET F 1232 -52.60 -39.38 -8.41
C MET F 1232 -53.15 -40.39 -9.42
N LYS F 1233 -53.57 -41.57 -8.96
CA LYS F 1233 -54.18 -42.61 -9.83
C LYS F 1233 -55.36 -42.00 -10.59
N GLU F 1234 -56.35 -41.46 -9.85
CA GLU F 1234 -57.63 -40.95 -10.41
C GLU F 1234 -57.37 -39.67 -11.21
N PHE F 1235 -56.26 -38.97 -10.95
CA PHE F 1235 -55.88 -37.70 -11.63
C PHE F 1235 -55.65 -37.99 -13.12
N GLU F 1236 -54.81 -38.98 -13.44
CA GLU F 1236 -54.51 -39.43 -14.82
C GLU F 1236 -55.79 -40.02 -15.43
N ARG F 1237 -56.48 -40.88 -14.67
CA ARG F 1237 -57.77 -41.51 -15.07
C ARG F 1237 -58.72 -40.40 -15.57
N ALA F 1238 -58.92 -39.36 -14.76
CA ALA F 1238 -59.80 -38.19 -15.02
C ALA F 1238 -59.40 -37.54 -16.35
N CYS F 1239 -58.10 -37.29 -16.57
CA CYS F 1239 -57.56 -36.68 -17.80
C CYS F 1239 -57.86 -37.58 -19.00
N LEU F 1240 -57.46 -38.85 -18.91
CA LEU F 1240 -57.42 -39.82 -20.03
C LEU F 1240 -58.84 -40.29 -20.40
N THR F 1241 -59.80 -40.19 -19.47
CA THR F 1241 -61.24 -40.46 -19.74
C THR F 1241 -61.82 -39.38 -20.66
N PHE F 1242 -61.10 -38.28 -20.90
CA PHE F 1242 -61.57 -37.14 -21.73
C PHE F 1242 -60.63 -36.92 -22.94
N GLY F 1243 -59.58 -37.72 -23.10
CA GLY F 1243 -58.67 -37.68 -24.27
C GLY F 1243 -57.36 -36.97 -23.98
N CYS F 1244 -57.31 -36.16 -22.92
CA CYS F 1244 -56.12 -35.42 -22.46
C CYS F 1244 -55.23 -36.35 -21.62
N GLN F 1245 -53.91 -36.22 -21.73
CA GLN F 1245 -52.92 -37.00 -20.94
C GLN F 1245 -52.03 -36.02 -20.17
N ALA F 1246 -51.80 -36.29 -18.89
CA ALA F 1246 -51.04 -35.43 -17.96
C ALA F 1246 -49.56 -35.86 -17.97
N ASN F 1247 -48.64 -34.90 -18.15
CA ASN F 1247 -47.18 -35.14 -18.15
C ASN F 1247 -46.71 -35.33 -16.70
N MET F 1248 -46.52 -36.58 -16.28
CA MET F 1248 -46.09 -36.94 -14.90
C MET F 1248 -44.61 -36.57 -14.70
N LYS F 1249 -43.91 -36.25 -15.79
CA LYS F 1249 -42.50 -35.76 -15.79
C LYS F 1249 -42.46 -34.38 -15.12
N LYS F 1250 -43.19 -33.41 -15.69
CA LYS F 1250 -43.16 -31.99 -15.25
C LYS F 1250 -44.10 -31.78 -14.06
N THR F 1251 -45.17 -32.57 -13.94
CA THR F 1251 -46.17 -32.48 -12.84
C THR F 1251 -45.52 -32.86 -11.51
N TYR F 1252 -45.66 -32.01 -10.49
CA TYR F 1252 -45.18 -32.25 -9.10
C TYR F 1252 -46.30 -31.88 -8.12
N VAL F 1253 -46.25 -32.47 -6.93
CA VAL F 1253 -47.26 -32.30 -5.84
C VAL F 1253 -46.53 -31.86 -4.56
N THR F 1254 -46.97 -30.77 -3.95
CA THR F 1254 -46.37 -30.17 -2.72
C THR F 1254 -47.43 -30.13 -1.61
N ASN F 1255 -47.03 -29.62 -0.45
CA ASN F 1255 -47.86 -29.53 0.78
C ASN F 1255 -48.18 -28.05 1.06
N CYS F 1256 -47.97 -27.17 0.07
CA CYS F 1256 -47.95 -25.70 0.26
C CYS F 1256 -47.84 -24.99 -1.09
N ILE F 1257 -46.71 -25.16 -1.78
CA ILE F 1257 -46.36 -24.47 -3.06
C ILE F 1257 -47.50 -24.66 -4.07
N LYS F 1258 -47.77 -23.62 -4.89
CA LYS F 1258 -48.74 -23.66 -6.01
C LYS F 1258 -48.10 -23.04 -7.26
N GLU F 1259 -47.79 -23.86 -8.27
CA GLU F 1259 -47.42 -23.41 -9.64
C GLU F 1259 -48.68 -23.38 -10.49
N PHE F 1260 -48.93 -22.25 -11.14
CA PHE F 1260 -50.07 -22.02 -12.07
C PHE F 1260 -49.74 -20.81 -12.96
N VAL F 1261 -49.39 -21.08 -14.21
CA VAL F 1261 -49.00 -20.04 -15.22
C VAL F 1261 -47.77 -19.28 -14.70
N SER F 1262 -46.94 -19.95 -13.89
CA SER F 1262 -45.69 -19.43 -13.29
C SER F 1262 -45.98 -18.37 -12.21
N LEU F 1263 -47.24 -18.04 -11.95
CA LEU F 1263 -47.66 -17.24 -10.77
C LEU F 1263 -47.70 -18.18 -9.56
N PHE F 1264 -46.97 -17.86 -8.48
CA PHE F 1264 -46.78 -18.74 -7.30
C PHE F 1264 -47.54 -18.18 -6.09
N ASN F 1265 -48.29 -19.06 -5.43
CA ASN F 1265 -48.91 -18.83 -4.09
C ASN F 1265 -48.35 -19.90 -3.14
N LEU F 1266 -47.68 -19.45 -2.07
CA LEU F 1266 -47.21 -20.30 -0.95
C LEU F 1266 -48.41 -20.55 -0.02
N TYR F 1267 -48.19 -20.97 1.22
CA TYR F 1267 -49.26 -21.35 2.17
C TYR F 1267 -50.11 -20.11 2.52
N GLY F 1268 -50.82 -19.58 1.52
CA GLY F 1268 -51.60 -18.33 1.61
C GLY F 1268 -50.85 -17.16 0.99
N GLU F 1269 -49.64 -16.88 1.48
CA GLU F 1269 -48.75 -15.78 0.99
C GLU F 1269 -48.54 -15.95 -0.51
N PRO F 1270 -49.04 -15.00 -1.35
CA PRO F 1270 -48.76 -15.04 -2.79
C PRO F 1270 -47.39 -14.41 -3.07
N PHE F 1271 -46.63 -14.97 -4.01
CA PHE F 1271 -45.25 -14.55 -4.33
C PHE F 1271 -44.90 -14.93 -5.76
N SER F 1272 -44.65 -13.93 -6.61
CA SER F 1272 -44.10 -14.10 -7.99
C SER F 1272 -42.61 -13.76 -7.97
N ILE F 1273 -41.91 -13.99 -9.09
CA ILE F 1273 -40.43 -13.86 -9.20
C ILE F 1273 -40.09 -12.43 -9.66
N TYR F 1274 -40.35 -11.45 -8.78
CA TYR F 1274 -40.13 -9.98 -8.98
C TYR F 1274 -38.99 -9.73 -9.96
N GLY F 1275 -37.92 -10.54 -9.91
CA GLY F 1275 -36.72 -10.44 -10.75
C GLY F 1275 -37.02 -10.36 -12.24
N ARG F 1276 -37.87 -11.25 -12.76
CA ARG F 1276 -38.08 -11.45 -14.22
C ARG F 1276 -38.41 -10.11 -14.91
N PHE F 1277 -39.10 -9.20 -14.23
CA PHE F 1277 -39.56 -7.89 -14.76
C PHE F 1277 -38.43 -6.85 -14.67
N LEU F 1278 -37.47 -7.02 -13.76
CA LEU F 1278 -36.31 -6.12 -13.57
C LEU F 1278 -35.26 -6.38 -14.66
N LEU F 1279 -35.31 -7.56 -15.28
CA LEU F 1279 -34.39 -7.99 -16.37
C LEU F 1279 -34.95 -7.60 -17.74
N THR F 1280 -36.11 -6.92 -17.76
CA THR F 1280 -36.80 -6.42 -18.98
C THR F 1280 -36.28 -5.02 -19.31
N SER F 1281 -36.16 -4.14 -18.30
CA SER F 1281 -35.70 -2.74 -18.41
C SER F 1281 -34.22 -2.69 -18.81
N VAL F 1282 -33.92 -3.08 -20.06
CA VAL F 1282 -32.53 -3.17 -20.60
C VAL F 1282 -32.55 -3.01 -22.13
N GLY F 1283 -33.49 -3.67 -22.83
CA GLY F 1283 -33.62 -3.59 -24.30
C GLY F 1283 -35.05 -3.78 -24.78
N ASP F 1284 -36.04 -3.33 -24.01
CA ASP F 1284 -37.49 -3.39 -24.34
C ASP F 1284 -37.99 -1.97 -24.63
N CYS F 1285 -37.85 -1.53 -25.89
CA CYS F 1285 -38.35 -0.23 -26.41
C CYS F 1285 -38.25 -0.23 -27.94
N ALA F 1286 -38.91 0.75 -28.58
CA ALA F 1286 -38.96 0.91 -30.06
C ALA F 1286 -37.99 2.02 -30.51
N TYR F 1287 -37.25 2.62 -29.57
CA TYR F 1287 -36.15 3.60 -29.83
C TYR F 1287 -36.70 4.76 -30.68
N ILE F 1288 -37.58 5.55 -30.07
CA ILE F 1288 -38.35 6.66 -30.72
C ILE F 1288 -37.81 7.98 -30.20
N GLY F 1289 -37.71 8.12 -28.87
CA GLY F 1289 -37.26 9.34 -28.17
C GLY F 1289 -36.95 9.09 -26.71
N PRO F 1290 -36.31 10.07 -26.02
CA PRO F 1290 -35.85 9.88 -24.64
C PRO F 1290 -36.96 9.54 -23.65
N TYR F 1291 -38.08 10.28 -23.70
CA TYR F 1291 -39.29 10.06 -22.86
C TYR F 1291 -39.98 8.77 -23.31
N GLU F 1292 -40.06 8.59 -24.64
CA GLU F 1292 -40.77 7.49 -25.33
C GLU F 1292 -40.14 6.14 -24.96
N ASP F 1293 -38.81 6.10 -24.84
CA ASP F 1293 -38.04 4.88 -24.45
C ASP F 1293 -38.27 4.60 -22.94
N LEU F 1294 -38.07 5.63 -22.10
CA LEU F 1294 -38.20 5.54 -20.62
C LEU F 1294 -39.61 5.08 -20.25
N ALA F 1295 -40.63 5.57 -20.97
CA ALA F 1295 -42.07 5.28 -20.75
C ALA F 1295 -42.30 3.79 -20.48
N SER F 1296 -41.74 2.90 -21.30
CA SER F 1296 -41.94 1.43 -21.26
C SER F 1296 -40.92 0.77 -20.31
N ARG F 1297 -39.71 1.33 -20.21
CA ARG F 1297 -38.64 0.80 -19.32
C ARG F 1297 -39.04 1.00 -17.86
N ILE F 1298 -39.73 2.10 -17.53
CA ILE F 1298 -40.23 2.37 -16.14
C ILE F 1298 -41.52 1.57 -15.90
N SER F 1299 -42.33 1.36 -16.93
CA SER F 1299 -43.54 0.49 -16.89
C SER F 1299 -43.16 -0.91 -16.41
N SER F 1300 -41.99 -1.42 -16.85
CA SER F 1300 -41.42 -2.74 -16.44
C SER F 1300 -41.10 -2.73 -14.94
N ALA F 1301 -40.57 -1.62 -14.43
CA ALA F 1301 -40.29 -1.40 -12.98
C ALA F 1301 -41.61 -1.34 -12.21
N GLN F 1302 -42.59 -0.57 -12.70
CA GLN F 1302 -43.95 -0.47 -12.11
C GLN F 1302 -44.54 -1.87 -11.93
N THR F 1303 -44.30 -2.76 -12.88
CA THR F 1303 -44.85 -4.15 -12.92
C THR F 1303 -44.21 -4.99 -11.81
N ALA F 1304 -42.92 -4.81 -11.54
CA ALA F 1304 -42.18 -5.51 -10.46
C ALA F 1304 -42.89 -5.31 -9.13
N ILE F 1305 -43.28 -4.06 -8.84
CA ILE F 1305 -43.89 -3.62 -7.55
C ILE F 1305 -45.21 -4.37 -7.32
N LYS F 1306 -45.97 -4.61 -8.39
CA LYS F 1306 -47.24 -5.39 -8.37
C LYS F 1306 -46.94 -6.77 -7.79
N HIS F 1307 -45.85 -7.40 -8.28
CA HIS F 1307 -45.42 -8.78 -7.96
C HIS F 1307 -44.41 -8.77 -6.79
N GLY F 1308 -44.69 -8.00 -5.74
CA GLY F 1308 -43.99 -8.01 -4.44
C GLY F 1308 -42.47 -7.87 -4.59
N CYS F 1309 -42.02 -6.71 -5.07
CA CYS F 1309 -40.58 -6.36 -5.22
C CYS F 1309 -40.20 -5.32 -4.18
N PRO F 1310 -38.98 -5.42 -3.60
CA PRO F 1310 -38.47 -4.38 -2.69
C PRO F 1310 -38.17 -3.05 -3.39
N PRO F 1311 -38.45 -1.91 -2.69
CA PRO F 1311 -38.23 -0.58 -3.26
C PRO F 1311 -36.78 -0.40 -3.71
N SER F 1312 -35.82 -0.82 -2.87
CA SER F 1312 -34.36 -0.71 -3.10
C SER F 1312 -34.03 -1.23 -4.50
N LEU F 1313 -34.47 -2.46 -4.81
CA LEU F 1313 -34.25 -3.11 -6.12
C LEU F 1313 -35.13 -2.44 -7.19
N ALA F 1314 -36.36 -2.05 -6.85
CA ALA F 1314 -37.25 -1.31 -7.77
C ALA F 1314 -36.51 -0.08 -8.32
N TRP F 1315 -35.89 0.72 -7.45
CA TRP F 1315 -35.13 1.96 -7.77
C TRP F 1315 -33.94 1.62 -8.69
N VAL F 1316 -33.34 0.45 -8.51
CA VAL F 1316 -32.19 -0.04 -9.33
C VAL F 1316 -32.62 -0.08 -10.79
N SER F 1317 -33.75 -0.74 -11.09
CA SER F 1317 -34.36 -0.81 -12.43
C SER F 1317 -34.57 0.61 -12.98
N ILE F 1318 -35.12 1.50 -12.14
CA ILE F 1318 -35.35 2.94 -12.47
C ILE F 1318 -34.01 3.57 -12.88
N ALA F 1319 -32.93 3.28 -12.15
CA ALA F 1319 -31.56 3.76 -12.48
C ALA F 1319 -31.13 3.19 -13.84
N ILE F 1320 -31.14 1.86 -13.97
CA ILE F 1320 -30.67 1.14 -15.19
C ILE F 1320 -31.41 1.71 -16.42
N SER F 1321 -32.74 1.76 -16.33
CA SER F 1321 -33.65 2.29 -17.37
C SER F 1321 -33.15 3.66 -17.85
N HIS F 1322 -33.02 4.62 -16.92
CA HIS F 1322 -32.44 5.96 -17.17
C HIS F 1322 -31.08 5.79 -17.88
N TRP F 1323 -30.18 4.96 -17.31
CA TRP F 1323 -28.82 4.70 -17.87
C TRP F 1323 -28.95 4.37 -19.37
N MET F 1324 -29.69 3.32 -19.70
CA MET F 1324 -29.86 2.85 -21.10
C MET F 1324 -30.51 3.95 -21.94
N THR F 1325 -31.65 4.49 -21.47
CA THR F 1325 -32.40 5.62 -22.09
C THR F 1325 -31.41 6.70 -22.54
N SER F 1326 -30.55 7.16 -21.62
CA SER F 1326 -29.59 8.27 -21.84
C SER F 1326 -28.39 7.80 -22.67
N LEU F 1327 -28.06 6.50 -22.61
CA LEU F 1327 -26.94 5.89 -23.41
C LEU F 1327 -27.33 5.81 -24.89
N THR F 1328 -28.64 5.72 -25.19
CA THR F 1328 -29.19 5.61 -26.57
C THR F 1328 -28.95 6.92 -27.34
N TYR F 1329 -29.15 8.07 -26.69
CA TYR F 1329 -29.20 9.41 -27.34
C TYR F 1329 -28.04 10.31 -26.85
N ASN F 1330 -27.06 9.74 -26.15
CA ASN F 1330 -25.85 10.45 -25.65
C ASN F 1330 -26.28 11.63 -24.78
N MET F 1331 -27.13 11.34 -23.77
CA MET F 1331 -27.70 12.32 -22.80
C MET F 1331 -27.22 12.00 -21.38
N LEU F 1332 -26.11 11.25 -21.26
CA LEU F 1332 -25.50 10.87 -19.95
C LEU F 1332 -24.58 12.00 -19.48
N PRO F 1333 -24.28 12.07 -18.16
CA PRO F 1333 -23.35 13.06 -17.64
C PRO F 1333 -21.95 12.91 -18.27
N GLY F 1334 -21.53 13.93 -19.06
CA GLY F 1334 -20.24 13.95 -19.76
C GLY F 1334 -20.37 13.59 -21.24
N GLN F 1335 -21.57 13.17 -21.68
CA GLN F 1335 -21.85 12.82 -23.10
C GLN F 1335 -21.98 14.11 -23.93
N SER F 1336 -22.19 13.97 -25.24
CA SER F 1336 -22.35 15.08 -26.21
C SER F 1336 -23.59 15.91 -25.87
N ASN F 1337 -24.77 15.28 -25.76
CA ASN F 1337 -26.07 16.00 -25.68
C ASN F 1337 -26.46 16.21 -24.21
N ASP F 1338 -25.47 16.46 -23.34
CA ASP F 1338 -25.61 16.53 -21.87
C ASP F 1338 -26.28 17.85 -21.49
N PRO F 1339 -27.59 17.85 -21.16
CA PRO F 1339 -28.34 19.09 -20.97
C PRO F 1339 -28.47 19.54 -19.51
N ILE F 1340 -27.33 19.83 -18.85
CA ILE F 1340 -27.27 20.45 -17.49
C ILE F 1340 -26.68 21.85 -17.59
N ASP F 1341 -25.68 22.05 -18.46
CA ASP F 1341 -25.04 23.37 -18.73
C ASP F 1341 -25.95 24.18 -19.67
N TYR F 1342 -26.72 23.50 -20.53
CA TYR F 1342 -27.57 24.10 -21.58
C TYR F 1342 -28.82 24.74 -20.97
N PHE F 1343 -29.20 24.34 -19.75
CA PHE F 1343 -30.44 24.81 -19.06
C PHE F 1343 -30.11 25.28 -17.65
N PRO F 1344 -30.94 26.18 -17.07
CA PRO F 1344 -30.75 26.66 -15.70
C PRO F 1344 -31.32 25.66 -14.68
N ALA F 1345 -30.44 24.92 -14.00
CA ALA F 1345 -30.81 23.88 -13.00
C ALA F 1345 -29.57 23.47 -12.20
N GLU F 1346 -29.80 23.02 -10.96
CA GLU F 1346 -28.75 22.51 -10.03
C GLU F 1346 -28.30 21.13 -10.51
N ASN F 1347 -29.24 20.20 -10.70
CA ASN F 1347 -29.00 18.78 -11.09
C ASN F 1347 -30.15 18.29 -11.98
N ARG F 1348 -30.06 17.06 -12.49
CA ARG F 1348 -31.00 16.48 -13.50
C ARG F 1348 -32.36 16.14 -12.86
N LYS F 1349 -32.50 16.31 -11.54
CA LYS F 1349 -33.79 16.16 -10.81
C LYS F 1349 -34.73 17.29 -11.23
N ASP F 1350 -34.18 18.47 -11.51
CA ASP F 1350 -34.93 19.73 -11.78
C ASP F 1350 -35.17 19.89 -13.29
N ILE F 1351 -34.33 19.29 -14.14
CA ILE F 1351 -34.52 19.29 -15.62
C ILE F 1351 -35.77 18.48 -15.94
N PRO F 1352 -36.75 19.05 -16.67
CA PRO F 1352 -37.95 18.31 -17.08
C PRO F 1352 -37.63 16.99 -17.80
N ILE F 1353 -38.31 15.91 -17.37
CA ILE F 1353 -38.11 14.52 -17.88
C ILE F 1353 -38.43 14.46 -19.38
N GLU F 1354 -39.18 15.45 -19.90
CA GLU F 1354 -39.47 15.62 -21.35
C GLU F 1354 -38.18 15.96 -22.10
N LEU F 1355 -37.27 16.72 -21.46
CA LEU F 1355 -35.92 17.07 -22.00
C LEU F 1355 -34.91 15.98 -21.62
N ASN F 1356 -35.37 14.94 -20.92
CA ASN F 1356 -34.56 13.87 -20.27
C ASN F 1356 -33.70 14.48 -19.16
N GLY F 1357 -34.02 14.14 -17.91
CA GLY F 1357 -33.18 14.35 -16.71
C GLY F 1357 -33.15 13.09 -15.87
N VAL F 1358 -33.76 13.14 -14.68
CA VAL F 1358 -34.09 11.94 -13.86
C VAL F 1358 -35.50 12.11 -13.30
N LEU F 1359 -36.13 11.01 -12.85
CA LEU F 1359 -37.52 10.99 -12.36
C LEU F 1359 -37.53 11.25 -10.84
N ASP F 1360 -37.47 12.53 -10.44
CA ASP F 1360 -37.53 12.95 -9.02
C ASP F 1360 -38.99 12.91 -8.57
N ALA F 1361 -39.38 11.79 -7.94
CA ALA F 1361 -40.70 11.55 -7.33
C ALA F 1361 -40.56 10.43 -6.30
N PRO F 1362 -41.53 10.28 -5.38
CA PRO F 1362 -41.57 9.11 -4.50
C PRO F 1362 -42.08 7.89 -5.29
N LEU F 1363 -41.59 6.70 -4.92
CA LEU F 1363 -41.90 5.42 -5.62
C LEU F 1363 -43.40 5.12 -5.51
N SER F 1364 -44.01 5.49 -4.39
CA SER F 1364 -45.46 5.36 -4.09
C SER F 1364 -46.32 6.14 -5.10
N MET F 1365 -45.69 7.03 -5.87
CA MET F 1365 -46.31 7.85 -6.95
C MET F 1365 -46.00 7.21 -8.30
N ILE F 1366 -44.72 6.85 -8.50
CA ILE F 1366 -44.19 6.26 -9.78
C ILE F 1366 -44.94 4.95 -10.05
N SER F 1367 -45.11 4.13 -9.01
CA SER F 1367 -45.85 2.84 -9.06
C SER F 1367 -47.27 3.06 -9.60
N THR F 1368 -47.91 4.14 -9.13
CA THR F 1368 -49.33 4.49 -9.42
C THR F 1368 -49.43 5.09 -10.83
N VAL F 1369 -48.73 6.21 -11.11
CA VAL F 1369 -48.89 6.96 -12.41
C VAL F 1369 -47.63 6.81 -13.27
N GLY F 1370 -46.45 7.20 -12.76
CA GLY F 1370 -45.15 7.02 -13.44
C GLY F 1370 -44.87 8.11 -14.47
N LEU F 1371 -43.61 8.61 -14.47
CA LEU F 1371 -43.04 9.61 -15.42
C LEU F 1371 -43.77 10.95 -15.29
N GLU F 1372 -45.10 10.95 -15.41
CA GLU F 1372 -45.96 12.13 -15.16
C GLU F 1372 -45.86 12.53 -13.68
N SER F 1373 -45.66 11.54 -12.80
CA SER F 1373 -45.37 11.71 -11.35
C SER F 1373 -44.30 12.79 -11.14
N GLY F 1374 -43.18 12.70 -11.88
CA GLY F 1374 -42.03 13.63 -11.81
C GLY F 1374 -42.43 15.06 -12.04
N ASN F 1375 -43.43 15.30 -12.90
CA ASN F 1375 -44.04 16.63 -13.14
C ASN F 1375 -44.94 17.00 -11.96
N LEU F 1376 -45.76 16.04 -11.49
CA LEU F 1376 -46.74 16.25 -10.40
C LEU F 1376 -46.03 16.64 -9.10
N TYR F 1377 -44.89 16.02 -8.80
CA TYR F 1377 -44.10 16.26 -7.56
C TYR F 1377 -43.54 17.68 -7.54
N PHE F 1378 -43.23 18.24 -8.71
CA PHE F 1378 -42.61 19.59 -8.85
C PHE F 1378 -43.65 20.68 -8.56
N LEU F 1379 -44.94 20.33 -8.56
CA LEU F 1379 -46.07 21.24 -8.26
C LEU F 1379 -46.50 21.10 -6.80
N ILE F 1380 -46.41 19.89 -6.24
CA ILE F 1380 -46.73 19.61 -4.80
C ILE F 1380 -45.65 20.27 -3.93
N LYS F 1381 -44.39 20.27 -4.39
CA LYS F 1381 -43.24 20.96 -3.75
C LYS F 1381 -43.60 22.44 -3.51
N LEU F 1382 -44.30 23.05 -4.46
CA LEU F 1382 -44.70 24.48 -4.42
C LEU F 1382 -45.80 24.67 -3.37
N LEU F 1383 -46.83 23.81 -3.38
CA LEU F 1383 -47.97 23.85 -2.41
C LEU F 1383 -47.51 23.48 -0.99
N SER F 1384 -46.20 23.26 -0.80
CA SER F 1384 -45.55 23.03 0.52
C SER F 1384 -44.45 24.07 0.75
N LYS F 1385 -44.44 25.16 -0.03
CA LYS F 1385 -43.44 26.26 0.06
C LYS F 1385 -44.16 27.62 0.01
N TYR F 1386 -45.00 27.85 -1.01
CA TYR F 1386 -45.70 29.13 -1.29
C TYR F 1386 -47.17 29.05 -0.87
N THR F 1387 -47.43 28.64 0.37
CA THR F 1387 -48.78 28.65 1.00
C THR F 1387 -48.66 29.07 2.45
N PRO F 1388 -49.67 29.76 3.03
CA PRO F 1388 -49.59 30.25 4.40
C PRO F 1388 -49.78 29.14 5.45
N VAL F 1389 -49.72 29.51 6.74
CA VAL F 1389 -49.83 28.58 7.90
C VAL F 1389 -51.22 27.92 7.86
N MET F 1390 -52.26 28.71 7.58
CA MET F 1390 -53.65 28.22 7.35
C MET F 1390 -53.74 27.71 5.89
N GLN F 1391 -54.64 26.76 5.64
CA GLN F 1391 -55.00 26.22 4.29
C GLN F 1391 -54.01 25.12 3.85
N LYS F 1392 -52.75 25.17 4.28
CA LYS F 1392 -51.69 24.19 3.91
C LYS F 1392 -52.03 22.81 4.47
N ARG F 1393 -52.48 22.76 5.73
CA ARG F 1393 -52.85 21.50 6.45
C ARG F 1393 -54.19 20.97 5.92
N GLU F 1394 -54.99 21.81 5.25
CA GLU F 1394 -56.30 21.44 4.65
C GLU F 1394 -56.08 20.80 3.27
N SER F 1395 -57.17 20.42 2.60
CA SER F 1395 -57.18 19.67 1.30
C SER F 1395 -56.31 20.39 0.25
N VAL F 1396 -55.87 19.64 -0.77
CA VAL F 1396 -55.07 20.14 -1.94
C VAL F 1396 -55.88 21.20 -2.68
N VAL F 1397 -57.17 20.92 -2.90
CA VAL F 1397 -58.14 21.81 -3.61
C VAL F 1397 -57.98 23.24 -3.08
N ASN F 1398 -57.96 23.40 -1.75
CA ASN F 1398 -57.87 24.71 -1.03
C ASN F 1398 -56.51 25.36 -1.32
N GLN F 1399 -55.44 24.56 -1.45
CA GLN F 1399 -54.06 25.05 -1.67
C GLN F 1399 -53.91 25.58 -3.11
N ILE F 1400 -54.76 25.14 -4.03
CA ILE F 1400 -54.76 25.55 -5.47
C ILE F 1400 -55.42 26.93 -5.61
N ALA F 1401 -56.36 27.27 -4.72
CA ALA F 1401 -57.10 28.55 -4.71
C ALA F 1401 -56.15 29.71 -4.38
N GLU F 1402 -55.14 29.46 -3.53
CA GLU F 1402 -54.16 30.47 -3.06
C GLU F 1402 -53.14 30.81 -4.16
N VAL F 1403 -52.99 29.92 -5.15
CA VAL F 1403 -51.97 30.02 -6.24
C VAL F 1403 -52.10 31.37 -6.96
N LYS F 1404 -53.34 31.83 -7.20
CA LYS F 1404 -53.64 33.08 -7.93
C LYS F 1404 -53.43 34.30 -7.02
N ASN F 1405 -52.97 34.08 -5.78
CA ASN F 1405 -52.64 35.13 -4.78
C ASN F 1405 -51.15 35.06 -4.41
N TRP F 1406 -50.33 34.44 -5.27
CA TRP F 1406 -48.85 34.39 -5.14
C TRP F 1406 -48.24 35.66 -5.74
N LYS F 1407 -46.90 35.76 -5.75
CA LYS F 1407 -46.15 36.82 -6.49
C LYS F 1407 -45.07 36.15 -7.34
N VAL F 1408 -45.02 36.48 -8.63
CA VAL F 1408 -44.17 35.86 -9.69
C VAL F 1408 -42.69 36.18 -9.42
N GLU F 1409 -42.42 37.36 -8.84
CA GLU F 1409 -41.06 37.89 -8.54
C GLU F 1409 -40.34 36.96 -7.55
N ASP F 1410 -41.09 36.34 -6.64
CA ASP F 1410 -40.57 35.47 -5.55
C ASP F 1410 -39.74 34.32 -6.14
N LEU F 1411 -40.20 33.75 -7.27
CA LEU F 1411 -39.66 32.49 -7.86
C LEU F 1411 -38.21 32.66 -8.31
N THR F 1412 -37.53 31.54 -8.58
CA THR F 1412 -36.11 31.44 -8.98
C THR F 1412 -35.99 30.97 -10.43
N ASP F 1413 -34.80 31.16 -11.02
CA ASP F 1413 -34.44 30.82 -12.43
C ASP F 1413 -35.03 29.45 -12.81
N ASN F 1414 -34.73 28.43 -12.00
CA ASN F 1414 -35.14 27.02 -12.23
C ASN F 1414 -36.66 26.88 -12.06
N GLU F 1415 -37.22 27.50 -11.02
CA GLU F 1415 -38.67 27.43 -10.68
C GLU F 1415 -39.49 28.03 -11.83
N ILE F 1416 -39.05 29.16 -12.39
CA ILE F 1416 -39.69 29.81 -13.57
C ILE F 1416 -39.58 28.88 -14.79
N PHE F 1417 -38.41 28.27 -14.99
CA PHE F 1417 -38.04 27.47 -16.18
C PHE F 1417 -39.05 26.34 -16.42
N ARG F 1418 -39.40 25.59 -15.37
CA ARG F 1418 -40.32 24.42 -15.43
C ARG F 1418 -41.71 24.89 -15.87
N LEU F 1419 -42.28 25.87 -15.14
CA LEU F 1419 -43.66 26.38 -15.30
C LEU F 1419 -43.89 26.86 -16.74
N LYS F 1420 -42.89 27.50 -17.35
CA LYS F 1420 -42.97 28.08 -18.72
C LYS F 1420 -43.17 26.95 -19.75
N ILE F 1421 -42.44 25.84 -19.62
CA ILE F 1421 -42.54 24.64 -20.51
C ILE F 1421 -43.85 23.91 -20.17
N LEU F 1422 -44.12 23.74 -18.86
CA LEU F 1422 -45.30 23.01 -18.33
C LEU F 1422 -46.61 23.59 -18.88
N ARG F 1423 -46.66 24.91 -19.13
CA ARG F 1423 -47.87 25.60 -19.65
C ARG F 1423 -47.84 25.60 -21.18
N TYR F 1424 -46.83 26.25 -21.76
CA TYR F 1424 -46.78 26.62 -23.20
C TYR F 1424 -46.43 25.41 -24.07
N LEU F 1425 -45.84 24.34 -23.49
CA LEU F 1425 -45.44 23.13 -24.28
C LEU F 1425 -46.18 21.89 -23.78
N VAL F 1426 -46.07 21.56 -22.49
CA VAL F 1426 -46.49 20.24 -21.94
C VAL F 1426 -48.00 20.04 -22.10
N LEU F 1427 -48.81 21.07 -21.80
CA LEU F 1427 -50.29 20.96 -21.60
C LEU F 1427 -50.96 20.21 -22.78
N ASP F 1428 -50.59 20.54 -24.03
CA ASP F 1428 -51.17 19.93 -25.25
C ASP F 1428 -50.07 19.78 -26.31
N ALA F 1429 -50.03 18.62 -26.99
CA ALA F 1429 -49.06 18.27 -28.05
C ALA F 1429 -49.61 17.11 -28.89
N GLY F 1445 -47.91 10.12 -22.62
CA GLY F 1445 -46.98 10.17 -23.76
C GLY F 1445 -46.79 11.59 -24.29
N ARG F 1446 -46.29 12.49 -23.43
CA ARG F 1446 -46.07 13.93 -23.73
C ARG F 1446 -44.56 14.20 -23.83
N SER F 1447 -44.03 14.24 -25.05
CA SER F 1447 -42.59 14.48 -25.36
C SER F 1447 -42.47 15.69 -26.28
N ILE F 1448 -41.27 16.30 -26.31
CA ILE F 1448 -40.94 17.53 -27.09
C ILE F 1448 -39.77 17.21 -28.03
N LEU F 1449 -38.66 16.71 -27.49
CA LEU F 1449 -37.48 16.26 -28.28
C LEU F 1449 -37.73 14.82 -28.73
N THR F 1450 -37.67 14.57 -30.04
CA THR F 1450 -37.92 13.25 -30.66
C THR F 1450 -37.27 13.22 -32.04
N PRO F 1451 -36.14 12.49 -32.22
CA PRO F 1451 -35.46 12.43 -33.51
C PRO F 1451 -36.35 11.84 -34.64
N ARG F 1452 -36.40 12.54 -35.77
CA ARG F 1452 -37.10 12.08 -37.00
C ARG F 1452 -36.08 11.43 -37.93
N LYS F 1453 -36.51 10.36 -38.63
CA LYS F 1453 -35.66 9.53 -39.51
C LYS F 1453 -36.03 9.82 -40.98
N PHE F 1454 -35.24 9.28 -41.90
CA PHE F 1454 -35.36 9.45 -43.38
C PHE F 1454 -35.66 8.10 -44.02
N THR F 1455 -36.37 7.22 -43.29
CA THR F 1455 -36.64 5.81 -43.67
C THR F 1455 -37.58 5.74 -44.87
N THR F 1456 -37.46 4.69 -45.68
CA THR F 1456 -38.23 4.45 -46.93
C THR F 1456 -39.45 3.57 -46.62
N ALA F 1457 -40.51 3.68 -47.42
CA ALA F 1457 -41.78 2.93 -47.29
C ALA F 1457 -41.52 1.42 -47.38
N GLY F 1458 -40.64 1.01 -48.30
CA GLY F 1458 -40.26 -0.40 -48.52
C GLY F 1458 -41.26 -1.12 -49.42
N SER F 1459 -41.06 -2.42 -49.64
CA SER F 1459 -41.86 -3.28 -50.56
C SER F 1459 -43.23 -3.57 -49.92
N LEU F 1460 -44.29 -2.99 -50.49
CA LEU F 1460 -45.71 -3.16 -50.06
C LEU F 1460 -46.54 -3.63 -51.27
N ARG F 1461 -46.02 -4.61 -52.02
CA ARG F 1461 -46.62 -5.13 -53.28
C ARG F 1461 -47.67 -6.20 -52.96
N LYS F 1462 -47.42 -7.03 -51.94
CA LYS F 1462 -48.29 -8.13 -51.49
C LYS F 1462 -49.70 -7.60 -51.19
N LEU F 1463 -49.79 -6.38 -50.63
CA LEU F 1463 -51.06 -5.73 -50.22
C LEU F 1463 -51.89 -5.38 -51.47
N TYR F 1464 -53.18 -5.71 -51.44
CA TYR F 1464 -54.21 -5.31 -52.43
C TYR F 1464 -54.61 -3.85 -52.18
N SER F 1465 -54.86 -3.50 -50.91
CA SER F 1465 -55.40 -2.20 -50.45
C SER F 1465 -54.43 -1.06 -50.79
N PHE F 1466 -53.12 -1.30 -50.71
CA PHE F 1466 -52.07 -0.27 -51.00
C PHE F 1466 -52.02 0.01 -52.50
N SER F 1467 -52.43 -0.94 -53.35
CA SER F 1467 -52.53 -0.78 -54.82
C SER F 1467 -53.63 0.22 -55.19
N LYS F 1468 -54.69 0.28 -54.37
CA LYS F 1468 -55.87 1.18 -54.60
C LYS F 1468 -55.53 2.61 -54.16
N TYR F 1469 -54.47 2.81 -53.38
CA TYR F 1469 -53.90 4.14 -53.05
C TYR F 1469 -53.08 4.64 -54.24
N GLN F 1470 -52.30 3.74 -54.87
CA GLN F 1470 -51.51 4.03 -56.09
C GLN F 1470 -52.43 4.58 -57.19
N ASP F 1471 -53.56 3.90 -57.43
CA ASP F 1471 -54.54 4.23 -58.50
C ASP F 1471 -55.27 5.54 -58.18
N ARG F 1472 -55.44 5.88 -56.90
CA ARG F 1472 -56.11 7.14 -56.46
C ARG F 1472 -55.10 8.29 -56.43
N LEU F 1473 -53.81 8.00 -56.24
CA LEU F 1473 -52.71 9.00 -56.28
C LEU F 1473 -52.34 9.30 -57.73
N SER F 1474 -52.37 8.29 -58.62
CA SER F 1474 -51.97 8.39 -60.04
C SER F 1474 -52.98 9.24 -60.83
N SER F 1475 -54.27 8.92 -60.74
CA SER F 1475 -55.37 9.59 -61.49
C SER F 1475 -55.65 10.96 -60.88
N PRO F 1476 -55.61 12.06 -61.68
CA PRO F 1476 -55.75 13.41 -61.13
C PRO F 1476 -57.16 13.71 -60.63
N GLY F 1477 -57.27 14.58 -59.63
CA GLY F 1477 -58.54 14.97 -58.98
C GLY F 1477 -58.95 13.98 -57.90
N GLY F 1478 -58.88 12.68 -58.21
CA GLY F 1478 -59.31 11.57 -57.33
C GLY F 1478 -58.73 11.65 -55.93
N MET F 1479 -57.50 12.17 -55.79
CA MET F 1479 -56.82 12.36 -54.47
C MET F 1479 -57.64 13.36 -53.62
N VAL F 1480 -57.83 14.57 -54.13
CA VAL F 1480 -58.53 15.69 -53.42
C VAL F 1480 -59.96 15.23 -53.10
N GLU F 1481 -60.60 14.51 -54.04
CA GLU F 1481 -61.98 13.97 -53.91
C GLU F 1481 -62.15 13.23 -52.58
N LEU F 1482 -61.14 12.47 -52.16
CA LEU F 1482 -61.12 11.72 -50.87
C LEU F 1482 -61.19 12.73 -49.71
N PHE F 1483 -60.24 13.66 -49.69
CA PHE F 1483 -60.05 14.65 -48.60
C PHE F 1483 -61.29 15.54 -48.49
N THR F 1484 -61.92 15.88 -49.62
CA THR F 1484 -63.16 16.70 -49.69
C THR F 1484 -64.36 15.91 -49.15
N TYR F 1485 -64.43 14.60 -49.43
CA TYR F 1485 -65.45 13.67 -48.88
C TYR F 1485 -65.23 13.50 -47.37
N LEU F 1486 -63.96 13.45 -46.94
CA LEU F 1486 -63.56 13.23 -45.52
C LEU F 1486 -63.92 14.46 -44.66
N LEU F 1487 -63.98 15.65 -45.24
CA LEU F 1487 -64.30 16.91 -44.51
C LEU F 1487 -65.78 16.94 -44.11
N GLU F 1488 -66.66 16.33 -44.92
CA GLU F 1488 -68.12 16.22 -44.65
C GLU F 1488 -68.38 15.03 -43.71
N LYS F 1489 -67.40 14.14 -43.56
CA LYS F 1489 -67.44 13.00 -42.59
C LYS F 1489 -66.11 12.94 -41.84
N PRO F 1490 -65.84 13.89 -40.91
CA PRO F 1490 -64.57 13.94 -40.18
C PRO F 1490 -64.46 12.91 -39.05
N GLU F 1491 -65.40 11.95 -38.98
CA GLU F 1491 -65.44 10.86 -37.97
C GLU F 1491 -64.48 9.75 -38.40
N LEU F 1492 -64.10 9.75 -39.68
CA LEU F 1492 -63.35 8.64 -40.35
C LEU F 1492 -61.87 9.02 -40.48
N LEU F 1493 -61.45 10.12 -39.84
CA LEU F 1493 -60.03 10.57 -39.76
C LEU F 1493 -59.34 9.86 -38.59
N VAL F 1494 -60.07 9.65 -37.48
CA VAL F 1494 -59.54 9.14 -36.18
C VAL F 1494 -59.94 7.66 -36.01
N THR F 1495 -61.21 7.32 -36.21
CA THR F 1495 -61.76 5.95 -36.02
C THR F 1495 -62.18 5.38 -37.39
N LYS F 1496 -62.10 4.05 -37.53
CA LYS F 1496 -62.53 3.32 -38.75
C LYS F 1496 -64.05 3.34 -38.85
N GLY F 1497 -64.58 3.21 -40.07
CA GLY F 1497 -66.00 3.38 -40.40
C GLY F 1497 -66.89 2.34 -39.73
N GLU F 1498 -68.16 2.70 -39.51
CA GLU F 1498 -69.22 1.79 -38.99
C GLU F 1498 -69.85 1.04 -40.18
N ASP F 1499 -69.60 1.51 -41.40
CA ASP F 1499 -70.14 0.93 -42.66
C ASP F 1499 -69.02 0.75 -43.69
N MET F 1500 -69.34 -0.03 -44.73
CA MET F 1500 -68.40 -0.56 -45.76
C MET F 1500 -67.57 0.59 -46.36
N LYS F 1501 -68.19 1.45 -47.17
CA LYS F 1501 -67.56 2.64 -47.81
C LYS F 1501 -66.67 3.35 -46.77
N ASP F 1502 -67.26 3.74 -45.64
CA ASP F 1502 -66.61 4.51 -44.55
C ASP F 1502 -65.32 3.80 -44.15
N TYR F 1503 -65.38 2.51 -43.81
CA TYR F 1503 -64.20 1.71 -43.39
C TYR F 1503 -63.19 1.64 -44.55
N MET F 1504 -63.66 1.26 -45.73
CA MET F 1504 -62.82 1.05 -46.95
C MET F 1504 -62.00 2.31 -47.25
N GLU F 1505 -62.67 3.46 -47.39
CA GLU F 1505 -62.02 4.73 -47.82
C GLU F 1505 -61.11 5.25 -46.69
N SER F 1506 -61.40 4.90 -45.43
CA SER F 1506 -60.52 5.16 -44.25
C SER F 1506 -59.16 4.49 -44.48
N VAL F 1507 -59.17 3.25 -44.99
CA VAL F 1507 -57.96 2.41 -45.24
C VAL F 1507 -57.06 3.11 -46.26
N ILE F 1508 -57.63 3.80 -47.25
CA ILE F 1508 -56.88 4.48 -48.35
C ILE F 1508 -56.25 5.77 -47.80
N PHE F 1509 -57.03 6.56 -47.07
CA PHE F 1509 -56.59 7.83 -46.44
C PHE F 1509 -55.39 7.56 -45.52
N ARG F 1510 -55.42 6.46 -44.78
CA ARG F 1510 -54.37 6.02 -43.83
C ARG F 1510 -52.98 6.10 -44.48
N TYR F 1511 -52.88 5.76 -45.78
CA TYR F 1511 -51.60 5.72 -46.54
C TYR F 1511 -51.04 7.13 -46.75
N ASN F 1512 -51.86 8.17 -46.54
CA ASN F 1512 -51.43 9.59 -46.54
C ASN F 1512 -50.22 9.75 -45.60
N SER F 1513 -50.33 9.21 -44.37
CA SER F 1513 -49.26 9.20 -43.34
C SER F 1513 -48.11 8.30 -43.80
N LYS F 1514 -46.90 8.84 -43.86
CA LYS F 1514 -45.65 8.12 -44.21
C LYS F 1514 -45.26 7.18 -43.06
N ARG F 1515 -45.83 7.39 -41.87
CA ARG F 1515 -45.58 6.59 -40.65
C ARG F 1515 -46.44 5.32 -40.68
N PHE F 1516 -47.71 5.41 -41.14
CA PHE F 1516 -48.61 4.25 -41.28
C PHE F 1516 -48.12 3.34 -42.40
N LYS F 1517 -47.50 3.91 -43.44
CA LYS F 1517 -46.89 3.15 -44.58
C LYS F 1517 -45.68 2.36 -44.06
N GLU F 1518 -44.94 2.92 -43.10
CA GLU F 1518 -43.75 2.29 -42.47
C GLU F 1518 -44.21 1.27 -41.42
N SER F 1519 -45.30 1.56 -40.70
CA SER F 1519 -45.87 0.72 -39.61
C SER F 1519 -46.02 -0.74 -40.05
N LEU F 1520 -46.35 -0.96 -41.32
CA LEU F 1520 -46.64 -2.30 -41.90
C LEU F 1520 -45.35 -3.02 -42.31
N SER F 1521 -44.18 -2.40 -42.06
CA SER F 1521 -42.83 -3.00 -42.21
C SER F 1521 -42.16 -3.12 -40.84
N ILE F 1522 -41.39 -4.19 -40.62
CA ILE F 1522 -40.72 -4.50 -39.31
C ILE F 1522 -39.25 -4.09 -39.39
N GLN F 1523 -38.83 -3.12 -38.57
CA GLN F 1523 -37.42 -2.68 -38.40
C GLN F 1523 -36.81 -3.39 -37.20
N ASN F 1524 -35.55 -3.81 -37.31
CA ASN F 1524 -34.80 -4.53 -36.24
C ASN F 1524 -34.44 -3.54 -35.14
N PRO F 1525 -34.85 -3.79 -33.86
CA PRO F 1525 -34.53 -2.88 -32.77
C PRO F 1525 -33.02 -2.69 -32.59
N ALA F 1526 -32.24 -3.72 -32.93
CA ALA F 1526 -30.75 -3.71 -32.95
C ALA F 1526 -30.26 -2.62 -33.90
N GLN F 1527 -30.70 -2.65 -35.16
CA GLN F 1527 -30.37 -1.64 -36.20
C GLN F 1527 -30.93 -0.28 -35.79
N LEU F 1528 -32.15 -0.26 -35.24
CA LEU F 1528 -32.86 0.97 -34.79
C LEU F 1528 -32.04 1.65 -33.68
N PHE F 1529 -31.46 0.86 -32.77
CA PHE F 1529 -30.61 1.31 -31.65
C PHE F 1529 -29.38 2.07 -32.19
N ILE F 1530 -28.64 1.44 -33.12
CA ILE F 1530 -27.37 1.99 -33.69
C ILE F 1530 -27.70 3.28 -34.46
N GLU F 1531 -28.87 3.32 -35.10
CA GLU F 1531 -29.30 4.47 -35.95
C GLU F 1531 -29.62 5.69 -35.07
N GLN F 1532 -29.94 5.50 -33.78
CA GLN F 1532 -30.25 6.63 -32.86
C GLN F 1532 -28.95 7.13 -32.20
N ILE F 1533 -27.92 6.28 -32.13
CA ILE F 1533 -26.55 6.63 -31.64
C ILE F 1533 -25.88 7.49 -32.73
N LEU F 1534 -25.84 6.98 -33.97
CA LEU F 1534 -25.12 7.60 -35.11
C LEU F 1534 -25.77 8.93 -35.51
N PHE F 1535 -27.10 9.00 -35.43
CA PHE F 1535 -27.91 10.21 -35.74
C PHE F 1535 -28.36 10.84 -34.41
N SER F 1536 -27.38 11.39 -33.68
CA SER F 1536 -27.56 12.20 -32.45
C SER F 1536 -26.86 13.56 -32.63
N HIS F 1537 -25.69 13.58 -33.28
CA HIS F 1537 -24.91 14.80 -33.60
C HIS F 1537 -25.40 15.40 -34.93
N LYS F 1538 -26.33 14.75 -35.63
CA LYS F 1538 -26.93 15.23 -36.91
C LYS F 1538 -28.25 15.94 -36.63
N PRO F 1539 -28.69 16.88 -37.50
CA PRO F 1539 -29.98 17.56 -37.31
C PRO F 1539 -31.14 16.60 -37.55
N VAL F 1540 -31.93 16.31 -36.51
CA VAL F 1540 -33.03 15.30 -36.51
C VAL F 1540 -34.33 15.92 -35.98
N ILE F 1541 -34.25 16.79 -34.97
CA ILE F 1541 -35.46 17.38 -34.31
C ILE F 1541 -35.84 18.67 -35.04
N ASP F 1542 -36.99 18.64 -35.73
CA ASP F 1542 -37.56 19.81 -36.45
C ASP F 1542 -38.17 20.77 -35.41
N PHE F 1543 -37.67 22.00 -35.35
CA PHE F 1543 -38.06 23.03 -34.35
C PHE F 1543 -39.39 23.69 -34.78
N SER F 1544 -39.76 23.53 -36.04
CA SER F 1544 -41.04 24.01 -36.64
C SER F 1544 -42.22 23.67 -35.73
N GLY F 1545 -42.24 22.45 -35.16
CA GLY F 1545 -43.31 21.94 -34.28
C GLY F 1545 -43.18 22.43 -32.85
N ILE F 1546 -42.04 23.00 -32.46
CA ILE F 1546 -41.82 23.65 -31.14
C ILE F 1546 -42.25 25.12 -31.26
N ARG F 1547 -41.66 25.86 -32.22
CA ARG F 1547 -42.03 27.28 -32.51
C ARG F 1547 -43.52 27.33 -32.88
N ASP F 1548 -44.02 26.36 -33.65
CA ASP F 1548 -45.43 26.27 -34.09
C ASP F 1548 -46.35 26.34 -32.86
N LYS F 1549 -45.97 25.65 -31.77
CA LYS F 1549 -46.75 25.56 -30.51
C LYS F 1549 -46.80 26.92 -29.82
N TYR F 1550 -45.68 27.67 -29.80
CA TYR F 1550 -45.62 29.04 -29.21
C TYR F 1550 -44.86 30.01 -30.14
N ILE F 1551 -45.51 30.43 -31.22
CA ILE F 1551 -45.13 31.63 -32.05
C ILE F 1551 -45.95 32.82 -31.55
N LEU F 1566 -36.30 26.84 -42.24
CA LEU F 1566 -35.31 26.63 -41.15
C LEU F 1566 -34.73 25.21 -41.25
N GLY F 1567 -35.60 24.19 -41.34
CA GLY F 1567 -35.22 22.78 -41.49
C GLY F 1567 -35.12 22.07 -40.15
N LYS F 1568 -34.42 20.93 -40.10
CA LYS F 1568 -34.20 20.12 -38.87
C LYS F 1568 -33.06 20.74 -38.05
N VAL F 1569 -33.10 20.57 -36.72
CA VAL F 1569 -32.13 21.13 -35.74
C VAL F 1569 -31.46 19.98 -34.97
N THR F 1570 -30.15 20.09 -34.76
CA THR F 1570 -29.30 19.14 -33.98
C THR F 1570 -29.68 19.24 -32.50
N PHE F 1571 -29.50 18.16 -31.73
CA PHE F 1571 -29.84 18.06 -30.28
C PHE F 1571 -29.24 19.23 -29.51
N THR F 1572 -27.93 19.46 -29.67
CA THR F 1572 -27.17 20.56 -29.01
C THR F 1572 -27.87 21.89 -29.31
N GLU F 1573 -28.12 22.17 -30.60
CA GLU F 1573 -28.76 23.42 -31.08
C GLU F 1573 -30.20 23.53 -30.58
N ALA F 1574 -30.87 22.39 -30.36
CA ALA F 1574 -32.29 22.27 -29.95
C ALA F 1574 -32.45 22.83 -28.54
N TYR F 1575 -31.41 22.69 -27.69
CA TYR F 1575 -31.35 23.25 -26.32
C TYR F 1575 -31.19 24.78 -26.41
N ARG F 1576 -30.19 25.23 -27.17
CA ARG F 1576 -29.87 26.67 -27.40
C ARG F 1576 -31.13 27.37 -27.93
N LEU F 1577 -31.70 26.86 -29.02
CA LEU F 1577 -32.84 27.48 -29.76
C LEU F 1577 -34.13 27.42 -28.92
N LEU F 1578 -34.20 26.53 -27.91
CA LEU F 1578 -35.32 26.47 -26.96
C LEU F 1578 -35.25 27.65 -25.99
N MET F 1579 -34.05 28.01 -25.54
CA MET F 1579 -33.80 29.11 -24.56
C MET F 1579 -34.07 30.47 -25.23
N ARG F 1580 -33.66 30.64 -26.50
CA ARG F 1580 -33.88 31.86 -27.32
C ARG F 1580 -35.37 32.16 -27.42
N ASP F 1581 -36.22 31.12 -27.43
CA ASP F 1581 -37.70 31.22 -27.49
C ASP F 1581 -38.28 31.32 -26.07
N LEU F 1582 -37.70 30.59 -25.12
CA LEU F 1582 -38.19 30.45 -23.73
C LEU F 1582 -38.04 31.76 -22.96
N SER F 1583 -36.89 32.42 -23.09
CA SER F 1583 -36.56 33.70 -22.39
C SER F 1583 -37.59 34.80 -22.75
N SER F 1584 -38.17 34.72 -23.96
CA SER F 1584 -39.15 35.69 -24.50
C SER F 1584 -40.50 35.56 -23.79
N LEU F 1585 -40.93 34.32 -23.48
CA LEU F 1585 -42.26 34.00 -22.90
C LEU F 1585 -42.43 34.72 -21.55
N GLU F 1586 -43.69 34.90 -21.13
CA GLU F 1586 -44.10 35.67 -19.93
C GLU F 1586 -44.84 34.74 -18.96
N LEU F 1587 -44.41 34.71 -17.69
CA LEU F 1587 -45.04 33.94 -16.59
C LEU F 1587 -45.89 34.89 -15.74
N THR F 1588 -47.18 34.56 -15.55
CA THR F 1588 -48.18 35.37 -14.81
C THR F 1588 -48.71 34.55 -13.62
N ASN F 1589 -49.60 35.16 -12.83
CA ASN F 1589 -50.35 34.50 -11.72
C ASN F 1589 -51.54 33.72 -12.29
N ASP F 1590 -51.86 33.91 -13.58
CA ASP F 1590 -52.92 33.18 -14.31
C ASP F 1590 -52.33 31.92 -14.95
N ASP F 1591 -51.21 32.06 -15.68
CA ASP F 1591 -50.55 30.96 -16.43
C ASP F 1591 -50.35 29.74 -15.53
N ILE F 1592 -49.85 29.96 -14.31
CA ILE F 1592 -49.60 28.91 -13.28
C ILE F 1592 -50.93 28.24 -12.88
N GLN F 1593 -52.03 29.00 -12.84
CA GLN F 1593 -53.38 28.52 -12.41
C GLN F 1593 -54.03 27.66 -13.50
N VAL F 1594 -53.52 27.69 -14.73
CA VAL F 1594 -53.98 26.81 -15.84
C VAL F 1594 -53.33 25.43 -15.67
N ILE F 1595 -52.06 25.41 -15.26
CA ILE F 1595 -51.28 24.18 -14.95
C ILE F 1595 -52.01 23.39 -13.87
N TYR F 1596 -52.35 24.05 -12.75
CA TYR F 1596 -52.99 23.44 -11.55
C TYR F 1596 -54.45 23.06 -11.84
N SER F 1597 -55.01 23.52 -12.97
CA SER F 1597 -56.36 23.15 -13.46
C SER F 1597 -56.25 21.92 -14.38
N TYR F 1598 -55.42 22.02 -15.43
CA TYR F 1598 -55.34 21.04 -16.54
C TYR F 1598 -54.73 19.71 -16.06
N ILE F 1599 -53.86 19.73 -15.05
CA ILE F 1599 -53.11 18.53 -14.56
C ILE F 1599 -53.80 17.97 -13.31
N ILE F 1600 -53.85 18.75 -12.22
CA ILE F 1600 -54.35 18.30 -10.89
C ILE F 1600 -55.88 18.27 -10.91
N LEU F 1601 -56.53 19.42 -11.04
CA LEU F 1601 -58.00 19.59 -10.83
C LEU F 1601 -58.80 18.87 -11.92
N ASN F 1602 -58.21 18.62 -13.09
CA ASN F 1602 -58.89 17.91 -14.22
C ASN F 1602 -59.06 16.43 -13.89
N ASP F 1603 -57.97 15.73 -13.55
CA ASP F 1603 -57.95 14.25 -13.32
C ASP F 1603 -58.24 13.95 -11.85
N PRO F 1604 -59.37 13.27 -11.54
CA PRO F 1604 -59.69 12.86 -10.17
C PRO F 1604 -58.63 11.95 -9.51
N MET F 1605 -57.83 11.26 -10.33
CA MET F 1605 -56.71 10.40 -9.86
C MET F 1605 -55.58 11.29 -9.33
N MET F 1606 -55.13 12.25 -10.14
CA MET F 1606 -54.05 13.20 -9.78
C MET F 1606 -54.47 14.02 -8.55
N ILE F 1607 -55.76 14.33 -8.43
CA ILE F 1607 -56.35 15.00 -7.23
C ILE F 1607 -55.96 14.18 -5.99
N THR F 1608 -56.30 12.89 -5.97
CA THR F 1608 -56.14 11.97 -4.81
C THR F 1608 -54.66 11.73 -4.54
N ILE F 1609 -53.85 11.50 -5.57
CA ILE F 1609 -52.39 11.17 -5.45
C ILE F 1609 -51.67 12.31 -4.73
N ALA F 1610 -51.97 13.56 -5.11
CA ALA F 1610 -51.41 14.78 -4.49
C ALA F 1610 -51.85 14.86 -3.03
N ASN F 1611 -53.14 14.59 -2.77
CA ASN F 1611 -53.75 14.59 -1.41
C ASN F 1611 -53.02 13.58 -0.53
N THR F 1612 -52.84 12.35 -1.02
CA THR F 1612 -52.18 11.22 -0.29
C THR F 1612 -50.78 11.64 0.18
N HIS F 1613 -50.07 12.47 -0.59
CA HIS F 1613 -48.66 12.85 -0.30
C HIS F 1613 -48.59 14.17 0.49
N ILE F 1614 -49.72 14.83 0.74
CA ILE F 1614 -49.80 16.08 1.55
C ILE F 1614 -50.42 15.76 2.91
N LEU F 1615 -51.46 14.95 2.95
CA LEU F 1615 -52.20 14.57 4.20
C LEU F 1615 -51.53 13.37 4.87
N SER F 1616 -50.44 12.84 4.29
CA SER F 1616 -49.73 11.60 4.73
C SER F 1616 -49.26 11.73 6.19
N ILE F 1617 -49.56 10.72 7.01
CA ILE F 1617 -49.07 10.57 8.41
C ILE F 1617 -48.60 9.12 8.59
N TYR F 1618 -47.30 8.86 8.35
CA TYR F 1618 -46.68 7.53 8.49
C TYR F 1618 -46.59 7.16 9.98
N GLY F 1619 -46.99 5.93 10.33
CA GLY F 1619 -47.17 5.48 11.72
C GLY F 1619 -46.15 4.44 12.15
N SER F 1620 -46.61 3.33 12.72
CA SER F 1620 -45.78 2.27 13.37
C SER F 1620 -45.01 1.48 12.32
N PRO F 1621 -43.65 1.41 12.42
CA PRO F 1621 -42.87 0.51 11.57
C PRO F 1621 -43.05 -0.94 12.00
N GLN F 1622 -43.39 -1.84 11.06
CA GLN F 1622 -43.64 -3.29 11.36
C GLN F 1622 -42.95 -4.18 10.33
N ARG F 1623 -42.66 -5.42 10.71
CA ARG F 1623 -42.04 -6.47 9.84
C ARG F 1623 -43.11 -7.01 8.88
N ARG F 1624 -42.74 -7.26 7.62
CA ARG F 1624 -43.65 -7.77 6.56
C ARG F 1624 -43.93 -9.26 6.81
N MET F 1625 -44.74 -9.57 7.82
CA MET F 1625 -45.03 -10.94 8.29
C MET F 1625 -45.99 -11.63 7.30
N GLY F 1626 -47.15 -11.01 7.04
CA GLY F 1626 -48.22 -11.58 6.20
C GLY F 1626 -48.51 -10.73 4.98
N MET F 1627 -48.11 -11.22 3.81
CA MET F 1627 -48.39 -10.57 2.49
C MET F 1627 -49.74 -11.06 1.99
N SER F 1628 -50.53 -10.16 1.37
CA SER F 1628 -51.87 -10.46 0.80
C SER F 1628 -52.04 -9.77 -0.55
N CYS F 1629 -52.88 -10.34 -1.43
CA CYS F 1629 -53.24 -9.81 -2.76
C CYS F 1629 -54.29 -8.72 -2.61
N SER F 1630 -54.20 -7.68 -3.45
CA SER F 1630 -55.07 -6.47 -3.43
C SER F 1630 -55.31 -5.97 -4.86
N THR F 1631 -56.55 -5.55 -5.13
CA THR F 1631 -57.02 -5.06 -6.46
C THR F 1631 -56.94 -3.53 -6.48
N MET F 1632 -56.40 -2.94 -7.55
CA MET F 1632 -56.26 -1.46 -7.70
C MET F 1632 -57.65 -0.85 -7.82
N PRO F 1633 -57.96 0.23 -7.06
CA PRO F 1633 -59.30 0.81 -7.07
C PRO F 1633 -59.57 1.70 -8.30
N GLU F 1634 -60.78 2.25 -8.39
CA GLU F 1634 -61.26 3.08 -9.53
C GLU F 1634 -61.16 4.56 -9.16
N PHE F 1635 -60.74 5.40 -10.11
CA PHE F 1635 -60.59 6.87 -9.95
C PHE F 1635 -61.38 7.59 -11.06
N ARG F 1636 -62.64 7.21 -11.24
CA ARG F 1636 -63.56 7.75 -12.29
C ARG F 1636 -64.98 7.83 -11.72
N SER F 1644 -70.99 5.86 -25.78
CA SER F 1644 -70.77 5.41 -27.17
C SER F 1644 -69.55 6.12 -27.76
N PRO F 1645 -68.69 5.45 -28.56
CA PRO F 1645 -67.43 6.04 -29.02
C PRO F 1645 -67.50 6.76 -30.39
N ALA F 1646 -67.30 6.05 -31.50
CA ALA F 1646 -67.11 6.60 -32.86
C ALA F 1646 -68.42 7.20 -33.40
N LEU F 1647 -69.57 6.72 -32.90
CA LEU F 1647 -70.93 7.16 -33.34
C LEU F 1647 -71.25 8.56 -32.81
N VAL F 1648 -70.72 8.92 -31.63
CA VAL F 1648 -70.94 10.25 -30.98
C VAL F 1648 -70.32 11.34 -31.88
N LEU F 1649 -69.08 11.14 -32.35
CA LEU F 1649 -68.35 12.08 -33.23
C LEU F 1649 -69.14 12.33 -34.52
N ARG F 1650 -69.94 11.36 -34.96
CA ARG F 1650 -70.82 11.47 -36.16
C ARG F 1650 -72.01 12.39 -35.83
N ALA F 1651 -72.43 12.44 -34.56
CA ALA F 1651 -73.53 13.29 -34.05
C ALA F 1651 -72.99 14.67 -33.63
N TYR F 1652 -71.67 14.88 -33.72
CA TYR F 1652 -71.00 16.19 -33.50
C TYR F 1652 -70.74 16.86 -34.85
N SER F 1653 -70.37 16.07 -35.87
CA SER F 1653 -70.21 16.51 -37.29
C SER F 1653 -71.52 17.14 -37.76
N LYS F 1654 -72.64 16.42 -37.56
CA LYS F 1654 -74.02 16.86 -37.85
C LYS F 1654 -74.81 16.85 -36.54
N ASN F 1655 -75.39 17.99 -36.20
CA ASN F 1655 -75.90 18.33 -34.84
C ASN F 1655 -76.97 17.32 -34.41
N ASN F 1656 -77.62 16.65 -35.37
CA ASN F 1656 -78.70 15.64 -35.14
C ASN F 1656 -78.15 14.42 -34.40
N PRO F 1657 -78.71 14.06 -33.22
CA PRO F 1657 -78.32 12.84 -32.53
C PRO F 1657 -79.23 11.67 -32.90
N ASP F 1658 -79.92 11.76 -34.04
CA ASP F 1658 -80.88 10.76 -34.58
C ASP F 1658 -80.38 10.31 -35.96
N ILE F 1659 -79.16 9.77 -36.00
CA ILE F 1659 -78.47 9.30 -37.25
C ILE F 1659 -78.79 7.82 -37.44
N GLN F 1660 -78.27 6.95 -36.56
CA GLN F 1660 -78.47 5.47 -36.59
C GLN F 1660 -78.68 4.96 -35.17
N GLY F 1661 -79.12 3.70 -35.02
CA GLY F 1661 -79.38 3.04 -33.73
C GLY F 1661 -80.78 3.31 -33.24
N THR F 1665 -81.31 8.48 -28.04
CA THR F 1665 -81.89 9.34 -26.96
C THR F 1665 -80.84 9.58 -25.87
N GLU F 1666 -80.20 8.51 -25.37
CA GLU F 1666 -79.11 8.57 -24.36
C GLU F 1666 -77.86 9.17 -25.00
N MET F 1667 -77.61 8.88 -26.28
CA MET F 1667 -76.45 9.36 -27.07
C MET F 1667 -76.57 10.87 -27.31
N ALA F 1668 -77.80 11.40 -27.35
CA ALA F 1668 -78.12 12.84 -27.46
C ALA F 1668 -77.63 13.57 -26.20
N ARG F 1669 -77.83 12.96 -25.03
CA ARG F 1669 -77.48 13.52 -23.70
C ARG F 1669 -75.95 13.49 -23.51
N ASP F 1670 -75.26 12.53 -24.13
CA ASP F 1670 -73.78 12.35 -24.05
C ASP F 1670 -73.08 13.50 -24.78
N LEU F 1671 -73.72 14.07 -25.81
CA LEU F 1671 -73.17 15.17 -26.65
C LEU F 1671 -73.15 16.49 -25.85
N VAL F 1672 -74.08 16.65 -24.90
CA VAL F 1672 -74.27 17.89 -24.09
C VAL F 1672 -72.99 18.13 -23.26
N HIS F 1673 -72.48 17.07 -22.62
CA HIS F 1673 -71.24 17.06 -21.79
C HIS F 1673 -70.01 17.25 -22.69
N LEU F 1674 -70.08 16.79 -23.95
CA LEU F 1674 -69.02 16.97 -24.97
C LEU F 1674 -68.99 18.43 -25.41
N LYS F 1675 -70.16 19.06 -25.57
CA LYS F 1675 -70.30 20.50 -25.94
C LYS F 1675 -69.67 21.37 -24.83
N GLU F 1676 -69.91 21.03 -23.56
CA GLU F 1676 -69.31 21.73 -22.38
C GLU F 1676 -67.78 21.67 -22.45
N PHE F 1677 -67.23 20.49 -22.76
CA PHE F 1677 -65.77 20.19 -22.80
C PHE F 1677 -65.08 21.07 -23.85
N VAL F 1678 -65.69 21.24 -25.02
CA VAL F 1678 -65.13 22.00 -26.18
C VAL F 1678 -65.35 23.50 -25.97
N GLU F 1679 -66.35 23.89 -25.17
CA GLU F 1679 -66.71 25.31 -24.89
C GLU F 1679 -65.86 25.85 -23.72
N ASN F 1680 -65.66 25.05 -22.66
CA ASN F 1680 -64.89 25.43 -21.44
C ASN F 1680 -63.42 25.65 -21.82
N THR F 1681 -62.85 24.74 -22.63
CA THR F 1681 -61.49 24.84 -23.20
C THR F 1681 -61.49 25.86 -24.35
N ASN F 1682 -62.62 25.97 -25.06
CA ASN F 1682 -62.87 26.96 -26.15
C ASN F 1682 -62.05 26.56 -27.38
N LEU F 1683 -61.90 25.25 -27.63
CA LEU F 1683 -61.13 24.68 -28.75
C LEU F 1683 -62.00 24.62 -30.02
N GLU F 1684 -63.27 25.02 -29.93
CA GLU F 1684 -64.21 25.10 -31.08
C GLU F 1684 -63.83 26.31 -31.94
N GLU F 1685 -63.58 27.46 -31.31
CA GLU F 1685 -63.19 28.74 -31.97
C GLU F 1685 -61.69 28.74 -32.26
N LYS F 1686 -60.85 28.37 -31.27
CA LYS F 1686 -59.37 28.36 -31.37
C LYS F 1686 -58.92 27.63 -32.65
N MET F 1687 -59.62 26.55 -33.01
CA MET F 1687 -59.31 25.71 -34.21
C MET F 1687 -59.75 26.45 -35.48
N LYS F 1688 -60.97 27.03 -35.47
CA LYS F 1688 -61.57 27.74 -36.63
C LYS F 1688 -60.75 28.99 -36.97
N VAL F 1689 -60.35 29.76 -35.94
CA VAL F 1689 -59.54 31.01 -36.07
C VAL F 1689 -58.18 30.67 -36.68
N ARG F 1690 -57.59 29.53 -36.29
CA ARG F 1690 -56.25 29.07 -36.76
C ARG F 1690 -56.29 28.79 -38.26
N ILE F 1691 -57.41 28.27 -38.77
CA ILE F 1691 -57.65 27.99 -40.22
C ILE F 1691 -58.00 29.31 -40.93
N ALA F 1692 -58.99 30.04 -40.37
CA ALA F 1692 -59.57 31.28 -40.96
C ALA F 1692 -58.48 32.32 -41.24
N MET F 1693 -57.38 32.33 -40.48
CA MET F 1693 -56.26 33.30 -40.62
C MET F 1693 -55.09 32.66 -41.39
N ASN F 1694 -55.18 31.36 -41.72
CA ASN F 1694 -54.14 30.62 -42.49
C ASN F 1694 -54.37 30.80 -43.99
N GLU F 1695 -55.63 30.93 -44.41
CA GLU F 1695 -56.04 31.13 -45.84
C GLU F 1695 -55.66 32.54 -46.29
N ALA F 1696 -55.56 33.50 -45.36
CA ALA F 1696 -55.09 34.89 -45.61
C ALA F 1696 -53.58 34.97 -45.45
N GLU F 1697 -52.94 33.91 -44.93
CA GLU F 1697 -51.47 33.79 -44.73
C GLU F 1697 -50.84 33.10 -45.95
N LYS F 1698 -51.44 32.00 -46.42
CA LYS F 1698 -50.94 31.19 -47.57
C LYS F 1698 -51.45 31.80 -48.88
N GLY F 1699 -52.77 31.97 -49.03
CA GLY F 1699 -53.39 32.66 -50.18
C GLY F 1699 -54.74 32.09 -50.57
N GLN F 1700 -54.74 30.97 -51.29
CA GLN F 1700 -55.94 30.38 -51.95
C GLN F 1700 -56.69 29.46 -50.97
N ARG F 1701 -56.65 28.15 -51.21
CA ARG F 1701 -57.35 27.10 -50.41
C ARG F 1701 -56.46 25.87 -50.28
N ASP F 1702 -55.76 25.74 -49.15
CA ASP F 1702 -54.82 24.63 -48.85
C ASP F 1702 -55.59 23.51 -48.14
N ILE F 1703 -55.86 22.41 -48.86
CA ILE F 1703 -56.68 21.24 -48.38
C ILE F 1703 -55.88 20.50 -47.31
N VAL F 1704 -54.55 20.61 -47.35
CA VAL F 1704 -53.60 19.98 -46.37
C VAL F 1704 -53.93 20.51 -44.96
N PHE F 1705 -53.99 21.83 -44.80
CA PHE F 1705 -54.24 22.52 -43.50
C PHE F 1705 -55.72 22.38 -43.12
N GLU F 1706 -56.62 22.38 -44.11
CA GLU F 1706 -58.09 22.20 -43.91
C GLU F 1706 -58.34 20.92 -43.09
N LEU F 1707 -57.57 19.86 -43.34
CA LEU F 1707 -57.75 18.53 -42.69
C LEU F 1707 -56.86 18.39 -41.46
N LYS F 1708 -55.55 18.64 -41.60
CA LYS F 1708 -54.54 18.36 -40.53
C LYS F 1708 -54.95 19.02 -39.20
N GLU F 1709 -55.51 20.24 -39.27
CA GLU F 1709 -55.98 20.99 -38.07
C GLU F 1709 -57.34 20.45 -37.59
N MET F 1710 -58.16 19.93 -38.51
CA MET F 1710 -59.51 19.38 -38.21
C MET F 1710 -59.37 18.01 -37.54
N THR F 1711 -58.32 17.26 -37.87
CA THR F 1711 -58.01 15.89 -37.35
C THR F 1711 -57.55 15.99 -35.89
N ARG F 1712 -56.62 16.91 -35.62
CA ARG F 1712 -56.12 17.25 -34.26
C ARG F 1712 -57.31 17.48 -33.32
N PHE F 1713 -58.34 18.17 -33.81
CA PHE F 1713 -59.58 18.53 -33.06
C PHE F 1713 -60.39 17.27 -32.71
N TYR F 1714 -60.38 16.26 -33.59
CA TYR F 1714 -61.17 15.01 -33.45
C TYR F 1714 -60.38 13.96 -32.66
N GLN F 1715 -59.05 14.02 -32.71
CA GLN F 1715 -58.18 13.06 -31.97
C GLN F 1715 -58.20 13.40 -30.47
N VAL F 1716 -58.20 14.69 -30.12
CA VAL F 1716 -58.27 15.18 -28.70
C VAL F 1716 -59.69 14.93 -28.16
N CYS F 1717 -60.69 14.76 -29.04
CA CYS F 1717 -62.05 14.31 -28.68
C CYS F 1717 -62.04 12.83 -28.30
N TYR F 1718 -61.41 12.00 -29.15
CA TYR F 1718 -61.34 10.51 -29.02
C TYR F 1718 -61.08 10.09 -27.56
N GLU F 1719 -60.06 10.70 -26.94
CA GLU F 1719 -59.60 10.35 -25.56
C GLU F 1719 -60.69 10.70 -24.53
N TYR F 1720 -61.48 11.74 -24.78
CA TYR F 1720 -62.58 12.21 -23.89
C TYR F 1720 -63.84 11.35 -24.12
N VAL F 1721 -64.18 11.11 -25.40
CA VAL F 1721 -65.40 10.36 -25.83
C VAL F 1721 -65.20 8.87 -25.49
N LYS F 1722 -64.26 8.20 -26.17
CA LYS F 1722 -63.97 6.75 -25.96
C LYS F 1722 -63.18 6.59 -24.64
N SER F 1723 -63.80 6.00 -23.62
CA SER F 1723 -63.27 5.84 -22.25
C SER F 1723 -62.40 4.57 -22.16
N THR F 1724 -61.37 4.61 -21.32
CA THR F 1724 -60.40 3.49 -21.09
C THR F 1724 -61.05 2.44 -20.20
N GLU F 1725 -60.80 1.16 -20.48
CA GLU F 1725 -61.27 -0.01 -19.68
C GLU F 1725 -60.33 -0.19 -18.48
N HIS F 1726 -60.87 -0.16 -17.25
CA HIS F 1726 -60.09 -0.32 -15.99
C HIS F 1726 -59.68 -1.79 -15.86
N LYS F 1727 -58.56 -2.14 -16.50
CA LYS F 1727 -58.01 -3.53 -16.56
C LYS F 1727 -57.57 -3.97 -15.17
N ILE F 1728 -57.56 -5.28 -14.92
CA ILE F 1728 -57.28 -5.90 -13.59
C ILE F 1728 -55.79 -5.73 -13.26
N LYS F 1729 -55.48 -4.89 -12.27
CA LYS F 1729 -54.12 -4.66 -11.71
C LYS F 1729 -54.10 -5.10 -10.25
N VAL F 1730 -53.31 -6.12 -9.92
CA VAL F 1730 -53.20 -6.71 -8.56
C VAL F 1730 -51.82 -6.36 -7.99
N PHE F 1731 -51.81 -5.71 -6.82
CA PHE F 1731 -50.58 -5.37 -6.05
C PHE F 1731 -50.54 -6.23 -4.78
N ILE F 1732 -49.40 -6.88 -4.51
CA ILE F 1732 -49.18 -7.64 -3.24
C ILE F 1732 -48.82 -6.63 -2.14
N LEU F 1733 -49.65 -6.55 -1.10
CA LEU F 1733 -49.52 -5.56 0.01
C LEU F 1733 -49.55 -6.28 1.35
N PRO F 1734 -48.97 -5.68 2.42
CA PRO F 1734 -48.94 -6.30 3.75
C PRO F 1734 -50.30 -6.57 4.40
N ALA F 1735 -51.41 -6.18 3.77
CA ALA F 1735 -52.78 -6.56 4.18
C ALA F 1735 -53.75 -6.38 3.00
N LYS F 1736 -55.00 -6.83 3.18
CA LYS F 1736 -56.07 -6.80 2.15
C LYS F 1736 -56.59 -5.36 2.00
N SER F 1737 -56.55 -4.84 0.77
CA SER F 1737 -57.11 -3.51 0.39
C SER F 1737 -58.53 -3.71 -0.15
N TYR F 1738 -59.53 -3.48 0.71
CA TYR F 1738 -60.97 -3.56 0.36
C TYR F 1738 -61.34 -2.35 -0.51
N THR F 1739 -61.03 -1.14 -0.03
CA THR F 1739 -61.45 0.15 -0.65
C THR F 1739 -60.23 1.05 -0.92
N THR F 1740 -60.50 2.13 -1.66
CA THR F 1740 -59.50 3.12 -2.16
C THR F 1740 -58.58 3.55 -1.01
N THR F 1741 -59.16 4.13 0.05
CA THR F 1741 -58.41 4.69 1.21
C THR F 1741 -57.47 3.62 1.78
N ASP F 1742 -58.02 2.43 2.06
CA ASP F 1742 -57.25 1.25 2.55
C ASP F 1742 -56.07 1.02 1.59
N PHE F 1743 -56.37 0.87 0.29
CA PHE F 1743 -55.34 0.63 -0.76
C PHE F 1743 -54.24 1.69 -0.65
N CYS F 1744 -54.62 2.97 -0.64
CA CYS F 1744 -53.69 4.13 -0.62
C CYS F 1744 -52.68 3.96 0.52
N SER F 1745 -53.19 3.82 1.75
CA SER F 1745 -52.40 3.70 3.01
C SER F 1745 -51.39 2.54 2.88
N LEU F 1746 -51.87 1.34 2.52
CA LEU F 1746 -51.03 0.12 2.47
C LEU F 1746 -50.00 0.26 1.33
N MET F 1747 -50.42 0.75 0.16
CA MET F 1747 -49.55 1.02 -1.00
C MET F 1747 -48.42 1.96 -0.56
N GLN F 1748 -48.77 3.13 -0.01
CA GLN F 1748 -47.80 4.14 0.50
C GLN F 1748 -46.73 3.41 1.33
N GLY F 1749 -47.14 2.74 2.41
CA GLY F 1749 -46.25 2.08 3.39
C GLY F 1749 -45.26 1.12 2.74
N ASN F 1750 -45.75 0.36 1.75
CA ASN F 1750 -45.05 -0.81 1.14
C ASN F 1750 -43.83 -0.35 0.34
N LEU F 1751 -43.72 0.93 -0.03
CA LEU F 1751 -42.66 1.43 -0.93
C LEU F 1751 -41.80 2.49 -0.24
N ILE F 1752 -41.59 2.38 1.08
CA ILE F 1752 -40.71 3.30 1.84
C ILE F 1752 -39.40 2.59 2.19
N LYS F 1753 -39.43 1.69 3.18
CA LYS F 1753 -38.25 0.90 3.64
C LYS F 1753 -38.45 -0.57 3.23
N ASP F 1754 -37.35 -1.33 3.11
CA ASP F 1754 -37.36 -2.77 2.76
C ASP F 1754 -37.62 -3.61 4.03
N LYS F 1755 -37.03 -3.20 5.15
CA LYS F 1755 -37.02 -3.97 6.43
C LYS F 1755 -38.35 -3.82 7.18
N GLU F 1756 -38.95 -2.62 7.16
CA GLU F 1756 -40.22 -2.32 7.86
C GLU F 1756 -41.23 -1.69 6.89
N TRP F 1757 -42.46 -2.20 6.86
CA TRP F 1757 -43.65 -1.53 6.26
C TRP F 1757 -44.29 -0.62 7.32
N TYR F 1758 -44.97 0.43 6.87
CA TYR F 1758 -45.58 1.48 7.73
C TYR F 1758 -47.09 1.57 7.44
N THR F 1759 -47.90 1.68 8.49
CA THR F 1759 -49.35 1.99 8.41
C THR F 1759 -49.51 3.50 8.29
N VAL F 1760 -50.47 3.97 7.49
CA VAL F 1760 -50.60 5.40 7.06
C VAL F 1760 -51.90 5.99 7.61
N HIS F 1761 -51.85 7.29 7.94
CA HIS F 1761 -52.99 8.12 8.40
C HIS F 1761 -53.11 9.37 7.52
N TYR F 1762 -54.26 10.05 7.60
CA TYR F 1762 -54.59 11.26 6.81
C TYR F 1762 -55.39 12.25 7.68
N LEU F 1763 -55.04 13.54 7.58
CA LEU F 1763 -55.68 14.65 8.35
C LEU F 1763 -57.15 14.77 7.92
N LYS F 1764 -57.38 14.96 6.62
CA LYS F 1764 -58.72 15.05 5.98
C LYS F 1764 -58.87 13.91 4.96
N GLN F 1765 -60.08 13.69 4.46
CA GLN F 1765 -60.36 12.69 3.39
C GLN F 1765 -59.56 13.09 2.13
N ILE F 1766 -58.92 12.11 1.50
CA ILE F 1766 -58.03 12.27 0.32
C ILE F 1766 -58.87 12.16 -0.97
N LEU F 1767 -60.00 11.46 -0.90
CA LEU F 1767 -60.93 11.22 -2.04
C LEU F 1767 -61.74 12.48 -2.34
N SER F 1768 -61.11 13.48 -2.95
CA SER F 1768 -61.77 14.64 -3.58
C SER F 1768 -62.05 14.30 -5.05
N GLY F 1769 -63.07 14.94 -5.64
CA GLY F 1769 -63.59 14.61 -6.98
C GLY F 1769 -63.40 15.72 -7.99
N GLY F 1770 -63.16 16.97 -7.54
CA GLY F 1770 -62.87 18.11 -8.44
C GLY F 1770 -62.77 19.44 -7.72
N HIS F 1771 -62.88 20.53 -8.49
CA HIS F 1771 -62.74 21.95 -8.05
C HIS F 1771 -64.12 22.58 -7.87
N LYS F 1772 -65.19 21.79 -8.06
CA LYS F 1772 -66.60 22.20 -7.87
C LYS F 1772 -67.05 21.79 -6.46
N ALA F 1773 -66.21 21.02 -5.75
CA ALA F 1773 -66.59 20.18 -4.60
C ALA F 1773 -65.83 20.59 -3.34
N ILE F 1774 -65.62 21.90 -3.12
CA ILE F 1774 -64.69 22.42 -2.08
C ILE F 1774 -65.41 22.45 -0.73
N MET F 1775 -66.62 22.98 -0.67
CA MET F 1775 -67.41 23.19 0.58
C MET F 1775 -67.88 21.84 1.17
N GLN F 1776 -68.54 21.01 0.36
CA GLN F 1776 -69.23 19.77 0.82
C GLN F 1776 -68.20 18.65 1.02
N HIS F 1777 -67.14 18.62 0.19
CA HIS F 1777 -65.96 17.73 0.40
C HIS F 1777 -65.38 18.00 1.79
N ASN F 1778 -65.18 19.27 2.15
CA ASN F 1778 -64.73 19.67 3.52
C ASN F 1778 -65.74 19.13 4.53
N ALA F 1779 -67.02 19.50 4.39
CA ALA F 1779 -68.14 19.12 5.28
C ALA F 1779 -68.12 17.61 5.56
N THR F 1780 -67.97 16.79 4.50
CA THR F 1780 -67.97 15.31 4.58
C THR F 1780 -66.59 14.78 4.99
N SER F 1781 -65.54 15.61 4.87
CA SER F 1781 -64.16 15.27 5.30
C SER F 1781 -64.01 15.48 6.82
N GLU F 1782 -64.77 16.43 7.38
CA GLU F 1782 -64.75 16.76 8.83
C GLU F 1782 -65.41 15.62 9.62
N GLN F 1783 -66.70 15.37 9.38
CA GLN F 1783 -67.55 14.46 10.19
C GLN F 1783 -66.76 13.20 10.60
N ASN F 1784 -66.34 12.37 9.65
CA ASN F 1784 -65.65 11.06 9.88
C ASN F 1784 -64.50 11.22 10.89
N ILE F 1785 -63.81 12.38 10.86
CA ILE F 1785 -62.73 12.72 11.83
C ILE F 1785 -63.30 12.62 13.25
N ALA F 1786 -64.49 13.19 13.47
CA ALA F 1786 -65.20 13.20 14.77
C ALA F 1786 -65.48 11.76 15.22
N PHE F 1787 -65.98 10.91 14.31
CA PHE F 1787 -66.24 9.47 14.54
C PHE F 1787 -64.93 8.79 14.96
N GLU F 1788 -63.91 8.84 14.09
CA GLU F 1788 -62.56 8.29 14.39
C GLU F 1788 -62.14 8.73 15.80
N CYS F 1789 -62.05 10.05 16.02
CA CYS F 1789 -61.64 10.72 17.29
C CYS F 1789 -62.29 10.03 18.50
N PHE F 1790 -63.62 10.08 18.59
CA PHE F 1790 -64.39 9.66 19.79
C PHE F 1790 -64.35 8.13 19.91
N LYS F 1791 -64.42 7.40 18.78
CA LYS F 1791 -64.20 5.93 18.77
C LYS F 1791 -62.86 5.63 19.44
N LEU F 1792 -61.78 6.26 18.97
CA LEU F 1792 -60.41 6.16 19.55
C LEU F 1792 -60.45 6.47 21.05
N ILE F 1793 -60.91 7.68 21.41
CA ILE F 1793 -60.90 8.19 22.81
C ILE F 1793 -61.63 7.19 23.71
N THR F 1794 -62.91 6.88 23.41
CA THR F 1794 -63.78 5.99 24.24
C THR F 1794 -63.06 4.68 24.54
N HIS F 1795 -62.40 4.09 23.54
CA HIS F 1795 -61.71 2.77 23.65
C HIS F 1795 -60.38 2.94 24.39
N PHE F 1796 -59.58 3.95 24.06
CA PHE F 1796 -58.32 4.28 24.78
C PHE F 1796 -58.63 4.43 26.27
N ALA F 1797 -59.73 5.12 26.60
CA ALA F 1797 -60.19 5.41 27.97
C ALA F 1797 -60.60 4.12 28.69
N ASP F 1798 -61.37 3.24 28.04
CA ASP F 1798 -61.94 2.02 28.66
C ASP F 1798 -60.94 0.85 28.55
N SER F 1799 -59.82 1.03 27.86
CA SER F 1799 -58.79 -0.02 27.63
C SER F 1799 -57.63 0.12 28.63
N PHE F 1800 -57.10 1.34 28.81
CA PHE F 1800 -55.83 1.60 29.54
C PHE F 1800 -56.07 2.39 30.84
N ILE F 1801 -56.95 3.40 30.82
CA ILE F 1801 -57.21 4.28 32.00
C ILE F 1801 -58.03 3.49 33.02
N ASP F 1802 -57.77 3.71 34.31
CA ASP F 1802 -58.48 3.06 35.46
C ASP F 1802 -59.98 3.36 35.36
N SER F 1803 -60.81 2.34 35.61
CA SER F 1803 -62.30 2.38 35.50
C SER F 1803 -62.87 3.51 36.37
N LEU F 1804 -62.35 3.69 37.58
CA LEU F 1804 -62.87 4.62 38.61
C LEU F 1804 -62.89 6.05 38.06
N SER F 1805 -61.75 6.52 37.52
CA SER F 1805 -61.55 7.90 37.00
C SER F 1805 -61.45 7.87 35.46
N ARG F 1806 -62.58 7.69 34.78
CA ARG F 1806 -62.67 7.64 33.30
C ARG F 1806 -63.47 8.84 32.77
N SER F 1807 -64.54 9.25 33.47
CA SER F 1807 -65.40 10.42 33.12
C SER F 1807 -64.56 11.70 33.14
N ALA F 1808 -63.82 11.92 34.23
CA ALA F 1808 -62.90 13.07 34.44
C ALA F 1808 -61.93 13.18 33.27
N PHE F 1809 -61.26 12.07 32.93
CA PHE F 1809 -60.33 11.95 31.78
C PHE F 1809 -61.03 12.46 30.51
N LEU F 1810 -62.14 11.83 30.13
CA LEU F 1810 -62.97 12.21 28.96
C LEU F 1810 -63.26 13.71 29.00
N GLN F 1811 -63.77 14.20 30.13
CA GLN F 1811 -64.18 15.62 30.32
C GLN F 1811 -62.96 16.55 30.10
N LEU F 1812 -61.78 16.15 30.59
CA LEU F 1812 -60.52 16.90 30.38
C LEU F 1812 -60.16 16.86 28.88
N ILE F 1813 -60.25 15.69 28.25
CA ILE F 1813 -59.90 15.48 26.82
C ILE F 1813 -60.80 16.35 25.94
N ILE F 1814 -62.12 16.26 26.11
CA ILE F 1814 -63.14 16.94 25.24
C ILE F 1814 -62.82 18.43 25.13
N ASP F 1815 -62.57 19.10 26.26
CA ASP F 1815 -62.44 20.59 26.35
C ASP F 1815 -61.13 21.04 25.72
N GLU F 1816 -59.99 20.85 26.42
CA GLU F 1816 -58.65 21.33 26.00
C GLU F 1816 -57.86 20.18 25.36
N PHE F 1817 -58.25 19.78 24.15
CA PHE F 1817 -57.49 18.86 23.25
C PHE F 1817 -57.95 19.09 21.80
N SER F 1818 -57.26 18.46 20.85
CA SER F 1818 -57.52 18.57 19.39
C SER F 1818 -57.04 17.31 18.66
N TYR F 1819 -57.92 16.67 17.88
CA TYR F 1819 -57.62 15.47 17.06
C TYR F 1819 -57.47 15.89 15.60
N LYS F 1820 -56.28 15.67 15.02
CA LYS F 1820 -55.94 16.03 13.62
C LYS F 1820 -56.25 17.51 13.37
N ASP F 1821 -55.81 18.39 14.28
CA ASP F 1821 -55.84 19.88 14.15
C ASP F 1821 -57.28 20.40 14.22
N VAL F 1822 -58.21 19.62 14.76
CA VAL F 1822 -59.63 20.04 15.02
C VAL F 1822 -59.93 19.81 16.50
N LYS F 1823 -60.50 20.82 17.17
CA LYS F 1823 -60.80 20.80 18.63
C LYS F 1823 -61.89 19.76 18.91
N VAL F 1824 -61.63 18.90 19.90
CA VAL F 1824 -62.48 17.71 20.24
C VAL F 1824 -63.90 18.20 20.60
N SER F 1825 -64.02 19.40 21.17
CA SER F 1825 -65.30 20.08 21.47
C SER F 1825 -66.10 20.27 20.18
N LYS F 1826 -65.46 20.81 19.13
CA LYS F 1826 -66.08 21.08 17.81
C LYS F 1826 -66.56 19.76 17.20
N LEU F 1827 -65.74 18.72 17.32
CA LEU F 1827 -66.05 17.34 16.83
C LEU F 1827 -67.24 16.77 17.62
N TYR F 1828 -67.25 16.97 18.94
CA TYR F 1828 -68.37 16.56 19.84
C TYR F 1828 -69.65 17.29 19.42
N ASP F 1829 -69.54 18.59 19.14
CA ASP F 1829 -70.67 19.42 18.62
C ASP F 1829 -71.14 18.87 17.27
N ILE F 1830 -70.19 18.50 16.39
CA ILE F 1830 -70.50 17.87 15.06
C ILE F 1830 -71.24 16.55 15.29
N ILE F 1831 -70.82 15.75 16.28
CA ILE F 1831 -71.51 14.46 16.65
C ILE F 1831 -72.91 14.76 17.18
N LYS F 1832 -73.03 15.72 18.10
CA LYS F 1832 -74.29 16.09 18.80
C LYS F 1832 -75.30 16.69 17.80
N ASN F 1833 -74.81 17.43 16.80
CA ASN F 1833 -75.65 18.08 15.75
C ASN F 1833 -75.93 17.09 14.61
N GLY F 1834 -75.39 15.87 14.67
CA GLY F 1834 -75.58 14.81 13.66
C GLY F 1834 -76.88 14.05 13.84
N TYR F 1835 -77.23 13.18 12.89
CA TYR F 1835 -78.48 12.35 12.87
C TYR F 1835 -78.15 10.87 13.08
N ASN F 1836 -76.96 10.56 13.60
CA ASN F 1836 -76.52 9.17 13.93
C ASN F 1836 -75.89 9.17 15.33
N ARG F 1837 -76.51 9.87 16.27
CA ARG F 1837 -76.10 9.95 17.70
C ARG F 1837 -76.19 8.56 18.33
N THR F 1838 -77.08 7.72 17.80
CA THR F 1838 -77.33 6.31 18.23
C THR F 1838 -76.04 5.49 18.16
N ASP F 1839 -75.05 5.94 17.38
CA ASP F 1839 -73.72 5.28 17.27
C ASP F 1839 -72.89 5.54 18.53
N PHE F 1840 -73.13 6.67 19.22
CA PHE F 1840 -72.32 7.16 20.36
C PHE F 1840 -73.19 7.35 21.62
N ILE F 1841 -74.08 6.38 21.88
CA ILE F 1841 -75.02 6.38 23.04
C ILE F 1841 -74.21 6.43 24.34
N PRO F 1842 -73.27 5.49 24.59
CA PRO F 1842 -72.52 5.48 25.85
C PRO F 1842 -71.70 6.77 26.07
N LEU F 1843 -71.18 7.36 24.99
CA LEU F 1843 -70.45 8.66 25.02
C LEU F 1843 -71.41 9.77 25.50
N LEU F 1844 -72.59 9.86 24.88
CA LEU F 1844 -73.59 10.93 25.16
C LEU F 1844 -74.11 10.79 26.61
N PHE F 1845 -74.36 9.57 27.07
CA PHE F 1845 -74.86 9.27 28.45
C PHE F 1845 -73.83 9.76 29.48
N ARG F 1846 -72.54 9.57 29.22
CA ARG F 1846 -71.43 9.86 30.17
C ARG F 1846 -71.23 11.37 30.33
N THR F 1847 -71.54 12.17 29.30
CA THR F 1847 -71.43 13.65 29.29
C THR F 1847 -72.77 14.29 29.69
N GLY F 1848 -73.89 13.59 29.41
CA GLY F 1848 -75.26 14.05 29.75
C GLY F 1848 -75.91 14.77 28.58
N ASP F 1849 -75.77 14.20 27.37
CA ASP F 1849 -76.29 14.75 26.10
C ASP F 1849 -77.15 13.67 25.41
N LEU F 1850 -77.65 12.70 26.17
CA LEU F 1850 -78.50 11.58 25.68
C LEU F 1850 -79.96 11.84 26.10
N ARG F 1851 -80.86 11.99 25.13
CA ARG F 1851 -82.32 12.18 25.34
C ARG F 1851 -83.06 10.98 24.74
N GLN F 1852 -84.36 10.87 25.03
CA GLN F 1852 -85.21 9.68 24.73
C GLN F 1852 -85.29 9.43 23.22
N ALA F 1853 -85.34 10.49 22.42
CA ALA F 1853 -85.40 10.46 20.93
C ALA F 1853 -84.34 9.51 20.38
N ASP F 1854 -83.12 9.59 20.91
CA ASP F 1854 -81.95 8.77 20.50
C ASP F 1854 -82.22 7.29 20.80
N LEU F 1855 -82.61 6.98 22.04
CA LEU F 1855 -82.93 5.60 22.51
C LEU F 1855 -84.07 5.02 21.66
N ASP F 1856 -85.13 5.80 21.46
CA ASP F 1856 -86.32 5.43 20.64
C ASP F 1856 -85.89 5.11 19.20
N LYS F 1857 -84.98 5.92 18.63
CA LYS F 1857 -84.41 5.70 17.27
C LYS F 1857 -83.58 4.41 17.28
N TYR F 1858 -82.58 4.32 18.16
CA TYR F 1858 -81.67 3.15 18.32
C TYR F 1858 -82.50 1.86 18.43
N ASP F 1859 -83.55 1.87 19.26
CA ASP F 1859 -84.44 0.69 19.47
C ASP F 1859 -85.19 0.37 18.17
N ALA F 1860 -85.51 1.39 17.36
CA ALA F 1860 -86.22 1.27 16.07
C ALA F 1860 -85.26 0.76 14.98
N MET F 1861 -83.97 1.05 15.11
CA MET F 1861 -82.91 0.59 14.17
C MET F 1861 -82.80 -0.94 14.23
N LYS F 1862 -82.56 -1.49 15.44
CA LYS F 1862 -82.41 -2.94 15.69
C LYS F 1862 -83.63 -3.45 16.47
N ARG F 2003 -89.87 1.64 25.17
CA ARG F 2003 -89.46 0.41 25.91
C ARG F 2003 -88.20 0.70 26.75
N ILE F 2004 -87.85 1.98 26.96
CA ILE F 2004 -86.59 2.43 27.63
C ILE F 2004 -86.87 3.74 28.40
N LEU F 2005 -86.11 4.01 29.46
CA LEU F 2005 -86.14 5.27 30.24
C LEU F 2005 -84.70 5.72 30.54
N ILE F 2006 -84.49 7.03 30.73
CA ILE F 2006 -83.18 7.66 31.06
C ILE F 2006 -82.73 7.16 32.44
N ARG F 2007 -83.65 7.22 33.42
CA ARG F 2007 -83.41 6.83 34.84
C ARG F 2007 -83.12 5.32 34.91
N SER F 2008 -83.71 4.53 34.01
CA SER F 2008 -83.42 3.08 33.83
C SER F 2008 -81.93 2.89 33.55
N LEU F 2009 -81.39 3.64 32.58
CA LEU F 2009 -79.94 3.68 32.24
C LEU F 2009 -79.17 4.23 33.45
N ASP F 2010 -79.70 5.28 34.10
CA ASP F 2010 -79.07 5.94 35.27
C ASP F 2010 -78.88 4.93 36.40
N TYR F 2011 -79.80 3.96 36.55
CA TYR F 2011 -79.74 2.89 37.58
C TYR F 2011 -78.88 1.71 37.07
N LEU F 2012 -79.17 1.22 35.86
CA LEU F 2012 -78.54 -0.02 35.30
C LEU F 2012 -77.01 0.12 35.28
N ASN F 2013 -76.50 1.27 34.83
CA ASN F 2013 -75.05 1.54 34.62
C ASN F 2013 -74.47 2.30 35.83
N ASN F 2014 -74.67 1.74 37.04
CA ASN F 2014 -74.09 2.26 38.30
C ASN F 2014 -72.88 1.41 38.72
N ASP F 2015 -72.71 0.23 38.11
CA ASP F 2015 -71.59 -0.72 38.40
C ASP F 2015 -70.81 -1.04 37.11
N ILE F 2016 -71.16 -0.42 35.98
CA ILE F 2016 -70.45 -0.57 34.66
C ILE F 2016 -69.72 0.75 34.36
N PHE F 2017 -68.41 0.78 34.58
CA PHE F 2017 -67.53 1.97 34.36
C PHE F 2017 -66.72 1.78 33.09
N SER F 2018 -67.31 2.08 31.93
CA SER F 2018 -66.67 2.12 30.60
C SER F 2018 -67.38 3.13 29.69
N LEU F 2019 -66.61 3.87 28.88
CA LEU F 2019 -67.12 4.93 27.96
C LEU F 2019 -67.50 4.32 26.60
N SER F 2020 -67.18 3.04 26.40
CA SER F 2020 -67.36 2.29 25.12
C SER F 2020 -68.60 1.37 25.20
N ARG F 2021 -69.26 1.31 26.36
CA ARG F 2021 -70.25 0.24 26.68
C ARG F 2021 -71.16 0.69 27.83
N ILE F 2022 -72.48 0.69 27.62
CA ILE F 2022 -73.52 0.89 28.68
C ILE F 2022 -74.66 -0.11 28.44
N LYS F 2023 -75.19 -0.70 29.52
CA LYS F 2023 -76.38 -1.59 29.49
C LYS F 2023 -77.63 -0.77 29.14
N VAL F 2024 -78.33 -1.12 28.06
CA VAL F 2024 -79.60 -0.48 27.63
C VAL F 2024 -80.75 -1.49 27.80
N GLY F 2025 -80.52 -2.55 28.58
CA GLY F 2025 -81.53 -3.58 28.93
C GLY F 2025 -81.06 -4.46 30.08
N LEU F 2026 -81.47 -5.73 30.07
CA LEU F 2026 -81.09 -6.73 31.10
C LEU F 2026 -79.70 -7.31 30.77
N ASP F 2027 -79.43 -7.59 29.49
CA ASP F 2027 -78.15 -8.17 29.02
C ASP F 2027 -77.70 -7.56 27.68
N GLU F 2028 -78.31 -6.45 27.24
CA GLU F 2028 -77.96 -5.78 25.95
C GLU F 2028 -77.14 -4.52 26.25
N PHE F 2029 -75.85 -4.56 25.92
CA PHE F 2029 -74.87 -3.45 26.09
C PHE F 2029 -74.87 -2.60 24.82
N ALA F 2030 -74.40 -1.35 24.93
CA ALA F 2030 -74.32 -0.36 23.82
C ALA F 2030 -72.99 -0.53 23.08
N THR F 2031 -72.97 -0.13 21.80
CA THR F 2031 -71.80 -0.24 20.89
C THR F 2031 -71.22 1.16 20.63
N ILE F 2032 -69.90 1.28 20.62
CA ILE F 2032 -69.16 2.53 20.24
C ILE F 2032 -68.37 2.28 18.94
N LYS F 2033 -68.25 1.01 18.51
CA LYS F 2033 -67.54 0.58 17.28
C LYS F 2033 -66.05 0.95 17.39
N LYS F 2034 -65.22 -0.01 17.83
CA LYS F 2034 -63.77 0.16 18.06
C LYS F 2034 -63.08 0.56 16.75
N ALA F 2035 -62.18 1.55 16.82
CA ALA F 2035 -61.26 1.97 15.74
C ALA F 2035 -59.85 1.45 16.06
N HIS F 2036 -58.95 1.46 15.07
CA HIS F 2036 -57.53 1.05 15.20
C HIS F 2036 -56.81 2.02 16.15
N PHE F 2037 -55.74 1.56 16.83
CA PHE F 2037 -55.05 2.29 17.92
C PHE F 2037 -53.75 2.92 17.42
N SER F 2038 -53.51 2.94 16.10
CA SER F 2038 -52.30 3.53 15.47
C SER F 2038 -52.54 5.01 15.16
N LYS F 2039 -53.69 5.54 15.58
CA LYS F 2039 -54.21 6.89 15.20
C LYS F 2039 -54.02 7.87 16.38
N MET F 2040 -53.66 7.37 17.57
CA MET F 2040 -53.62 8.15 18.83
C MET F 2040 -52.51 9.20 18.79
N VAL F 2041 -51.55 9.05 17.86
CA VAL F 2041 -50.43 10.02 17.63
C VAL F 2041 -51.01 11.37 17.16
N SER F 2042 -52.18 11.36 16.50
CA SER F 2042 -52.83 12.55 15.90
C SER F 2042 -53.61 13.37 16.95
N PHE F 2043 -53.32 13.17 18.24
CA PHE F 2043 -53.87 13.95 19.38
C PHE F 2043 -52.80 14.92 19.89
N GLU F 2044 -53.21 16.17 20.14
CA GLU F 2044 -52.34 17.30 20.57
C GLU F 2044 -53.08 18.13 21.63
N GLY F 2045 -52.63 18.06 22.88
CA GLY F 2045 -53.22 18.81 24.01
C GLY F 2045 -52.24 19.00 25.16
N PRO F 2046 -52.57 19.83 26.17
CA PRO F 2046 -51.70 20.01 27.34
C PRO F 2046 -51.55 18.71 28.11
N PRO F 2047 -50.42 18.52 28.83
CA PRO F 2047 -50.17 17.28 29.57
C PRO F 2047 -51.07 17.10 30.79
N ILE F 2048 -51.62 15.89 30.97
CA ILE F 2048 -52.43 15.49 32.15
C ILE F 2048 -51.56 14.56 33.02
N LYS F 2049 -51.15 15.04 34.20
CA LYS F 2049 -50.21 14.35 35.13
C LYS F 2049 -51.01 13.67 36.25
N THR F 2050 -50.74 12.38 36.48
CA THR F 2050 -51.51 11.50 37.40
C THR F 2050 -50.55 10.82 38.37
N GLY F 2051 -50.17 11.52 39.45
CA GLY F 2051 -49.16 11.04 40.41
C GLY F 2051 -47.77 11.08 39.83
N LEU F 2052 -47.49 10.22 38.83
CA LEU F 2052 -46.18 10.13 38.12
C LEU F 2052 -46.37 10.06 36.60
N LEU F 2053 -47.43 9.38 36.14
CA LEU F 2053 -47.71 9.12 34.70
C LEU F 2053 -48.24 10.40 34.03
N ASP F 2054 -47.89 10.57 32.75
CA ASP F 2054 -48.41 11.63 31.85
C ASP F 2054 -49.19 10.96 30.71
N LEU F 2055 -50.52 10.88 30.85
CA LEU F 2055 -51.41 10.09 29.96
C LEU F 2055 -51.30 10.58 28.51
N THR F 2056 -51.04 11.88 28.32
CA THR F 2056 -50.76 12.50 26.99
C THR F 2056 -49.61 11.73 26.32
N GLU F 2057 -48.54 11.47 27.07
CA GLU F 2057 -47.33 10.75 26.57
C GLU F 2057 -47.67 9.27 26.37
N LEU F 2058 -48.66 8.73 27.09
CA LEU F 2058 -49.20 7.36 26.88
C LEU F 2058 -49.97 7.33 25.55
N MET F 2059 -50.74 8.39 25.27
CA MET F 2059 -51.41 8.61 23.96
C MET F 2059 -50.34 8.69 22.86
N LYS F 2060 -49.30 9.49 23.09
CA LYS F 2060 -48.23 9.74 22.10
C LYS F 2060 -47.25 8.56 22.01
N SER F 2061 -47.30 7.60 22.95
CA SER F 2061 -46.43 6.39 22.98
C SER F 2061 -46.80 5.45 21.82
N GLN F 2062 -45.84 4.65 21.37
CA GLN F 2062 -45.99 3.70 20.24
C GLN F 2062 -46.08 2.26 20.77
N ASP F 2063 -45.17 1.90 21.70
CA ASP F 2063 -44.90 0.50 22.12
C ASP F 2063 -45.93 0.05 23.17
N LEU F 2064 -46.35 0.94 24.07
CA LEU F 2064 -47.21 0.63 25.24
C LEU F 2064 -48.69 0.89 24.90
N LEU F 2065 -49.10 0.66 23.65
CA LEU F 2065 -50.49 0.81 23.16
C LEU F 2065 -51.02 -0.51 22.59
N ASN F 2066 -50.23 -1.59 22.67
CA ASN F 2066 -50.63 -2.94 22.19
C ASN F 2066 -51.73 -3.47 23.12
N LEU F 2067 -52.69 -4.23 22.57
CA LEU F 2067 -53.79 -4.87 23.35
C LEU F 2067 -53.41 -6.33 23.63
N ASN F 2068 -52.11 -6.61 23.77
CA ASN F 2068 -51.54 -7.93 24.14
C ASN F 2068 -50.79 -7.77 25.47
N TYR F 2069 -51.21 -8.54 26.49
CA TYR F 2069 -50.64 -8.54 27.86
C TYR F 2069 -49.14 -8.83 27.79
N ASP F 2070 -48.76 -9.90 27.08
CA ASP F 2070 -47.38 -10.43 27.00
C ASP F 2070 -46.45 -9.40 26.35
N ASN F 2071 -46.89 -8.78 25.25
CA ASN F 2071 -46.10 -7.77 24.48
C ASN F 2071 -45.73 -6.59 25.40
N ILE F 2072 -46.67 -6.14 26.23
CA ILE F 2072 -46.47 -4.99 27.17
C ILE F 2072 -45.68 -5.48 28.40
N ARG F 2073 -45.95 -6.68 28.89
CA ARG F 2073 -45.24 -7.26 30.06
C ARG F 2073 -43.75 -7.42 29.71
N ASN F 2074 -43.45 -7.92 28.51
CA ASN F 2074 -42.08 -8.19 28.01
C ASN F 2074 -41.64 -7.06 27.09
N SER F 2075 -41.81 -5.80 27.52
CA SER F 2075 -41.40 -4.57 26.81
C SER F 2075 -40.24 -3.90 27.57
N ASN F 2076 -39.60 -2.90 26.95
CA ASN F 2076 -38.34 -2.28 27.42
C ASN F 2076 -38.66 -1.08 28.33
N LEU F 2077 -37.72 -0.74 29.23
CA LEU F 2077 -37.82 0.42 30.16
C LEU F 2077 -37.61 1.72 29.37
N ILE F 2078 -36.84 1.68 28.28
CA ILE F 2078 -36.60 2.84 27.37
C ILE F 2078 -37.96 3.32 26.83
N SER F 2079 -38.87 2.37 26.56
CA SER F 2079 -40.24 2.61 26.03
C SER F 2079 -41.11 3.30 27.10
N PHE F 2080 -41.03 2.82 28.35
CA PHE F 2080 -41.86 3.26 29.50
C PHE F 2080 -41.34 4.60 30.05
N SER F 2081 -40.02 4.81 30.00
CA SER F 2081 -39.31 5.96 30.61
C SER F 2081 -39.82 7.30 30.06
N LYS F 2082 -40.61 7.29 28.98
CA LYS F 2082 -41.24 8.51 28.38
C LYS F 2082 -42.46 8.94 29.20
N LEU F 2083 -43.03 8.02 29.99
CA LEU F 2083 -44.32 8.21 30.73
C LEU F 2083 -44.03 8.50 32.21
N ILE F 2084 -43.38 9.63 32.49
CA ILE F 2084 -42.97 10.00 33.89
C ILE F 2084 -42.77 11.52 33.96
N CYS F 2085 -43.31 12.14 35.01
CA CYS F 2085 -42.98 13.53 35.44
C CYS F 2085 -42.86 13.55 36.97
N CYS F 2086 -43.93 13.16 37.67
CA CYS F 2086 -43.96 12.76 39.11
C CYS F 2086 -43.97 13.99 40.04
N GLU F 2087 -43.44 15.13 39.58
CA GLU F 2087 -43.41 16.40 40.36
C GLU F 2087 -43.12 16.07 41.83
N GLY F 2088 -42.15 15.19 42.08
CA GLY F 2088 -41.83 14.65 43.42
C GLY F 2088 -42.96 13.81 43.97
N SER F 2089 -43.19 12.62 43.39
CA SER F 2089 -44.15 11.60 43.88
C SER F 2089 -43.48 10.74 44.95
N ASP F 2090 -44.07 9.57 45.25
CA ASP F 2090 -43.49 8.54 46.16
C ASP F 2090 -44.33 7.26 46.08
N ASN F 2091 -43.68 6.09 46.16
CA ASN F 2091 -44.32 4.75 46.14
C ASN F 2091 -44.96 4.53 44.76
N ILE F 2092 -44.15 4.13 43.77
CA ILE F 2092 -44.56 3.98 42.34
C ILE F 2092 -45.78 3.06 42.25
N ASN F 2093 -45.89 2.08 43.17
CA ASN F 2093 -47.03 1.14 43.28
C ASN F 2093 -48.34 1.93 43.37
N ASP F 2094 -48.36 2.99 44.19
CA ASP F 2094 -49.57 3.82 44.47
C ASP F 2094 -49.94 4.63 43.22
N GLY F 2095 -48.95 5.32 42.63
CA GLY F 2095 -49.12 6.25 41.50
C GLY F 2095 -49.71 5.58 40.26
N LEU F 2096 -49.59 4.25 40.15
CA LEU F 2096 -50.07 3.45 38.99
C LEU F 2096 -51.54 3.04 39.19
N GLU F 2097 -52.26 3.67 40.12
CA GLU F 2097 -53.70 3.41 40.40
C GLU F 2097 -54.56 3.86 39.21
N PHE F 2098 -54.03 4.74 38.36
CA PHE F 2098 -54.76 5.36 37.21
C PHE F 2098 -54.52 4.57 35.92
N LEU F 2099 -54.54 3.24 36.04
CA LEU F 2099 -54.42 2.28 34.91
C LEU F 2099 -55.50 1.20 35.07
N SER F 2100 -56.05 0.71 33.95
CA SER F 2100 -57.18 -0.25 33.90
C SER F 2100 -56.81 -1.54 34.63
N ASP F 2101 -57.51 -1.85 35.73
CA ASP F 2101 -57.37 -3.10 36.52
C ASP F 2101 -58.33 -4.16 35.95
N ASP F 2102 -58.68 -4.05 34.66
CA ASP F 2102 -59.54 -5.01 33.92
C ASP F 2102 -58.63 -5.93 33.10
N PRO F 2103 -59.04 -7.19 32.84
CA PRO F 2103 -58.17 -8.15 32.16
C PRO F 2103 -57.86 -7.76 30.70
N MET F 2104 -56.69 -8.19 30.20
CA MET F 2104 -56.20 -7.93 28.82
C MET F 2104 -56.28 -9.21 27.99
N ASN F 2105 -56.03 -9.10 26.69
CA ASN F 2105 -56.14 -10.20 25.69
C ASN F 2105 -54.74 -10.69 25.30
N PHE F 2106 -54.45 -11.97 25.53
CA PHE F 2106 -53.20 -12.66 25.12
C PHE F 2106 -53.49 -13.54 23.90
N THR F 2107 -52.46 -13.82 23.10
CA THR F 2107 -52.52 -14.65 21.86
C THR F 2107 -52.04 -16.07 22.18
N GLU F 2108 -52.93 -17.07 22.12
CA GLU F 2108 -52.58 -18.50 22.36
C GLU F 2108 -52.50 -19.22 21.00
N GLY F 2109 -51.63 -20.23 20.91
CA GLY F 2109 -51.38 -21.02 19.69
C GLY F 2109 -51.54 -22.52 19.95
N GLU F 2110 -52.01 -23.27 18.94
CA GLU F 2110 -52.09 -24.76 18.99
C GLU F 2110 -51.70 -25.34 17.63
N ALA F 2111 -51.10 -26.54 17.65
CA ALA F 2111 -50.79 -27.37 16.46
C ALA F 2111 -52.11 -27.88 15.87
N ILE F 2112 -52.16 -28.08 14.54
CA ILE F 2112 -53.41 -28.43 13.81
C ILE F 2112 -53.46 -29.93 13.48
N HIS F 2113 -52.33 -30.64 13.59
CA HIS F 2113 -52.23 -32.12 13.36
C HIS F 2113 -52.61 -32.44 11.90
N SER F 2114 -52.03 -31.71 10.94
CA SER F 2114 -52.09 -31.98 9.48
C SER F 2114 -50.74 -32.59 9.05
N THR F 2115 -50.63 -33.01 7.79
CA THR F 2115 -49.37 -33.52 7.17
C THR F 2115 -48.39 -32.35 7.08
N PRO F 2116 -48.78 -31.18 6.52
CA PRO F 2116 -48.02 -29.94 6.72
C PRO F 2116 -48.38 -29.38 8.10
N ILE F 2117 -47.63 -29.80 9.12
CA ILE F 2117 -47.94 -29.48 10.55
C ILE F 2117 -47.56 -28.03 10.85
N PHE F 2118 -48.54 -27.22 11.28
CA PHE F 2118 -48.40 -25.79 11.63
C PHE F 2118 -49.20 -25.48 12.89
N ASN F 2119 -48.89 -24.34 13.52
CA ASN F 2119 -49.60 -23.82 14.73
C ASN F 2119 -50.47 -22.64 14.30
N ILE F 2120 -51.75 -22.65 14.69
CA ILE F 2120 -52.66 -21.47 14.59
C ILE F 2120 -52.55 -20.70 15.92
N TYR F 2121 -52.37 -19.38 15.83
CA TYR F 2121 -52.39 -18.43 16.98
C TYR F 2121 -53.65 -17.56 16.85
N TYR F 2122 -54.35 -17.37 17.96
CA TYR F 2122 -55.59 -16.54 18.04
C TYR F 2122 -55.62 -15.79 19.37
N SER F 2123 -56.52 -14.81 19.45
CA SER F 2123 -56.69 -13.86 20.59
C SER F 2123 -57.68 -14.44 21.60
N LYS F 2124 -57.25 -14.60 22.85
CA LYS F 2124 -58.11 -15.02 23.99
C LYS F 2124 -58.30 -13.84 24.93
N ARG F 2125 -59.07 -14.02 26.02
CA ARG F 2125 -59.45 -12.96 26.98
C ARG F 2125 -58.67 -13.12 28.30
N GLY F 2126 -57.70 -14.05 28.35
CA GLY F 2126 -56.87 -14.29 29.54
C GLY F 2126 -57.71 -14.74 30.73
N GLU F 2127 -57.32 -14.33 31.94
CA GLU F 2127 -58.03 -14.66 33.22
C GLU F 2127 -58.40 -13.35 33.92
N ARG F 2128 -57.72 -13.00 35.01
CA ARG F 2128 -58.08 -11.85 35.91
C ARG F 2128 -56.82 -11.09 36.31
N HIS F 2129 -55.79 -11.80 36.83
CA HIS F 2129 -54.51 -11.20 37.31
C HIS F 2129 -53.71 -10.63 36.13
N MET F 2130 -54.17 -10.83 34.89
CA MET F 2130 -53.57 -10.26 33.65
C MET F 2130 -54.25 -8.92 33.32
N THR F 2131 -54.07 -7.91 34.19
CA THR F 2131 -54.56 -6.52 34.01
C THR F 2131 -53.43 -5.66 33.43
N TYR F 2132 -53.76 -4.44 32.99
CA TYR F 2132 -52.78 -3.47 32.40
C TYR F 2132 -51.79 -3.04 33.48
N ARG F 2133 -52.26 -2.84 34.72
CA ARG F 2133 -51.44 -2.46 35.89
C ARG F 2133 -50.31 -3.50 36.08
N ASN F 2134 -50.69 -4.75 36.31
CA ASN F 2134 -49.78 -5.88 36.64
C ASN F 2134 -48.69 -5.98 35.56
N ALA F 2135 -49.08 -5.84 34.29
CA ALA F 2135 -48.16 -5.84 33.12
C ALA F 2135 -47.09 -4.76 33.33
N ILE F 2136 -47.53 -3.50 33.46
CA ILE F 2136 -46.66 -2.31 33.70
C ILE F 2136 -45.75 -2.60 34.90
N LYS F 2137 -46.33 -3.05 36.02
CA LYS F 2137 -45.58 -3.34 37.27
C LYS F 2137 -44.48 -4.37 36.98
N LEU F 2138 -44.85 -5.51 36.40
CA LEU F 2138 -43.92 -6.62 36.06
C LEU F 2138 -42.83 -6.12 35.11
N LEU F 2139 -43.19 -5.31 34.11
CA LEU F 2139 -42.22 -4.62 33.21
C LEU F 2139 -41.24 -3.82 34.07
N ILE F 2140 -41.77 -2.90 34.88
CA ILE F 2140 -40.98 -1.99 35.77
C ILE F 2140 -40.00 -2.86 36.56
N GLU F 2141 -40.50 -3.85 37.31
CA GLU F 2141 -39.69 -4.75 38.19
C GLU F 2141 -38.57 -5.40 37.36
N ARG F 2142 -38.93 -6.17 36.34
CA ARG F 2142 -37.97 -6.96 35.50
C ARG F 2142 -36.92 -6.03 34.90
N GLU F 2143 -37.34 -4.89 34.34
CA GLU F 2143 -36.48 -3.99 33.53
C GLU F 2143 -35.61 -3.10 34.44
N THR F 2144 -36.13 -2.67 35.59
CA THR F 2144 -35.41 -1.80 36.56
C THR F 2144 -34.28 -2.58 37.21
N LYS F 2145 -34.52 -3.85 37.56
CA LYS F 2145 -33.51 -4.77 38.15
C LYS F 2145 -32.25 -4.77 37.26
N ILE F 2146 -32.43 -4.78 35.94
CA ILE F 2146 -31.35 -4.80 34.92
C ILE F 2146 -30.65 -3.44 34.88
N PHE F 2147 -31.41 -2.34 35.03
CA PHE F 2147 -30.88 -0.95 35.00
C PHE F 2147 -30.05 -0.67 36.25
N GLU F 2148 -30.51 -1.13 37.41
CA GLU F 2148 -29.85 -0.94 38.73
C GLU F 2148 -28.42 -1.47 38.67
N GLU F 2149 -28.27 -2.74 38.30
CA GLU F 2149 -26.98 -3.49 38.32
C GLU F 2149 -26.01 -2.94 37.25
N ALA F 2150 -26.52 -2.18 36.27
CA ALA F 2150 -25.74 -1.56 35.17
C ALA F 2150 -25.23 -0.17 35.59
N PHE F 2151 -25.84 0.44 36.62
CA PHE F 2151 -25.55 1.82 37.08
C PHE F 2151 -25.14 1.82 38.55
N THR F 2152 -24.60 0.69 39.04
CA THR F 2152 -24.09 0.55 40.43
C THR F 2152 -22.81 1.36 40.59
N PHE F 2153 -21.82 1.14 39.71
CA PHE F 2153 -20.50 1.81 39.68
C PHE F 2153 -19.75 1.58 41.01
N SER F 2154 -20.09 0.49 41.71
CA SER F 2154 -19.53 0.11 43.04
C SER F 2154 -20.14 -1.24 43.46
N GLU F 2155 -19.63 -1.84 44.55
CA GLU F 2155 -20.12 -3.12 45.11
C GLU F 2155 -21.05 -2.80 46.30
N ASN F 2156 -22.17 -2.13 46.04
CA ASN F 2156 -23.18 -1.70 47.05
C ASN F 2156 -24.58 -1.85 46.46
N GLY F 2157 -24.91 -1.07 45.43
CA GLY F 2157 -26.21 -1.09 44.73
C GLY F 2157 -26.70 0.30 44.38
N PHE F 2158 -27.97 0.59 44.68
CA PHE F 2158 -28.61 1.93 44.53
C PHE F 2158 -28.85 2.55 45.91
N ILE F 2159 -28.19 2.01 46.93
CA ILE F 2159 -28.11 2.56 48.32
C ILE F 2159 -26.69 3.12 48.47
N SER F 2160 -26.27 3.45 49.70
CA SER F 2160 -24.90 3.92 50.05
C SER F 2160 -24.67 5.31 49.44
N PRO F 2161 -24.87 6.40 50.23
CA PRO F 2161 -24.60 7.77 49.76
C PRO F 2161 -23.31 7.95 48.94
N GLU F 2162 -22.30 7.10 49.19
CA GLU F 2162 -21.03 7.03 48.40
C GLU F 2162 -21.34 6.77 46.92
N ASN F 2163 -22.42 6.02 46.62
CA ASN F 2163 -22.90 5.73 45.24
C ASN F 2163 -23.95 6.76 44.81
N LEU F 2164 -24.86 7.14 45.73
CA LEU F 2164 -25.92 8.15 45.47
C LEU F 2164 -25.27 9.47 45.05
N GLY F 2165 -24.09 9.78 45.60
CA GLY F 2165 -23.25 10.93 45.19
C GLY F 2165 -22.83 10.82 43.74
N CYS F 2166 -22.33 9.65 43.34
CA CYS F 2166 -21.96 9.30 41.94
C CYS F 2166 -23.20 9.48 41.05
N LEU F 2167 -24.34 8.90 41.45
CA LEU F 2167 -25.64 9.05 40.74
C LEU F 2167 -25.96 10.54 40.56
N GLU F 2168 -25.89 11.31 41.66
CA GLU F 2168 -26.16 12.77 41.67
C GLU F 2168 -25.23 13.47 40.68
N ALA F 2169 -23.92 13.17 40.74
CA ALA F 2169 -22.89 13.73 39.82
C ALA F 2169 -23.27 13.41 38.38
N VAL F 2170 -23.59 12.14 38.09
CA VAL F 2170 -23.92 11.64 36.73
C VAL F 2170 -25.21 12.32 36.23
N VAL F 2171 -26.18 12.57 37.12
CA VAL F 2171 -27.50 13.14 36.73
C VAL F 2171 -27.44 14.68 36.74
N SER F 2172 -26.41 15.27 37.35
CA SER F 2172 -26.20 16.75 37.44
C SER F 2172 -25.82 17.27 36.05
N LEU F 2173 -24.69 16.79 35.52
CA LEU F 2173 -24.17 17.12 34.16
C LEU F 2173 -25.32 17.04 33.14
N ILE F 2174 -26.21 16.05 33.29
CA ILE F 2174 -27.35 15.79 32.35
C ILE F 2174 -28.20 17.04 32.20
N LYS F 2175 -28.25 17.89 33.24
CA LYS F 2175 -29.05 19.14 33.23
C LYS F 2175 -28.17 20.34 32.80
N LEU F 2176 -26.84 20.24 32.98
CA LEU F 2176 -25.87 21.30 32.59
C LEU F 2176 -25.00 20.80 31.43
N LEU F 2177 -25.62 20.65 30.26
CA LEU F 2177 -24.95 20.20 29.00
C LEU F 2177 -25.90 20.51 27.83
N LYS F 2178 -26.40 19.49 27.11
CA LYS F 2178 -27.35 19.64 25.98
C LYS F 2178 -28.32 18.45 25.98
N THR F 2179 -29.60 18.71 26.22
CA THR F 2179 -30.68 17.67 26.27
C THR F 2179 -30.97 17.19 24.85
N ASN F 2180 -30.29 16.12 24.41
CA ASN F 2180 -30.46 15.52 23.06
C ASN F 2180 -31.63 14.54 23.08
N GLU F 2181 -31.40 13.31 23.57
CA GLU F 2181 -32.38 12.19 23.54
C GLU F 2181 -31.86 11.01 24.36
N TRP F 2182 -30.55 10.76 24.33
CA TRP F 2182 -29.88 9.64 25.06
C TRP F 2182 -29.81 9.97 26.55
N SER F 2183 -29.36 11.18 26.91
CA SER F 2183 -29.18 11.66 28.30
C SER F 2183 -30.51 11.61 29.07
N THR F 2184 -31.55 12.25 28.51
CA THR F 2184 -32.91 12.36 29.12
C THR F 2184 -33.44 10.99 29.55
N VAL F 2185 -33.22 9.95 28.74
CA VAL F 2185 -33.64 8.55 29.03
C VAL F 2185 -32.99 8.11 30.35
N ILE F 2186 -31.67 8.30 30.47
CA ILE F 2186 -30.86 7.93 31.68
C ILE F 2186 -31.50 8.63 32.89
N ASP F 2187 -31.68 9.95 32.80
CA ASP F 2187 -32.31 10.80 33.86
C ASP F 2187 -33.61 10.14 34.32
N LYS F 2188 -34.54 9.93 33.38
CA LYS F 2188 -35.92 9.42 33.67
C LYS F 2188 -35.83 8.00 34.26
N CYS F 2189 -34.97 7.13 33.72
CA CYS F 2189 -34.73 5.75 34.23
C CYS F 2189 -34.25 5.82 35.68
N ILE F 2190 -33.18 6.60 35.94
CA ILE F 2190 -32.65 6.86 37.31
C ILE F 2190 -33.83 7.30 38.19
N HIS F 2191 -34.55 8.35 37.76
CA HIS F 2191 -35.78 8.87 38.43
C HIS F 2191 -36.65 7.68 38.84
N ILE F 2192 -37.12 6.89 37.86
CA ILE F 2192 -37.98 5.68 38.09
C ILE F 2192 -37.34 4.86 39.22
N CYS F 2193 -36.09 4.44 39.02
CA CYS F 2193 -35.35 3.55 39.96
C CYS F 2193 -35.32 4.13 41.37
N LEU F 2194 -35.15 5.45 41.50
CA LEU F 2194 -35.05 6.15 42.81
C LEU F 2194 -36.45 6.31 43.43
N ILE F 2195 -37.50 6.53 42.62
CA ILE F 2195 -38.90 6.63 43.15
C ILE F 2195 -39.33 5.26 43.67
N LYS F 2196 -38.91 4.18 42.98
CA LYS F 2196 -39.26 2.78 43.37
C LYS F 2196 -38.67 2.45 44.74
N ASN F 2197 -37.41 2.82 45.00
CA ASN F 2197 -36.65 2.48 46.24
C ASN F 2197 -37.07 3.40 47.39
N GLY F 2198 -38.04 4.30 47.17
CA GLY F 2198 -38.53 5.25 48.16
C GLY F 2198 -37.51 6.35 48.44
N MET F 2199 -36.77 6.77 47.41
CA MET F 2199 -35.69 7.78 47.49
C MET F 2199 -36.06 9.01 46.65
N ASP F 2200 -37.36 9.25 46.45
CA ASP F 2200 -37.89 10.43 45.70
C ASP F 2200 -38.25 11.54 46.71
N HIS F 2201 -37.43 11.70 47.74
CA HIS F 2201 -37.52 12.76 48.78
C HIS F 2201 -36.21 13.54 48.80
N MET F 2202 -35.51 13.60 47.66
CA MET F 2202 -34.13 14.14 47.54
C MET F 2202 -33.74 14.29 46.08
N TYR F 2203 -34.15 13.37 45.20
CA TYR F 2203 -33.83 13.38 43.74
C TYR F 2203 -34.02 14.78 43.14
N HIS F 2204 -35.16 15.42 43.44
CA HIS F 2204 -35.54 16.76 42.90
C HIS F 2204 -34.68 17.86 43.53
N SER F 2205 -34.18 17.61 44.76
CA SER F 2205 -33.24 18.48 45.51
C SER F 2205 -31.80 17.98 45.30
N PHE F 2206 -31.43 17.72 44.04
CA PHE F 2206 -30.09 17.29 43.60
C PHE F 2206 -29.37 18.46 42.92
N ASP F 2207 -28.36 19.03 43.60
CA ASP F 2207 -27.49 20.10 43.06
C ASP F 2207 -26.10 19.50 42.79
N VAL F 2208 -25.31 20.14 41.93
CA VAL F 2208 -23.91 19.73 41.60
C VAL F 2208 -23.14 19.66 42.91
N PRO F 2209 -22.54 18.49 43.26
CA PRO F 2209 -21.72 18.37 44.47
C PRO F 2209 -20.67 19.49 44.67
N LYS F 2210 -20.33 19.76 45.93
CA LYS F 2210 -19.52 20.93 46.38
C LYS F 2210 -18.10 20.85 45.79
N CYS F 2211 -17.59 19.61 45.64
CA CYS F 2211 -16.35 19.22 44.92
C CYS F 2211 -16.04 20.15 43.73
N PHE F 2212 -16.98 20.27 42.78
CA PHE F 2212 -16.76 20.96 41.48
C PHE F 2212 -17.22 22.41 41.56
N MET F 2213 -18.37 22.66 42.22
CA MET F 2213 -18.96 24.01 42.37
C MET F 2213 -18.15 24.79 43.43
N GLY F 2214 -17.26 25.67 42.97
CA GLY F 2214 -16.43 26.53 43.84
C GLY F 2214 -17.27 27.24 44.88
N ASN F 2215 -18.22 28.06 44.42
CA ASN F 2215 -19.18 28.83 45.27
C ASN F 2215 -20.60 28.37 44.95
N PRO F 2216 -21.42 27.98 45.96
CA PRO F 2216 -22.79 27.53 45.72
C PRO F 2216 -23.66 28.60 45.05
N ILE F 2217 -23.62 29.84 45.56
CA ILE F 2217 -24.39 31.01 45.05
C ILE F 2217 -23.87 31.36 43.65
N THR F 2218 -22.60 31.77 43.54
CA THR F 2218 -21.91 32.04 42.25
C THR F 2218 -21.76 30.70 41.50
N ARG F 2219 -22.79 30.32 40.74
CA ARG F 2219 -22.84 29.04 39.97
C ARG F 2219 -21.65 28.99 39.00
N ASP F 2220 -20.48 28.60 39.52
CA ASP F 2220 -19.22 28.40 38.76
C ASP F 2220 -18.93 26.90 38.72
N ILE F 2221 -18.48 26.41 37.56
CA ILE F 2221 -18.31 24.95 37.28
C ILE F 2221 -16.83 24.66 37.04
N ASN F 2222 -16.29 23.61 37.66
CA ASN F 2222 -14.95 23.03 37.37
C ASN F 2222 -15.11 21.90 36.32
N TRP F 2223 -15.33 22.31 35.06
CA TRP F 2223 -15.49 21.43 33.87
C TRP F 2223 -14.41 20.35 33.91
N VAL F 2224 -13.16 20.76 34.14
CA VAL F 2224 -11.97 19.86 34.27
C VAL F 2224 -12.33 18.74 35.24
N MET F 2225 -12.75 19.09 36.46
CA MET F 2225 -13.13 18.11 37.50
C MET F 2225 -14.23 17.21 36.92
N PHE F 2226 -15.37 17.79 36.57
CA PHE F 2226 -16.52 17.08 35.92
C PHE F 2226 -15.97 16.16 34.83
N ARG F 2227 -15.21 16.76 33.88
CA ARG F 2227 -14.54 16.06 32.76
C ARG F 2227 -13.81 14.83 33.30
N GLU F 2228 -12.97 14.99 34.32
CA GLU F 2228 -12.15 13.87 34.89
C GLU F 2228 -13.07 12.94 35.68
N PHE F 2229 -14.20 13.45 36.19
CA PHE F 2229 -15.23 12.61 36.87
C PHE F 2229 -15.83 11.64 35.85
N ILE F 2230 -16.13 12.11 34.64
CA ILE F 2230 -16.77 11.24 33.59
C ILE F 2230 -15.80 10.11 33.21
N ASN F 2231 -14.52 10.44 32.99
CA ASN F 2231 -13.44 9.48 32.65
C ASN F 2231 -13.29 8.47 33.80
N SER F 2232 -13.45 8.94 35.05
CA SER F 2232 -13.26 8.16 36.30
C SER F 2232 -14.49 7.27 36.57
N LEU F 2233 -15.45 7.21 35.65
CA LEU F 2233 -16.64 6.31 35.72
C LEU F 2233 -16.29 5.00 35.02
N PRO F 2234 -16.38 3.84 35.71
CA PRO F 2234 -15.87 2.58 35.16
C PRO F 2234 -16.66 2.06 33.96
N GLY F 2235 -18.00 2.05 34.05
CA GLY F 2235 -18.91 1.53 33.02
C GLY F 2235 -19.06 0.02 33.11
N THR F 2236 -20.19 -0.50 32.62
CA THR F 2236 -20.53 -1.95 32.60
C THR F 2236 -20.81 -2.37 31.16
N ASP F 2237 -20.75 -3.68 30.87
CA ASP F 2237 -20.92 -4.25 29.51
C ASP F 2237 -22.04 -5.30 29.56
N ILE F 2238 -23.18 -4.95 30.15
CA ILE F 2238 -24.41 -5.79 30.22
C ILE F 2238 -25.44 -5.21 29.26
N PRO F 2239 -26.06 -6.03 28.38
CA PRO F 2239 -27.14 -5.56 27.51
C PRO F 2239 -28.40 -5.15 28.27
N PRO F 2240 -29.20 -4.18 27.75
CA PRO F 2240 -28.90 -3.46 26.52
C PRO F 2240 -28.12 -2.15 26.69
N TRP F 2241 -27.64 -1.84 27.90
CA TRP F 2241 -27.13 -0.50 28.31
C TRP F 2241 -25.64 -0.34 27.98
N ASN F 2242 -24.97 -1.45 27.62
CA ASN F 2242 -23.51 -1.50 27.31
C ASN F 2242 -23.14 -0.40 26.30
N VAL F 2243 -23.88 -0.30 25.18
CA VAL F 2243 -23.65 0.70 24.09
C VAL F 2243 -24.27 2.04 24.51
N MET F 2244 -25.45 1.98 25.15
CA MET F 2244 -26.24 3.17 25.59
C MET F 2244 -25.34 4.07 26.44
N THR F 2245 -24.78 3.53 27.52
CA THR F 2245 -23.90 4.26 28.48
C THR F 2245 -22.64 4.73 27.75
N GLU F 2246 -22.03 3.83 26.97
CA GLU F 2246 -20.79 4.08 26.17
C GLU F 2246 -20.99 5.34 25.32
N ASN F 2247 -22.04 5.39 24.49
CA ASN F 2247 -22.33 6.55 23.61
C ASN F 2247 -22.55 7.81 24.47
N PHE F 2248 -23.39 7.69 25.51
CA PHE F 2248 -23.68 8.75 26.51
C PHE F 2248 -22.38 9.41 26.97
N LYS F 2249 -21.50 8.61 27.59
CA LYS F 2249 -20.18 9.06 28.13
C LYS F 2249 -19.46 9.91 27.08
N LYS F 2250 -19.19 9.30 25.91
CA LYS F 2250 -18.40 9.90 24.80
C LYS F 2250 -19.06 11.23 24.39
N LYS F 2251 -20.37 11.18 24.12
CA LYS F 2251 -21.20 12.39 23.80
C LYS F 2251 -20.89 13.48 24.84
N CYS F 2252 -21.16 13.18 26.12
CA CYS F 2252 -21.06 14.17 27.23
C CYS F 2252 -19.62 14.70 27.32
N ILE F 2253 -18.62 13.83 27.24
CA ILE F 2253 -17.16 14.20 27.23
C ILE F 2253 -16.91 15.18 26.09
N ALA F 2254 -17.05 14.71 24.84
CA ALA F 2254 -16.84 15.50 23.60
C ALA F 2254 -17.49 16.87 23.78
N LEU F 2255 -18.78 16.86 24.16
CA LEU F 2255 -19.59 18.10 24.32
C LEU F 2255 -18.92 19.01 25.37
N ILE F 2256 -18.67 18.48 26.58
CA ILE F 2256 -17.99 19.23 27.67
C ILE F 2256 -16.70 19.85 27.12
N ASN F 2257 -15.85 19.06 26.46
CA ASN F 2257 -14.58 19.55 25.84
C ASN F 2257 -14.90 20.76 24.93
N SER F 2258 -16.01 20.75 24.19
CA SER F 2258 -16.42 21.88 23.31
C SER F 2258 -16.55 23.17 24.15
N LYS F 2259 -17.34 23.11 25.22
CA LYS F 2259 -17.66 24.25 26.12
C LYS F 2259 -16.37 24.97 26.51
N PHE F 2260 -15.32 24.20 26.84
CA PHE F 2260 -13.97 24.70 27.22
C PHE F 2260 -13.36 25.47 26.05
N GLU F 2261 -13.22 24.82 24.88
CA GLU F 2261 -12.55 25.39 23.68
C GLU F 2261 -13.31 26.64 23.22
N THR F 2262 -12.98 27.81 23.80
CA THR F 2262 -13.54 29.15 23.46
C THR F 2262 -12.43 30.19 23.61
N GLN F 2263 -11.89 30.67 22.48
CA GLN F 2263 -10.83 31.72 22.43
C GLN F 2263 -11.47 33.11 22.36
N ARG F 2264 -10.93 34.07 23.12
CA ARG F 2264 -11.37 35.49 23.13
C ARG F 2264 -10.65 36.25 22.01
N ASP F 2265 -11.10 37.48 21.74
CA ASP F 2265 -10.59 38.33 20.63
C ASP F 2265 -9.21 38.89 21.01
N PHE F 2266 -8.34 39.04 20.01
CA PHE F 2266 -6.90 39.38 20.16
C PHE F 2266 -6.75 40.82 20.66
N SER F 2267 -7.73 41.67 20.33
CA SER F 2267 -7.76 43.11 20.69
C SER F 2267 -8.49 43.32 22.04
N GLU F 2268 -9.33 42.37 22.47
CA GLU F 2268 -10.18 42.52 23.68
C GLU F 2268 -9.29 42.86 24.89
N PHE F 2269 -8.37 41.96 25.27
CA PHE F 2269 -7.49 42.13 26.45
C PHE F 2269 -6.61 43.37 26.29
N THR F 2270 -6.22 43.70 25.06
CA THR F 2270 -5.30 44.83 24.74
C THR F 2270 -5.99 46.17 25.09
N LYS F 2271 -7.29 46.14 25.43
CA LYS F 2271 -8.09 47.34 25.81
C LYS F 2271 -8.16 47.48 27.33
N LEU F 2272 -8.51 46.40 28.05
CA LEU F 2272 -8.73 46.40 29.53
C LEU F 2272 -7.47 46.92 30.24
N MET F 2273 -6.33 46.27 30.03
CA MET F 2273 -5.02 46.65 30.61
C MET F 2273 -4.32 47.68 29.70
#